data_9C77
#
_entry.id   9C77
#
_cell.length_a   1.00
_cell.length_b   1.00
_cell.length_c   1.00
_cell.angle_alpha   90.00
_cell.angle_beta   90.00
_cell.angle_gamma   90.00
#
_symmetry.space_group_name_H-M   'P 1'
#
loop_
_entity.id
_entity.type
_entity.pdbx_description
1 polymer 'Adenosine deaminase domain-containing protein'
2 polymer "RNA (5'-R(P*AP*AP*AP*A)-3')"
3 non-polymer "ADENOSINE-5'-TRIPHOSPHATE"
4 non-polymer 'MAGNESIUM ION'
#
loop_
_entity_poly.entity_id
_entity_poly.type
_entity_poly.pdbx_seq_one_letter_code
_entity_poly.pdbx_strand_id
1 'polypeptide(L)'
;MSRVLLCSAGHSSMVVPEAFHAVPEGFEEVHVFTTDSEKFNPVVLNDFFHSLPNVRFSITKCHGLADILNERDFEFYQEM
LWQWYLTKMPDNELPYVCLSGGIKSMSASLQKAATLFGAQSVFHVLADNNPRNIEEMFDALQKGQIHFIEMGYEPGWAAL
RRLKKILPINEGCSRDNFKPLISKSIEEILSNVKIMASDTGKSNQLPFPSLAILPPIAQQWLQLPLSANDGAWIQNLPKV
DLHCHLGGFATSGSLLDQVRGAASEPDLIDRTFSPQEIAGWPRSHKSISLDKYMELGNANGSKLLKDKGCLIRQVELLYQ
SLVNDNVAYAEIRCSPNNYADKNKNRSAWVVLQDINDTFTRLITEAKQKNQFYCHVNLLVIASRKFSGDLSDISKHLALA
ITAMQQGEGVCRIVGVDLAGFENKETRASYYEHDFKAVHRCGLAVTAHAGENDDPEGIWQAVYSLHARRLGHALNLLEAP
DLMRTVIERKIGVEMCPYANYQIKGFAPMPNFSALYPLKKYLEAGILVSVNTDNIGISGANLSENLLILADLCPGISRMD
VLTIIRNSIETAFISHDFRMELLKFFDRKIYDVCLISIKN
;
A,B,C,D,E,F
2 'polyribonucleotide' AAAA G,H,I
#
loop_
_chem_comp.id
_chem_comp.type
_chem_comp.name
_chem_comp.formula
A RNA linking ADENOSINE-5'-MONOPHOSPHATE 'C10 H14 N5 O7 P'
ATP non-polymer ADENOSINE-5'-TRIPHOSPHATE 'C10 H16 N5 O13 P3'
MG non-polymer 'MAGNESIUM ION' 'Mg 2'
#
# COMPACT_ATOMS: atom_id res chain seq x y z
N SER A 2 -29.36 -36.78 63.44
CA SER A 2 -29.98 -37.88 62.70
C SER A 2 -29.62 -39.22 63.32
N ARG A 3 -28.55 -39.83 62.82
CA ARG A 3 -27.99 -41.06 63.37
C ARG A 3 -28.99 -42.20 63.31
N VAL A 4 -29.33 -42.61 62.08
CA VAL A 4 -30.40 -43.55 61.81
C VAL A 4 -29.84 -44.82 61.20
N LEU A 5 -30.33 -45.98 61.65
CA LEU A 5 -30.13 -47.25 60.97
C LEU A 5 -31.23 -47.52 59.96
N LEU A 6 -30.83 -48.10 58.84
CA LEU A 6 -31.74 -48.79 57.93
C LEU A 6 -31.19 -50.18 57.68
N CYS A 7 -32.06 -51.18 57.76
CA CYS A 7 -31.65 -52.57 57.64
C CYS A 7 -32.73 -53.34 56.91
N SER A 8 -32.33 -54.47 56.33
CA SER A 8 -33.23 -55.37 55.64
C SER A 8 -33.40 -56.64 56.46
N ALA A 9 -34.64 -56.96 56.80
CA ALA A 9 -34.96 -58.10 57.64
C ALA A 9 -35.52 -59.24 56.79
N GLY A 10 -34.95 -60.42 56.96
CA GLY A 10 -35.42 -61.60 56.24
C GLY A 10 -35.98 -62.66 57.17
N HIS A 11 -35.56 -63.91 56.97
CA HIS A 11 -36.01 -64.98 57.84
C HIS A 11 -35.52 -64.78 59.27
N SER A 12 -34.26 -64.38 59.43
CA SER A 12 -33.68 -64.11 60.74
C SER A 12 -33.72 -62.61 60.99
N SER A 13 -34.51 -62.19 61.97
CA SER A 13 -34.69 -60.78 62.28
C SER A 13 -33.68 -60.26 63.31
N MET A 14 -32.85 -61.12 63.88
CA MET A 14 -31.91 -60.72 64.92
C MET A 14 -30.74 -59.88 64.40
N VAL A 15 -30.73 -59.53 63.12
CA VAL A 15 -29.68 -58.66 62.60
C VAL A 15 -29.84 -57.24 63.12
N VAL A 16 -31.07 -56.81 63.41
CA VAL A 16 -31.30 -55.44 63.83
C VAL A 16 -30.62 -55.09 65.14
N PRO A 17 -30.68 -55.91 66.19
CA PRO A 17 -29.96 -55.54 67.44
C PRO A 17 -28.45 -55.44 67.26
N GLU A 18 -27.83 -56.43 66.62
CA GLU A 18 -26.39 -56.38 66.42
C GLU A 18 -25.99 -55.21 65.53
N ALA A 19 -26.84 -54.83 64.58
CA ALA A 19 -26.60 -53.62 63.82
C ALA A 19 -26.73 -52.38 64.71
N PHE A 20 -27.67 -52.42 65.66
CA PHE A 20 -27.83 -51.30 66.58
C PHE A 20 -26.58 -51.09 67.43
N HIS A 21 -25.95 -52.18 67.86
CA HIS A 21 -24.77 -52.09 68.71
C HIS A 21 -23.49 -51.75 67.93
N ALA A 22 -23.61 -51.22 66.72
CA ALA A 22 -22.44 -51.03 65.85
C ALA A 22 -21.46 -50.02 66.46
N VAL A 23 -21.93 -48.83 66.81
CA VAL A 23 -21.07 -47.81 67.43
C VAL A 23 -21.00 -48.09 68.92
N PRO A 24 -20.00 -47.57 69.64
CA PRO A 24 -19.95 -47.79 71.09
C PRO A 24 -20.82 -46.84 71.91
N GLU A 25 -21.81 -46.19 71.31
CA GLU A 25 -22.67 -45.29 72.08
C GLU A 25 -24.16 -45.39 71.73
N GLY A 26 -24.57 -46.37 70.92
CA GLY A 26 -25.96 -46.54 70.58
C GLY A 26 -26.47 -45.47 69.61
N PHE A 27 -27.60 -45.77 68.97
CA PHE A 27 -28.17 -44.85 68.00
C PHE A 27 -29.38 -44.13 68.60
N GLU A 28 -30.09 -43.40 67.73
CA GLU A 28 -31.24 -42.60 68.11
C GLU A 28 -32.53 -43.07 67.44
N GLU A 29 -32.49 -43.39 66.15
CA GLU A 29 -33.67 -43.89 65.44
C GLU A 29 -33.27 -45.06 64.56
N VAL A 30 -34.20 -46.01 64.40
CA VAL A 30 -33.97 -47.21 63.60
C VAL A 30 -35.22 -47.49 62.79
N HIS A 31 -35.05 -47.70 61.48
CA HIS A 31 -36.15 -48.09 60.60
C HIS A 31 -35.69 -49.26 59.73
N VAL A 32 -36.54 -50.28 59.63
CA VAL A 32 -36.21 -51.51 58.92
C VAL A 32 -37.23 -51.72 57.81
N PHE A 33 -36.75 -51.94 56.59
CA PHE A 33 -37.57 -52.24 55.44
C PHE A 33 -37.44 -53.71 55.10
N THR A 34 -38.58 -54.39 54.96
CA THR A 34 -38.60 -55.82 54.69
C THR A 34 -39.74 -56.15 53.75
N THR A 35 -39.63 -57.31 53.11
CA THR A 35 -40.67 -57.76 52.19
C THR A 35 -41.92 -58.19 52.96
N ASP A 36 -42.94 -58.62 52.21
CA ASP A 36 -44.25 -58.92 52.78
C ASP A 36 -44.37 -60.36 53.26
N SER A 37 -43.30 -61.16 53.18
CA SER A 37 -43.38 -62.54 53.64
C SER A 37 -43.64 -62.59 55.14
N GLU A 38 -44.40 -63.61 55.55
CA GLU A 38 -44.76 -63.77 56.96
C GLU A 38 -43.66 -64.41 57.78
N LYS A 39 -42.57 -64.85 57.14
CA LYS A 39 -41.49 -65.49 57.88
C LYS A 39 -40.85 -64.51 58.87
N PHE A 40 -40.64 -63.27 58.44
CA PHE A 40 -40.07 -62.26 59.32
C PHE A 40 -41.02 -61.96 60.47
N ASN A 41 -40.48 -61.89 61.68
CA ASN A 41 -41.29 -61.70 62.87
C ASN A 41 -41.05 -60.31 63.45
N PRO A 42 -41.99 -59.37 63.30
CA PRO A 42 -41.82 -58.05 63.92
C PRO A 42 -41.87 -58.09 65.44
N VAL A 43 -42.38 -59.16 66.04
CA VAL A 43 -42.52 -59.21 67.50
C VAL A 43 -41.14 -59.25 68.16
N VAL A 44 -40.18 -59.94 67.54
CA VAL A 44 -38.83 -60.00 68.11
C VAL A 44 -38.21 -58.61 68.16
N LEU A 45 -38.31 -57.88 67.05
CA LEU A 45 -37.79 -56.52 67.02
C LEU A 45 -38.52 -55.63 68.03
N ASN A 46 -39.84 -55.79 68.13
CA ASN A 46 -40.61 -54.99 69.07
C ASN A 46 -40.16 -55.24 70.50
N ASP A 47 -40.02 -56.52 70.90
CA ASP A 47 -39.64 -56.81 72.27
C ASP A 47 -38.21 -56.39 72.56
N PHE A 48 -37.34 -56.40 71.54
CA PHE A 48 -36.01 -55.85 71.75
C PHE A 48 -36.04 -54.34 71.85
N PHE A 49 -37.02 -53.69 71.21
CA PHE A 49 -36.95 -52.25 70.98
C PHE A 49 -37.73 -51.39 71.97
N HIS A 50 -38.93 -51.79 72.40
CA HIS A 50 -39.63 -50.78 73.21
C HIS A 50 -39.03 -50.66 74.61
N SER A 51 -38.06 -51.51 74.95
CA SER A 51 -37.30 -51.33 76.18
C SER A 51 -36.46 -50.06 76.16
N LEU A 52 -36.29 -49.43 74.99
CA LEU A 52 -35.59 -48.17 74.84
C LEU A 52 -36.56 -47.19 74.17
N PRO A 53 -37.43 -46.55 74.95
CA PRO A 53 -38.47 -45.70 74.35
C PRO A 53 -37.92 -44.53 73.55
N ASN A 54 -36.72 -44.03 73.87
CA ASN A 54 -36.17 -42.89 73.15
C ASN A 54 -35.82 -43.22 71.71
N VAL A 55 -35.78 -44.49 71.34
CA VAL A 55 -35.43 -44.92 69.98
C VAL A 55 -36.73 -45.20 69.22
N ARG A 56 -36.94 -44.45 68.15
CA ARG A 56 -38.13 -44.62 67.30
C ARG A 56 -37.87 -45.73 66.30
N PHE A 57 -38.72 -46.75 66.31
CA PHE A 57 -38.60 -47.90 65.42
C PHE A 57 -39.84 -48.00 64.53
N SER A 58 -39.63 -48.36 63.27
CA SER A 58 -40.72 -48.46 62.32
C SER A 58 -40.45 -49.61 61.36
N ILE A 59 -41.52 -50.18 60.82
CA ILE A 59 -41.46 -51.28 59.86
C ILE A 59 -42.28 -50.91 58.65
N THR A 60 -41.69 -51.06 57.46
CA THR A 60 -42.38 -50.83 56.20
C THR A 60 -42.40 -52.11 55.39
N LYS A 61 -43.56 -52.48 54.88
CA LYS A 61 -43.74 -53.69 54.09
C LYS A 61 -44.24 -53.33 52.70
N CYS A 62 -43.64 -53.93 51.69
CA CYS A 62 -44.05 -53.70 50.30
C CYS A 62 -45.18 -54.67 49.96
N HIS A 63 -46.36 -54.13 49.69
CA HIS A 63 -47.53 -54.95 49.40
C HIS A 63 -47.39 -55.63 48.04
N GLY A 64 -47.86 -56.87 47.96
CA GLY A 64 -47.86 -57.59 46.70
C GLY A 64 -46.54 -58.19 46.30
N LEU A 65 -45.54 -58.20 47.17
CA LEU A 65 -44.23 -58.77 46.88
C LEU A 65 -43.93 -59.91 47.84
N ALA A 66 -43.49 -61.04 47.28
CA ALA A 66 -43.15 -62.20 48.09
C ALA A 66 -42.05 -62.97 47.40
N ASP A 67 -40.91 -63.12 48.09
CA ASP A 67 -39.75 -63.91 47.68
C ASP A 67 -39.01 -63.33 46.50
N ILE A 68 -39.50 -62.23 45.90
CA ILE A 68 -38.85 -61.45 44.84
C ILE A 68 -38.16 -62.36 43.82
N LEU A 69 -38.88 -63.37 43.35
CA LEU A 69 -38.35 -64.32 42.37
C LEU A 69 -38.54 -63.88 40.93
N ASN A 70 -39.16 -62.74 40.69
CA ASN A 70 -39.44 -62.28 39.34
C ASN A 70 -38.77 -60.94 39.08
N GLU A 71 -38.48 -60.67 37.81
CA GLU A 71 -37.88 -59.38 37.44
C GLU A 71 -38.80 -58.22 37.76
N ARG A 72 -40.10 -58.38 37.49
CA ARG A 72 -41.07 -57.35 37.85
C ARG A 72 -41.11 -57.18 39.36
N ASP A 73 -41.03 -58.30 40.10
CA ASP A 73 -40.95 -58.23 41.56
C ASP A 73 -39.74 -57.42 41.99
N PHE A 74 -38.58 -57.66 41.36
CA PHE A 74 -37.37 -56.94 41.75
C PHE A 74 -37.48 -55.45 41.43
N GLU A 75 -38.01 -55.10 40.26
CA GLU A 75 -38.12 -53.69 39.91
C GLU A 75 -39.11 -52.97 40.84
N PHE A 76 -40.22 -53.64 41.20
CA PHE A 76 -41.15 -53.03 42.14
C PHE A 76 -40.51 -52.87 43.52
N TYR A 77 -39.77 -53.88 43.97
CA TYR A 77 -39.11 -53.77 45.26
C TYR A 77 -38.06 -52.66 45.25
N GLN A 78 -37.31 -52.53 44.16
CA GLN A 78 -36.30 -51.47 44.07
C GLN A 78 -36.96 -50.11 44.12
N GLU A 79 -38.05 -49.93 43.37
CA GLU A 79 -38.79 -48.66 43.39
C GLU A 79 -39.28 -48.34 44.81
N MET A 80 -39.91 -49.32 45.46
CA MET A 80 -40.45 -49.09 46.80
C MET A 80 -39.34 -48.81 47.81
N LEU A 81 -38.23 -49.54 47.72
CA LEU A 81 -37.13 -49.33 48.65
C LEU A 81 -36.48 -47.96 48.45
N TRP A 82 -36.34 -47.54 47.20
CA TRP A 82 -35.79 -46.20 46.94
C TRP A 82 -36.71 -45.11 47.48
N GLN A 83 -38.02 -45.27 47.27
CA GLN A 83 -38.96 -44.29 47.83
C GLN A 83 -38.91 -44.27 49.35
N TRP A 84 -38.82 -45.44 49.97
CA TRP A 84 -38.75 -45.52 51.43
C TRP A 84 -37.47 -44.90 51.96
N TYR A 85 -36.35 -45.13 51.28
CA TYR A 85 -35.09 -44.48 51.65
C TYR A 85 -35.19 -42.97 51.53
N LEU A 86 -35.79 -42.48 50.45
CA LEU A 86 -35.92 -41.03 50.28
C LEU A 86 -36.83 -40.43 51.35
N THR A 87 -37.92 -41.12 51.71
CA THR A 87 -38.81 -40.61 52.74
C THR A 87 -38.12 -40.56 54.10
N LYS A 88 -37.37 -41.60 54.44
CA LYS A 88 -36.66 -41.66 55.71
C LYS A 88 -35.28 -41.05 55.63
N MET A 89 -35.00 -40.28 54.59
CA MET A 89 -33.75 -39.55 54.44
C MET A 89 -33.70 -38.41 55.45
N PRO A 90 -32.75 -38.41 56.39
CA PRO A 90 -32.64 -37.26 57.30
C PRO A 90 -32.33 -35.98 56.55
N ASP A 91 -32.83 -34.87 57.10
CA ASP A 91 -32.79 -33.60 56.38
C ASP A 91 -31.37 -33.12 56.14
N ASN A 92 -30.50 -33.25 57.14
CA ASN A 92 -29.17 -32.63 57.06
C ASN A 92 -28.01 -33.61 57.07
N GLU A 93 -28.14 -34.77 57.71
CA GLU A 93 -27.01 -35.67 57.90
C GLU A 93 -27.32 -37.03 57.30
N LEU A 94 -26.33 -37.60 56.62
CA LEU A 94 -26.48 -38.93 56.05
C LEU A 94 -26.68 -39.97 57.14
N PRO A 95 -27.46 -41.01 56.86
CA PRO A 95 -27.74 -42.03 57.89
C PRO A 95 -26.79 -43.21 57.80
N TYR A 96 -26.89 -44.08 58.80
CA TYR A 96 -26.19 -45.35 58.81
C TYR A 96 -27.07 -46.41 58.17
N VAL A 97 -26.44 -47.39 57.52
CA VAL A 97 -27.18 -48.46 56.86
C VAL A 97 -26.35 -49.74 56.93
N CYS A 98 -27.04 -50.85 57.14
CA CYS A 98 -26.43 -52.17 57.16
C CYS A 98 -27.21 -53.10 56.25
N LEU A 99 -26.51 -54.02 55.59
CA LEU A 99 -27.11 -54.90 54.59
C LEU A 99 -26.70 -56.35 54.82
N SER A 100 -26.45 -56.73 56.07
CA SER A 100 -26.05 -58.11 56.35
C SER A 100 -27.20 -59.09 56.16
N GLY A 101 -28.41 -58.68 56.53
CA GLY A 101 -29.54 -59.59 56.46
C GLY A 101 -30.17 -59.65 55.08
N GLY A 102 -30.82 -60.78 54.82
CA GLY A 102 -31.56 -60.98 53.59
C GLY A 102 -30.70 -61.53 52.46
N ILE A 103 -31.38 -61.85 51.35
CA ILE A 103 -30.73 -62.44 50.19
C ILE A 103 -29.91 -61.39 49.46
N LYS A 104 -29.11 -61.83 48.48
CA LYS A 104 -28.27 -60.92 47.73
C LYS A 104 -29.08 -59.85 47.02
N SER A 105 -30.32 -60.16 46.63
CA SER A 105 -31.13 -59.22 45.85
C SER A 105 -31.36 -57.92 46.59
N MET A 106 -32.07 -57.96 47.72
CA MET A 106 -32.38 -56.73 48.41
C MET A 106 -31.17 -56.14 49.13
N SER A 107 -30.17 -56.96 49.46
CA SER A 107 -28.94 -56.43 50.02
C SER A 107 -28.21 -55.57 48.99
N ALA A 108 -28.09 -56.06 47.76
CA ALA A 108 -27.49 -55.26 46.69
C ALA A 108 -28.35 -54.04 46.37
N SER A 109 -29.68 -54.20 46.43
CA SER A 109 -30.56 -53.06 46.23
C SER A 109 -30.32 -51.98 47.29
N LEU A 110 -30.15 -52.39 48.55
CA LEU A 110 -29.89 -51.43 49.61
C LEU A 110 -28.52 -50.78 49.45
N GLN A 111 -27.52 -51.54 49.02
CA GLN A 111 -26.20 -50.94 48.79
C GLN A 111 -26.28 -49.92 47.65
N LYS A 112 -26.98 -50.24 46.56
CA LYS A 112 -27.14 -49.30 45.47
C LYS A 112 -27.89 -48.06 45.92
N ALA A 113 -28.93 -48.24 46.74
CA ALA A 113 -29.67 -47.10 47.27
C ALA A 113 -28.78 -46.23 48.15
N ALA A 114 -27.94 -46.86 48.97
CA ALA A 114 -27.02 -46.09 49.81
C ALA A 114 -26.05 -45.30 48.97
N THR A 115 -25.54 -45.89 47.89
CA THR A 115 -24.67 -45.15 46.98
C THR A 115 -25.43 -43.99 46.34
N LEU A 116 -26.69 -44.21 45.95
CA LEU A 116 -27.42 -43.22 45.17
C LEU A 116 -27.86 -42.03 46.03
N PHE A 117 -28.36 -42.29 47.24
CA PHE A 117 -28.93 -41.25 48.07
C PHE A 117 -28.05 -40.91 49.28
N GLY A 118 -26.86 -41.48 49.36
CA GLY A 118 -25.98 -41.15 50.47
C GLY A 118 -26.18 -42.05 51.66
N ALA A 119 -25.10 -42.26 52.41
CA ALA A 119 -25.12 -43.09 53.60
C ALA A 119 -23.88 -42.79 54.41
N GLN A 120 -24.06 -42.45 55.70
CA GLN A 120 -22.92 -42.05 56.52
C GLN A 120 -21.93 -43.19 56.68
N SER A 121 -22.42 -44.42 56.85
CA SER A 121 -21.54 -45.57 56.99
C SER A 121 -22.28 -46.82 56.54
N VAL A 122 -21.69 -47.55 55.60
CA VAL A 122 -22.19 -48.84 55.16
C VAL A 122 -21.34 -49.90 55.85
N PHE A 123 -21.96 -50.76 56.65
CA PHE A 123 -21.22 -51.73 57.43
C PHE A 123 -21.92 -53.08 57.39
N HIS A 124 -21.19 -54.11 57.83
CA HIS A 124 -21.68 -55.47 57.89
C HIS A 124 -21.46 -56.03 59.30
N VAL A 125 -22.35 -56.92 59.72
CA VAL A 125 -22.26 -57.56 61.02
C VAL A 125 -22.29 -59.07 60.81
N LEU A 126 -21.40 -59.78 61.50
CA LEU A 126 -21.31 -61.22 61.37
C LEU A 126 -20.91 -61.81 62.71
N ALA A 127 -21.26 -63.08 62.91
CA ALA A 127 -20.91 -63.82 64.12
C ALA A 127 -20.60 -65.26 63.76
N ASP A 128 -19.81 -65.90 64.62
CA ASP A 128 -19.36 -67.27 64.33
C ASP A 128 -20.48 -68.27 64.53
N ASN A 129 -21.29 -68.12 65.59
CA ASN A 129 -22.26 -69.12 65.97
C ASN A 129 -23.65 -68.87 65.39
N ASN A 130 -23.84 -67.79 64.63
CA ASN A 130 -25.14 -67.41 64.08
C ASN A 130 -26.18 -67.34 65.19
N PRO A 131 -26.11 -66.33 66.06
CA PRO A 131 -27.02 -66.28 67.22
C PRO A 131 -28.48 -66.17 66.81
N ARG A 132 -29.33 -66.82 67.59
CA ARG A 132 -30.78 -66.80 67.34
C ARG A 132 -31.54 -66.15 68.48
N ASN A 133 -31.39 -66.64 69.71
CA ASN A 133 -32.07 -66.05 70.85
C ASN A 133 -31.34 -64.79 71.32
N ILE A 134 -32.06 -63.95 72.05
CA ILE A 134 -31.52 -62.64 72.43
C ILE A 134 -30.25 -62.80 73.28
N GLU A 135 -30.27 -63.73 74.23
CA GLU A 135 -29.09 -63.98 75.04
C GLU A 135 -27.93 -64.48 74.20
N GLU A 136 -28.21 -65.09 73.04
CA GLU A 136 -27.13 -65.59 72.20
C GLU A 136 -26.22 -64.47 71.71
N MET A 137 -26.76 -63.52 70.94
CA MET A 137 -25.87 -62.43 70.53
C MET A 137 -25.56 -61.49 71.68
N PHE A 138 -26.36 -61.50 72.76
CA PHE A 138 -25.96 -60.75 73.94
C PHE A 138 -24.62 -61.24 74.49
N ASP A 139 -24.50 -62.56 74.68
CA ASP A 139 -23.23 -63.14 75.10
C ASP A 139 -22.16 -62.97 74.04
N ALA A 140 -22.55 -63.05 72.76
CA ALA A 140 -21.57 -62.87 71.69
C ALA A 140 -20.93 -61.49 71.74
N LEU A 141 -21.74 -60.44 71.94
CA LEU A 141 -21.19 -59.10 72.03
C LEU A 141 -20.49 -58.85 73.36
N GLN A 142 -20.95 -59.49 74.45
CA GLN A 142 -20.26 -59.34 75.72
C GLN A 142 -18.85 -59.93 75.64
N LYS A 143 -18.71 -61.11 75.02
CA LYS A 143 -17.40 -61.71 74.83
C LYS A 143 -16.61 -60.99 73.73
N GLY A 144 -17.29 -60.55 72.68
CA GLY A 144 -16.64 -59.91 71.56
C GLY A 144 -16.58 -60.73 70.29
N GLN A 145 -17.33 -61.84 70.21
CA GLN A 145 -17.29 -62.67 69.01
C GLN A 145 -17.84 -61.91 67.80
N ILE A 146 -18.91 -61.13 67.99
CA ILE A 146 -19.51 -60.38 66.90
C ILE A 146 -18.53 -59.30 66.44
N HIS A 147 -18.24 -59.29 65.13
CA HIS A 147 -17.33 -58.33 64.54
C HIS A 147 -18.09 -57.39 63.61
N PHE A 148 -17.64 -56.14 63.57
CA PHE A 148 -18.24 -55.14 62.70
C PHE A 148 -17.34 -54.92 61.50
N ILE A 149 -17.91 -55.10 60.30
CA ILE A 149 -17.16 -55.03 59.06
C ILE A 149 -17.53 -53.72 58.38
N GLU A 150 -16.52 -52.88 58.13
CA GLU A 150 -16.70 -51.58 57.50
C GLU A 150 -15.73 -51.49 56.32
N MET A 151 -16.28 -51.50 55.11
CA MET A 151 -15.43 -51.44 53.91
C MET A 151 -15.06 -50.01 53.53
N GLY A 152 -15.58 -49.01 54.23
CA GLY A 152 -15.18 -47.63 54.00
C GLY A 152 -16.34 -46.66 54.06
N TYR A 153 -16.02 -45.42 54.42
CA TYR A 153 -17.02 -44.35 54.40
C TYR A 153 -17.50 -44.11 52.98
N GLU A 154 -18.73 -43.64 52.85
CA GLU A 154 -19.29 -43.29 51.56
C GLU A 154 -19.94 -41.93 51.65
N PRO A 155 -19.62 -40.99 50.74
CA PRO A 155 -20.25 -39.68 50.79
C PRO A 155 -21.58 -39.60 50.06
N GLY A 156 -21.91 -40.60 49.24
CA GLY A 156 -23.13 -40.56 48.45
C GLY A 156 -23.13 -39.41 47.47
N TRP A 157 -24.22 -39.25 46.73
CA TRP A 157 -24.35 -38.14 45.80
C TRP A 157 -25.10 -37.02 46.51
N ALA A 158 -24.49 -35.83 46.55
CA ALA A 158 -24.87 -34.81 47.52
C ALA A 158 -26.34 -34.41 47.42
N ALA A 159 -26.93 -34.51 46.23
CA ALA A 159 -28.30 -34.02 46.07
C ALA A 159 -29.03 -34.92 45.08
N LEU A 160 -29.86 -35.82 45.61
CA LEU A 160 -30.84 -36.56 44.82
C LEU A 160 -32.17 -36.66 45.57
N ARG A 161 -32.39 -35.78 46.54
CA ARG A 161 -33.53 -35.84 47.44
C ARG A 161 -34.66 -34.90 47.05
N ARG A 162 -34.49 -34.08 46.01
CA ARG A 162 -35.60 -33.30 45.50
C ARG A 162 -36.64 -34.17 44.81
N LEU A 163 -36.31 -35.42 44.54
CA LEU A 163 -37.34 -36.37 44.11
C LEU A 163 -38.36 -36.59 45.22
N LYS A 164 -37.91 -36.57 46.47
CA LYS A 164 -38.84 -36.62 47.59
C LYS A 164 -39.77 -35.40 47.59
N LYS A 165 -39.22 -34.22 47.29
CA LYS A 165 -40.04 -33.02 47.24
C LYS A 165 -41.03 -33.07 46.09
N ILE A 166 -40.60 -33.53 44.91
CA ILE A 166 -41.45 -33.52 43.73
C ILE A 166 -42.26 -34.81 43.56
N LEU A 167 -41.83 -35.91 44.18
CA LEU A 167 -42.76 -37.03 44.15
C LEU A 167 -43.51 -37.12 45.47
N PRO A 168 -44.80 -37.46 45.44
CA PRO A 168 -45.57 -37.52 46.70
C PRO A 168 -45.14 -38.68 47.58
N ILE A 169 -45.83 -38.85 48.71
CA ILE A 169 -45.51 -39.94 49.62
C ILE A 169 -45.81 -41.29 48.96
N ASN A 170 -46.85 -41.34 48.13
CA ASN A 170 -47.23 -42.55 47.39
C ASN A 170 -47.54 -43.70 48.34
N GLU A 171 -48.34 -43.41 49.37
CA GLU A 171 -48.76 -44.46 50.29
C GLU A 171 -49.60 -45.51 49.58
N GLY A 172 -50.50 -45.08 48.72
CA GLY A 172 -51.27 -46.00 47.90
C GLY A 172 -50.69 -46.13 46.51
N CYS A 173 -49.94 -47.20 46.27
CA CYS A 173 -49.24 -47.41 45.01
C CYS A 173 -49.66 -48.73 44.39
N SER A 174 -49.35 -48.87 43.11
CA SER A 174 -49.68 -50.07 42.36
C SER A 174 -48.59 -50.29 41.31
N ARG A 175 -48.88 -51.13 40.32
CA ARG A 175 -47.90 -51.47 39.29
C ARG A 175 -47.84 -50.44 38.17
N ASP A 176 -48.27 -49.21 38.41
CA ASP A 176 -48.31 -48.17 37.38
C ASP A 176 -47.39 -47.00 37.67
N ASN A 177 -47.31 -46.54 38.92
CA ASN A 177 -46.58 -45.31 39.25
C ASN A 177 -45.12 -45.67 39.54
N PHE A 178 -44.33 -45.75 38.48
CA PHE A 178 -42.90 -45.99 38.55
C PHE A 178 -42.14 -44.76 38.05
N LYS A 179 -40.91 -44.59 38.52
CA LYS A 179 -40.04 -43.52 38.04
C LYS A 179 -38.73 -44.11 37.50
N PRO A 180 -38.64 -44.40 36.20
CA PRO A 180 -37.40 -44.89 35.61
C PRO A 180 -36.43 -43.76 35.26
N LEU A 181 -36.23 -42.84 36.19
CA LEU A 181 -35.40 -41.66 35.94
C LEU A 181 -33.92 -41.95 36.15
N ILE A 182 -33.56 -42.97 36.93
CA ILE A 182 -32.17 -43.36 37.08
C ILE A 182 -31.77 -44.37 36.02
N SER A 183 -32.68 -45.30 35.70
CA SER A 183 -32.40 -46.31 34.69
C SER A 183 -32.19 -45.66 33.32
N LYS A 184 -32.94 -44.60 33.01
CA LYS A 184 -32.77 -43.94 31.73
C LYS A 184 -31.39 -43.29 31.62
N SER A 185 -30.93 -42.64 32.70
CA SER A 185 -29.60 -42.07 32.70
C SER A 185 -28.54 -43.16 32.57
N ILE A 186 -28.71 -44.26 33.29
CA ILE A 186 -27.74 -45.35 33.22
C ILE A 186 -27.67 -45.93 31.81
N GLU A 187 -28.83 -46.10 31.16
CA GLU A 187 -28.86 -46.62 29.80
C GLU A 187 -28.23 -45.65 28.83
N GLU A 188 -28.54 -44.36 28.94
CA GLU A 188 -28.02 -43.36 28.02
C GLU A 188 -26.62 -42.88 28.40
N ILE A 189 -25.98 -43.53 29.37
CA ILE A 189 -24.58 -43.25 29.68
C ILE A 189 -23.74 -43.28 28.41
N LEU A 190 -23.75 -44.43 27.72
CA LEU A 190 -22.88 -44.63 26.57
C LEU A 190 -23.59 -45.34 25.43
N SER A 191 -24.93 -45.32 25.40
CA SER A 191 -25.66 -45.95 24.30
C SER A 191 -25.41 -45.26 22.98
N ASN A 192 -24.94 -44.02 22.99
CA ASN A 192 -24.63 -43.28 21.78
C ASN A 192 -23.39 -43.86 21.10
N THR A 200 -15.50 -38.63 20.45
CA THR A 200 -14.06 -38.77 20.61
C THR A 200 -13.52 -37.79 21.64
N GLY A 201 -13.53 -36.50 21.28
CA GLY A 201 -13.06 -35.46 22.16
C GLY A 201 -14.04 -35.00 23.20
N LYS A 202 -15.25 -35.55 23.20
CA LYS A 202 -16.25 -35.16 24.19
C LYS A 202 -15.81 -35.53 25.60
N SER A 203 -15.07 -36.64 25.76
CA SER A 203 -14.58 -37.04 27.07
C SER A 203 -13.42 -36.17 27.54
N ASN A 204 -12.59 -35.69 26.61
CA ASN A 204 -11.46 -34.84 26.96
C ASN A 204 -11.81 -33.36 26.94
N GLN A 205 -13.00 -32.99 26.48
CA GLN A 205 -13.42 -31.60 26.47
C GLN A 205 -13.85 -31.11 27.84
N LEU A 206 -13.55 -31.87 28.89
CA LEU A 206 -13.94 -31.58 30.27
C LEU A 206 -13.47 -30.20 30.71
N PRO A 207 -14.36 -29.25 30.90
CA PRO A 207 -13.99 -27.95 31.47
C PRO A 207 -14.12 -27.95 32.98
N PHE A 208 -13.50 -26.95 33.61
CA PHE A 208 -13.59 -26.76 35.04
C PHE A 208 -13.16 -28.03 35.77
N PRO A 209 -11.85 -28.33 35.82
CA PRO A 209 -11.36 -29.65 36.24
C PRO A 209 -12.01 -30.25 37.48
N SER A 210 -12.62 -29.43 38.33
CA SER A 210 -13.31 -29.98 39.49
C SER A 210 -14.54 -30.80 39.10
N LEU A 211 -14.97 -30.73 37.85
CA LEU A 211 -16.05 -31.59 37.38
C LEU A 211 -15.69 -33.07 37.48
N ALA A 212 -14.40 -33.40 37.48
CA ALA A 212 -14.01 -34.81 37.60
C ALA A 212 -14.38 -35.39 38.95
N ILE A 213 -14.30 -34.58 40.01
CA ILE A 213 -14.53 -35.04 41.36
C ILE A 213 -16.04 -35.16 41.61
N LEU A 214 -16.83 -34.84 40.60
CA LEU A 214 -18.27 -35.04 40.70
C LEU A 214 -18.58 -36.53 40.77
N PRO A 215 -19.73 -36.89 41.35
CA PRO A 215 -20.12 -38.30 41.33
C PRO A 215 -20.29 -38.79 39.91
N PRO A 216 -19.95 -40.06 39.65
CA PRO A 216 -20.11 -40.59 38.28
C PRO A 216 -21.52 -40.46 37.75
N ILE A 217 -22.52 -40.69 38.61
CA ILE A 217 -23.91 -40.52 38.19
C ILE A 217 -24.16 -39.08 37.78
N ALA A 218 -23.64 -38.12 38.56
CA ALA A 218 -23.76 -36.72 38.17
C ALA A 218 -22.97 -36.44 36.89
N GLN A 219 -21.78 -37.02 36.76
CA GLN A 219 -20.98 -36.81 35.57
C GLN A 219 -21.71 -37.25 34.32
N GLN A 220 -22.47 -38.33 34.39
CA GLN A 220 -23.22 -38.81 33.23
C GLN A 220 -24.60 -38.21 33.10
N TRP A 221 -25.16 -37.66 34.19
CA TRP A 221 -26.29 -36.77 34.06
C TRP A 221 -25.91 -35.54 33.26
N LEU A 222 -24.66 -35.08 33.41
CA LEU A 222 -24.16 -34.00 32.60
C LEU A 222 -23.98 -34.42 31.15
N GLN A 223 -23.74 -35.71 30.89
CA GLN A 223 -23.59 -36.19 29.53
C GLN A 223 -24.93 -36.41 28.83
N LEU A 224 -26.03 -36.43 29.57
CA LEU A 224 -27.33 -36.61 28.94
C LEU A 224 -27.71 -35.38 28.13
N PRO A 225 -28.53 -35.55 27.09
CA PRO A 225 -28.93 -34.40 26.28
C PRO A 225 -29.68 -33.36 27.10
N LEU A 226 -29.43 -32.09 26.78
CA LEU A 226 -30.11 -30.99 27.46
C LEU A 226 -31.59 -30.98 27.10
N SER A 227 -32.43 -30.74 28.10
CA SER A 227 -33.87 -30.71 27.92
C SER A 227 -34.43 -29.40 28.45
N ALA A 228 -35.63 -29.07 27.99
CA ALA A 228 -36.29 -27.83 28.39
C ALA A 228 -36.64 -27.80 29.88
N ASN A 229 -36.60 -28.93 30.57
CA ASN A 229 -36.91 -29.00 31.98
C ASN A 229 -35.71 -28.69 32.87
N ASP A 230 -34.55 -28.36 32.29
CA ASP A 230 -33.35 -28.01 33.04
C ASP A 230 -33.25 -26.52 33.30
N GLY A 231 -34.40 -25.83 33.36
CA GLY A 231 -34.38 -24.38 33.55
C GLY A 231 -33.76 -23.97 34.88
N ALA A 232 -34.08 -24.69 35.95
CA ALA A 232 -33.52 -24.36 37.26
C ALA A 232 -32.01 -24.54 37.27
N TRP A 233 -31.52 -25.63 36.67
CA TRP A 233 -30.08 -25.86 36.61
C TRP A 233 -29.40 -24.78 35.78
N ILE A 234 -30.02 -24.39 34.66
CA ILE A 234 -29.43 -23.35 33.83
C ILE A 234 -29.39 -22.02 34.58
N GLN A 235 -30.48 -21.67 35.27
CA GLN A 235 -30.53 -20.41 35.98
C GLN A 235 -29.52 -20.37 37.12
N ASN A 236 -29.37 -21.47 37.85
CA ASN A 236 -28.44 -21.48 38.98
C ASN A 236 -26.99 -21.44 38.55
N LEU A 237 -26.70 -21.73 37.29
CA LEU A 237 -25.32 -21.74 36.83
C LEU A 237 -24.77 -20.31 36.76
N PRO A 238 -23.52 -20.10 37.16
CA PRO A 238 -22.86 -18.82 36.88
C PRO A 238 -22.50 -18.75 35.40
N LYS A 239 -22.96 -17.69 34.74
CA LYS A 239 -22.84 -17.57 33.29
C LYS A 239 -22.05 -16.33 32.91
N VAL A 240 -21.72 -16.24 31.62
CA VAL A 240 -20.97 -15.12 31.06
C VAL A 240 -21.70 -14.61 29.84
N ASP A 241 -21.87 -13.29 29.75
CA ASP A 241 -22.50 -12.64 28.60
C ASP A 241 -21.50 -11.67 27.99
N LEU A 242 -21.17 -11.88 26.72
CA LEU A 242 -20.19 -11.04 26.05
C LEU A 242 -20.78 -10.15 24.98
N HIS A 243 -22.01 -10.40 24.54
CA HIS A 243 -22.68 -9.57 23.54
C HIS A 243 -24.01 -9.11 24.14
N CYS A 244 -23.97 -8.00 24.88
CA CYS A 244 -25.14 -7.47 25.55
C CYS A 244 -25.17 -5.96 25.36
N HIS A 245 -26.04 -5.48 24.48
CA HIS A 245 -26.14 -4.06 24.20
C HIS A 245 -26.82 -3.36 25.37
N LEU A 246 -26.24 -2.24 25.81
CA LEU A 246 -26.79 -1.51 26.94
C LEU A 246 -28.17 -0.94 26.62
N GLY A 247 -28.30 -0.33 25.45
CA GLY A 247 -29.54 0.33 25.08
C GLY A 247 -30.73 -0.60 24.93
N GLY A 248 -30.51 -1.75 24.28
CA GLY A 248 -31.60 -2.67 24.01
C GLY A 248 -31.93 -3.58 25.17
N PHE A 249 -31.96 -3.04 26.39
CA PHE A 249 -32.30 -3.82 27.57
C PHE A 249 -33.70 -3.47 28.09
N ALA A 250 -33.95 -2.20 28.38
CA ALA A 250 -35.28 -1.76 28.79
C ALA A 250 -35.98 -1.11 27.60
N THR A 251 -36.42 -1.97 26.68
CA THR A 251 -37.07 -1.50 25.46
C THR A 251 -38.56 -1.28 25.67
N SER A 252 -39.23 -2.25 26.28
CA SER A 252 -40.66 -2.16 26.52
C SER A 252 -41.01 -2.91 27.79
N GLY A 253 -42.13 -2.54 28.38
CA GLY A 253 -42.63 -3.18 29.58
C GLY A 253 -42.45 -2.32 30.82
N SER A 254 -42.45 -3.00 31.97
CA SER A 254 -42.33 -2.30 33.24
C SER A 254 -40.98 -1.61 33.38
N LEU A 255 -39.91 -2.26 32.91
CA LEU A 255 -38.58 -1.68 33.02
C LEU A 255 -38.49 -0.37 32.25
N LEU A 256 -39.04 -0.34 31.03
CA LEU A 256 -39.09 0.90 30.28
C LEU A 256 -39.90 1.97 31.01
N ASP A 257 -41.00 1.55 31.63
CA ASP A 257 -41.84 2.50 32.35
C ASP A 257 -41.09 3.15 33.51
N GLN A 258 -40.39 2.35 34.30
CA GLN A 258 -39.66 2.93 35.44
C GLN A 258 -38.45 3.72 34.98
N VAL A 259 -37.81 3.31 33.88
CA VAL A 259 -36.71 4.10 33.33
C VAL A 259 -37.21 5.47 32.89
N ARG A 260 -38.36 5.51 32.22
CA ARG A 260 -38.96 6.78 31.85
C ARG A 260 -39.33 7.60 33.08
N GLY A 261 -39.87 6.93 34.10
CA GLY A 261 -40.26 7.65 35.31
C GLY A 261 -39.10 8.27 36.04
N ALA A 262 -37.93 7.62 36.02
CA ALA A 262 -36.76 8.12 36.73
C ALA A 262 -35.99 9.18 35.95
N ALA A 263 -36.60 9.78 34.93
CA ALA A 263 -35.93 10.82 34.16
C ALA A 263 -35.77 12.09 35.00
N SER A 264 -34.64 12.77 34.81
CA SER A 264 -34.41 14.02 35.53
C SER A 264 -35.28 15.14 34.98
N GLU A 265 -35.50 15.17 33.67
CA GLU A 265 -36.29 16.19 32.99
C GLU A 265 -37.37 15.49 32.18
N PRO A 266 -38.45 15.05 32.83
CA PRO A 266 -39.46 14.23 32.13
C PRO A 266 -40.19 14.96 31.02
N ASP A 267 -40.16 16.29 30.99
CA ASP A 267 -40.93 17.02 29.98
C ASP A 267 -40.42 16.72 28.57
N LEU A 268 -39.10 16.68 28.38
CA LEU A 268 -38.55 16.51 27.03
C LEU A 268 -38.63 15.08 26.51
N ILE A 269 -38.81 14.08 27.39
CA ILE A 269 -38.86 12.70 26.92
C ILE A 269 -40.16 12.47 26.16
N ASP A 270 -40.12 11.52 25.22
CA ASP A 270 -41.27 11.19 24.39
C ASP A 270 -41.86 9.88 24.89
N ARG A 271 -42.82 9.97 25.80
CA ARG A 271 -43.52 8.80 26.30
C ARG A 271 -44.60 8.32 25.35
N THR A 272 -44.89 9.07 24.29
CA THR A 272 -45.97 8.72 23.38
C THR A 272 -45.61 7.53 22.50
N PHE A 273 -44.38 7.48 22.00
CA PHE A 273 -44.01 6.45 21.03
C PHE A 273 -44.00 5.08 21.69
N SER A 274 -44.54 4.09 20.97
CA SER A 274 -44.52 2.70 21.38
C SER A 274 -44.07 1.85 20.20
N PRO A 275 -43.36 0.75 20.47
CA PRO A 275 -42.90 -0.10 19.38
C PRO A 275 -43.97 -1.10 18.95
N GLN A 276 -43.97 -1.40 17.66
CA GLN A 276 -44.87 -2.41 17.14
C GLN A 276 -44.48 -3.79 17.67
N GLU A 277 -45.49 -4.63 17.88
CA GLU A 277 -45.29 -5.94 18.46
C GLU A 277 -45.52 -7.03 17.42
N ILE A 278 -44.67 -8.06 17.47
CA ILE A 278 -44.79 -9.22 16.59
C ILE A 278 -45.43 -10.35 17.38
N ALA A 279 -46.49 -10.93 16.82
CA ALA A 279 -47.19 -12.01 17.50
C ALA A 279 -46.28 -13.22 17.70
N GLY A 280 -46.43 -13.87 18.85
CA GLY A 280 -45.62 -15.03 19.18
C GLY A 280 -44.27 -14.73 19.78
N TRP A 281 -43.97 -13.45 20.05
CA TRP A 281 -42.67 -13.12 20.63
C TRP A 281 -42.50 -13.78 21.99
N PRO A 282 -41.31 -14.25 22.33
CA PRO A 282 -40.05 -14.20 21.57
C PRO A 282 -39.88 -15.35 20.59
N ARG A 283 -40.83 -16.28 20.52
CA ARG A 283 -40.76 -17.41 19.59
C ARG A 283 -41.49 -17.07 18.29
N SER A 284 -41.00 -16.02 17.63
CA SER A 284 -41.63 -15.53 16.42
C SER A 284 -41.60 -16.58 15.33
N HIS A 285 -42.66 -16.62 14.52
CA HIS A 285 -42.78 -17.57 13.43
C HIS A 285 -42.41 -16.98 12.08
N LYS A 286 -42.02 -15.71 12.03
CA LYS A 286 -41.65 -15.05 10.78
C LYS A 286 -40.34 -14.33 10.95
N SER A 287 -39.52 -14.33 9.89
CA SER A 287 -38.25 -13.63 9.91
C SER A 287 -38.48 -12.12 9.98
N ILE A 288 -37.55 -11.43 10.64
CA ILE A 288 -37.61 -9.99 10.82
C ILE A 288 -36.31 -9.40 10.29
N SER A 289 -36.42 -8.34 9.50
CA SER A 289 -35.25 -7.69 8.93
C SER A 289 -34.48 -6.94 10.01
N LEU A 290 -33.20 -6.70 9.72
CA LEU A 290 -32.31 -6.09 10.71
C LEU A 290 -32.76 -4.67 11.07
N ASP A 291 -33.15 -3.87 10.07
CA ASP A 291 -33.62 -2.53 10.35
C ASP A 291 -34.91 -2.55 11.17
N LYS A 292 -35.80 -3.50 10.87
CA LYS A 292 -37.01 -3.66 11.68
C LYS A 292 -36.65 -4.06 13.10
N TYR A 293 -35.66 -4.93 13.27
CA TYR A 293 -35.22 -5.31 14.60
C TYR A 293 -34.69 -4.11 15.38
N MET A 294 -33.89 -3.26 14.71
CA MET A 294 -33.40 -2.06 15.37
C MET A 294 -34.54 -1.10 15.72
N GLU A 295 -35.51 -0.95 14.81
CA GLU A 295 -36.64 -0.09 15.08
C GLU A 295 -37.49 -0.62 16.23
N LEU A 296 -37.48 -1.93 16.44
CA LEU A 296 -38.20 -2.52 17.57
C LEU A 296 -37.73 -1.93 18.89
N GLY A 297 -36.48 -1.49 18.96
CA GLY A 297 -35.93 -0.87 20.15
C GLY A 297 -35.86 0.64 20.13
N ASN A 298 -36.61 1.30 19.24
CA ASN A 298 -36.55 2.76 19.17
C ASN A 298 -37.17 3.44 20.38
N ALA A 299 -37.94 2.70 21.19
CA ALA A 299 -38.51 3.30 22.40
C ALA A 299 -37.41 3.72 23.36
N ASN A 300 -36.37 2.90 23.50
CA ASN A 300 -35.22 3.20 24.34
C ASN A 300 -34.04 3.59 23.46
N GLY A 301 -32.98 4.09 24.11
CA GLY A 301 -31.74 4.35 23.40
C GLY A 301 -31.38 5.81 23.25
N SER A 302 -30.94 6.19 22.05
CA SER A 302 -30.41 7.53 21.82
C SER A 302 -31.48 8.59 22.08
N LYS A 303 -32.72 8.33 21.65
CA LYS A 303 -33.76 9.33 21.80
C LYS A 303 -34.31 9.43 23.22
N LEU A 304 -33.88 8.54 24.12
CA LEU A 304 -34.39 8.55 25.49
C LEU A 304 -33.29 8.67 26.54
N LEU A 305 -32.13 8.07 26.31
CA LEU A 305 -31.07 8.07 27.30
C LEU A 305 -30.20 9.33 27.26
N LYS A 306 -30.67 10.41 26.65
CA LYS A 306 -29.91 11.64 26.63
C LYS A 306 -29.74 12.21 28.04
N ASP A 307 -30.81 12.20 28.83
CA ASP A 307 -30.74 12.73 30.19
C ASP A 307 -29.96 11.77 31.09
N LYS A 308 -29.32 12.36 32.12
CA LYS A 308 -28.50 11.55 33.02
C LYS A 308 -29.32 10.56 33.80
N GLY A 309 -30.49 10.98 34.28
CA GLY A 309 -31.28 10.11 35.14
C GLY A 309 -31.72 8.83 34.45
N CYS A 310 -32.18 8.94 33.20
CA CYS A 310 -32.59 7.76 32.46
C CYS A 310 -31.43 6.81 32.25
N LEU A 311 -30.25 7.34 31.93
CA LEU A 311 -29.08 6.50 31.72
C LEU A 311 -28.68 5.78 33.01
N ILE A 312 -28.68 6.50 34.13
CA ILE A 312 -28.32 5.87 35.41
C ILE A 312 -29.32 4.79 35.76
N ARG A 313 -30.62 5.07 35.58
CA ARG A 313 -31.64 4.07 35.89
C ARG A 313 -31.50 2.85 34.99
N GLN A 314 -31.24 3.07 33.71
CA GLN A 314 -31.07 1.94 32.79
C GLN A 314 -29.87 1.09 33.17
N VAL A 315 -28.75 1.73 33.53
CA VAL A 315 -27.57 0.98 33.94
C VAL A 315 -27.86 0.17 35.19
N GLU A 316 -28.52 0.78 36.18
CA GLU A 316 -28.84 0.07 37.42
C GLU A 316 -29.76 -1.11 37.14
N LEU A 317 -30.78 -0.91 36.31
CA LEU A 317 -31.71 -1.99 35.99
C LEU A 317 -31.00 -3.11 35.22
N LEU A 318 -30.10 -2.75 34.30
CA LEU A 318 -29.36 -3.77 33.57
C LEU A 318 -28.48 -4.58 34.49
N TYR A 319 -27.80 -3.94 35.43
CA TYR A 319 -26.99 -4.68 36.38
C TYR A 319 -27.87 -5.57 37.26
N GLN A 320 -29.04 -5.08 37.66
CA GLN A 320 -29.94 -5.89 38.47
C GLN A 320 -30.40 -7.12 37.69
N SER A 321 -30.72 -6.95 36.41
CA SER A 321 -31.11 -8.09 35.59
C SER A 321 -29.96 -9.07 35.43
N LEU A 322 -28.75 -8.56 35.24
CA LEU A 322 -27.58 -9.43 35.10
C LEU A 322 -27.35 -10.26 36.36
N VAL A 323 -27.38 -9.60 37.53
CA VAL A 323 -27.11 -10.32 38.77
C VAL A 323 -28.26 -11.26 39.11
N ASN A 324 -29.49 -10.91 38.71
CA ASN A 324 -30.63 -11.78 38.97
C ASN A 324 -30.63 -13.01 38.07
N ASP A 325 -29.90 -12.96 36.96
CA ASP A 325 -29.75 -14.11 36.07
C ASP A 325 -28.54 -14.96 36.42
N ASN A 326 -27.87 -14.68 37.54
CA ASN A 326 -26.67 -15.38 37.97
C ASN A 326 -25.56 -15.28 36.93
N VAL A 327 -25.50 -14.17 36.21
CA VAL A 327 -24.41 -13.89 35.30
C VAL A 327 -23.26 -13.30 36.11
N ALA A 328 -22.15 -14.03 36.19
CA ALA A 328 -21.03 -13.61 37.01
C ALA A 328 -20.03 -12.73 36.29
N TYR A 329 -20.16 -12.57 34.97
CA TYR A 329 -19.29 -11.68 34.21
C TYR A 329 -20.01 -11.26 32.95
N ALA A 330 -19.96 -9.97 32.64
CA ALA A 330 -20.61 -9.45 31.44
C ALA A 330 -19.73 -8.40 30.80
N GLU A 331 -19.88 -8.26 29.48
CA GLU A 331 -19.18 -7.24 28.71
C GLU A 331 -20.25 -6.45 27.95
N ILE A 332 -20.65 -5.32 28.53
CA ILE A 332 -21.75 -4.52 28.01
C ILE A 332 -21.24 -3.62 26.90
N ARG A 333 -21.92 -3.66 25.75
CA ARG A 333 -21.62 -2.76 24.65
C ARG A 333 -22.41 -1.47 24.81
N CYS A 334 -21.75 -0.34 24.62
CA CYS A 334 -22.40 0.96 24.74
C CYS A 334 -21.84 1.89 23.67
N SER A 335 -22.65 2.88 23.30
CA SER A 335 -22.26 3.91 22.34
C SER A 335 -22.48 5.25 23.02
N PRO A 336 -21.48 5.74 23.76
CA PRO A 336 -21.66 6.98 24.52
C PRO A 336 -22.02 8.17 23.66
N ASN A 337 -21.54 8.22 22.41
CA ASN A 337 -21.86 9.33 21.54
C ASN A 337 -23.35 9.42 21.25
N ASN A 338 -24.06 8.30 21.32
CA ASN A 338 -25.49 8.30 21.04
C ASN A 338 -26.29 8.95 22.15
N TYR A 339 -25.74 9.04 23.36
CA TYR A 339 -26.42 9.65 24.49
C TYR A 339 -25.77 10.96 24.92
N ALA A 340 -24.96 11.55 24.06
CA ALA A 340 -24.25 12.79 24.37
C ALA A 340 -24.92 13.97 23.68
N ASP A 341 -24.83 15.13 24.33
CA ASP A 341 -25.34 16.36 23.75
C ASP A 341 -24.65 17.54 24.41
N LYS A 342 -24.32 18.56 23.61
CA LYS A 342 -23.66 19.76 24.10
C LYS A 342 -24.63 20.75 24.72
N ASN A 343 -25.94 20.48 24.67
CA ASN A 343 -26.91 21.41 25.23
C ASN A 343 -26.72 21.56 26.73
N LYS A 344 -26.48 20.47 27.44
CA LYS A 344 -26.25 20.49 28.89
C LYS A 344 -24.84 20.06 29.25
N ASN A 345 -23.87 20.33 28.37
CA ASN A 345 -22.47 20.02 28.60
C ASN A 345 -22.29 18.52 28.91
N ARG A 346 -22.80 17.69 28.01
CA ARG A 346 -22.74 16.23 28.14
C ARG A 346 -22.09 15.66 26.89
N SER A 347 -20.76 15.58 26.91
CA SER A 347 -20.03 14.95 25.83
C SER A 347 -20.13 13.43 25.94
N ALA A 348 -19.54 12.73 24.96
CA ALA A 348 -19.52 11.28 25.03
C ALA A 348 -18.67 10.79 26.20
N TRP A 349 -17.59 11.51 26.51
CA TRP A 349 -16.71 11.09 27.59
C TRP A 349 -17.42 11.08 28.94
N VAL A 350 -18.22 12.12 29.22
CA VAL A 350 -18.90 12.16 30.51
C VAL A 350 -20.01 11.12 30.56
N VAL A 351 -20.65 10.81 29.44
CA VAL A 351 -21.65 9.75 29.41
C VAL A 351 -21.00 8.40 29.72
N LEU A 352 -19.86 8.13 29.09
CA LEU A 352 -19.15 6.88 29.36
C LEU A 352 -18.68 6.84 30.81
N GLN A 353 -18.22 7.98 31.34
CA GLN A 353 -17.79 8.03 32.73
C GLN A 353 -18.96 7.79 33.67
N ASP A 354 -20.14 8.30 33.32
CA ASP A 354 -21.32 8.04 34.14
C ASP A 354 -21.66 6.56 34.15
N ILE A 355 -21.62 5.92 32.97
CA ILE A 355 -21.88 4.48 32.90
C ILE A 355 -20.88 3.71 33.75
N ASN A 356 -19.59 4.04 33.59
CA ASN A 356 -18.54 3.35 34.32
C ASN A 356 -18.68 3.57 35.82
N ASP A 357 -18.97 4.80 36.24
CA ASP A 357 -19.11 5.09 37.67
C ASP A 357 -20.30 4.36 38.26
N THR A 358 -21.43 4.34 37.54
CA THR A 358 -22.59 3.61 38.03
C THR A 358 -22.28 2.12 38.18
N PHE A 359 -21.65 1.54 37.16
CA PHE A 359 -21.35 0.11 37.22
C PHE A 359 -20.37 -0.21 38.35
N THR A 360 -19.32 0.59 38.51
CA THR A 360 -18.33 0.30 39.54
C THR A 360 -18.90 0.55 40.93
N ARG A 361 -19.75 1.57 41.09
CA ARG A 361 -20.39 1.79 42.37
C ARG A 361 -21.32 0.64 42.73
N LEU A 362 -22.11 0.16 41.77
CA LEU A 362 -22.99 -0.97 42.03
C LEU A 362 -22.19 -2.21 42.39
N ILE A 363 -21.11 -2.48 41.66
CA ILE A 363 -20.30 -3.67 41.92
C ILE A 363 -19.64 -3.58 43.30
N THR A 364 -19.07 -2.43 43.63
CA THR A 364 -18.43 -2.27 44.93
C THR A 364 -19.44 -2.38 46.07
N GLU A 365 -20.62 -1.79 45.89
CA GLU A 365 -21.65 -1.88 46.92
C GLU A 365 -22.10 -3.33 47.12
N ALA A 366 -22.29 -4.08 46.02
CA ALA A 366 -22.70 -5.47 46.15
C ALA A 366 -21.58 -6.33 46.73
N LYS A 367 -20.32 -5.99 46.45
CA LYS A 367 -19.20 -6.78 46.95
C LYS A 367 -18.93 -6.52 48.42
N GLN A 368 -19.13 -5.28 48.88
CA GLN A 368 -18.91 -4.98 50.30
C GLN A 368 -19.88 -5.76 51.18
N LYS A 369 -21.15 -5.86 50.76
CA LYS A 369 -22.15 -6.62 51.48
C LYS A 369 -21.98 -8.14 51.31
N ASN A 370 -20.90 -8.57 50.66
CA ASN A 370 -20.59 -9.98 50.48
C ASN A 370 -21.73 -10.73 49.79
N GLN A 371 -22.28 -10.11 48.76
CA GLN A 371 -23.31 -10.71 47.92
C GLN A 371 -22.72 -11.12 46.58
N PHE A 372 -23.48 -11.92 45.84
CA PHE A 372 -23.08 -12.30 44.50
C PHE A 372 -23.09 -11.08 43.59
N TYR A 373 -21.97 -10.82 42.94
CA TYR A 373 -21.81 -9.63 42.11
C TYR A 373 -21.27 -10.02 40.75
N CYS A 374 -21.66 -9.25 39.74
CA CYS A 374 -21.28 -9.49 38.35
C CYS A 374 -20.22 -8.47 37.95
N HIS A 375 -19.00 -8.95 37.74
CA HIS A 375 -17.95 -8.08 37.22
C HIS A 375 -18.30 -7.69 35.79
N VAL A 376 -18.37 -6.39 35.53
CA VAL A 376 -18.86 -5.86 34.26
C VAL A 376 -17.77 -5.02 33.62
N ASN A 377 -17.48 -5.30 32.36
CA ASN A 377 -16.57 -4.51 31.55
C ASN A 377 -17.33 -3.94 30.37
N LEU A 378 -16.81 -2.85 29.81
CA LEU A 378 -17.52 -2.11 28.78
C LEU A 378 -16.79 -2.20 27.45
N LEU A 379 -17.58 -2.28 26.38
CA LEU A 379 -17.08 -2.21 25.01
C LEU A 379 -17.68 -0.98 24.35
N VAL A 380 -16.83 -0.17 23.72
CA VAL A 380 -17.29 1.03 23.04
C VAL A 380 -17.61 0.68 21.59
N ILE A 381 -18.86 0.84 21.20
CA ILE A 381 -19.29 0.55 19.85
C ILE A 381 -18.82 1.66 18.92
N ALA A 382 -18.17 1.27 17.82
CA ALA A 382 -17.66 2.22 16.83
C ALA A 382 -18.42 2.00 15.53
N SER A 383 -19.57 2.65 15.42
CA SER A 383 -20.34 2.58 14.19
C SER A 383 -19.64 3.34 13.07
N ARG A 384 -19.77 2.81 11.85
CA ARG A 384 -19.12 3.38 10.68
C ARG A 384 -20.16 3.96 9.74
N LYS A 385 -19.95 5.22 9.33
CA LYS A 385 -20.85 5.93 8.44
C LYS A 385 -22.26 5.99 9.03
N PHE A 386 -22.32 6.44 10.29
CA PHE A 386 -23.58 6.50 11.02
C PHE A 386 -24.23 7.87 10.97
N SER A 387 -23.49 8.92 11.32
CA SER A 387 -24.04 10.27 11.39
C SER A 387 -23.32 11.20 10.43
N GLY A 388 -23.09 10.74 9.20
CA GLY A 388 -22.52 11.59 8.17
C GLY A 388 -21.02 11.43 7.98
N ASP A 389 -20.25 12.39 8.47
CA ASP A 389 -18.81 12.37 8.29
C ASP A 389 -18.21 11.17 9.00
N LEU A 390 -17.21 10.56 8.35
CA LEU A 390 -16.55 9.37 8.89
C LEU A 390 -15.66 9.67 10.09
N SER A 391 -15.64 10.91 10.60
CA SER A 391 -14.88 11.20 11.81
C SER A 391 -15.48 10.55 13.05
N ASP A 392 -16.71 10.04 12.97
CA ASP A 392 -17.35 9.45 14.14
C ASP A 392 -16.63 8.19 14.60
N ILE A 393 -16.20 7.34 13.67
CA ILE A 393 -15.51 6.12 14.06
C ILE A 393 -14.17 6.43 14.69
N SER A 394 -13.45 7.42 14.15
CA SER A 394 -12.18 7.84 14.75
C SER A 394 -12.40 8.42 16.13
N LYS A 395 -13.46 9.21 16.31
CA LYS A 395 -13.75 9.77 17.63
C LYS A 395 -14.08 8.67 18.63
N HIS A 396 -14.85 7.66 18.21
CA HIS A 396 -15.17 6.55 19.09
C HIS A 396 -13.90 5.77 19.47
N LEU A 397 -13.03 5.53 18.50
CA LEU A 397 -11.79 4.82 18.79
C LEU A 397 -10.94 5.60 19.80
N ALA A 398 -10.81 6.91 19.58
CA ALA A 398 -10.04 7.73 20.51
C ALA A 398 -10.68 7.75 21.89
N LEU A 399 -12.01 7.79 21.95
CA LEU A 399 -12.69 7.79 23.24
C LEU A 399 -12.44 6.50 24.00
N ALA A 400 -12.49 5.36 23.30
CA ALA A 400 -12.19 4.09 23.95
C ALA A 400 -10.73 4.05 24.43
N ILE A 401 -9.81 4.53 23.60
CA ILE A 401 -8.40 4.52 23.97
C ILE A 401 -8.17 5.36 25.22
N THR A 402 -8.76 6.55 25.27
CA THR A 402 -8.60 7.40 26.44
C THR A 402 -9.32 6.84 27.65
N ALA A 403 -10.43 6.14 27.46
CA ALA A 403 -11.15 5.54 28.57
C ALA A 403 -10.38 4.38 29.18
N MET A 404 -9.54 3.70 28.39
CA MET A 404 -8.69 2.67 28.98
C MET A 404 -7.82 3.22 30.09
N GLN A 405 -7.21 4.38 29.87
CA GLN A 405 -6.20 4.91 30.78
C GLN A 405 -6.74 5.26 32.16
N GLN A 406 -8.03 5.05 32.45
CA GLN A 406 -8.51 5.26 33.81
C GLN A 406 -7.79 4.33 34.79
N GLY A 407 -7.68 3.06 34.45
CA GLY A 407 -6.88 2.12 35.21
C GLY A 407 -7.51 1.66 36.51
N GLU A 408 -7.58 2.55 37.48
CA GLU A 408 -8.15 2.23 38.78
C GLU A 408 -9.67 2.19 38.69
N GLY A 409 -10.28 1.15 39.23
CA GLY A 409 -11.71 0.97 39.18
C GLY A 409 -12.01 -0.48 38.85
N VAL A 410 -13.21 -0.92 39.24
CA VAL A 410 -13.61 -2.30 38.97
C VAL A 410 -14.01 -2.47 37.51
N CYS A 411 -15.01 -1.73 37.07
CA CYS A 411 -15.43 -1.76 35.68
C CYS A 411 -14.46 -0.94 34.84
N ARG A 412 -14.03 -1.51 33.72
CA ARG A 412 -13.09 -0.83 32.83
C ARG A 412 -13.44 -1.17 31.38
N ILE A 413 -13.04 -0.27 30.49
CA ILE A 413 -13.22 -0.49 29.06
C ILE A 413 -12.14 -1.44 28.58
N VAL A 414 -12.55 -2.53 27.93
CA VAL A 414 -11.63 -3.58 27.53
C VAL A 414 -11.47 -3.69 26.02
N GLY A 415 -12.43 -3.23 25.23
CA GLY A 415 -12.34 -3.38 23.80
C GLY A 415 -13.32 -2.47 23.09
N VAL A 416 -13.28 -2.54 21.76
CA VAL A 416 -14.18 -1.78 20.91
C VAL A 416 -15.02 -2.76 20.10
N ASP A 417 -16.11 -2.23 19.54
CA ASP A 417 -17.02 -3.03 18.73
C ASP A 417 -17.22 -2.33 17.39
N LEU A 418 -17.33 -3.13 16.33
CA LEU A 418 -17.46 -2.62 14.97
C LEU A 418 -18.75 -3.15 14.35
N ALA A 419 -19.24 -2.42 13.35
CA ALA A 419 -20.46 -2.80 12.63
C ALA A 419 -20.38 -2.26 11.21
N GLY A 420 -20.42 -3.17 10.23
CA GLY A 420 -20.44 -2.81 8.82
C GLY A 420 -21.82 -3.03 8.24
N PHE A 421 -22.28 -2.07 7.43
CA PHE A 421 -23.66 -2.09 6.98
C PHE A 421 -24.00 -3.30 6.12
N GLU A 422 -23.45 -3.36 4.91
CA GLU A 422 -23.72 -4.50 4.02
C GLU A 422 -22.44 -5.19 3.56
N ASN A 423 -21.53 -4.47 2.92
CA ASN A 423 -20.40 -5.08 2.23
C ASN A 423 -19.51 -3.97 1.69
N LYS A 424 -18.32 -4.36 1.26
CA LYS A 424 -17.40 -3.47 0.55
C LYS A 424 -17.03 -2.23 1.36
N GLU A 425 -17.94 -1.25 1.38
CA GLU A 425 -17.62 0.08 1.91
C GLU A 425 -17.32 0.07 3.40
N THR A 426 -17.83 -0.91 4.14
CA THR A 426 -17.66 -0.93 5.60
C THR A 426 -17.32 -2.32 6.13
N ARG A 427 -16.65 -3.18 5.36
CA ARG A 427 -16.50 -4.53 5.87
C ARG A 427 -15.33 -4.67 6.85
N ALA A 428 -14.10 -4.70 6.34
CA ALA A 428 -12.96 -4.72 7.25
C ALA A 428 -11.67 -4.15 6.68
N SER A 429 -11.64 -3.65 5.46
CA SER A 429 -10.37 -3.55 4.72
C SER A 429 -9.91 -2.11 4.49
N TYR A 430 -10.44 -1.14 5.24
CA TYR A 430 -10.12 0.26 4.97
C TYR A 430 -9.46 0.99 6.13
N TYR A 431 -9.66 0.55 7.37
CA TYR A 431 -9.27 1.36 8.53
C TYR A 431 -8.10 0.76 9.32
N GLU A 432 -7.24 -0.04 8.67
CA GLU A 432 -6.06 -0.54 9.37
C GLU A 432 -5.19 0.60 9.91
N HIS A 433 -5.14 1.73 9.20
CA HIS A 433 -4.40 2.87 9.73
C HIS A 433 -5.03 3.40 11.00
N ASP A 434 -6.37 3.43 11.07
CA ASP A 434 -7.03 3.79 12.31
C ASP A 434 -6.77 2.78 13.41
N PHE A 435 -6.80 1.49 13.08
CA PHE A 435 -6.75 0.45 14.09
C PHE A 435 -5.33 0.10 14.53
N LYS A 436 -4.32 0.62 13.84
CA LYS A 436 -2.94 0.45 14.30
C LYS A 436 -2.77 1.01 15.70
N ALA A 437 -3.31 2.22 15.93
CA ALA A 437 -3.26 2.82 17.26
C ALA A 437 -4.05 2.03 18.28
N VAL A 438 -5.25 1.57 17.90
CA VAL A 438 -6.10 0.85 18.86
C VAL A 438 -5.45 -0.48 19.24
N HIS A 439 -4.66 -1.07 18.34
CA HIS A 439 -3.94 -2.29 18.69
C HIS A 439 -2.70 -1.98 19.52
N ARG A 440 -2.02 -0.87 19.24
CA ARG A 440 -0.86 -0.51 20.05
C ARG A 440 -1.27 -0.23 21.49
N CYS A 441 -2.40 0.45 21.69
CA CYS A 441 -2.80 0.85 23.04
C CYS A 441 -3.17 -0.35 23.90
N GLY A 442 -3.81 -1.36 23.31
CA GLY A 442 -4.14 -2.56 24.05
C GLY A 442 -5.60 -2.94 24.02
N LEU A 443 -6.41 -2.16 23.31
CA LEU A 443 -7.82 -2.49 23.18
C LEU A 443 -8.01 -3.74 22.33
N ALA A 444 -9.09 -4.47 22.64
CA ALA A 444 -9.51 -5.59 21.83
C ALA A 444 -10.55 -5.15 20.83
N VAL A 445 -10.71 -5.95 19.77
CA VAL A 445 -11.59 -5.61 18.66
C VAL A 445 -12.58 -6.74 18.46
N THR A 446 -13.85 -6.39 18.36
CA THR A 446 -14.93 -7.33 18.06
C THR A 446 -15.67 -6.84 16.82
N ALA A 447 -16.08 -7.79 15.97
CA ALA A 447 -16.77 -7.47 14.73
C ALA A 447 -18.19 -8.02 14.77
N HIS A 448 -19.12 -7.23 14.23
CA HIS A 448 -20.52 -7.64 14.11
C HIS A 448 -20.80 -8.33 12.78
N ALA A 449 -19.80 -8.97 12.19
CA ALA A 449 -19.90 -9.53 10.84
C ALA A 449 -20.78 -10.79 10.90
N GLY A 450 -22.09 -10.56 10.83
CA GLY A 450 -23.06 -11.64 10.76
C GLY A 450 -24.17 -11.32 9.80
N GLU A 451 -23.98 -10.25 9.03
CA GLU A 451 -24.99 -9.77 8.08
C GLU A 451 -24.74 -10.40 6.71
N ASN A 452 -24.93 -11.72 6.66
CA ASN A 452 -24.67 -12.56 5.48
C ASN A 452 -23.42 -12.11 4.74
N ASP A 453 -22.36 -11.88 5.50
CA ASP A 453 -21.13 -11.33 4.94
C ASP A 453 -20.34 -12.39 4.20
N ASP A 454 -19.63 -11.95 3.17
CA ASP A 454 -18.79 -12.85 2.40
C ASP A 454 -17.64 -13.36 3.26
N PRO A 455 -17.16 -14.58 2.99
CA PRO A 455 -16.02 -15.09 3.75
C PRO A 455 -14.79 -14.21 3.67
N GLU A 456 -14.63 -13.45 2.58
CA GLU A 456 -13.54 -12.50 2.50
C GLU A 456 -13.69 -11.41 3.57
N GLY A 457 -14.92 -11.02 3.87
CA GLY A 457 -15.13 -10.05 4.94
C GLY A 457 -14.67 -10.56 6.28
N ILE A 458 -15.04 -11.80 6.61
CA ILE A 458 -14.59 -12.40 7.86
C ILE A 458 -13.08 -12.56 7.86
N TRP A 459 -12.50 -12.92 6.71
CA TRP A 459 -11.06 -13.05 6.62
C TRP A 459 -10.36 -11.72 6.91
N GLN A 460 -10.86 -10.64 6.33
CA GLN A 460 -10.27 -9.33 6.58
C GLN A 460 -10.46 -8.91 8.04
N ALA A 461 -11.62 -9.23 8.62
CA ALA A 461 -11.82 -8.95 10.04
C ALA A 461 -10.82 -9.71 10.89
N VAL A 462 -10.53 -10.95 10.52
CA VAL A 462 -9.61 -11.79 11.29
C VAL A 462 -8.18 -11.28 11.15
N TYR A 463 -7.78 -10.90 9.93
CA TYR A 463 -6.39 -10.60 9.64
C TYR A 463 -6.08 -9.11 9.54
N SER A 464 -6.92 -8.34 8.84
CA SER A 464 -6.64 -6.92 8.70
C SER A 464 -6.89 -6.17 10.01
N LEU A 465 -8.00 -6.46 10.68
CA LEU A 465 -8.32 -5.81 11.95
C LEU A 465 -7.85 -6.60 13.16
N HIS A 466 -7.38 -7.83 12.98
CA HIS A 466 -6.95 -8.68 14.09
C HIS A 466 -8.05 -8.81 15.14
N ALA A 467 -9.29 -8.98 14.69
CA ALA A 467 -10.41 -9.12 15.60
C ALA A 467 -10.26 -10.39 16.43
N ARG A 468 -10.50 -10.28 17.73
CA ARG A 468 -10.40 -11.42 18.63
C ARG A 468 -11.73 -12.13 18.84
N ARG A 469 -12.84 -11.53 18.41
CA ARG A 469 -14.15 -12.14 18.52
C ARG A 469 -14.99 -11.72 17.32
N LEU A 470 -15.94 -12.57 16.95
CA LEU A 470 -16.80 -12.35 15.79
C LEU A 470 -18.26 -12.42 16.23
N GLY A 471 -19.03 -11.41 15.83
CA GLY A 471 -20.45 -11.40 16.16
C GLY A 471 -21.24 -12.27 15.20
N HIS A 472 -22.09 -13.12 15.76
CA HIS A 472 -22.93 -14.03 14.98
C HIS A 472 -22.08 -14.93 14.09
N ALA A 473 -21.89 -14.54 12.83
CA ALA A 473 -21.08 -15.29 11.87
C ALA A 473 -21.58 -16.75 11.77
N LEU A 474 -22.82 -16.89 11.32
CA LEU A 474 -23.49 -18.17 11.26
C LEU A 474 -23.23 -18.92 9.95
N ASN A 475 -22.50 -18.33 9.02
CA ASN A 475 -22.30 -18.91 7.69
C ASN A 475 -20.86 -19.38 7.49
N LEU A 476 -20.26 -19.96 8.54
CA LEU A 476 -18.88 -20.44 8.43
C LEU A 476 -18.78 -21.81 7.77
N LEU A 477 -19.88 -22.56 7.69
CA LEU A 477 -19.81 -23.90 7.10
C LEU A 477 -19.48 -23.83 5.62
N GLU A 478 -20.01 -22.84 4.91
CA GLU A 478 -19.78 -22.74 3.47
C GLU A 478 -18.32 -22.46 3.14
N ALA A 479 -17.52 -22.03 4.11
CA ALA A 479 -16.10 -21.74 3.91
C ALA A 479 -15.29 -22.55 4.90
N PRO A 480 -14.92 -23.78 4.55
CA PRO A 480 -14.10 -24.60 5.47
C PRO A 480 -12.78 -23.95 5.82
N ASP A 481 -12.17 -23.21 4.90
CA ASP A 481 -10.93 -22.51 5.23
C ASP A 481 -11.16 -21.46 6.30
N LEU A 482 -12.30 -20.78 6.26
CA LEU A 482 -12.65 -19.82 7.31
C LEU A 482 -12.81 -20.50 8.65
N MET A 483 -13.46 -21.67 8.67
CA MET A 483 -13.55 -22.44 9.90
C MET A 483 -12.19 -22.84 10.42
N ARG A 484 -11.30 -23.28 9.51
CA ARG A 484 -9.96 -23.68 9.92
C ARG A 484 -9.19 -22.51 10.53
N THR A 485 -9.28 -21.33 9.90
CA THR A 485 -8.53 -20.20 10.40
C THR A 485 -9.14 -19.63 11.68
N VAL A 486 -10.46 -19.78 11.87
CA VAL A 486 -11.07 -19.34 13.12
C VAL A 486 -10.68 -20.27 14.25
N ILE A 487 -10.69 -21.58 14.02
CA ILE A 487 -10.32 -22.53 15.06
C ILE A 487 -8.83 -22.41 15.40
N GLU A 488 -7.99 -22.32 14.37
CA GLU A 488 -6.55 -22.35 14.59
C GLU A 488 -6.08 -21.13 15.37
N ARG A 489 -6.62 -19.96 15.06
CA ARG A 489 -6.20 -18.72 15.73
C ARG A 489 -6.93 -18.49 17.04
N LYS A 490 -7.70 -19.47 17.51
CA LYS A 490 -8.42 -19.38 18.79
C LYS A 490 -9.30 -18.15 18.85
N ILE A 491 -9.95 -17.83 17.73
CA ILE A 491 -10.81 -16.66 17.62
C ILE A 491 -12.21 -17.08 18.01
N GLY A 492 -12.67 -16.62 19.17
CA GLY A 492 -14.00 -16.95 19.61
C GLY A 492 -15.07 -16.28 18.77
N VAL A 493 -16.24 -16.90 18.71
CA VAL A 493 -17.39 -16.35 18.02
C VAL A 493 -18.54 -16.25 19.03
N GLU A 494 -19.25 -15.14 18.99
CA GLU A 494 -20.37 -14.89 19.89
C GLU A 494 -21.65 -14.95 19.07
N MET A 495 -22.56 -15.86 19.45
CA MET A 495 -23.84 -16.00 18.79
C MET A 495 -24.96 -15.90 19.81
N CYS A 496 -26.01 -15.17 19.46
CA CYS A 496 -27.15 -15.02 20.33
C CYS A 496 -28.29 -15.88 19.79
N PRO A 497 -28.61 -17.00 20.42
CA PRO A 497 -29.59 -17.93 19.82
C PRO A 497 -30.94 -17.29 19.55
N TYR A 498 -31.44 -16.45 20.45
CA TYR A 498 -32.76 -15.86 20.26
C TYR A 498 -32.75 -14.83 19.13
N ALA A 499 -31.75 -13.94 19.14
CA ALA A 499 -31.68 -12.92 18.09
C ALA A 499 -31.43 -13.55 16.73
N ASN A 500 -30.51 -14.52 16.66
CA ASN A 500 -30.25 -15.18 15.39
C ASN A 500 -31.48 -15.97 14.91
N TYR A 501 -32.19 -16.61 15.85
CA TYR A 501 -33.38 -17.36 15.48
C TYR A 501 -34.47 -16.45 14.95
N GLN A 502 -34.65 -15.29 15.58
CA GLN A 502 -35.71 -14.38 15.14
C GLN A 502 -35.35 -13.70 13.82
N ILE A 503 -34.11 -13.25 13.68
CA ILE A 503 -33.73 -12.48 12.50
C ILE A 503 -33.57 -13.39 11.29
N LYS A 504 -32.78 -14.45 11.42
CA LYS A 504 -32.47 -15.30 10.28
C LYS A 504 -33.48 -16.42 10.10
N GLY A 505 -33.90 -17.07 11.18
CA GLY A 505 -34.85 -18.16 11.09
C GLY A 505 -34.19 -19.52 11.03
N PHE A 506 -34.33 -20.30 12.10
CA PHE A 506 -33.73 -21.62 12.20
C PHE A 506 -34.76 -22.60 12.72
N ALA A 507 -34.63 -23.87 12.29
CA ALA A 507 -35.61 -24.88 12.64
C ALA A 507 -35.74 -24.99 14.16
N PRO A 508 -36.96 -25.12 14.69
CA PRO A 508 -38.24 -25.36 14.00
C PRO A 508 -38.95 -24.10 13.52
N MET A 509 -38.22 -23.17 12.90
CA MET A 509 -38.85 -22.02 12.29
C MET A 509 -39.77 -22.49 11.16
N PRO A 510 -41.04 -22.08 11.16
CA PRO A 510 -41.95 -22.52 10.09
C PRO A 510 -41.46 -22.08 8.73
N ASN A 511 -41.63 -22.96 7.74
CA ASN A 511 -41.18 -22.73 6.37
C ASN A 511 -39.69 -22.42 6.31
N PHE A 512 -38.91 -23.09 7.16
CA PHE A 512 -37.47 -22.90 7.20
C PHE A 512 -36.80 -24.25 7.44
N SER A 513 -35.70 -24.48 6.70
CA SER A 513 -34.99 -25.75 6.76
C SER A 513 -33.61 -25.65 7.38
N ALA A 514 -33.02 -24.45 7.44
CA ALA A 514 -31.68 -24.31 7.98
C ALA A 514 -31.66 -24.61 9.47
N LEU A 515 -30.58 -25.25 9.91
CA LEU A 515 -30.39 -25.61 11.31
C LEU A 515 -29.36 -24.69 11.95
N TYR A 516 -29.47 -24.54 13.26
CA TYR A 516 -28.52 -23.72 14.00
C TYR A 516 -27.15 -24.42 14.02
N PRO A 517 -26.09 -23.75 13.59
CA PRO A 517 -24.76 -24.39 13.54
C PRO A 517 -23.97 -24.34 14.83
N LEU A 518 -24.60 -24.00 15.97
CA LEU A 518 -23.86 -23.94 17.23
C LEU A 518 -23.31 -25.30 17.62
N LYS A 519 -24.11 -26.36 17.46
CA LYS A 519 -23.64 -27.70 17.79
C LYS A 519 -22.47 -28.11 16.90
N LYS A 520 -22.56 -27.83 15.60
CA LYS A 520 -21.47 -28.16 14.70
C LYS A 520 -20.23 -27.32 15.00
N TYR A 521 -20.43 -26.06 15.39
CA TYR A 521 -19.30 -25.23 15.81
C TYR A 521 -18.62 -25.82 17.03
N LEU A 522 -19.40 -26.27 18.01
CA LEU A 522 -18.83 -26.87 19.21
C LEU A 522 -18.09 -28.17 18.87
N GLU A 523 -18.65 -28.99 17.99
CA GLU A 523 -17.97 -30.22 17.59
C GLU A 523 -16.66 -29.91 16.89
N ALA A 524 -16.65 -28.90 16.01
CA ALA A 524 -15.43 -28.56 15.27
C ALA A 524 -14.38 -27.90 16.15
N GLY A 525 -14.77 -27.40 17.33
CA GLY A 525 -13.83 -26.80 18.24
C GLY A 525 -13.80 -25.29 18.26
N ILE A 526 -14.73 -24.62 17.58
CA ILE A 526 -14.78 -23.17 17.64
C ILE A 526 -15.07 -22.71 19.07
N LEU A 527 -14.37 -21.66 19.50
CA LEU A 527 -14.59 -21.11 20.83
C LEU A 527 -15.92 -20.35 20.86
N VAL A 528 -17.03 -21.08 20.81
CA VAL A 528 -18.34 -20.47 20.66
C VAL A 528 -18.84 -20.00 22.03
N SER A 529 -19.65 -18.94 22.01
CA SER A 529 -20.25 -18.40 23.22
C SER A 529 -21.71 -18.06 22.95
N VAL A 530 -22.51 -18.11 24.00
CA VAL A 530 -23.94 -17.82 23.93
C VAL A 530 -24.19 -16.50 24.65
N ASN A 531 -24.89 -15.58 23.98
CA ASN A 531 -25.08 -14.23 24.49
C ASN A 531 -26.55 -13.85 24.32
N THR A 532 -26.84 -12.56 24.51
CA THR A 532 -28.20 -12.07 24.50
C THR A 532 -28.46 -10.98 23.46
N ASP A 533 -27.42 -10.44 22.82
CA ASP A 533 -27.56 -9.31 21.91
C ASP A 533 -28.27 -8.16 22.63
N ASN A 534 -29.58 -8.05 22.43
CA ASN A 534 -30.41 -7.10 23.16
C ASN A 534 -31.40 -7.88 24.00
N ILE A 535 -31.34 -7.69 25.31
CA ILE A 535 -32.24 -8.42 26.21
C ILE A 535 -33.68 -7.98 26.00
N GLY A 536 -33.92 -6.66 25.98
CA GLY A 536 -35.27 -6.17 25.85
C GLY A 536 -35.89 -6.46 24.49
N ILE A 537 -35.12 -6.23 23.41
CA ILE A 537 -35.67 -6.41 22.08
C ILE A 537 -35.99 -7.88 21.82
N SER A 538 -35.08 -8.78 22.19
CA SER A 538 -35.34 -10.20 22.02
C SER A 538 -36.24 -10.77 23.11
N GLY A 539 -36.37 -10.08 24.23
CA GLY A 539 -37.22 -10.56 25.32
C GLY A 539 -36.79 -11.87 25.92
N ALA A 540 -35.48 -12.04 26.13
CA ALA A 540 -34.95 -13.29 26.66
C ALA A 540 -33.59 -13.03 27.25
N ASN A 541 -33.41 -13.37 28.53
CA ASN A 541 -32.12 -13.20 29.19
C ASN A 541 -31.21 -14.36 28.85
N LEU A 542 -30.08 -14.46 29.54
CA LEU A 542 -29.07 -15.46 29.18
C LEU A 542 -29.56 -16.88 29.48
N SER A 543 -30.32 -17.06 30.56
CA SER A 543 -30.74 -18.40 30.95
C SER A 543 -31.62 -19.04 29.87
N GLU A 544 -32.67 -18.33 29.46
CA GLU A 544 -33.54 -18.88 28.42
C GLU A 544 -32.85 -18.91 27.07
N ASN A 545 -31.89 -18.01 26.85
CA ASN A 545 -31.09 -18.06 25.62
C ASN A 545 -30.30 -19.36 25.55
N LEU A 546 -29.72 -19.78 26.66
CA LEU A 546 -29.06 -21.09 26.70
C LEU A 546 -30.07 -22.22 26.60
N LEU A 547 -31.24 -22.04 27.21
CA LEU A 547 -32.24 -23.12 27.24
C LEU A 547 -32.79 -23.42 25.86
N ILE A 548 -32.97 -22.40 25.03
CA ILE A 548 -33.53 -22.59 23.70
C ILE A 548 -32.63 -23.43 22.80
N LEU A 549 -31.38 -23.66 23.19
CA LEU A 549 -30.51 -24.54 22.43
C LEU A 549 -31.02 -25.98 22.39
N ALA A 550 -31.87 -26.36 23.35
CA ALA A 550 -32.47 -27.68 23.33
C ALA A 550 -33.33 -27.90 22.10
N ASP A 551 -33.85 -26.82 21.50
CA ASP A 551 -34.62 -26.89 20.27
C ASP A 551 -33.85 -26.40 19.04
N LEU A 552 -33.07 -25.34 19.18
CA LEU A 552 -32.28 -24.87 18.04
C LEU A 552 -31.22 -25.89 17.64
N CYS A 553 -30.59 -26.55 18.62
CA CYS A 553 -29.55 -27.54 18.38
C CYS A 553 -29.91 -28.81 19.13
N PRO A 554 -30.79 -29.63 18.56
CA PRO A 554 -31.19 -30.88 19.23
C PRO A 554 -29.99 -31.79 19.48
N GLY A 555 -30.02 -32.47 20.61
CA GLY A 555 -28.95 -33.37 20.99
C GLY A 555 -27.82 -32.73 21.77
N ILE A 556 -27.90 -31.44 22.07
CA ILE A 556 -26.87 -30.80 22.87
C ILE A 556 -26.94 -31.32 24.31
N SER A 557 -25.79 -31.33 24.98
CA SER A 557 -25.67 -31.91 26.31
C SER A 557 -25.26 -30.84 27.32
N ARG A 558 -25.36 -31.20 28.60
CA ARG A 558 -24.99 -30.29 29.67
C ARG A 558 -23.49 -29.99 29.64
N MET A 559 -22.67 -31.00 29.32
CA MET A 559 -21.25 -30.75 29.09
C MET A 559 -21.04 -29.70 28.02
N ASP A 560 -21.88 -29.67 26.99
CA ASP A 560 -21.76 -28.63 25.99
C ASP A 560 -22.10 -27.25 26.56
N VAL A 561 -23.06 -27.17 27.47
CA VAL A 561 -23.38 -25.89 28.10
C VAL A 561 -22.20 -25.40 28.93
N LEU A 562 -21.60 -26.31 29.71
CA LEU A 562 -20.44 -25.93 30.52
C LEU A 562 -19.25 -25.59 29.64
N THR A 563 -19.08 -26.27 28.51
CA THR A 563 -18.04 -25.92 27.56
C THR A 563 -18.29 -24.54 26.96
N ILE A 564 -19.56 -24.20 26.70
CA ILE A 564 -19.89 -22.87 26.20
C ILE A 564 -19.51 -21.82 27.23
N ILE A 565 -19.81 -22.07 28.51
CA ILE A 565 -19.42 -21.14 29.56
C ILE A 565 -17.90 -21.00 29.63
N ARG A 566 -17.20 -22.13 29.54
CA ARG A 566 -15.73 -22.10 29.57
C ARG A 566 -15.17 -21.30 28.40
N ASN A 567 -15.75 -21.47 27.21
CA ASN A 567 -15.30 -20.71 26.05
C ASN A 567 -15.58 -19.23 26.23
N SER A 568 -16.73 -18.89 26.82
CA SER A 568 -17.04 -17.50 27.11
C SER A 568 -16.00 -16.90 28.05
N ILE A 569 -15.58 -17.66 29.06
CA ILE A 569 -14.55 -17.19 29.97
C ILE A 569 -13.23 -17.01 29.22
N GLU A 570 -12.86 -17.99 28.39
CA GLU A 570 -11.57 -17.95 27.72
C GLU A 570 -11.49 -16.79 26.72
N THR A 571 -12.57 -16.52 26.00
CA THR A 571 -12.58 -15.50 24.96
C THR A 571 -12.89 -14.10 25.50
N ALA A 572 -13.18 -13.97 26.79
CA ALA A 572 -13.45 -12.66 27.35
C ALA A 572 -12.18 -11.81 27.38
N PHE A 573 -12.34 -10.52 27.16
CA PHE A 573 -11.21 -9.58 27.11
C PHE A 573 -10.82 -9.22 28.54
N ILE A 574 -10.04 -10.11 29.16
CA ILE A 574 -9.59 -9.92 30.53
C ILE A 574 -8.12 -10.29 30.64
N SER A 575 -7.47 -9.75 31.66
CA SER A 575 -6.07 -10.08 31.91
C SER A 575 -5.95 -11.50 32.43
N HIS A 576 -4.75 -12.06 32.27
CA HIS A 576 -4.54 -13.48 32.58
C HIS A 576 -4.79 -13.77 34.05
N ASP A 577 -4.31 -12.89 34.94
CA ASP A 577 -4.51 -13.12 36.37
C ASP A 577 -6.00 -13.07 36.72
N PHE A 578 -6.72 -12.06 36.20
CA PHE A 578 -8.15 -11.98 36.45
C PHE A 578 -8.87 -13.16 35.81
N ARG A 579 -8.43 -13.59 34.63
CA ARG A 579 -9.04 -14.77 34.02
C ARG A 579 -8.85 -16.01 34.88
N MET A 580 -7.67 -16.18 35.46
CA MET A 580 -7.43 -17.34 36.33
C MET A 580 -8.31 -17.26 37.57
N GLU A 581 -8.42 -16.08 38.19
CA GLU A 581 -9.28 -15.94 39.35
C GLU A 581 -10.74 -16.25 38.99
N LEU A 582 -11.20 -15.73 37.86
CA LEU A 582 -12.57 -15.98 37.43
C LEU A 582 -12.80 -17.45 37.12
N LEU A 583 -11.80 -18.10 36.52
CA LEU A 583 -11.92 -19.53 36.24
C LEU A 583 -12.02 -20.34 37.53
N LYS A 584 -11.21 -19.99 38.53
CA LYS A 584 -11.28 -20.68 39.81
C LYS A 584 -12.65 -20.51 40.46
N PHE A 585 -13.15 -19.26 40.49
CA PHE A 585 -14.46 -19.02 41.08
C PHE A 585 -15.56 -19.75 40.33
N PHE A 586 -15.51 -19.71 38.99
CA PHE A 586 -16.52 -20.38 38.18
C PHE A 586 -16.48 -21.88 38.39
N ASP A 587 -15.28 -22.45 38.49
CA ASP A 587 -15.17 -23.89 38.74
C ASP A 587 -15.79 -24.26 40.07
N ARG A 588 -15.47 -23.50 41.12
CA ARG A 588 -16.04 -23.80 42.43
C ARG A 588 -17.56 -23.67 42.42
N LYS A 589 -18.08 -22.59 41.85
CA LYS A 589 -19.52 -22.38 41.84
C LYS A 589 -20.23 -23.43 41.00
N ILE A 590 -19.64 -23.80 39.86
CA ILE A 590 -20.26 -24.79 38.99
C ILE A 590 -20.27 -26.15 39.66
N TYR A 591 -19.19 -26.52 40.35
CA TYR A 591 -19.19 -27.76 41.11
C TYR A 591 -20.26 -27.72 42.18
N ASP A 592 -20.39 -26.58 42.88
CA ASP A 592 -21.38 -26.47 43.95
C ASP A 592 -22.79 -26.65 43.40
N VAL A 593 -23.11 -25.98 42.28
CA VAL A 593 -24.47 -26.08 41.75
C VAL A 593 -24.73 -27.47 41.18
N CYS A 594 -23.77 -28.01 40.42
CA CYS A 594 -23.97 -29.33 39.82
C CYS A 594 -24.10 -30.41 40.88
N LEU A 595 -23.47 -30.21 42.04
CA LEU A 595 -23.69 -31.12 43.15
C LEU A 595 -25.12 -31.04 43.66
N ILE A 596 -25.70 -29.84 43.68
CA ILE A 596 -27.00 -29.62 44.31
C ILE A 596 -28.03 -29.14 43.29
N SER A 597 -27.89 -29.57 42.04
CA SER A 597 -28.94 -29.33 41.04
C SER A 597 -29.36 -30.57 40.29
N ILE A 598 -28.61 -31.68 40.37
CA ILE A 598 -29.09 -32.97 39.90
C ILE A 598 -30.13 -33.55 40.83
N LYS A 599 -30.51 -32.83 41.88
CA LYS A 599 -31.51 -33.30 42.84
C LYS A 599 -32.83 -33.57 42.14
N ASN A 600 -33.25 -32.70 41.23
CA ASN A 600 -34.49 -32.90 40.49
C ASN A 600 -34.25 -33.81 39.28
N MET B 1 -12.92 -58.48 20.82
CA MET B 1 -14.06 -58.15 21.65
C MET B 1 -14.40 -59.31 22.58
N SER B 2 -14.31 -59.06 23.89
CA SER B 2 -14.54 -60.08 24.90
C SER B 2 -15.49 -59.57 25.96
N ARG B 3 -16.40 -60.44 26.40
CA ARG B 3 -17.34 -60.15 27.49
C ARG B 3 -16.97 -61.06 28.65
N VAL B 4 -16.04 -60.59 29.48
CA VAL B 4 -15.50 -61.40 30.57
C VAL B 4 -16.45 -61.34 31.75
N LEU B 5 -16.75 -62.50 32.33
CA LEU B 5 -17.65 -62.61 33.47
C LEU B 5 -16.83 -62.67 34.76
N LEU B 6 -17.21 -61.85 35.74
CA LEU B 6 -16.57 -61.83 37.04
C LEU B 6 -17.60 -62.26 38.09
N CYS B 7 -17.23 -63.26 38.89
CA CYS B 7 -18.12 -63.78 39.93
C CYS B 7 -17.29 -64.36 41.06
N SER B 8 -17.91 -64.48 42.22
CA SER B 8 -17.28 -65.08 43.39
C SER B 8 -18.19 -66.17 43.92
N ALA B 9 -17.67 -67.39 44.04
CA ALA B 9 -18.42 -68.53 44.54
C ALA B 9 -17.75 -69.05 45.80
N GLY B 10 -18.52 -69.19 46.87
CA GLY B 10 -17.97 -69.68 48.12
C GLY B 10 -18.02 -71.19 48.25
N HIS B 11 -19.21 -71.77 48.16
CA HIS B 11 -19.35 -73.21 48.30
C HIS B 11 -20.15 -73.81 47.14
N SER B 12 -21.05 -73.03 46.56
CA SER B 12 -21.93 -73.50 45.50
C SER B 12 -21.32 -73.14 44.15
N SER B 13 -21.07 -74.15 43.33
CA SER B 13 -20.45 -73.94 42.03
C SER B 13 -21.45 -73.77 40.89
N MET B 14 -22.74 -74.01 41.13
CA MET B 14 -23.74 -73.93 40.08
C MET B 14 -24.01 -72.49 39.63
N VAL B 15 -23.52 -71.50 40.37
CA VAL B 15 -23.75 -70.10 39.99
C VAL B 15 -22.99 -69.75 38.72
N VAL B 16 -21.77 -70.29 38.57
CA VAL B 16 -20.94 -69.93 37.42
C VAL B 16 -21.58 -70.34 36.09
N PRO B 17 -22.07 -71.57 35.91
CA PRO B 17 -22.79 -71.86 34.65
C PRO B 17 -24.01 -71.00 34.44
N GLU B 18 -24.69 -70.59 35.50
CA GLU B 18 -25.82 -69.67 35.35
C GLU B 18 -25.35 -68.33 34.81
N ALA B 19 -24.22 -67.82 35.31
CA ALA B 19 -23.66 -66.59 34.77
C ALA B 19 -23.24 -66.76 33.31
N PHE B 20 -22.71 -67.94 32.98
CA PHE B 20 -22.34 -68.22 31.60
C PHE B 20 -23.57 -68.18 30.70
N HIS B 21 -24.69 -68.74 31.15
CA HIS B 21 -25.92 -68.77 30.39
C HIS B 21 -26.77 -67.51 30.59
N ALA B 22 -26.25 -66.51 31.30
CA ALA B 22 -26.98 -65.26 31.47
C ALA B 22 -27.27 -64.59 30.13
N VAL B 23 -26.29 -64.57 29.24
CA VAL B 23 -26.45 -64.01 27.90
C VAL B 23 -26.45 -65.16 26.90
N PRO B 24 -27.52 -65.35 26.13
CA PRO B 24 -27.55 -66.47 25.18
C PRO B 24 -26.46 -66.42 24.13
N GLU B 25 -25.96 -65.23 23.80
CA GLU B 25 -24.95 -65.09 22.77
C GLU B 25 -23.60 -65.63 23.17
N GLY B 26 -23.40 -65.96 24.44
CA GLY B 26 -22.14 -66.51 24.90
C GLY B 26 -21.14 -65.44 25.29
N PHE B 27 -20.00 -65.90 25.81
CA PHE B 27 -18.94 -65.03 26.28
C PHE B 27 -17.60 -65.52 25.72
N GLU B 28 -16.54 -64.78 26.01
CA GLU B 28 -15.19 -65.11 25.58
C GLU B 28 -14.33 -65.69 26.69
N GLU B 29 -14.46 -65.17 27.92
CA GLU B 29 -13.68 -65.69 29.04
C GLU B 29 -14.47 -65.46 30.31
N VAL B 30 -14.18 -66.30 31.32
CA VAL B 30 -14.83 -66.21 32.62
C VAL B 30 -13.77 -66.39 33.70
N HIS B 31 -13.76 -65.49 34.68
CA HIS B 31 -12.85 -65.58 35.82
C HIS B 31 -13.65 -65.53 37.11
N VAL B 32 -13.27 -66.37 38.07
CA VAL B 32 -13.98 -66.50 39.33
C VAL B 32 -12.98 -66.38 40.47
N PHE B 33 -13.30 -65.54 41.45
CA PHE B 33 -12.48 -65.36 42.64
C PHE B 33 -13.10 -66.10 43.83
N THR B 34 -12.26 -66.71 44.64
CA THR B 34 -12.73 -67.43 45.82
C THR B 34 -11.59 -67.57 46.81
N THR B 35 -11.97 -67.92 48.04
CA THR B 35 -10.99 -68.19 49.08
C THR B 35 -10.40 -69.60 48.91
N ASP B 36 -9.34 -69.88 49.66
CA ASP B 36 -8.68 -71.18 49.61
C ASP B 36 -9.34 -72.20 50.53
N SER B 37 -10.60 -71.99 50.90
CA SER B 37 -11.31 -72.94 51.74
C SER B 37 -11.47 -74.27 51.02
N GLU B 38 -11.30 -75.36 51.76
CA GLU B 38 -11.38 -76.69 51.19
C GLU B 38 -12.77 -77.06 50.71
N LYS B 39 -13.81 -76.38 51.22
CA LYS B 39 -15.18 -76.70 50.86
C LYS B 39 -15.53 -76.38 49.42
N PHE B 40 -14.67 -75.64 48.72
CA PHE B 40 -14.90 -75.38 47.31
C PHE B 40 -14.79 -76.69 46.51
N ASN B 41 -15.65 -76.84 45.51
CA ASN B 41 -15.65 -78.00 44.63
C ASN B 41 -15.45 -77.50 43.21
N PRO B 42 -14.20 -77.30 42.78
CA PRO B 42 -13.93 -76.79 41.43
C PRO B 42 -13.84 -77.87 40.37
N VAL B 43 -13.93 -79.15 40.75
CA VAL B 43 -13.82 -80.22 39.76
C VAL B 43 -15.00 -80.19 38.79
N VAL B 44 -16.21 -79.93 39.30
CA VAL B 44 -17.38 -79.90 38.43
C VAL B 44 -17.25 -78.76 37.42
N LEU B 45 -16.86 -77.58 37.88
CA LEU B 45 -16.66 -76.45 36.98
C LEU B 45 -15.56 -76.74 35.97
N ASN B 46 -14.47 -77.36 36.42
CA ASN B 46 -13.37 -77.67 35.52
C ASN B 46 -13.81 -78.62 34.41
N ASP B 47 -14.53 -79.69 34.77
CA ASP B 47 -14.94 -80.63 33.74
C ASP B 47 -16.02 -80.05 32.83
N PHE B 48 -16.92 -79.22 33.39
CA PHE B 48 -17.93 -78.58 32.55
C PHE B 48 -17.29 -77.63 31.55
N PHE B 49 -16.31 -76.83 31.98
CA PHE B 49 -15.67 -75.88 31.09
C PHE B 49 -14.66 -76.52 30.16
N HIS B 50 -14.18 -77.72 30.49
CA HIS B 50 -13.35 -78.45 29.54
C HIS B 50 -14.15 -78.87 28.31
N SER B 51 -15.46 -79.06 28.47
CA SER B 51 -16.32 -79.36 27.33
C SER B 51 -16.50 -78.14 26.42
N LEU B 52 -16.14 -76.94 26.89
CA LEU B 52 -16.25 -75.71 26.12
C LEU B 52 -14.88 -75.04 26.11
N PRO B 53 -13.93 -75.56 25.33
CA PRO B 53 -12.57 -75.00 25.34
C PRO B 53 -12.45 -73.68 24.60
N ASN B 54 -13.48 -73.24 23.88
CA ASN B 54 -13.45 -71.97 23.18
C ASN B 54 -13.52 -70.78 24.12
N VAL B 55 -13.79 -71.00 25.40
CA VAL B 55 -13.91 -69.92 26.38
C VAL B 55 -12.87 -70.15 27.48
N ARG B 56 -12.04 -69.14 27.72
CA ARG B 56 -11.01 -69.25 28.73
C ARG B 56 -11.65 -69.16 30.12
N PHE B 57 -11.31 -70.11 30.99
CA PHE B 57 -11.73 -70.08 32.38
C PHE B 57 -10.50 -70.24 33.28
N SER B 58 -10.53 -69.53 34.41
CA SER B 58 -9.46 -69.62 35.37
C SER B 58 -10.02 -69.37 36.77
N ILE B 59 -9.31 -69.88 37.77
CA ILE B 59 -9.71 -69.77 39.17
C ILE B 59 -8.60 -69.06 39.92
N THR B 60 -8.96 -68.01 40.66
CA THR B 60 -8.03 -67.27 41.50
C THR B 60 -8.29 -67.62 42.96
N LYS B 61 -7.23 -67.99 43.67
CA LYS B 61 -7.32 -68.48 45.04
C LYS B 61 -6.67 -67.49 45.99
N CYS B 62 -7.38 -67.11 47.04
CA CYS B 62 -6.86 -66.22 48.07
C CYS B 62 -6.11 -67.07 49.09
N HIS B 63 -4.78 -67.05 49.01
CA HIS B 63 -3.97 -67.87 49.88
C HIS B 63 -3.99 -67.35 51.31
N GLY B 64 -4.06 -68.27 52.27
CA GLY B 64 -3.98 -67.91 53.66
C GLY B 64 -5.21 -67.25 54.24
N LEU B 65 -6.37 -67.38 53.60
CA LEU B 65 -7.61 -66.79 54.10
C LEU B 65 -8.74 -67.79 53.82
N ALA B 66 -8.99 -68.67 54.78
CA ALA B 66 -10.04 -69.67 54.61
C ALA B 66 -11.43 -69.03 54.59
N ASP B 67 -11.70 -68.16 55.54
CA ASP B 67 -12.99 -67.47 55.61
C ASP B 67 -12.79 -66.14 56.32
N ILE B 68 -13.69 -65.20 56.01
CA ILE B 68 -13.62 -63.87 56.60
C ILE B 68 -14.24 -63.90 57.99
N LEU B 69 -13.47 -63.53 59.00
CA LEU B 69 -13.92 -63.54 60.38
C LEU B 69 -13.82 -62.19 61.06
N ASN B 70 -12.74 -61.43 60.80
CA ASN B 70 -12.55 -60.16 61.48
C ASN B 70 -12.30 -59.03 60.48
N GLU B 71 -11.97 -57.84 60.97
CA GLU B 71 -11.72 -56.71 60.09
C GLU B 71 -10.49 -56.95 59.23
N ARG B 72 -9.42 -57.51 59.80
CA ARG B 72 -8.21 -57.76 59.03
C ARG B 72 -8.46 -58.76 57.91
N ASP B 73 -9.20 -59.84 58.20
CA ASP B 73 -9.52 -60.82 57.17
C ASP B 73 -10.34 -60.19 56.04
N PHE B 74 -11.34 -59.38 56.41
CA PHE B 74 -12.17 -58.75 55.40
C PHE B 74 -11.36 -57.79 54.53
N GLU B 75 -10.48 -56.99 55.15
CA GLU B 75 -9.70 -56.03 54.37
C GLU B 75 -8.70 -56.74 53.47
N PHE B 76 -8.10 -57.84 53.94
CA PHE B 76 -7.19 -58.60 53.09
C PHE B 76 -7.95 -59.22 51.90
N TYR B 77 -9.12 -59.80 52.16
CA TYR B 77 -9.90 -60.37 51.07
C TYR B 77 -10.32 -59.29 50.09
N GLN B 78 -10.70 -58.11 50.60
CA GLN B 78 -11.09 -57.01 49.72
C GLN B 78 -9.92 -56.55 48.86
N GLU B 79 -8.73 -56.46 49.44
CA GLU B 79 -7.56 -56.06 48.68
C GLU B 79 -7.26 -57.06 47.57
N MET B 80 -7.27 -58.36 47.90
CA MET B 80 -7.00 -59.37 46.88
C MET B 80 -8.09 -59.38 45.81
N LEU B 81 -9.35 -59.21 46.22
CA LEU B 81 -10.46 -59.18 45.27
C LEU B 81 -10.33 -58.00 44.32
N TRP B 82 -9.96 -56.83 44.84
CA TRP B 82 -9.82 -55.66 43.98
C TRP B 82 -8.62 -55.81 43.04
N GLN B 83 -7.53 -56.41 43.52
CA GLN B 83 -6.40 -56.67 42.64
C GLN B 83 -6.80 -57.62 41.51
N TRP B 84 -7.54 -58.68 41.85
CA TRP B 84 -8.01 -59.61 40.82
C TRP B 84 -8.93 -58.92 39.83
N TYR B 85 -9.85 -58.09 40.34
CA TYR B 85 -10.75 -57.35 39.48
C TYR B 85 -9.97 -56.47 38.51
N LEU B 86 -8.99 -55.72 39.02
CA LEU B 86 -8.21 -54.83 38.17
C LEU B 86 -7.41 -55.60 37.13
N THR B 87 -6.82 -56.73 37.53
CA THR B 87 -6.02 -57.50 36.58
C THR B 87 -6.86 -58.30 35.60
N LYS B 88 -8.17 -58.45 35.86
CA LYS B 88 -9.05 -59.17 34.95
C LYS B 88 -9.94 -58.24 34.13
N MET B 89 -9.72 -56.93 34.20
CA MET B 89 -10.51 -56.00 33.41
C MET B 89 -10.20 -56.16 31.92
N PRO B 90 -11.17 -55.92 31.05
CA PRO B 90 -10.86 -55.77 29.63
C PRO B 90 -10.03 -54.53 29.39
N ASP B 91 -9.22 -54.57 28.34
CA ASP B 91 -8.33 -53.44 28.05
C ASP B 91 -9.12 -52.18 27.73
N ASN B 92 -10.19 -52.29 26.95
CA ASN B 92 -11.00 -51.15 26.55
C ASN B 92 -12.49 -51.37 26.76
N GLU B 93 -12.90 -52.48 27.36
CA GLU B 93 -14.30 -52.82 27.56
C GLU B 93 -14.60 -52.92 29.05
N LEU B 94 -15.85 -53.25 29.37
CA LEU B 94 -16.31 -53.33 30.74
C LEU B 94 -16.85 -54.72 31.02
N PRO B 95 -16.48 -55.33 32.14
CA PRO B 95 -16.91 -56.72 32.41
C PRO B 95 -18.26 -56.81 33.08
N TYR B 96 -18.88 -57.98 32.93
CA TYR B 96 -20.10 -58.31 33.64
C TYR B 96 -19.77 -58.85 35.03
N VAL B 97 -20.71 -58.65 35.95
CA VAL B 97 -20.54 -59.08 37.34
C VAL B 97 -21.80 -59.81 37.78
N CYS B 98 -21.62 -60.99 38.37
CA CYS B 98 -22.70 -61.75 38.98
C CYS B 98 -22.52 -61.75 40.49
N LEU B 99 -23.60 -61.52 41.22
CA LEU B 99 -23.56 -61.28 42.66
C LEU B 99 -24.57 -62.16 43.38
N SER B 100 -24.59 -63.45 43.04
CA SER B 100 -25.50 -64.40 43.65
C SER B 100 -24.77 -65.58 44.29
N GLY B 101 -23.67 -65.31 44.99
CA GLY B 101 -22.90 -66.37 45.62
C GLY B 101 -22.00 -65.86 46.71
N GLY B 102 -21.59 -66.78 47.59
CA GLY B 102 -20.70 -66.45 48.67
C GLY B 102 -21.42 -65.79 49.84
N ILE B 103 -20.63 -65.45 50.86
CA ILE B 103 -21.19 -64.73 52.00
C ILE B 103 -21.52 -63.29 51.59
N LYS B 104 -22.34 -62.63 52.41
CA LYS B 104 -22.77 -61.27 52.09
C LYS B 104 -21.59 -60.31 52.03
N SER B 105 -20.52 -60.58 52.80
CA SER B 105 -19.38 -59.68 52.80
C SER B 105 -18.72 -59.62 51.44
N MET B 106 -18.47 -60.78 50.82
CA MET B 106 -17.83 -60.77 49.51
C MET B 106 -18.76 -60.23 48.44
N SER B 107 -20.07 -60.48 48.55
CA SER B 107 -21.01 -59.89 47.61
C SER B 107 -20.98 -58.37 47.69
N ALA B 108 -20.98 -57.82 48.91
CA ALA B 108 -20.90 -56.37 49.07
C ALA B 108 -19.57 -55.84 48.54
N SER B 109 -18.48 -56.56 48.81
CA SER B 109 -17.17 -56.13 48.32
C SER B 109 -17.13 -56.11 46.80
N LEU B 110 -17.68 -57.12 46.15
CA LEU B 110 -17.68 -57.15 44.70
C LEU B 110 -18.62 -56.11 44.11
N GLN B 111 -19.73 -55.83 44.79
CA GLN B 111 -20.59 -54.73 44.34
C GLN B 111 -19.87 -53.39 44.44
N LYS B 112 -19.12 -53.19 45.53
CA LYS B 112 -18.31 -51.99 45.65
C LYS B 112 -17.25 -51.92 44.55
N ALA B 113 -16.65 -53.06 44.22
CA ALA B 113 -15.68 -53.10 43.14
C ALA B 113 -16.32 -52.73 41.81
N ALA B 114 -17.53 -53.23 41.56
CA ALA B 114 -18.25 -52.87 40.34
C ALA B 114 -18.58 -51.38 40.31
N THR B 115 -18.96 -50.83 41.46
CA THR B 115 -19.25 -49.40 41.55
C THR B 115 -18.00 -48.57 41.28
N LEU B 116 -16.85 -49.04 41.74
CA LEU B 116 -15.62 -48.25 41.66
C LEU B 116 -14.96 -48.37 40.30
N PHE B 117 -14.67 -49.60 39.86
CA PHE B 117 -13.98 -49.85 38.60
C PHE B 117 -14.92 -50.10 37.44
N GLY B 118 -16.23 -49.97 37.64
CA GLY B 118 -17.17 -50.11 36.54
C GLY B 118 -17.62 -51.54 36.31
N ALA B 119 -18.76 -51.67 35.66
CA ALA B 119 -19.33 -52.96 35.32
C ALA B 119 -20.36 -52.76 34.21
N GLN B 120 -20.18 -53.49 33.10
CA GLN B 120 -21.08 -53.30 31.97
C GLN B 120 -22.52 -53.68 32.32
N SER B 121 -22.69 -54.74 33.10
CA SER B 121 -24.02 -55.13 33.57
C SER B 121 -23.87 -55.99 34.81
N VAL B 122 -24.59 -55.63 35.86
CA VAL B 122 -24.58 -56.37 37.12
C VAL B 122 -25.95 -57.00 37.30
N PHE B 123 -25.99 -58.32 37.50
CA PHE B 123 -27.24 -59.06 37.50
C PHE B 123 -27.22 -60.09 38.62
N HIS B 124 -28.34 -60.79 38.76
CA HIS B 124 -28.50 -61.88 39.71
C HIS B 124 -29.09 -63.09 39.00
N VAL B 125 -28.75 -64.28 39.49
CA VAL B 125 -29.26 -65.54 38.96
C VAL B 125 -30.04 -66.23 40.07
N LEU B 126 -31.26 -66.66 39.75
CA LEU B 126 -32.13 -67.30 40.72
C LEU B 126 -32.93 -68.40 40.04
N ALA B 127 -33.31 -69.40 40.82
CA ALA B 127 -34.13 -70.50 40.34
C ALA B 127 -34.93 -71.07 41.51
N ASP B 128 -35.95 -71.85 41.18
CA ASP B 128 -36.89 -72.36 42.16
C ASP B 128 -36.57 -73.79 42.60
N ASN B 129 -35.42 -74.33 42.21
CA ASN B 129 -35.05 -75.69 42.59
C ASN B 129 -33.69 -75.80 43.25
N ASN B 130 -32.80 -74.82 43.10
CA ASN B 130 -31.44 -74.85 43.63
C ASN B 130 -30.72 -76.12 43.20
N PRO B 131 -30.37 -76.25 41.91
CA PRO B 131 -29.72 -77.48 41.45
C PRO B 131 -28.29 -77.59 41.95
N ARG B 132 -27.81 -78.84 42.01
CA ARG B 132 -26.47 -79.14 42.49
C ARG B 132 -25.60 -79.87 41.48
N ASN B 133 -26.19 -80.66 40.59
CA ASN B 133 -25.44 -81.50 39.65
C ASN B 133 -25.75 -81.09 38.20
N ILE B 134 -25.22 -81.87 37.27
CA ILE B 134 -25.25 -81.50 35.85
C ILE B 134 -26.67 -81.53 35.32
N GLU B 135 -27.30 -82.71 35.33
CA GLU B 135 -28.57 -82.88 34.64
C GLU B 135 -29.64 -81.96 35.20
N GLU B 136 -29.63 -81.74 36.51
CA GLU B 136 -30.69 -80.94 37.12
C GLU B 136 -30.62 -79.49 36.68
N MET B 137 -29.42 -78.91 36.58
CA MET B 137 -29.38 -77.50 36.21
C MET B 137 -29.42 -77.31 34.69
N PHE B 138 -28.99 -78.30 33.90
CA PHE B 138 -29.36 -78.24 32.48
C PHE B 138 -30.87 -78.29 32.28
N ASP B 139 -31.58 -79.19 32.97
CA ASP B 139 -33.02 -79.25 32.75
C ASP B 139 -33.74 -78.04 33.34
N ALA B 140 -33.17 -77.43 34.38
CA ALA B 140 -33.69 -76.17 34.87
C ALA B 140 -33.52 -75.07 33.82
N LEU B 141 -32.36 -75.05 33.15
CA LEU B 141 -32.13 -74.07 32.09
C LEU B 141 -33.12 -74.26 30.95
N GLN B 142 -33.33 -75.52 30.53
CA GLN B 142 -34.25 -75.78 29.42
C GLN B 142 -35.69 -75.48 29.80
N LYS B 143 -36.09 -75.85 31.02
CA LYS B 143 -37.48 -75.67 31.43
C LYS B 143 -37.85 -74.20 31.53
N GLY B 144 -36.95 -73.38 32.04
CA GLY B 144 -37.20 -71.97 32.25
C GLY B 144 -37.31 -71.52 33.70
N GLN B 145 -37.01 -72.40 34.66
CA GLN B 145 -37.03 -72.02 36.06
C GLN B 145 -35.99 -70.96 36.40
N ILE B 146 -34.96 -70.82 35.57
CA ILE B 146 -33.91 -69.85 35.82
C ILE B 146 -34.43 -68.44 35.57
N HIS B 147 -34.15 -67.54 36.50
CA HIS B 147 -34.54 -66.14 36.38
C HIS B 147 -33.31 -65.26 36.51
N PHE B 148 -33.17 -64.32 35.59
CA PHE B 148 -32.03 -63.39 35.56
C PHE B 148 -32.51 -62.05 36.10
N ILE B 149 -31.94 -61.62 37.22
CA ILE B 149 -32.35 -60.39 37.88
C ILE B 149 -31.23 -59.37 37.65
N GLU B 150 -31.39 -58.57 36.59
CA GLU B 150 -30.43 -57.52 36.28
C GLU B 150 -30.69 -56.30 37.15
N MET B 151 -29.62 -55.67 37.62
CA MET B 151 -29.75 -54.48 38.46
C MET B 151 -29.46 -53.19 37.70
N GLY B 152 -28.32 -53.11 37.04
CA GLY B 152 -28.00 -51.89 36.31
C GLY B 152 -26.62 -51.97 35.68
N TYR B 153 -26.16 -50.81 35.22
CA TYR B 153 -24.87 -50.68 34.54
C TYR B 153 -24.06 -49.61 35.29
N GLU B 154 -23.13 -50.07 36.13
CA GLU B 154 -22.31 -49.16 36.92
C GLU B 154 -21.06 -48.78 36.12
N PRO B 155 -20.82 -47.49 35.90
CA PRO B 155 -19.71 -47.08 35.02
C PRO B 155 -18.36 -47.06 35.71
N GLY B 156 -18.36 -46.83 37.01
CA GLY B 156 -17.13 -46.70 37.74
C GLY B 156 -16.44 -45.37 37.49
N TRP B 157 -15.19 -45.30 37.91
CA TRP B 157 -14.37 -44.11 37.77
C TRP B 157 -13.24 -44.37 36.78
N ALA B 158 -12.92 -43.37 35.97
CA ALA B 158 -11.84 -43.52 35.01
C ALA B 158 -10.50 -43.73 35.71
N ALA B 159 -10.22 -42.95 36.75
CA ALA B 159 -8.95 -43.08 37.46
C ALA B 159 -8.86 -44.41 38.19
N LEU B 160 -9.97 -44.89 38.76
CA LEU B 160 -9.95 -46.15 39.48
C LEU B 160 -9.66 -47.32 38.54
N ARG B 161 -10.29 -47.33 37.36
CA ARG B 161 -9.93 -48.33 36.37
C ARG B 161 -8.48 -48.16 35.92
N ARG B 162 -8.01 -46.90 35.86
CA ARG B 162 -6.74 -46.63 35.22
C ARG B 162 -5.56 -46.96 36.13
N LEU B 163 -5.76 -46.95 37.44
CA LEU B 163 -4.65 -47.20 38.35
C LEU B 163 -4.22 -48.67 38.38
N LYS B 164 -4.66 -49.48 37.42
CA LYS B 164 -4.22 -50.87 37.35
C LYS B 164 -2.74 -51.02 37.02
N LYS B 165 -2.08 -49.95 36.59
CA LYS B 165 -0.66 -50.03 36.24
C LYS B 165 0.22 -50.32 37.45
N ILE B 166 -0.27 -50.04 38.67
CA ILE B 166 0.51 -50.26 39.88
C ILE B 166 0.37 -51.67 40.42
N LEU B 167 -0.37 -52.54 39.73
CA LEU B 167 -0.58 -53.91 40.21
C LEU B 167 0.73 -54.70 40.35
N PRO B 168 1.65 -54.71 39.37
CA PRO B 168 2.85 -55.54 39.53
C PRO B 168 3.83 -55.00 40.54
N ILE B 169 5.01 -55.63 40.64
CA ILE B 169 6.04 -55.31 41.61
C ILE B 169 5.46 -55.43 43.02
N ASN B 170 4.88 -56.60 43.33
CA ASN B 170 4.33 -56.85 44.64
C ASN B 170 4.62 -58.25 45.13
N GLU B 171 5.49 -59.01 44.46
CA GLU B 171 5.87 -60.39 44.77
C GLU B 171 4.68 -61.24 45.22
N GLY B 172 3.55 -61.08 44.54
CA GLY B 172 2.35 -61.83 44.87
C GLY B 172 1.57 -61.30 46.04
N CYS B 173 2.00 -60.18 46.65
CA CYS B 173 1.32 -59.58 47.79
C CYS B 173 1.15 -60.57 48.94
N SER B 174 2.28 -61.12 49.38
CA SER B 174 2.27 -62.01 50.54
C SER B 174 1.87 -61.23 51.80
N ARG B 175 1.09 -61.87 52.66
CA ARG B 175 0.56 -61.20 53.85
C ARG B 175 1.65 -60.76 54.81
N ASP B 176 2.87 -61.27 54.66
CA ASP B 176 3.96 -60.84 55.53
C ASP B 176 4.26 -59.36 55.35
N ASN B 177 4.27 -58.88 54.10
CA ASN B 177 4.56 -57.49 53.81
C ASN B 177 3.59 -56.95 52.77
N PHE B 178 2.35 -57.41 52.81
CA PHE B 178 1.34 -56.95 51.85
C PHE B 178 0.98 -55.49 52.13
N LYS B 179 0.74 -54.74 51.05
CA LYS B 179 0.39 -53.33 51.14
C LYS B 179 -0.93 -53.13 50.41
N PRO B 180 -1.99 -52.68 51.08
CA PRO B 180 -3.27 -52.49 50.39
C PRO B 180 -3.25 -51.28 49.47
N LEU B 181 -2.57 -51.42 48.32
CA LEU B 181 -2.42 -50.29 47.41
C LEU B 181 -3.77 -49.83 46.85
N ILE B 182 -4.62 -50.77 46.48
CA ILE B 182 -5.93 -50.40 45.94
C ILE B 182 -6.80 -49.76 47.03
N SER B 183 -6.68 -50.25 48.26
CA SER B 183 -7.36 -49.61 49.38
C SER B 183 -6.82 -48.20 49.60
N LYS B 184 -5.51 -48.01 49.41
CA LYS B 184 -4.96 -46.66 49.47
C LYS B 184 -5.57 -45.78 48.38
N SER B 185 -5.76 -46.33 47.18
CA SER B 185 -6.37 -45.55 46.10
C SER B 185 -7.82 -45.16 46.43
N ILE B 186 -8.58 -46.10 46.99
CA ILE B 186 -9.98 -45.79 47.27
C ILE B 186 -10.09 -44.77 48.41
N GLU B 187 -9.24 -44.90 49.43
CA GLU B 187 -9.24 -43.88 50.48
C GLU B 187 -8.71 -42.55 49.93
N GLU B 188 -7.86 -42.61 48.91
CA GLU B 188 -7.44 -41.40 48.21
C GLU B 188 -8.62 -40.69 47.56
N ILE B 189 -9.45 -41.42 46.82
CA ILE B 189 -10.60 -40.78 46.17
C ILE B 189 -11.58 -40.27 47.22
N LEU B 190 -11.75 -41.02 48.32
CA LEU B 190 -12.61 -40.55 49.40
C LEU B 190 -12.08 -39.25 49.99
N SER B 191 -10.76 -39.17 50.22
CA SER B 191 -10.17 -37.97 50.76
C SER B 191 -10.30 -36.81 49.77
N ASN B 192 -10.15 -37.07 48.48
CA ASN B 192 -10.27 -36.01 47.49
C ASN B 192 -11.70 -35.45 47.46
N VAL B 193 -12.69 -36.34 47.49
CA VAL B 193 -14.08 -35.86 47.52
C VAL B 193 -14.35 -35.10 48.81
N LYS B 194 -13.80 -35.57 49.93
CA LYS B 194 -14.01 -34.90 51.20
C LYS B 194 -13.39 -33.51 51.21
N ILE B 195 -12.19 -33.37 50.66
CA ILE B 195 -11.55 -32.06 50.56
C ILE B 195 -12.34 -31.16 49.62
N MET B 196 -12.86 -31.71 48.52
CA MET B 196 -13.74 -30.96 47.63
C MET B 196 -14.95 -30.42 48.36
N ALA B 197 -15.61 -31.25 49.16
CA ALA B 197 -16.86 -30.87 49.80
C ALA B 197 -16.65 -30.18 51.13
N SER B 198 -15.40 -30.05 51.59
CA SER B 198 -15.14 -29.47 52.91
C SER B 198 -14.35 -28.17 52.88
N ASP B 199 -13.72 -27.83 51.76
CA ASP B 199 -12.93 -26.62 51.66
C ASP B 199 -13.34 -25.82 50.44
N THR B 200 -13.05 -24.53 50.47
CA THR B 200 -13.37 -23.63 49.37
C THR B 200 -12.16 -22.95 48.76
N GLY B 201 -11.18 -22.57 49.58
CA GLY B 201 -10.01 -21.85 49.08
C GLY B 201 -9.08 -22.70 48.24
N LYS B 202 -8.47 -23.71 48.86
CA LYS B 202 -7.56 -24.59 48.13
C LYS B 202 -8.29 -25.35 47.03
N SER B 203 -9.59 -25.61 47.22
CA SER B 203 -10.34 -26.48 46.34
C SER B 203 -10.80 -25.79 45.05
N ASN B 204 -10.24 -24.65 44.67
CA ASN B 204 -10.76 -23.91 43.53
C ASN B 204 -10.33 -24.50 42.19
N GLN B 205 -9.04 -24.53 41.88
CA GLN B 205 -8.57 -24.94 40.55
C GLN B 205 -7.06 -25.13 40.61
N LEU B 206 -6.44 -25.23 39.41
CA LEU B 206 -5.02 -25.23 39.03
C LEU B 206 -4.45 -26.55 38.49
N PRO B 207 -5.25 -27.58 38.11
CA PRO B 207 -4.66 -28.65 37.29
C PRO B 207 -4.74 -28.30 35.80
N PHE B 208 -3.59 -28.27 35.13
CA PHE B 208 -3.54 -27.83 33.75
C PHE B 208 -3.95 -28.92 32.76
N PRO B 209 -3.45 -30.17 32.87
CA PRO B 209 -3.96 -31.22 31.99
C PRO B 209 -5.20 -31.91 32.57
N SER B 210 -5.83 -31.27 33.55
CA SER B 210 -7.08 -31.75 34.15
C SER B 210 -6.91 -33.13 34.77
N LEU B 211 -5.80 -33.33 35.47
CA LEU B 211 -5.53 -34.62 36.08
C LEU B 211 -6.26 -34.76 37.42
N ALA B 212 -5.88 -33.95 38.41
CA ALA B 212 -6.75 -33.55 39.52
C ALA B 212 -7.31 -34.68 40.39
N ILE B 213 -6.96 -35.94 40.12
CA ILE B 213 -7.46 -37.07 40.90
C ILE B 213 -6.36 -37.81 41.61
N LEU B 214 -5.15 -37.26 41.66
CA LEU B 214 -4.04 -37.93 42.31
C LEU B 214 -4.24 -37.96 43.81
N PRO B 215 -3.48 -38.76 44.54
CA PRO B 215 -3.44 -38.64 45.99
C PRO B 215 -3.01 -37.25 46.39
N PRO B 216 -3.58 -36.69 47.45
CA PRO B 216 -3.15 -35.36 47.91
C PRO B 216 -1.67 -35.30 48.19
N ILE B 217 -1.06 -36.43 48.59
CA ILE B 217 0.39 -36.49 48.70
C ILE B 217 1.04 -36.20 47.35
N ALA B 218 0.51 -36.80 46.29
CA ALA B 218 1.05 -36.55 44.95
C ALA B 218 0.88 -35.10 44.53
N GLN B 219 -0.27 -34.52 44.85
CA GLN B 219 -0.50 -33.11 44.52
C GLN B 219 0.48 -32.20 45.26
N GLN B 220 0.69 -32.47 46.55
CA GLN B 220 1.65 -31.68 47.32
C GLN B 220 3.05 -31.85 46.77
N TRP B 221 3.41 -33.08 46.36
CA TRP B 221 4.72 -33.30 45.76
C TRP B 221 4.86 -32.51 44.46
N LEU B 222 3.80 -32.48 43.65
CA LEU B 222 3.83 -31.70 42.43
C LEU B 222 3.96 -30.21 42.71
N GLN B 223 3.39 -29.75 43.82
CA GLN B 223 3.49 -28.33 44.16
C GLN B 223 4.92 -27.93 44.54
N LEU B 224 5.68 -28.83 45.14
CA LEU B 224 7.02 -28.52 45.57
C LEU B 224 7.93 -28.28 44.36
N PRO B 225 8.94 -27.42 44.50
CA PRO B 225 9.86 -27.18 43.38
C PRO B 225 10.67 -28.43 43.06
N LEU B 226 11.00 -28.57 41.79
CA LEU B 226 11.77 -29.72 41.31
C LEU B 226 13.26 -29.45 41.45
N SER B 227 14.02 -30.53 41.62
CA SER B 227 15.46 -30.47 41.77
C SER B 227 16.13 -31.30 40.68
N ALA B 228 17.46 -31.29 40.70
CA ALA B 228 18.24 -31.99 39.67
C ALA B 228 18.10 -33.50 39.75
N ASN B 229 17.56 -34.03 40.84
CA ASN B 229 17.40 -35.48 40.99
C ASN B 229 16.07 -35.99 40.45
N ASP B 230 15.26 -35.12 39.85
CA ASP B 230 13.99 -35.51 39.25
C ASP B 230 14.13 -36.01 37.82
N GLY B 231 15.33 -36.48 37.43
CA GLY B 231 15.52 -36.95 36.07
C GLY B 231 14.65 -38.14 35.74
N ALA B 232 14.43 -39.03 36.70
CA ALA B 232 13.58 -40.19 36.47
C ALA B 232 12.16 -39.77 36.15
N TRP B 233 11.64 -38.77 36.87
CA TRP B 233 10.29 -38.29 36.59
C TRP B 233 10.20 -37.59 35.25
N ILE B 234 11.18 -36.75 34.92
CA ILE B 234 11.13 -36.00 33.68
C ILE B 234 11.25 -36.93 32.48
N GLN B 235 12.17 -37.88 32.54
CA GLN B 235 12.40 -38.77 31.39
C GLN B 235 11.18 -39.66 31.13
N ASN B 236 10.42 -39.99 32.16
CA ASN B 236 9.21 -40.79 31.99
C ASN B 236 7.99 -39.95 31.67
N LEU B 237 8.13 -38.63 31.63
CA LEU B 237 7.05 -37.70 31.35
C LEU B 237 6.91 -37.48 29.85
N PRO B 238 5.74 -37.70 29.26
CA PRO B 238 5.57 -37.41 27.84
C PRO B 238 5.69 -35.91 27.59
N LYS B 239 6.55 -35.54 26.63
CA LYS B 239 6.86 -34.15 26.37
C LYS B 239 6.55 -33.80 24.92
N VAL B 240 6.63 -32.51 24.64
CA VAL B 240 6.38 -31.96 23.30
C VAL B 240 7.56 -31.08 22.93
N ASP B 241 8.08 -31.26 21.72
CA ASP B 241 9.17 -30.46 21.18
C ASP B 241 8.65 -29.65 20.00
N LEU B 242 8.81 -28.33 20.06
CA LEU B 242 8.32 -27.46 19.02
C LEU B 242 9.42 -26.74 18.24
N HIS B 243 10.65 -26.75 18.76
CA HIS B 243 11.79 -26.09 18.12
C HIS B 243 12.95 -27.08 18.12
N CYS B 244 13.04 -27.87 17.06
CA CYS B 244 14.09 -28.90 16.95
C CYS B 244 14.59 -28.91 15.51
N HIS B 245 15.67 -28.19 15.24
CA HIS B 245 16.24 -28.17 13.91
C HIS B 245 16.76 -29.56 13.53
N LEU B 246 16.45 -29.99 12.31
CA LEU B 246 16.89 -31.30 11.85
C LEU B 246 18.39 -31.35 11.61
N GLY B 247 18.97 -30.26 11.14
CA GLY B 247 20.38 -30.24 10.79
C GLY B 247 21.35 -30.09 11.94
N GLY B 248 20.86 -29.99 13.17
CA GLY B 248 21.74 -29.89 14.31
C GLY B 248 21.52 -31.00 15.30
N PHE B 249 21.17 -32.19 14.81
CA PHE B 249 20.87 -33.33 15.68
C PHE B 249 22.12 -34.15 15.98
N ALA B 250 22.78 -34.66 14.94
CA ALA B 250 23.97 -35.50 15.09
C ALA B 250 25.17 -34.70 14.61
N THR B 251 25.84 -34.02 15.55
CA THR B 251 26.98 -33.18 15.22
C THR B 251 28.30 -33.70 15.77
N SER B 252 28.28 -34.75 16.60
CA SER B 252 29.52 -35.28 17.14
C SER B 252 29.24 -36.66 17.73
N GLY B 253 30.32 -37.41 17.96
CA GLY B 253 30.22 -38.67 18.64
C GLY B 253 29.72 -39.81 17.76
N SER B 254 29.28 -40.87 18.43
CA SER B 254 28.84 -42.07 17.73
C SER B 254 27.68 -41.80 16.80
N LEU B 255 26.80 -40.85 17.16
CA LEU B 255 25.70 -40.50 16.28
C LEU B 255 26.21 -39.97 14.95
N LEU B 256 27.16 -39.03 14.99
CA LEU B 256 27.75 -38.51 13.76
C LEU B 256 28.50 -39.59 13.00
N ASP B 257 29.21 -40.47 13.72
CA ASP B 257 29.96 -41.53 13.06
C ASP B 257 29.05 -42.47 12.29
N GLN B 258 27.95 -42.90 12.93
CA GLN B 258 27.03 -43.82 12.26
C GLN B 258 26.16 -43.12 11.22
N VAL B 259 25.98 -41.80 11.32
CA VAL B 259 25.35 -41.07 10.24
C VAL B 259 26.27 -41.04 9.03
N ARG B 260 27.56 -40.80 9.25
CA ARG B 260 28.53 -40.81 8.16
C ARG B 260 28.72 -42.21 7.58
N GLY B 261 28.48 -43.24 8.40
CA GLY B 261 28.63 -44.61 7.94
C GLY B 261 27.72 -44.97 6.80
N ALA B 262 26.40 -44.97 7.04
CA ALA B 262 25.42 -45.29 6.02
C ALA B 262 25.07 -44.02 5.25
N ALA B 263 26.06 -43.52 4.51
CA ALA B 263 25.95 -42.28 3.74
C ALA B 263 26.05 -42.55 2.24
N SER B 264 25.41 -43.61 1.77
CA SER B 264 25.38 -43.97 0.36
C SER B 264 26.80 -44.15 -0.18
N GLU B 265 27.35 -43.10 -0.79
CA GLU B 265 28.74 -43.13 -1.24
C GLU B 265 29.63 -42.47 -0.20
N PRO B 266 30.51 -43.23 0.47
CA PRO B 266 31.38 -42.64 1.51
C PRO B 266 32.61 -41.92 0.97
N ASP B 267 32.68 -41.67 -0.33
CA ASP B 267 33.88 -41.07 -0.90
C ASP B 267 33.96 -39.57 -0.60
N LEU B 268 32.81 -38.89 -0.55
CA LEU B 268 32.78 -37.45 -0.42
C LEU B 268 32.73 -36.96 1.02
N ILE B 269 32.59 -37.85 1.99
CA ILE B 269 32.51 -37.47 3.39
C ILE B 269 33.92 -37.37 3.96
N ASP B 270 34.22 -36.24 4.60
CA ASP B 270 35.55 -35.98 5.14
C ASP B 270 35.44 -35.56 6.60
N ARG B 271 36.48 -35.87 7.37
CA ARG B 271 36.55 -35.50 8.77
C ARG B 271 36.89 -34.01 8.86
N THR B 272 35.85 -33.18 8.83
CA THR B 272 35.98 -31.74 8.85
C THR B 272 35.40 -31.19 10.13
N PHE B 273 35.89 -30.01 10.54
CA PHE B 273 35.48 -29.34 11.77
C PHE B 273 35.89 -30.16 12.99
N SER B 274 35.60 -29.64 14.19
CA SER B 274 36.02 -30.28 15.42
C SER B 274 35.19 -29.71 16.56
N PRO B 275 35.04 -30.45 17.66
CA PRO B 275 34.41 -29.89 18.85
C PRO B 275 35.29 -28.83 19.51
N GLN B 276 34.83 -28.27 20.63
CA GLN B 276 35.51 -27.17 21.29
C GLN B 276 36.09 -27.63 22.62
N GLU B 277 37.34 -27.25 22.87
CA GLU B 277 38.02 -27.58 24.12
C GLU B 277 37.64 -26.56 25.20
N ILE B 278 37.98 -26.91 26.45
CA ILE B 278 37.80 -26.06 27.62
C ILE B 278 36.33 -25.83 27.94
N ALA B 279 35.53 -25.54 26.90
CA ALA B 279 34.09 -25.35 27.09
C ALA B 279 33.47 -26.59 27.70
N GLY B 280 32.98 -26.48 28.93
CA GLY B 280 32.39 -27.61 29.62
C GLY B 280 31.00 -27.96 29.11
N TRP B 281 30.93 -28.44 27.88
CA TRP B 281 29.63 -28.74 27.28
C TRP B 281 28.94 -29.85 28.08
N PRO B 282 27.61 -29.80 28.20
CA PRO B 282 26.69 -28.77 27.67
C PRO B 282 26.54 -27.58 28.61
N ARG B 283 26.92 -27.72 29.88
CA ARG B 283 26.81 -26.64 30.85
C ARG B 283 28.08 -25.78 30.80
N SER B 284 28.17 -24.99 29.73
CA SER B 284 29.37 -24.19 29.50
C SER B 284 29.52 -23.13 30.57
N HIS B 285 30.78 -22.90 30.98
CA HIS B 285 31.09 -21.90 31.98
C HIS B 285 31.25 -20.50 31.39
N LYS B 286 31.26 -20.38 30.07
CA LYS B 286 31.39 -19.10 29.40
C LYS B 286 30.37 -18.99 28.28
N SER B 287 29.85 -17.78 28.06
CA SER B 287 28.92 -17.56 26.97
C SER B 287 29.60 -17.77 25.63
N ILE B 288 28.84 -18.29 24.68
CA ILE B 288 29.37 -18.65 23.36
C ILE B 288 28.56 -17.91 22.32
N SER B 289 29.23 -17.26 21.38
CA SER B 289 28.55 -16.44 20.38
C SER B 289 27.79 -17.30 19.38
N LEU B 290 26.83 -16.67 18.70
CA LEU B 290 25.98 -17.38 17.76
C LEU B 290 26.77 -17.89 16.56
N ASP B 291 27.70 -17.08 16.05
CA ASP B 291 28.49 -17.51 14.89
C ASP B 291 29.31 -18.75 15.22
N LYS B 292 29.94 -18.78 16.40
CA LYS B 292 30.67 -19.97 16.79
C LYS B 292 29.73 -21.11 17.16
N TYR B 293 28.50 -20.82 17.56
CA TYR B 293 27.49 -21.87 17.71
C TYR B 293 27.25 -22.57 16.37
N MET B 294 27.05 -21.79 15.31
CA MET B 294 26.87 -22.37 13.99
C MET B 294 28.13 -23.10 13.54
N GLU B 295 29.30 -22.56 13.87
CA GLU B 295 30.55 -23.23 13.55
C GLU B 295 30.63 -24.60 14.22
N LEU B 296 30.24 -24.68 15.50
CA LEU B 296 30.19 -25.95 16.20
C LEU B 296 29.20 -26.90 15.54
N GLY B 297 28.07 -26.36 15.07
CA GLY B 297 27.12 -27.18 14.35
C GLY B 297 27.50 -27.54 12.93
N ASN B 298 28.58 -26.95 12.41
CA ASN B 298 28.99 -27.17 11.03
C ASN B 298 29.59 -28.54 10.77
N ALA B 299 29.60 -29.43 11.76
CA ALA B 299 30.12 -30.78 11.53
C ALA B 299 29.27 -31.52 10.50
N ASN B 300 27.96 -31.36 10.57
CA ASN B 300 27.05 -31.96 9.61
C ASN B 300 25.96 -30.95 9.26
N GLY B 301 25.17 -31.29 8.25
CA GLY B 301 24.11 -30.41 7.81
C GLY B 301 24.01 -30.30 6.30
N SER B 302 24.08 -29.07 5.79
CA SER B 302 24.02 -28.87 4.34
C SER B 302 25.20 -29.53 3.64
N LYS B 303 26.39 -29.43 4.23
CA LYS B 303 27.58 -29.98 3.60
C LYS B 303 27.61 -31.51 3.63
N LEU B 304 26.78 -32.14 4.45
CA LEU B 304 26.80 -33.59 4.60
C LEU B 304 25.53 -34.29 4.13
N LEU B 305 24.36 -33.68 4.33
CA LEU B 305 23.09 -34.34 4.05
C LEU B 305 22.66 -34.26 2.59
N LYS B 306 23.60 -34.03 1.67
CA LYS B 306 23.24 -33.94 0.25
C LYS B 306 22.94 -35.31 -0.35
N ASP B 307 23.36 -36.39 0.30
CA ASP B 307 23.12 -37.75 -0.19
C ASP B 307 21.89 -38.34 0.48
N LYS B 308 21.15 -39.14 -0.27
CA LYS B 308 19.88 -39.67 0.22
C LYS B 308 20.09 -40.57 1.44
N GLY B 309 21.10 -41.43 1.39
CA GLY B 309 21.31 -42.37 2.48
C GLY B 309 21.62 -41.69 3.79
N CYS B 310 22.51 -40.70 3.75
CA CYS B 310 22.88 -39.99 4.98
C CYS B 310 21.68 -39.22 5.55
N LEU B 311 20.90 -38.58 4.68
CA LEU B 311 19.71 -37.87 5.15
C LEU B 311 18.71 -38.82 5.79
N ILE B 312 18.47 -39.97 5.15
CA ILE B 312 17.54 -40.95 5.69
C ILE B 312 18.03 -41.45 7.05
N ARG B 313 19.33 -41.74 7.16
CA ARG B 313 19.88 -42.20 8.43
C ARG B 313 19.75 -41.14 9.50
N GLN B 314 20.00 -39.88 9.16
CA GLN B 314 19.87 -38.81 10.15
C GLN B 314 18.43 -38.66 10.62
N VAL B 315 17.48 -38.74 9.70
CA VAL B 315 16.07 -38.63 10.10
C VAL B 315 15.67 -39.80 10.99
N GLU B 316 16.11 -41.01 10.63
CA GLU B 316 15.79 -42.18 11.45
C GLU B 316 16.39 -42.04 12.85
N LEU B 317 17.64 -41.59 12.94
CA LEU B 317 18.28 -41.41 14.25
C LEU B 317 17.59 -40.32 15.05
N LEU B 318 17.17 -39.23 14.40
CA LEU B 318 16.47 -38.18 15.12
C LEU B 318 15.15 -38.68 15.67
N TYR B 319 14.40 -39.46 14.88
CA TYR B 319 13.16 -40.02 15.39
C TYR B 319 13.42 -40.98 16.54
N GLN B 320 14.48 -41.79 16.43
CA GLN B 320 14.81 -42.71 17.51
C GLN B 320 15.16 -41.96 18.79
N SER B 321 15.91 -40.86 18.66
CA SER B 321 16.22 -40.05 19.84
C SER B 321 14.98 -39.41 20.43
N LEU B 322 14.06 -38.95 19.58
CA LEU B 322 12.81 -38.38 20.08
C LEU B 322 12.00 -39.41 20.84
N VAL B 323 11.90 -40.63 20.31
CA VAL B 323 11.15 -41.68 20.99
C VAL B 323 11.83 -42.08 22.29
N ASN B 324 13.16 -42.22 22.27
CA ASN B 324 13.89 -42.62 23.47
C ASN B 324 13.78 -41.59 24.58
N ASP B 325 13.50 -40.33 24.25
CA ASP B 325 13.28 -39.29 25.24
C ASP B 325 11.84 -39.22 25.71
N ASN B 326 11.00 -40.15 25.27
CA ASN B 326 9.57 -40.19 25.62
C ASN B 326 8.86 -38.93 25.16
N VAL B 327 9.30 -38.36 24.04
CA VAL B 327 8.63 -37.22 23.44
C VAL B 327 7.48 -37.73 22.58
N ALA B 328 6.26 -37.32 22.90
CA ALA B 328 5.08 -37.83 22.22
C ALA B 328 4.64 -36.97 21.05
N TYR B 329 5.29 -35.83 20.80
CA TYR B 329 4.96 -35.00 19.66
C TYR B 329 6.12 -34.04 19.41
N ALA B 330 6.46 -33.86 18.14
CA ALA B 330 7.56 -32.97 17.78
C ALA B 330 7.23 -32.27 16.47
N GLU B 331 7.88 -31.13 16.26
CA GLU B 331 7.73 -30.33 15.05
C GLU B 331 9.13 -30.02 14.54
N ILE B 332 9.66 -30.93 13.72
CA ILE B 332 11.03 -30.84 13.24
C ILE B 332 11.11 -29.76 12.17
N ARG B 333 12.08 -28.86 12.31
CA ARG B 333 12.32 -27.82 11.33
C ARG B 333 13.42 -28.26 10.37
N CYS B 334 13.14 -28.18 9.07
CA CYS B 334 14.10 -28.58 8.06
C CYS B 334 14.14 -27.52 6.96
N SER B 335 15.31 -27.41 6.32
CA SER B 335 15.50 -26.53 5.17
C SER B 335 15.88 -27.41 3.99
N PRO B 336 14.90 -27.80 3.16
CA PRO B 336 15.21 -28.73 2.07
C PRO B 336 16.21 -28.19 1.07
N ASN B 337 16.25 -26.88 0.85
CA ASN B 337 17.17 -26.32 -0.13
C ASN B 337 18.62 -26.53 0.27
N ASN B 338 18.90 -26.47 1.57
CA ASN B 338 20.25 -26.73 2.06
C ASN B 338 20.71 -28.14 1.73
N TYR B 339 19.77 -29.07 1.52
CA TYR B 339 20.09 -30.47 1.29
C TYR B 339 19.85 -30.90 -0.15
N ALA B 340 19.41 -29.99 -1.02
CA ALA B 340 19.15 -30.33 -2.41
C ALA B 340 20.45 -30.35 -3.21
N ASP B 341 20.45 -31.14 -4.28
CA ASP B 341 21.62 -31.24 -5.15
C ASP B 341 21.14 -31.54 -6.56
N LYS B 342 21.28 -30.57 -7.46
CA LYS B 342 20.79 -30.74 -8.83
C LYS B 342 21.65 -31.71 -9.63
N ASN B 343 22.92 -31.91 -9.24
CA ASN B 343 23.78 -32.83 -9.98
C ASN B 343 23.25 -34.25 -9.97
N LYS B 344 22.72 -34.70 -8.83
CA LYS B 344 22.16 -36.04 -8.72
C LYS B 344 20.64 -36.05 -8.78
N ASN B 345 20.04 -35.04 -9.41
CA ASN B 345 18.59 -34.93 -9.56
C ASN B 345 17.89 -34.98 -8.20
N ARG B 346 18.41 -34.22 -7.25
CA ARG B 346 17.89 -34.18 -5.89
C ARG B 346 17.46 -32.75 -5.60
N SER B 347 16.21 -32.42 -5.91
CA SER B 347 15.69 -31.09 -5.69
C SER B 347 15.23 -30.93 -4.25
N ALA B 348 14.81 -29.70 -3.91
CA ALA B 348 14.30 -29.45 -2.56
C ALA B 348 13.02 -30.24 -2.31
N TRP B 349 12.14 -30.31 -3.31
CA TRP B 349 10.91 -31.06 -3.15
C TRP B 349 11.18 -32.54 -2.89
N VAL B 350 12.17 -33.11 -3.59
CA VAL B 350 12.50 -34.51 -3.38
C VAL B 350 13.03 -34.73 -1.97
N VAL B 351 13.84 -33.78 -1.47
CA VAL B 351 14.37 -33.89 -0.12
C VAL B 351 13.24 -33.86 0.91
N LEU B 352 12.31 -32.91 0.74
CA LEU B 352 11.19 -32.83 1.67
C LEU B 352 10.32 -34.07 1.59
N GLN B 353 10.09 -34.58 0.38
CA GLN B 353 9.30 -35.79 0.23
C GLN B 353 9.98 -36.99 0.88
N ASP B 354 11.30 -37.07 0.77
CA ASP B 354 12.03 -38.16 1.42
C ASP B 354 11.90 -38.07 2.94
N ILE B 355 12.04 -36.86 3.49
CA ILE B 355 11.90 -36.69 4.93
C ILE B 355 10.51 -37.09 5.39
N ASN B 356 9.49 -36.62 4.66
CA ASN B 356 8.11 -36.95 5.01
C ASN B 356 7.87 -38.45 4.93
N ASP B 357 8.38 -39.09 3.88
CA ASP B 357 8.15 -40.52 3.69
C ASP B 357 8.82 -41.34 4.79
N THR B 358 10.07 -41.02 5.13
CA THR B 358 10.74 -41.81 6.16
C THR B 358 10.10 -41.58 7.53
N PHE B 359 9.70 -40.34 7.84
CA PHE B 359 9.03 -40.09 9.11
C PHE B 359 7.71 -40.85 9.18
N THR B 360 6.92 -40.81 8.10
CA THR B 360 5.65 -41.52 8.08
C THR B 360 5.86 -43.02 8.21
N ARG B 361 6.87 -43.57 7.52
CA ARG B 361 7.14 -44.99 7.61
C ARG B 361 7.52 -45.39 9.03
N LEU B 362 8.38 -44.60 9.67
CA LEU B 362 8.78 -44.92 11.04
C LEU B 362 7.58 -44.87 11.98
N ILE B 363 6.75 -43.84 11.87
CA ILE B 363 5.60 -43.71 12.75
C ILE B 363 4.62 -44.86 12.52
N THR B 364 4.37 -45.20 11.26
CA THR B 364 3.42 -46.26 10.94
C THR B 364 3.93 -47.61 11.45
N GLU B 365 5.22 -47.90 11.26
CA GLU B 365 5.74 -49.17 11.71
C GLU B 365 5.82 -49.23 13.23
N ALA B 366 5.94 -48.09 13.90
CA ALA B 366 5.86 -48.08 15.35
C ALA B 366 4.44 -48.33 15.83
N LYS B 367 3.46 -47.74 15.15
CA LYS B 367 2.06 -47.95 15.50
C LYS B 367 1.63 -49.38 15.23
N GLN B 368 2.18 -50.02 14.19
CA GLN B 368 1.75 -51.37 13.83
C GLN B 368 2.06 -52.36 14.94
N LYS B 369 3.23 -52.24 15.56
CA LYS B 369 3.60 -53.12 16.67
C LYS B 369 3.05 -52.62 18.01
N ASN B 370 2.32 -51.51 18.01
CA ASN B 370 1.62 -51.01 19.18
C ASN B 370 2.59 -50.69 20.33
N GLN B 371 3.51 -49.78 20.04
CA GLN B 371 4.46 -49.28 21.03
C GLN B 371 4.39 -47.76 21.06
N PHE B 372 5.21 -47.15 21.91
CA PHE B 372 5.23 -45.70 22.00
C PHE B 372 5.85 -45.11 20.75
N TYR B 373 5.20 -44.09 20.19
CA TYR B 373 5.65 -43.45 18.96
C TYR B 373 5.50 -41.94 19.09
N CYS B 374 6.36 -41.23 18.37
CA CYS B 374 6.41 -39.77 18.41
C CYS B 374 5.84 -39.22 17.11
N HIS B 375 4.62 -38.71 17.16
CA HIS B 375 4.05 -38.04 16.01
C HIS B 375 4.85 -36.78 15.71
N VAL B 376 5.36 -36.66 14.49
CA VAL B 376 6.21 -35.55 14.10
C VAL B 376 5.56 -34.82 12.94
N ASN B 377 5.64 -33.49 12.97
CA ASN B 377 5.25 -32.63 11.86
C ASN B 377 6.47 -31.81 11.44
N LEU B 378 6.38 -31.22 10.26
CA LEU B 378 7.52 -30.56 9.66
C LEU B 378 7.25 -29.07 9.46
N LEU B 379 8.27 -28.26 9.71
CA LEU B 379 8.26 -26.84 9.42
C LEU B 379 9.30 -26.53 8.36
N VAL B 380 8.87 -25.89 7.28
CA VAL B 380 9.78 -25.54 6.19
C VAL B 380 10.38 -24.18 6.50
N ILE B 381 11.68 -24.15 6.79
CA ILE B 381 12.34 -22.92 7.18
C ILE B 381 12.45 -22.01 5.96
N ALA B 382 11.96 -20.78 6.10
CA ALA B 382 12.12 -19.76 5.06
C ALA B 382 13.41 -19.00 5.32
N SER B 383 14.52 -19.66 5.02
CA SER B 383 15.83 -19.16 5.37
C SER B 383 16.21 -17.96 4.49
N ARG B 384 17.26 -17.27 4.93
CA ARG B 384 17.80 -16.12 4.24
C ARG B 384 19.30 -16.31 4.04
N LYS B 385 19.80 -15.94 2.87
CA LYS B 385 21.22 -16.04 2.59
C LYS B 385 21.85 -14.69 2.25
N PHE B 386 21.21 -13.91 1.39
CA PHE B 386 21.61 -12.54 1.05
C PHE B 386 22.98 -12.47 0.38
N SER B 387 23.61 -13.60 0.09
CA SER B 387 24.78 -13.65 -0.78
C SER B 387 24.40 -13.80 -2.24
N GLY B 388 23.20 -13.37 -2.60
CA GLY B 388 22.59 -13.63 -3.89
C GLY B 388 21.30 -14.42 -3.73
N ASP B 389 20.68 -14.70 -4.87
CA ASP B 389 19.45 -15.49 -4.97
C ASP B 389 18.45 -15.14 -3.86
N LEU B 390 18.00 -13.89 -3.89
CA LEU B 390 17.02 -13.44 -2.90
C LEU B 390 15.67 -14.12 -3.07
N SER B 391 15.44 -14.79 -4.21
CA SER B 391 14.20 -15.54 -4.42
C SER B 391 14.11 -16.79 -3.58
N ASP B 392 15.09 -17.06 -2.71
CA ASP B 392 15.07 -18.25 -1.89
C ASP B 392 13.87 -18.24 -0.94
N ILE B 393 13.54 -17.08 -0.39
CA ILE B 393 12.40 -16.98 0.52
C ILE B 393 11.11 -17.34 -0.20
N SER B 394 10.91 -16.79 -1.40
CA SER B 394 9.71 -17.10 -2.17
C SER B 394 9.66 -18.58 -2.55
N LYS B 395 10.80 -19.14 -2.95
CA LYS B 395 10.83 -20.55 -3.31
C LYS B 395 10.48 -21.43 -2.11
N HIS B 396 11.01 -21.11 -0.93
CA HIS B 396 10.68 -21.88 0.27
C HIS B 396 9.21 -21.76 0.62
N LEU B 397 8.65 -20.55 0.52
CA LEU B 397 7.24 -20.37 0.82
C LEU B 397 6.36 -21.19 -0.12
N ALA B 398 6.67 -21.14 -1.43
CA ALA B 398 5.90 -21.91 -2.39
C ALA B 398 6.05 -23.40 -2.16
N LEU B 399 7.26 -23.85 -1.82
CA LEU B 399 7.47 -25.27 -1.54
C LEU B 399 6.64 -25.71 -0.34
N ALA B 400 6.62 -24.91 0.72
CA ALA B 400 5.81 -25.26 1.89
C ALA B 400 4.33 -25.31 1.54
N ILE B 401 3.86 -24.32 0.78
CA ILE B 401 2.44 -24.29 0.40
C ILE B 401 2.08 -25.53 -0.40
N THR B 402 2.91 -25.89 -1.38
CA THR B 402 2.62 -27.07 -2.20
C THR B 402 2.71 -28.35 -1.38
N ALA B 403 3.68 -28.43 -0.48
CA ALA B 403 3.85 -29.65 0.31
C ALA B 403 2.72 -29.83 1.31
N MET B 404 2.07 -28.75 1.73
CA MET B 404 0.89 -28.89 2.57
C MET B 404 -0.22 -29.67 1.87
N GLN B 405 -0.26 -29.60 0.53
CA GLN B 405 -1.32 -30.22 -0.24
C GLN B 405 -1.22 -31.74 -0.31
N GLN B 406 -0.18 -32.33 0.27
CA GLN B 406 -0.03 -33.79 0.21
C GLN B 406 -1.23 -34.51 0.82
N GLY B 407 -1.85 -33.92 1.83
CA GLY B 407 -3.08 -34.45 2.37
C GLY B 407 -2.92 -35.67 3.26
N GLU B 408 -2.39 -36.75 2.69
CA GLU B 408 -2.27 -38.01 3.42
C GLU B 408 -1.06 -37.96 4.37
N GLY B 409 -0.74 -39.10 4.97
CA GLY B 409 0.43 -39.20 5.82
C GLY B 409 0.22 -38.73 7.24
N VAL B 410 0.78 -39.48 8.20
CA VAL B 410 0.71 -39.06 9.59
C VAL B 410 1.60 -37.84 9.82
N CYS B 411 2.68 -37.70 9.06
CA CYS B 411 3.56 -36.55 9.14
C CYS B 411 3.26 -35.61 7.98
N ARG B 412 2.96 -34.35 8.29
CA ARG B 412 2.57 -33.39 7.28
C ARG B 412 3.16 -32.03 7.62
N ILE B 413 3.31 -31.20 6.59
CA ILE B 413 3.80 -29.84 6.78
C ILE B 413 2.72 -29.02 7.46
N VAL B 414 3.11 -28.30 8.52
CA VAL B 414 2.15 -27.53 9.31
C VAL B 414 2.48 -26.05 9.37
N GLY B 415 3.67 -25.63 8.95
CA GLY B 415 3.99 -24.21 9.01
C GLY B 415 5.37 -23.93 8.48
N VAL B 416 5.77 -22.68 8.59
CA VAL B 416 7.06 -22.20 8.12
C VAL B 416 7.78 -21.51 9.27
N ASP B 417 9.09 -21.33 9.10
CA ASP B 417 9.93 -20.70 10.11
C ASP B 417 10.73 -19.58 9.49
N LEU B 418 10.81 -18.46 10.20
CA LEU B 418 11.57 -17.29 9.73
C LEU B 418 12.95 -17.25 10.37
N ALA B 419 13.76 -18.26 10.04
CA ALA B 419 15.05 -18.45 10.66
C ALA B 419 16.08 -17.50 10.02
N GLY B 420 17.35 -17.64 10.42
CA GLY B 420 18.40 -16.80 9.88
C GLY B 420 18.64 -15.55 10.71
N PHE B 421 19.75 -14.88 10.41
CA PHE B 421 20.12 -13.68 11.15
C PHE B 421 19.01 -12.63 11.05
N GLU B 422 18.55 -12.17 12.20
CA GLU B 422 17.38 -11.33 12.31
C GLU B 422 17.73 -9.85 12.36
N ASN B 423 18.80 -9.45 11.69
CA ASN B 423 19.21 -8.06 11.67
C ASN B 423 18.11 -7.20 11.06
N LYS B 424 18.16 -5.90 11.38
CA LYS B 424 17.10 -4.98 10.98
C LYS B 424 16.93 -4.95 9.46
N GLU B 425 17.98 -5.30 8.71
CA GLU B 425 17.90 -5.32 7.26
C GLU B 425 16.79 -6.24 6.76
N THR B 426 16.55 -7.37 7.45
CA THR B 426 15.57 -8.35 7.01
C THR B 426 14.48 -8.58 8.05
N ARG B 427 14.02 -7.52 8.69
CA ARG B 427 12.97 -7.62 9.69
C ARG B 427 11.65 -8.02 9.04
N ALA B 428 10.61 -8.12 9.87
CA ALA B 428 9.28 -8.56 9.45
C ALA B 428 8.42 -7.43 8.90
N SER B 429 9.02 -6.33 8.46
CA SER B 429 8.28 -5.19 7.96
C SER B 429 8.11 -5.19 6.44
N TYR B 430 8.59 -6.22 5.76
CA TYR B 430 8.59 -6.24 4.30
C TYR B 430 7.73 -7.36 3.73
N TYR B 431 7.94 -8.60 4.18
CA TYR B 431 7.45 -9.80 3.50
C TYR B 431 5.97 -10.08 3.75
N GLU B 432 5.20 -9.08 4.19
CA GLU B 432 3.76 -9.25 4.31
C GLU B 432 3.14 -9.66 2.99
N HIS B 433 3.64 -9.10 1.89
CA HIS B 433 3.15 -9.49 0.56
C HIS B 433 3.41 -10.96 0.28
N ASP B 434 4.58 -11.46 0.69
CA ASP B 434 4.84 -12.90 0.54
C ASP B 434 3.88 -13.72 1.39
N PHE B 435 3.72 -13.37 2.67
CA PHE B 435 3.04 -14.25 3.60
C PHE B 435 1.52 -14.11 3.59
N LYS B 436 0.96 -13.15 2.86
CA LYS B 436 -0.50 -13.14 2.73
C LYS B 436 -1.01 -14.45 2.14
N ALA B 437 -0.33 -14.95 1.10
CA ALA B 437 -0.75 -16.21 0.49
C ALA B 437 -0.59 -17.38 1.44
N VAL B 438 0.51 -17.42 2.20
CA VAL B 438 0.73 -18.54 3.11
C VAL B 438 -0.31 -18.53 4.23
N HIS B 439 -0.74 -17.34 4.67
CA HIS B 439 -1.84 -17.29 5.62
C HIS B 439 -3.14 -17.74 4.98
N ARG B 440 -3.37 -17.38 3.71
CA ARG B 440 -4.58 -17.81 3.02
C ARG B 440 -4.66 -19.32 2.92
N CYS B 441 -3.53 -19.97 2.61
CA CYS B 441 -3.54 -21.41 2.38
C CYS B 441 -3.81 -22.20 3.66
N GLY B 442 -3.29 -21.74 4.79
CA GLY B 442 -3.51 -22.43 6.04
C GLY B 442 -2.25 -22.94 6.70
N LEU B 443 -1.14 -22.25 6.47
CA LEU B 443 0.13 -22.59 7.08
C LEU B 443 0.43 -21.61 8.20
N ALA B 444 0.73 -22.12 9.38
CA ALA B 444 1.11 -21.26 10.49
C ALA B 444 2.51 -20.70 10.27
N VAL B 445 2.80 -19.60 10.96
CA VAL B 445 4.08 -18.91 10.81
C VAL B 445 4.76 -18.84 12.17
N THR B 446 6.02 -19.23 12.23
CA THR B 446 6.82 -19.14 13.43
C THR B 446 8.01 -18.23 13.16
N ALA B 447 8.17 -17.20 13.99
CA ALA B 447 9.24 -16.24 13.84
C ALA B 447 10.41 -16.63 14.72
N HIS B 448 11.61 -16.65 14.13
CA HIS B 448 12.83 -17.02 14.86
C HIS B 448 13.49 -15.79 15.47
N ALA B 449 12.73 -15.03 16.25
CA ALA B 449 13.21 -13.76 16.81
C ALA B 449 14.09 -14.01 18.04
N GLY B 450 15.22 -14.67 17.81
CA GLY B 450 16.14 -14.97 18.87
C GLY B 450 17.02 -13.81 19.28
N GLU B 451 17.85 -13.33 18.36
CA GLU B 451 18.80 -12.26 18.62
C GLU B 451 18.24 -10.93 18.09
N ASN B 452 18.79 -9.84 18.62
CA ASN B 452 18.50 -8.44 18.27
C ASN B 452 17.04 -8.21 17.93
N ASP B 453 16.14 -8.73 18.77
CA ASP B 453 14.70 -8.63 18.54
C ASP B 453 14.19 -7.39 19.25
N ASP B 454 14.16 -6.28 18.53
CA ASP B 454 13.59 -5.06 19.07
C ASP B 454 12.07 -5.22 19.22
N PRO B 455 11.45 -4.50 20.16
CA PRO B 455 10.01 -4.63 20.34
C PRO B 455 9.21 -4.32 19.09
N GLU B 456 9.66 -3.37 18.27
CA GLU B 456 8.95 -3.07 17.03
C GLU B 456 8.96 -4.26 16.08
N GLY B 457 10.09 -4.96 15.99
CA GLY B 457 10.16 -6.12 15.11
C GLY B 457 9.25 -7.25 15.55
N ILE B 458 9.24 -7.54 16.85
CA ILE B 458 8.35 -8.58 17.36
C ILE B 458 6.90 -8.18 17.18
N TRP B 459 6.58 -6.90 17.38
CA TRP B 459 5.23 -6.43 17.15
C TRP B 459 4.81 -6.61 15.70
N GLN B 460 5.71 -6.29 14.76
CA GLN B 460 5.41 -6.49 13.35
C GLN B 460 5.22 -7.97 13.04
N ALA B 461 6.05 -8.83 13.62
CA ALA B 461 5.89 -10.27 13.41
C ALA B 461 4.54 -10.74 13.94
N VAL B 462 4.12 -10.21 15.08
CA VAL B 462 2.85 -10.62 15.67
C VAL B 462 1.68 -10.15 14.81
N TYR B 463 1.73 -8.91 14.32
CA TYR B 463 0.59 -8.32 13.63
C TYR B 463 0.72 -8.34 12.12
N SER B 464 1.85 -7.89 11.57
CA SER B 464 2.02 -7.88 10.13
C SER B 464 2.25 -9.29 9.59
N LEU B 465 3.10 -10.07 10.27
CA LEU B 465 3.39 -11.44 9.85
C LEU B 465 2.43 -12.46 10.44
N HIS B 466 1.56 -12.07 11.37
CA HIS B 466 0.58 -12.97 11.97
C HIS B 466 1.24 -14.23 12.54
N ALA B 467 2.40 -14.04 13.17
CA ALA B 467 3.14 -15.16 13.73
C ALA B 467 2.35 -15.79 14.86
N ARG B 468 2.09 -17.09 14.76
CA ARG B 468 1.35 -17.81 15.79
C ARG B 468 2.24 -18.28 16.93
N ARG B 469 3.55 -18.19 16.79
CA ARG B 469 4.47 -18.66 17.81
C ARG B 469 5.84 -18.06 17.55
N LEU B 470 6.43 -17.42 18.55
CA LEU B 470 7.71 -16.74 18.41
C LEU B 470 8.84 -17.62 18.95
N GLY B 471 10.04 -17.37 18.42
CA GLY B 471 11.22 -18.10 18.84
C GLY B 471 12.02 -17.30 19.84
N HIS B 472 12.33 -17.94 20.97
CA HIS B 472 13.09 -17.32 22.05
C HIS B 472 12.40 -16.08 22.57
N ALA B 473 12.85 -14.91 22.12
CA ALA B 473 12.30 -13.62 22.55
C ALA B 473 12.35 -13.49 24.07
N LEU B 474 13.57 -13.55 24.60
CA LEU B 474 13.78 -13.50 26.04
C LEU B 474 13.71 -12.10 26.62
N ASN B 475 13.65 -11.07 25.78
CA ASN B 475 13.64 -9.69 26.24
C ASN B 475 12.25 -9.09 26.23
N LEU B 476 11.22 -9.88 26.53
CA LEU B 476 9.88 -9.34 26.67
C LEU B 476 9.66 -8.69 28.03
N LEU B 477 10.53 -8.96 29.00
CA LEU B 477 10.37 -8.39 30.34
C LEU B 477 10.45 -6.87 30.31
N GLU B 478 11.38 -6.32 29.53
CA GLU B 478 11.55 -4.88 29.48
C GLU B 478 10.40 -4.17 28.79
N ALA B 479 9.67 -4.84 27.90
CA ALA B 479 8.56 -4.23 27.19
C ALA B 479 7.24 -4.74 27.74
N PRO B 480 6.48 -3.93 28.49
CA PRO B 480 5.25 -4.41 29.09
C PRO B 480 4.10 -4.53 28.10
N ASP B 481 4.00 -3.57 27.18
CA ASP B 481 2.93 -3.60 26.19
C ASP B 481 3.07 -4.81 25.27
N LEU B 482 4.29 -5.13 24.86
CA LEU B 482 4.50 -6.30 24.02
C LEU B 482 4.12 -7.58 24.76
N MET B 483 4.48 -7.68 26.04
CA MET B 483 4.06 -8.84 26.83
C MET B 483 2.54 -8.93 26.91
N ARG B 484 1.87 -7.81 27.13
CA ARG B 484 0.41 -7.83 27.25
C ARG B 484 -0.22 -8.28 25.94
N THR B 485 0.29 -7.79 24.81
CA THR B 485 -0.22 -8.24 23.52
C THR B 485 0.03 -9.72 23.31
N VAL B 486 1.23 -10.20 23.65
CA VAL B 486 1.55 -11.63 23.47
C VAL B 486 0.64 -12.49 24.33
N ILE B 487 0.40 -12.06 25.57
CA ILE B 487 -0.47 -12.83 26.47
C ILE B 487 -1.89 -12.85 25.94
N GLU B 488 -2.42 -11.67 25.56
CA GLU B 488 -3.81 -11.59 25.14
C GLU B 488 -4.05 -12.36 23.85
N ARG B 489 -3.17 -12.23 22.87
CA ARG B 489 -3.34 -12.91 21.60
C ARG B 489 -3.05 -14.41 21.69
N LYS B 490 -2.50 -14.88 22.82
CA LYS B 490 -2.23 -16.30 23.04
C LYS B 490 -1.31 -16.87 21.97
N ILE B 491 -0.13 -16.28 21.86
CA ILE B 491 0.91 -16.72 20.95
C ILE B 491 2.09 -17.24 21.77
N GLY B 492 2.50 -18.48 21.51
CA GLY B 492 3.53 -19.09 22.30
C GLY B 492 4.91 -18.57 21.98
N VAL B 493 5.82 -18.76 22.94
CA VAL B 493 7.22 -18.42 22.78
C VAL B 493 8.04 -19.71 22.95
N GLU B 494 8.96 -19.95 22.03
CA GLU B 494 9.80 -21.13 22.08
C GLU B 494 11.17 -20.73 22.61
N MET B 495 11.37 -20.88 23.91
CA MET B 495 12.67 -20.64 24.52
C MET B 495 13.36 -21.97 24.80
N CYS B 496 14.58 -22.11 24.31
CA CYS B 496 15.36 -23.31 24.55
C CYS B 496 16.29 -23.04 25.73
N PRO B 497 16.12 -23.71 26.86
CA PRO B 497 16.93 -23.36 28.04
C PRO B 497 18.42 -23.49 27.81
N TYR B 498 18.88 -24.64 27.30
CA TYR B 498 20.32 -24.85 27.13
C TYR B 498 20.89 -23.92 26.07
N ALA B 499 20.18 -23.74 24.96
CA ALA B 499 20.70 -22.90 23.89
C ALA B 499 20.83 -21.45 24.33
N ASN B 500 19.79 -20.93 24.99
CA ASN B 500 19.85 -19.55 25.49
C ASN B 500 20.90 -19.41 26.58
N TYR B 501 21.01 -20.41 27.45
CA TYR B 501 22.00 -20.37 28.53
C TYR B 501 23.41 -20.33 27.96
N GLN B 502 23.68 -21.13 26.93
CA GLN B 502 25.01 -21.13 26.32
C GLN B 502 25.27 -19.84 25.56
N ILE B 503 24.31 -19.39 24.77
CA ILE B 503 24.54 -18.22 23.91
C ILE B 503 24.41 -16.93 24.70
N LYS B 504 23.21 -16.67 25.24
CA LYS B 504 22.99 -15.41 25.93
C LYS B 504 23.70 -15.38 27.28
N GLY B 505 23.60 -16.45 28.06
CA GLY B 505 24.25 -16.49 29.36
C GLY B 505 23.36 -15.97 30.47
N PHE B 506 23.10 -16.80 31.48
CA PHE B 506 22.29 -16.43 32.63
C PHE B 506 22.88 -17.09 33.87
N ALA B 507 22.28 -16.81 35.01
CA ALA B 507 22.70 -17.45 36.24
C ALA B 507 22.44 -18.95 36.18
N PRO B 508 23.29 -19.76 36.82
CA PRO B 508 24.44 -19.41 37.65
C PRO B 508 25.76 -19.41 36.90
N MET B 509 25.78 -19.09 35.61
CA MET B 509 27.03 -19.00 34.89
C MET B 509 27.87 -17.85 35.45
N PRO B 510 29.16 -18.07 35.67
CA PRO B 510 29.98 -17.03 36.33
C PRO B 510 30.02 -15.74 35.53
N ASN B 511 30.11 -14.63 36.26
CA ASN B 511 30.15 -13.29 35.67
C ASN B 511 28.93 -13.01 34.81
N PHE B 512 27.77 -13.46 35.27
CA PHE B 512 26.52 -13.25 34.55
C PHE B 512 25.38 -13.23 35.56
N SER B 513 24.86 -12.04 35.86
CA SER B 513 23.80 -11.88 36.84
C SER B 513 22.41 -11.82 36.23
N ALA B 514 22.30 -11.89 34.90
CA ALA B 514 21.00 -11.86 34.26
C ALA B 514 20.20 -13.11 34.62
N LEU B 515 18.93 -12.92 34.94
CA LEU B 515 18.05 -14.01 35.37
C LEU B 515 17.22 -14.50 34.20
N TYR B 516 17.10 -15.81 34.09
CA TYR B 516 16.27 -16.40 33.04
C TYR B 516 14.81 -16.01 33.26
N PRO B 517 14.12 -15.52 32.24
CA PRO B 517 12.74 -15.02 32.43
C PRO B 517 11.65 -16.06 32.29
N LEU B 518 11.98 -17.35 32.30
CA LEU B 518 10.95 -18.38 32.12
C LEU B 518 9.94 -18.38 33.25
N LYS B 519 10.41 -18.27 34.50
CA LYS B 519 9.49 -18.26 35.63
C LYS B 519 8.56 -17.06 35.57
N LYS B 520 9.11 -15.88 35.25
CA LYS B 520 8.28 -14.69 35.13
C LYS B 520 7.30 -14.81 33.98
N TYR B 521 7.73 -15.41 32.86
CA TYR B 521 6.83 -15.60 31.73
C TYR B 521 5.68 -16.51 32.10
N LEU B 522 5.96 -17.60 32.81
CA LEU B 522 4.91 -18.51 33.24
C LEU B 522 3.96 -17.82 34.21
N GLU B 523 4.51 -17.03 35.14
CA GLU B 523 3.66 -16.32 36.10
C GLU B 523 2.75 -15.32 35.40
N ALA B 524 3.28 -14.61 34.41
CA ALA B 524 2.50 -13.60 33.71
C ALA B 524 1.39 -14.21 32.87
N GLY B 525 1.62 -15.39 32.30
CA GLY B 525 0.60 -16.05 31.51
C GLY B 525 1.04 -16.37 30.10
N ILE B 526 2.33 -16.13 29.79
CA ILE B 526 2.85 -16.45 28.48
C ILE B 526 2.78 -17.95 28.25
N LEU B 527 2.32 -18.35 27.07
CA LEU B 527 2.24 -19.77 26.70
C LEU B 527 3.64 -20.23 26.29
N VAL B 528 4.44 -20.56 27.30
CA VAL B 528 5.85 -20.87 27.08
C VAL B 528 6.04 -22.35 26.86
N SER B 529 6.86 -22.70 25.88
CA SER B 529 7.21 -24.08 25.57
C SER B 529 8.71 -24.24 25.65
N VAL B 530 9.17 -25.33 26.25
CA VAL B 530 10.59 -25.62 26.38
C VAL B 530 11.00 -26.54 25.25
N ASN B 531 12.06 -26.16 24.54
CA ASN B 531 12.49 -26.91 23.35
C ASN B 531 13.98 -27.20 23.38
N THR B 532 14.52 -27.70 22.27
CA THR B 532 15.92 -28.07 22.18
C THR B 532 16.72 -27.27 21.16
N ASP B 533 16.07 -26.68 20.15
CA ASP B 533 16.74 -25.96 19.07
C ASP B 533 17.65 -26.89 18.28
N ASN B 534 18.73 -27.34 18.90
CA ASN B 534 19.64 -28.29 18.28
C ASN B 534 20.05 -29.31 19.34
N ILE B 535 19.66 -30.57 19.14
CA ILE B 535 20.02 -31.61 20.09
C ILE B 535 21.52 -31.83 20.12
N GLY B 536 22.16 -31.79 18.96
CA GLY B 536 23.59 -32.03 18.87
C GLY B 536 24.45 -30.86 19.29
N ILE B 537 24.16 -29.67 18.76
CA ILE B 537 24.97 -28.49 19.07
C ILE B 537 24.90 -28.16 20.55
N SER B 538 23.68 -28.16 21.10
CA SER B 538 23.54 -27.90 22.53
C SER B 538 23.98 -29.09 23.37
N GLY B 539 23.86 -30.30 22.83
CA GLY B 539 24.27 -31.49 23.54
C GLY B 539 23.29 -31.99 24.58
N ALA B 540 22.11 -31.37 24.69
CA ALA B 540 21.11 -31.76 25.67
C ALA B 540 19.79 -32.02 24.97
N ASN B 541 19.12 -33.10 25.34
CA ASN B 541 17.82 -33.44 24.79
C ASN B 541 16.74 -32.64 25.53
N LEU B 542 15.47 -32.97 25.27
CA LEU B 542 14.39 -32.22 25.88
C LEU B 542 14.30 -32.46 27.39
N SER B 543 14.56 -33.69 27.83
CA SER B 543 14.48 -33.98 29.26
C SER B 543 15.52 -33.19 30.04
N GLU B 544 16.75 -33.13 29.55
CA GLU B 544 17.77 -32.34 30.23
C GLU B 544 17.48 -30.85 30.13
N ASN B 545 16.88 -30.42 29.01
CA ASN B 545 16.48 -29.02 28.88
C ASN B 545 15.44 -28.64 29.92
N LEU B 546 14.51 -29.54 30.21
CA LEU B 546 13.54 -29.29 31.26
C LEU B 546 14.18 -29.38 32.65
N LEU B 547 15.15 -30.30 32.82
CA LEU B 547 15.79 -30.48 34.11
C LEU B 547 16.60 -29.25 34.51
N ILE B 548 17.29 -28.63 33.54
CA ILE B 548 18.19 -27.53 33.86
C ILE B 548 17.45 -26.36 34.49
N LEU B 549 16.12 -26.28 34.32
CA LEU B 549 15.35 -25.19 34.88
C LEU B 549 15.37 -25.19 36.41
N ALA B 550 15.75 -26.30 37.03
CA ALA B 550 15.78 -26.36 38.49
C ALA B 550 16.76 -25.33 39.05
N ASP B 551 17.91 -25.17 38.41
CA ASP B 551 18.88 -24.16 38.81
C ASP B 551 18.85 -22.92 37.91
N LEU B 552 18.46 -23.06 36.65
CA LEU B 552 18.36 -21.91 35.77
C LEU B 552 17.29 -20.94 36.23
N CYS B 553 16.14 -21.46 36.65
CA CYS B 553 15.02 -20.64 37.14
C CYS B 553 14.62 -21.18 38.50
N PRO B 554 15.33 -20.79 39.56
CA PRO B 554 15.05 -21.36 40.89
C PRO B 554 13.65 -21.02 41.36
N GLY B 555 13.05 -21.94 42.10
CA GLY B 555 11.70 -21.80 42.57
C GLY B 555 10.63 -22.36 41.66
N ILE B 556 10.99 -22.80 40.46
CA ILE B 556 10.01 -23.38 39.55
C ILE B 556 9.60 -24.76 40.06
N SER B 557 8.33 -25.08 39.92
CA SER B 557 7.76 -26.30 40.49
C SER B 557 7.45 -27.31 39.39
N ARG B 558 7.15 -28.54 39.82
CA ARG B 558 6.81 -29.60 38.87
C ARG B 558 5.50 -29.29 38.15
N MET B 559 4.53 -28.73 38.87
CA MET B 559 3.29 -28.31 38.21
C MET B 559 3.56 -27.26 37.16
N ASP B 560 4.61 -26.45 37.34
CA ASP B 560 5.01 -25.53 36.26
C ASP B 560 5.55 -26.28 35.06
N VAL B 561 6.24 -27.40 35.27
CA VAL B 561 6.68 -28.22 34.14
C VAL B 561 5.49 -28.81 33.40
N LEU B 562 4.49 -29.29 34.15
CA LEU B 562 3.26 -29.75 33.50
C LEU B 562 2.57 -28.62 32.75
N THR B 563 2.62 -27.40 33.31
CA THR B 563 2.08 -26.23 32.61
C THR B 563 2.84 -25.99 31.31
N ILE B 564 4.16 -26.15 31.33
CA ILE B 564 4.96 -25.97 30.12
C ILE B 564 4.57 -26.98 29.06
N ILE B 565 4.37 -28.24 29.47
CA ILE B 565 3.95 -29.26 28.52
C ILE B 565 2.57 -28.93 27.95
N ARG B 566 1.66 -28.48 28.81
CA ARG B 566 0.33 -28.12 28.34
C ARG B 566 0.38 -26.95 27.36
N ASN B 567 1.24 -25.96 27.64
CA ASN B 567 1.41 -24.84 26.72
C ASN B 567 1.98 -25.30 25.39
N SER B 568 2.93 -26.23 25.44
CA SER B 568 3.49 -26.78 24.20
C SER B 568 2.41 -27.47 23.38
N ILE B 569 1.52 -28.22 24.05
CA ILE B 569 0.42 -28.86 23.34
C ILE B 569 -0.52 -27.81 22.76
N GLU B 570 -0.85 -26.79 23.54
CA GLU B 570 -1.84 -25.80 23.10
C GLU B 570 -1.32 -24.97 21.93
N THR B 571 -0.03 -24.65 21.92
CA THR B 571 0.55 -23.80 20.89
C THR B 571 1.06 -24.59 19.70
N ALA B 572 0.92 -25.91 19.70
CA ALA B 572 1.35 -26.71 18.57
C ALA B 572 0.44 -26.48 17.37
N PHE B 573 1.02 -26.60 16.18
CA PHE B 573 0.29 -26.37 14.92
C PHE B 573 -0.41 -27.66 14.51
N ILE B 574 -1.53 -27.93 15.18
CA ILE B 574 -2.30 -29.15 14.94
C ILE B 574 -3.78 -28.79 14.86
N SER B 575 -4.54 -29.68 14.21
CA SER B 575 -5.98 -29.51 14.12
C SER B 575 -6.64 -29.77 15.46
N HIS B 576 -7.88 -29.28 15.61
CA HIS B 576 -8.55 -29.34 16.89
C HIS B 576 -8.81 -30.78 17.33
N ASP B 577 -9.26 -31.64 16.41
CA ASP B 577 -9.52 -33.03 16.76
C ASP B 577 -8.25 -33.73 17.20
N PHE B 578 -7.17 -33.54 16.44
CA PHE B 578 -5.89 -34.13 16.82
C PHE B 578 -5.39 -33.55 18.13
N ARG B 579 -5.61 -32.26 18.36
CA ARG B 579 -5.21 -31.66 19.63
C ARG B 579 -5.97 -32.27 20.79
N MET B 580 -7.27 -32.51 20.63
CA MET B 580 -8.04 -33.14 21.69
C MET B 580 -7.57 -34.56 21.96
N GLU B 581 -7.30 -35.33 20.90
CA GLU B 581 -6.81 -36.69 21.09
C GLU B 581 -5.45 -36.68 21.79
N LEU B 582 -4.56 -35.78 21.38
CA LEU B 582 -3.25 -35.66 22.01
C LEU B 582 -3.38 -35.26 23.48
N LEU B 583 -4.28 -34.33 23.78
CA LEU B 583 -4.49 -33.92 25.17
C LEU B 583 -5.02 -35.06 26.01
N LYS B 584 -5.94 -35.86 25.47
CA LYS B 584 -6.45 -37.01 26.20
C LYS B 584 -5.34 -38.01 26.50
N PHE B 585 -4.54 -38.33 25.48
CA PHE B 585 -3.44 -39.27 25.69
C PHE B 585 -2.42 -38.71 26.69
N PHE B 586 -2.14 -37.40 26.61
CA PHE B 586 -1.19 -36.79 27.53
C PHE B 586 -1.70 -36.80 28.96
N ASP B 587 -2.99 -36.53 29.15
CA ASP B 587 -3.57 -36.64 30.49
C ASP B 587 -3.43 -38.07 31.01
N ARG B 588 -3.74 -39.05 30.18
CA ARG B 588 -3.60 -40.45 30.57
C ARG B 588 -2.18 -40.78 31.00
N LYS B 589 -1.20 -40.44 30.15
CA LYS B 589 0.19 -40.80 30.42
C LYS B 589 0.73 -40.04 31.63
N ILE B 590 0.37 -38.77 31.76
CA ILE B 590 0.84 -37.98 32.89
C ILE B 590 0.28 -38.52 34.20
N TYR B 591 -1.01 -38.87 34.21
CA TYR B 591 -1.58 -39.49 35.40
C TYR B 591 -0.85 -40.78 35.74
N ASP B 592 -0.58 -41.62 34.73
CA ASP B 592 0.11 -42.88 34.99
C ASP B 592 1.49 -42.65 35.59
N VAL B 593 2.28 -41.77 34.97
CA VAL B 593 3.65 -41.58 35.43
C VAL B 593 3.68 -40.93 36.80
N CYS B 594 2.76 -39.99 37.07
CA CYS B 594 2.71 -39.37 38.38
C CYS B 594 2.33 -40.38 39.46
N LEU B 595 1.35 -41.24 39.16
CA LEU B 595 0.99 -42.28 40.13
C LEU B 595 2.15 -43.23 40.38
N ILE B 596 2.86 -43.62 39.32
CA ILE B 596 4.00 -44.52 39.48
C ILE B 596 5.09 -43.87 40.34
N SER B 597 5.38 -42.60 40.05
CA SER B 597 6.43 -41.91 40.81
C SER B 597 6.04 -41.73 42.28
N ILE B 598 4.77 -41.41 42.54
CA ILE B 598 4.37 -41.19 43.94
C ILE B 598 4.26 -42.50 44.69
N LYS B 599 4.03 -43.62 44.00
CA LYS B 599 3.95 -44.90 44.67
C LYS B 599 5.31 -45.58 44.82
N ASN B 600 6.37 -44.99 44.27
CA ASN B 600 7.71 -45.57 44.39
C ASN B 600 8.70 -44.54 44.94
N SER C 2 -12.65 80.33 -8.71
CA SER C 2 -13.57 79.99 -7.64
C SER C 2 -13.70 81.15 -6.64
N ARG C 3 -13.31 80.89 -5.39
CA ARG C 3 -13.38 81.88 -4.31
C ARG C 3 -14.81 82.40 -4.13
N VAL C 4 -15.67 81.48 -3.71
CA VAL C 4 -17.08 81.74 -3.49
C VAL C 4 -17.36 81.72 -1.99
N LEU C 5 -17.99 82.77 -1.48
CA LEU C 5 -18.38 82.86 -0.09
C LEU C 5 -19.89 82.64 0.04
N LEU C 6 -20.29 81.83 1.01
CA LEU C 6 -21.69 81.53 1.28
C LEU C 6 -22.02 81.93 2.71
N CYS C 7 -23.11 82.66 2.89
CA CYS C 7 -23.50 83.15 4.21
C CYS C 7 -25.02 83.09 4.34
N SER C 8 -25.47 83.01 5.58
CA SER C 8 -26.90 82.99 5.91
C SER C 8 -27.22 84.17 6.82
N ALA C 9 -28.26 84.91 6.48
CA ALA C 9 -28.65 86.11 7.23
C ALA C 9 -30.16 86.15 7.40
N GLY C 10 -30.60 86.82 8.46
CA GLY C 10 -32.01 87.01 8.72
C GLY C 10 -32.40 88.47 8.68
N HIS C 11 -32.87 89.03 9.79
CA HIS C 11 -33.08 90.48 9.85
C HIS C 11 -31.76 91.22 9.72
N SER C 12 -30.71 90.74 10.38
CA SER C 12 -29.41 91.40 10.34
C SER C 12 -28.82 91.20 8.94
N SER C 13 -28.92 92.23 8.11
CA SER C 13 -28.39 92.19 6.75
C SER C 13 -26.90 92.53 6.70
N MET C 14 -26.29 92.87 7.82
CA MET C 14 -24.96 93.43 7.86
C MET C 14 -23.86 92.38 8.09
N VAL C 15 -24.20 91.11 8.21
CA VAL C 15 -23.20 90.09 8.50
C VAL C 15 -22.33 89.77 7.28
N VAL C 16 -22.76 90.17 6.08
CA VAL C 16 -22.04 89.84 4.86
C VAL C 16 -20.85 90.78 4.61
N PRO C 17 -20.99 92.10 4.71
CA PRO C 17 -19.82 92.97 4.43
C PRO C 17 -18.63 92.69 5.32
N GLU C 18 -18.85 92.38 6.60
CA GLU C 18 -17.74 92.05 7.48
C GLU C 18 -17.06 90.75 7.05
N ALA C 19 -17.85 89.75 6.64
CA ALA C 19 -17.29 88.49 6.17
C ALA C 19 -16.60 88.63 4.82
N PHE C 20 -16.93 89.67 4.05
CA PHE C 20 -16.27 89.86 2.76
C PHE C 20 -14.78 90.09 2.92
N HIS C 21 -14.38 90.81 3.97
CA HIS C 21 -12.98 91.14 4.20
C HIS C 21 -12.23 90.05 4.96
N ALA C 22 -12.78 88.82 5.01
CA ALA C 22 -12.10 87.75 5.73
C ALA C 22 -10.75 87.44 5.11
N VAL C 23 -10.69 87.36 3.78
CA VAL C 23 -9.42 87.16 3.08
C VAL C 23 -8.67 88.48 3.07
N PRO C 24 -7.34 88.46 3.06
CA PRO C 24 -6.56 89.71 3.01
C PRO C 24 -6.20 90.18 1.61
N GLU C 25 -6.74 89.56 0.56
CA GLU C 25 -6.39 89.92 -0.82
C GLU C 25 -7.64 90.12 -1.68
N GLY C 26 -8.81 90.24 -1.08
CA GLY C 26 -10.03 90.43 -1.83
C GLY C 26 -10.66 89.11 -2.26
N PHE C 27 -11.95 89.18 -2.55
CA PHE C 27 -12.73 88.01 -2.92
C PHE C 27 -13.23 88.15 -4.36
N GLU C 28 -13.66 87.01 -4.92
CA GLU C 28 -14.13 86.98 -6.30
C GLU C 28 -15.65 87.13 -6.39
N GLU C 29 -16.39 86.35 -5.61
CA GLU C 29 -17.85 86.42 -5.65
C GLU C 29 -18.41 85.91 -4.33
N VAL C 30 -19.51 86.52 -3.89
CA VAL C 30 -20.16 86.17 -2.63
C VAL C 30 -21.64 85.97 -2.90
N HIS C 31 -22.18 84.85 -2.41
CA HIS C 31 -23.61 84.55 -2.50
C HIS C 31 -24.15 84.31 -1.10
N VAL C 32 -25.36 84.81 -0.85
CA VAL C 32 -25.95 84.80 0.49
C VAL C 32 -27.33 84.15 0.40
N PHE C 33 -27.60 83.23 1.32
CA PHE C 33 -28.90 82.58 1.42
C PHE C 33 -29.73 83.24 2.52
N THR C 34 -31.04 83.29 2.30
CA THR C 34 -31.95 83.93 3.24
C THR C 34 -33.33 83.33 3.06
N THR C 35 -34.19 83.60 4.05
CA THR C 35 -35.58 83.15 4.00
C THR C 35 -36.44 84.21 3.32
N ASP C 36 -37.77 84.03 3.39
CA ASP C 36 -38.71 84.96 2.81
C ASP C 36 -39.18 86.04 3.78
N SER C 37 -38.43 86.26 4.86
CA SER C 37 -38.80 87.28 5.84
C SER C 37 -38.72 88.67 5.21
N GLU C 38 -39.73 89.49 5.48
CA GLU C 38 -39.78 90.84 4.91
C GLU C 38 -38.85 91.82 5.62
N LYS C 39 -38.36 91.48 6.81
CA LYS C 39 -37.46 92.38 7.53
C LYS C 39 -36.09 92.47 6.86
N PHE C 40 -35.70 91.47 6.08
CA PHE C 40 -34.46 91.54 5.33
C PHE C 40 -34.46 92.76 4.41
N ASN C 41 -33.33 93.48 4.40
CA ASN C 41 -33.15 94.65 3.54
C ASN C 41 -31.96 94.38 2.62
N PRO C 42 -32.20 93.85 1.42
CA PRO C 42 -31.09 93.65 0.47
C PRO C 42 -30.57 94.94 -0.14
N VAL C 43 -31.25 96.06 0.09
CA VAL C 43 -30.82 97.33 -0.51
C VAL C 43 -29.44 97.73 0.00
N VAL C 44 -29.20 97.56 1.30
CA VAL C 44 -27.92 97.94 1.88
C VAL C 44 -26.79 97.09 1.29
N LEU C 45 -27.02 95.78 1.19
CA LEU C 45 -26.02 94.89 0.61
C LEU C 45 -25.75 95.22 -0.85
N ASN C 46 -26.81 95.48 -1.62
CA ASN C 46 -26.63 95.81 -3.03
C ASN C 46 -25.86 97.12 -3.19
N ASP C 47 -26.20 98.13 -2.37
CA ASP C 47 -25.50 99.40 -2.45
C ASP C 47 -24.03 99.25 -2.08
N PHE C 48 -23.74 98.47 -1.04
CA PHE C 48 -22.34 98.28 -0.64
C PHE C 48 -21.56 97.52 -1.72
N PHE C 49 -22.16 96.49 -2.31
CA PHE C 49 -21.45 95.68 -3.29
C PHE C 49 -21.41 96.30 -4.67
N HIS C 50 -22.19 97.36 -4.93
CA HIS C 50 -22.06 98.10 -6.18
C HIS C 50 -20.71 98.80 -6.28
N SER C 51 -19.98 98.92 -5.18
CA SER C 51 -18.65 99.55 -5.22
C SER C 51 -17.67 98.70 -6.00
N LEU C 52 -17.86 97.37 -6.02
CA LEU C 52 -16.99 96.44 -6.74
C LEU C 52 -17.81 95.72 -7.81
N PRO C 53 -17.81 96.21 -9.04
CA PRO C 53 -18.59 95.53 -10.09
C PRO C 53 -18.11 94.12 -10.39
N ASN C 54 -16.83 93.84 -10.17
CA ASN C 54 -16.29 92.51 -10.49
C ASN C 54 -16.83 91.43 -9.56
N VAL C 55 -17.32 91.79 -8.39
CA VAL C 55 -17.81 90.82 -7.42
C VAL C 55 -19.27 90.50 -7.74
N ARG C 56 -19.55 89.23 -8.02
CA ARG C 56 -20.91 88.79 -8.29
C ARG C 56 -21.69 88.68 -6.98
N PHE C 57 -23.01 88.86 -7.09
CA PHE C 57 -23.90 88.76 -5.94
C PHE C 57 -25.19 88.09 -6.36
N SER C 58 -25.63 87.10 -5.57
CA SER C 58 -26.89 86.42 -5.79
C SER C 58 -27.59 86.21 -4.45
N ILE C 59 -28.91 86.37 -4.45
CA ILE C 59 -29.73 86.19 -3.26
C ILE C 59 -30.77 85.12 -3.55
N THR C 60 -30.86 84.13 -2.68
CA THR C 60 -31.81 83.04 -2.81
C THR C 60 -32.81 83.09 -1.67
N LYS C 61 -34.10 82.97 -2.00
CA LYS C 61 -35.17 83.03 -1.02
C LYS C 61 -36.05 81.80 -1.16
N CYS C 62 -36.32 81.13 -0.05
CA CYS C 62 -37.23 80.00 -0.05
C CYS C 62 -38.67 80.48 -0.05
N HIS C 63 -39.46 79.98 -1.00
CA HIS C 63 -40.80 80.51 -1.22
C HIS C 63 -41.73 80.17 -0.06
N GLY C 64 -42.43 81.18 0.44
CA GLY C 64 -43.43 80.99 1.47
C GLY C 64 -42.91 80.44 2.78
N LEU C 65 -41.62 80.58 3.05
CA LEU C 65 -40.99 80.03 4.24
C LEU C 65 -40.37 81.16 5.04
N ALA C 66 -40.70 81.22 6.33
CA ALA C 66 -40.20 82.29 7.18
C ALA C 66 -40.17 81.83 8.63
N ASP C 67 -39.12 82.24 9.35
CA ASP C 67 -38.98 82.06 10.79
C ASP C 67 -38.78 80.60 11.19
N ILE C 68 -38.87 79.69 10.22
CA ILE C 68 -38.55 78.26 10.36
C ILE C 68 -39.05 77.66 11.67
N LEU C 69 -40.16 78.18 12.18
CA LEU C 69 -40.67 77.77 13.49
C LEU C 69 -41.28 76.37 13.49
N ASN C 70 -41.51 75.78 12.32
CA ASN C 70 -42.14 74.47 12.23
C ASN C 70 -41.13 73.43 11.78
N GLU C 71 -41.34 72.19 12.25
CA GLU C 71 -40.42 71.10 11.89
C GLU C 71 -40.45 70.82 10.39
N ARG C 72 -41.64 70.76 9.79
CA ARG C 72 -41.74 70.58 8.35
C ARG C 72 -41.11 71.76 7.62
N ASP C 73 -41.30 72.97 8.14
CA ASP C 73 -40.62 74.13 7.59
C ASP C 73 -39.11 73.95 7.67
N PHE C 74 -38.61 73.40 8.77
CA PHE C 74 -37.18 73.16 8.89
C PHE C 74 -36.69 72.15 7.85
N GLU C 75 -37.44 71.06 7.64
CA GLU C 75 -37.04 70.08 6.64
C GLU C 75 -37.01 70.70 5.24
N PHE C 76 -38.04 71.47 4.89
CA PHE C 76 -38.07 72.10 3.58
C PHE C 76 -36.93 73.11 3.43
N TYR C 77 -36.65 73.89 4.48
CA TYR C 77 -35.54 74.82 4.40
C TYR C 77 -34.22 74.09 4.22
N GLN C 78 -34.05 72.97 4.93
CA GLN C 78 -32.82 72.19 4.80
C GLN C 78 -32.65 71.68 3.37
N GLU C 79 -33.74 71.16 2.79
CA GLU C 79 -33.68 70.69 1.41
C GLU C 79 -33.33 71.83 0.46
N MET C 80 -33.98 72.98 0.63
CA MET C 80 -33.73 74.11 -0.27
C MET C 80 -32.30 74.62 -0.13
N LEU C 81 -31.81 74.71 1.11
CA LEU C 81 -30.44 75.19 1.34
C LEU C 81 -29.42 74.21 0.78
N TRP C 82 -29.66 72.91 0.93
CA TRP C 82 -28.77 71.91 0.35
C TRP C 82 -28.75 72.02 -1.17
N GLN C 83 -29.92 72.21 -1.78
CA GLN C 83 -29.99 72.38 -3.23
C GLN C 83 -29.23 73.63 -3.66
N TRP C 84 -29.38 74.73 -2.92
CA TRP C 84 -28.68 75.97 -3.24
C TRP C 84 -27.17 75.79 -3.13
N TYR C 85 -26.71 75.12 -2.07
CA TYR C 85 -25.28 74.88 -1.89
C TYR C 85 -24.73 74.01 -3.01
N LEU C 86 -25.48 72.98 -3.41
CA LEU C 86 -25.03 72.13 -4.51
C LEU C 86 -24.99 72.91 -5.83
N THR C 87 -25.96 73.79 -6.06
CA THR C 87 -26.07 74.50 -7.32
C THR C 87 -25.21 75.76 -7.40
N LYS C 88 -24.53 76.13 -6.32
CA LYS C 88 -23.73 77.35 -6.31
C LYS C 88 -22.27 77.09 -5.91
N MET C 89 -21.89 75.84 -5.70
CA MET C 89 -20.53 75.51 -5.35
C MET C 89 -19.64 75.56 -6.60
N PRO C 90 -18.39 76.02 -6.47
CA PRO C 90 -17.48 76.02 -7.62
C PRO C 90 -17.24 74.61 -8.13
N ASP C 91 -17.06 74.51 -9.46
CA ASP C 91 -16.95 73.21 -10.09
C ASP C 91 -15.69 72.46 -9.65
N ASN C 92 -14.57 73.16 -9.53
CA ASN C 92 -13.28 72.52 -9.31
C ASN C 92 -12.66 72.79 -7.95
N GLU C 93 -13.03 73.86 -7.27
CA GLU C 93 -12.39 74.25 -6.02
C GLU C 93 -13.43 74.39 -4.91
N LEU C 94 -12.97 74.17 -3.68
CA LEU C 94 -13.83 74.26 -2.52
C LEU C 94 -14.15 75.73 -2.19
N PRO C 95 -15.35 76.00 -1.71
CA PRO C 95 -15.73 77.38 -1.38
C PRO C 95 -15.51 77.73 0.07
N TYR C 96 -15.40 79.03 0.32
CA TYR C 96 -15.41 79.55 1.68
C TYR C 96 -16.84 79.71 2.16
N VAL C 97 -17.07 79.46 3.45
CA VAL C 97 -18.40 79.58 4.03
C VAL C 97 -18.29 80.12 5.44
N CYS C 98 -19.32 80.86 5.86
CA CYS C 98 -19.38 81.44 7.19
C CYS C 98 -20.79 81.26 7.75
N LEU C 99 -20.88 81.20 9.08
CA LEU C 99 -22.15 80.98 9.76
C LEU C 99 -22.29 81.91 10.96
N SER C 100 -21.79 83.14 10.83
CA SER C 100 -21.87 84.08 11.94
C SER C 100 -23.30 84.54 12.19
N GLY C 101 -24.01 84.90 11.12
CA GLY C 101 -25.35 85.42 11.27
C GLY C 101 -26.41 84.34 11.36
N GLY C 102 -27.61 84.77 11.74
CA GLY C 102 -28.76 83.89 11.78
C GLY C 102 -28.89 83.13 13.10
N ILE C 103 -29.98 82.37 13.19
CA ILE C 103 -30.32 81.61 14.38
C ILE C 103 -29.55 80.28 14.39
N LYS C 104 -29.59 79.59 15.53
CA LYS C 104 -28.89 78.31 15.66
C LYS C 104 -29.29 77.33 14.57
N SER C 105 -30.57 77.31 14.20
CA SER C 105 -31.08 76.30 13.27
C SER C 105 -30.36 76.37 11.94
N MET C 106 -30.47 77.49 11.23
CA MET C 106 -29.87 77.60 9.91
C MET C 106 -28.35 77.67 9.96
N SER C 107 -27.76 78.18 11.05
CA SER C 107 -26.31 78.16 11.18
C SER C 107 -25.79 76.73 11.27
N ALA C 108 -26.42 75.92 12.12
CA ALA C 108 -26.03 74.51 12.21
C ALA C 108 -26.33 73.78 10.90
N SER C 109 -27.43 74.13 10.23
CA SER C 109 -27.74 73.54 8.94
C SER C 109 -26.65 73.83 7.93
N LEU C 110 -26.17 75.08 7.89
CA LEU C 110 -25.13 75.43 6.93
C LEU C 110 -23.80 74.80 7.30
N GLN C 111 -23.51 74.66 8.59
CA GLN C 111 -22.28 73.96 8.98
C GLN C 111 -22.33 72.49 8.58
N LYS C 112 -23.47 71.84 8.80
CA LYS C 112 -23.62 70.45 8.36
C LYS C 112 -23.53 70.34 6.84
N ALA C 113 -24.10 71.31 6.12
CA ALA C 113 -23.97 71.31 4.67
C ALA C 113 -22.53 71.48 4.24
N ALA C 114 -21.79 72.37 4.91
CA ALA C 114 -20.38 72.55 4.58
C ALA C 114 -19.59 71.28 4.83
N THR C 115 -19.93 70.56 5.91
CA THR C 115 -19.31 69.26 6.14
C THR C 115 -19.69 68.26 5.05
N LEU C 116 -20.94 68.33 4.58
CA LEU C 116 -21.48 67.32 3.68
C LEU C 116 -21.04 67.51 2.23
N PHE C 117 -20.74 68.74 1.81
CA PHE C 117 -20.26 68.98 0.46
C PHE C 117 -18.95 69.76 0.43
N GLY C 118 -18.17 69.71 1.51
CA GLY C 118 -16.87 70.34 1.54
C GLY C 118 -16.95 71.85 1.72
N ALA C 119 -15.82 72.41 2.16
CA ALA C 119 -15.69 73.85 2.37
C ALA C 119 -14.23 74.22 2.50
N GLN C 120 -13.79 75.23 1.73
CA GLN C 120 -12.37 75.58 1.74
C GLN C 120 -11.92 76.04 3.12
N SER C 121 -12.72 76.90 3.76
CA SER C 121 -12.44 77.30 5.14
C SER C 121 -13.73 77.84 5.75
N VAL C 122 -14.31 77.07 6.65
CA VAL C 122 -15.42 77.56 7.47
C VAL C 122 -14.87 78.53 8.50
N PHE C 123 -15.61 79.59 8.78
CA PHE C 123 -15.08 80.64 9.67
C PHE C 123 -16.25 81.44 10.25
N HIS C 124 -15.89 82.47 11.02
CA HIS C 124 -16.84 83.37 11.65
C HIS C 124 -16.31 84.79 11.58
N VAL C 125 -17.20 85.75 11.80
CA VAL C 125 -16.84 87.15 11.95
C VAL C 125 -17.49 87.69 13.22
N LEU C 126 -16.69 88.36 14.06
CA LEU C 126 -17.16 88.86 15.34
C LEU C 126 -16.48 90.17 15.66
N ALA C 127 -17.10 90.93 16.56
CA ALA C 127 -16.58 92.21 17.01
C ALA C 127 -17.00 92.41 18.46
N ASP C 128 -16.91 93.64 18.95
CA ASP C 128 -17.24 93.97 20.33
C ASP C 128 -18.46 94.86 20.45
N ASN C 129 -18.51 95.96 19.72
CA ASN C 129 -19.60 96.92 19.83
C ASN C 129 -20.78 96.59 18.93
N ASN C 130 -20.71 95.52 18.14
CA ASN C 130 -21.75 95.14 17.19
C ASN C 130 -22.08 96.31 16.26
N PRO C 131 -21.20 96.65 15.32
CA PRO C 131 -21.47 97.78 14.43
C PRO C 131 -22.73 97.54 13.60
N ARG C 132 -23.48 98.62 13.39
CA ARG C 132 -24.69 98.59 12.58
C ARG C 132 -24.53 99.32 11.26
N ASN C 133 -24.06 100.58 11.29
CA ASN C 133 -23.79 101.33 10.09
C ASN C 133 -22.48 100.88 9.45
N ILE C 134 -22.39 101.07 8.13
CA ILE C 134 -21.22 100.62 7.38
C ILE C 134 -19.99 101.43 7.76
N GLU C 135 -20.16 102.72 8.07
CA GLU C 135 -19.04 103.54 8.50
C GLU C 135 -18.44 103.00 9.80
N GLU C 136 -19.29 102.52 10.71
CA GLU C 136 -18.80 101.88 11.92
C GLU C 136 -17.95 100.65 11.59
N MET C 137 -18.39 99.87 10.60
CA MET C 137 -17.61 98.72 10.17
C MET C 137 -16.26 99.13 9.61
N PHE C 138 -16.23 100.19 8.80
CA PHE C 138 -14.96 100.67 8.27
C PHE C 138 -14.03 101.13 9.38
N ASP C 139 -14.59 101.84 10.37
CA ASP C 139 -13.79 102.29 11.50
C ASP C 139 -13.23 101.11 12.29
N ALA C 140 -14.07 100.09 12.53
CA ALA C 140 -13.61 98.91 13.25
C ALA C 140 -12.55 98.15 12.49
N LEU C 141 -12.73 98.02 11.17
CA LEU C 141 -11.76 97.30 10.35
C LEU C 141 -10.42 98.03 10.33
N GLN C 142 -10.43 99.35 10.20
CA GLN C 142 -9.19 100.12 10.26
C GLN C 142 -8.57 100.01 11.65
N LYS C 143 -9.38 100.06 12.70
CA LYS C 143 -8.86 99.92 14.06
C LYS C 143 -8.41 98.49 14.34
N GLY C 144 -9.11 97.50 13.76
CA GLY C 144 -8.82 96.11 14.04
C GLY C 144 -9.72 95.47 15.08
N GLN C 145 -10.84 96.10 15.42
CA GLN C 145 -11.76 95.51 16.40
C GLN C 145 -12.33 94.20 15.91
N ILE C 146 -12.69 94.14 14.62
CA ILE C 146 -13.29 92.93 14.07
C ILE C 146 -12.26 91.81 14.07
N HIS C 147 -12.64 90.66 14.63
CA HIS C 147 -11.78 89.49 14.71
C HIS C 147 -12.30 88.40 13.79
N PHE C 148 -11.38 87.64 13.21
CA PHE C 148 -11.70 86.55 12.30
C PHE C 148 -11.57 85.24 13.06
N ILE C 149 -12.67 84.50 13.16
CA ILE C 149 -12.79 83.32 14.01
C ILE C 149 -12.81 82.11 13.09
N GLU C 150 -11.75 81.30 13.15
CA GLU C 150 -11.53 80.20 12.23
C GLU C 150 -11.28 78.93 13.04
N MET C 151 -12.00 77.85 12.70
CA MET C 151 -11.86 76.58 13.40
C MET C 151 -11.02 75.56 12.62
N GLY C 152 -10.41 75.97 11.53
CA GLY C 152 -9.57 75.07 10.75
C GLY C 152 -10.24 74.65 9.45
N TYR C 153 -9.41 74.31 8.46
CA TYR C 153 -9.91 73.90 7.17
C TYR C 153 -10.59 72.54 7.27
N GLU C 154 -11.73 72.41 6.58
CA GLU C 154 -12.51 71.18 6.59
C GLU C 154 -12.53 70.57 5.19
N PRO C 155 -11.94 69.39 4.99
CA PRO C 155 -11.97 68.79 3.65
C PRO C 155 -13.37 68.47 3.15
N GLY C 156 -14.32 68.23 4.06
CA GLY C 156 -15.60 67.75 3.61
C GLY C 156 -15.44 66.36 3.03
N TRP C 157 -16.39 65.97 2.19
CA TRP C 157 -16.28 64.72 1.44
C TRP C 157 -16.16 65.10 -0.03
N ALA C 158 -15.01 64.81 -0.62
CA ALA C 158 -14.57 65.48 -1.84
C ALA C 158 -15.49 65.22 -3.03
N ALA C 159 -16.36 64.23 -2.99
CA ALA C 159 -17.23 63.93 -4.14
C ALA C 159 -18.65 63.66 -3.62
N LEU C 160 -19.46 64.72 -3.60
CA LEU C 160 -20.90 64.60 -3.42
C LEU C 160 -21.66 65.57 -4.32
N ARG C 161 -21.03 66.04 -5.40
CA ARG C 161 -21.62 67.04 -6.27
C ARG C 161 -22.41 66.44 -7.43
N ARG C 162 -22.37 65.12 -7.61
CA ARG C 162 -23.16 64.49 -8.68
C ARG C 162 -24.65 64.61 -8.44
N LEU C 163 -25.08 64.97 -7.22
CA LEU C 163 -26.49 65.24 -6.98
C LEU C 163 -26.96 66.42 -7.81
N LYS C 164 -26.14 67.47 -7.93
CA LYS C 164 -26.51 68.61 -8.75
C LYS C 164 -26.60 68.24 -10.22
N LYS C 165 -25.84 67.23 -10.67
CA LYS C 165 -25.96 66.75 -12.04
C LYS C 165 -27.22 65.92 -12.22
N ILE C 166 -27.52 65.05 -11.25
CA ILE C 166 -28.69 64.18 -11.36
C ILE C 166 -29.99 64.93 -11.05
N LEU C 167 -29.92 66.10 -10.41
CA LEU C 167 -31.09 66.88 -10.09
C LEU C 167 -31.11 68.15 -10.93
N PRO C 168 -32.22 68.46 -11.59
CA PRO C 168 -32.28 69.69 -12.40
C PRO C 168 -32.29 70.94 -11.54
N ILE C 169 -32.45 72.11 -12.16
CA ILE C 169 -32.48 73.37 -11.42
C ILE C 169 -33.60 73.36 -10.39
N ASN C 170 -34.78 72.89 -10.79
CA ASN C 170 -35.94 72.80 -9.90
C ASN C 170 -36.27 74.16 -9.27
N GLU C 171 -36.19 75.22 -10.08
CA GLU C 171 -36.54 76.54 -9.60
C GLU C 171 -38.01 76.60 -9.20
N GLY C 172 -38.89 76.01 -10.01
CA GLY C 172 -40.30 75.93 -9.66
C GLY C 172 -40.67 74.60 -9.05
N CYS C 173 -40.83 74.56 -7.73
CA CYS C 173 -41.11 73.33 -7.03
C CYS C 173 -41.83 73.66 -5.72
N SER C 174 -42.20 72.63 -4.99
CA SER C 174 -42.89 72.77 -3.71
C SER C 174 -42.48 71.61 -2.82
N ARG C 175 -43.24 71.39 -1.75
CA ARG C 175 -42.94 70.32 -0.79
C ARG C 175 -43.16 68.93 -1.37
N ASP C 176 -43.77 68.82 -2.54
CA ASP C 176 -44.05 67.52 -3.12
C ASP C 176 -42.77 66.75 -3.43
N ASN C 177 -41.75 67.44 -3.94
CA ASN C 177 -40.51 66.81 -4.36
C ASN C 177 -39.37 67.25 -3.45
N PHE C 178 -38.63 66.28 -2.92
CA PHE C 178 -37.44 66.54 -2.12
C PHE C 178 -36.59 65.29 -2.12
N LYS C 179 -35.30 65.46 -1.86
CA LYS C 179 -34.36 64.35 -1.92
C LYS C 179 -33.93 63.90 -0.52
N PRO C 180 -34.40 62.75 -0.04
CA PRO C 180 -33.86 62.19 1.20
C PRO C 180 -32.72 61.22 0.97
N LEU C 181 -31.69 61.63 0.23
CA LEU C 181 -30.60 60.70 -0.08
C LEU C 181 -29.49 60.70 0.97
N ILE C 182 -29.42 61.72 1.81
CA ILE C 182 -28.45 61.73 2.91
C ILE C 182 -29.12 61.30 4.22
N SER C 183 -30.39 61.66 4.40
CA SER C 183 -31.12 61.21 5.58
C SER C 183 -31.30 59.71 5.59
N LYS C 184 -31.37 59.07 4.42
CA LYS C 184 -31.44 57.61 4.38
C LYS C 184 -30.13 56.99 4.82
N SER C 185 -29.00 57.57 4.42
CA SER C 185 -27.71 57.09 4.89
C SER C 185 -27.55 57.29 6.39
N ILE C 186 -27.99 58.43 6.90
CA ILE C 186 -27.86 58.72 8.33
C ILE C 186 -28.82 57.87 9.16
N GLU C 187 -30.00 57.54 8.63
CA GLU C 187 -30.98 56.79 9.40
C GLU C 187 -30.49 55.38 9.71
N GLU C 188 -29.84 54.72 8.75
CA GLU C 188 -29.39 53.33 8.90
C GLU C 188 -27.92 53.26 9.29
N ILE C 189 -27.44 54.21 10.10
CA ILE C 189 -26.04 54.20 10.52
C ILE C 189 -25.75 52.99 11.39
N LEU C 190 -26.55 52.80 12.45
CA LEU C 190 -26.39 51.66 13.33
C LEU C 190 -27.71 51.07 13.80
N SER C 191 -28.84 51.58 13.30
CA SER C 191 -30.13 51.02 13.69
C SER C 191 -30.31 49.59 13.20
N ASN C 192 -29.66 49.24 12.09
CA ASN C 192 -29.72 47.89 11.56
C ASN C 192 -28.92 46.92 12.42
N THR C 200 -20.60 42.28 14.25
CA THR C 200 -19.44 42.38 15.13
C THR C 200 -18.15 42.26 14.32
N GLY C 201 -17.99 41.15 13.60
CA GLY C 201 -16.82 40.95 12.77
C GLY C 201 -16.76 41.87 11.57
N LYS C 202 -17.91 42.41 11.15
CA LYS C 202 -17.92 43.35 10.04
C LYS C 202 -17.14 44.61 10.38
N SER C 203 -17.30 45.13 11.61
CA SER C 203 -16.57 46.31 12.03
C SER C 203 -15.07 46.07 12.09
N ASN C 204 -14.64 44.82 12.18
CA ASN C 204 -13.21 44.49 12.19
C ASN C 204 -12.72 43.90 10.88
N GLN C 205 -13.61 43.48 10.00
CA GLN C 205 -13.23 42.90 8.72
C GLN C 205 -12.80 43.95 7.70
N LEU C 206 -12.54 45.17 8.15
CA LEU C 206 -12.14 46.30 7.30
C LEU C 206 -10.97 45.93 6.39
N PRO C 207 -11.19 45.83 5.08
CA PRO C 207 -10.08 45.62 4.15
C PRO C 207 -9.53 46.94 3.64
N PHE C 208 -8.34 46.85 3.04
CA PHE C 208 -7.68 48.02 2.46
C PHE C 208 -7.58 49.14 3.48
N PRO C 209 -6.65 49.05 4.45
CA PRO C 209 -6.63 49.96 5.60
C PRO C 209 -6.80 51.44 5.30
N SER C 210 -6.60 51.86 4.06
CA SER C 210 -6.85 53.26 3.72
C SER C 210 -8.33 53.62 3.77
N LEU C 211 -9.22 52.63 3.91
CA LEU C 211 -10.64 52.93 4.07
C LEU C 211 -10.91 53.68 5.36
N ALA C 212 -9.99 53.64 6.33
CA ALA C 212 -10.15 54.42 7.55
C ALA C 212 -10.02 55.91 7.28
N ILE C 213 -9.21 56.30 6.30
CA ILE C 213 -9.07 57.69 5.93
C ILE C 213 -10.32 58.23 5.26
N LEU C 214 -11.24 57.35 4.88
CA LEU C 214 -12.42 57.75 4.13
C LEU C 214 -13.33 58.65 4.97
N PRO C 215 -14.18 59.43 4.31
CA PRO C 215 -15.21 60.16 5.04
C PRO C 215 -16.07 59.22 5.84
N PRO C 216 -16.44 59.61 7.07
CA PRO C 216 -17.37 58.76 7.84
C PRO C 216 -18.67 58.51 7.12
N ILE C 217 -19.22 59.53 6.45
CA ILE C 217 -20.43 59.31 5.67
C ILE C 217 -20.19 58.28 4.57
N ALA C 218 -19.01 58.33 3.95
CA ALA C 218 -18.65 57.30 2.99
C ALA C 218 -18.41 55.95 3.67
N GLN C 219 -17.74 55.98 4.83
CA GLN C 219 -17.44 54.74 5.54
C GLN C 219 -18.70 53.99 5.93
N GLN C 220 -19.81 54.70 6.10
CA GLN C 220 -21.07 54.06 6.47
C GLN C 220 -22.07 53.99 5.33
N TRP C 221 -21.85 54.70 4.23
CA TRP C 221 -22.49 54.34 2.98
C TRP C 221 -21.97 53.00 2.48
N LEU C 222 -20.71 52.70 2.78
CA LEU C 222 -20.17 51.37 2.50
C LEU C 222 -20.89 50.30 3.31
N GLN C 223 -21.40 50.65 4.48
CA GLN C 223 -22.11 49.69 5.33
C GLN C 223 -23.56 49.49 4.92
N LEU C 224 -24.10 50.34 4.06
CA LEU C 224 -25.48 50.19 3.63
C LEU C 224 -25.63 48.96 2.73
N PRO C 225 -26.82 48.37 2.68
CA PRO C 225 -27.02 47.22 1.80
C PRO C 225 -26.76 47.57 0.34
N LEU C 226 -26.17 46.64 -0.39
CA LEU C 226 -25.89 46.85 -1.80
C LEU C 226 -27.20 46.80 -2.60
N SER C 227 -27.39 47.76 -3.49
CA SER C 227 -28.60 47.88 -4.28
C SER C 227 -28.28 47.70 -5.75
N ALA C 228 -29.31 47.33 -6.52
CA ALA C 228 -29.16 47.09 -7.94
C ALA C 228 -28.82 48.34 -8.72
N ASN C 229 -28.96 49.52 -8.13
CA ASN C 229 -28.62 50.77 -8.78
C ASN C 229 -27.18 51.18 -8.54
N ASP C 230 -26.39 50.35 -7.85
CA ASP C 230 -24.98 50.62 -7.60
C ASP C 230 -24.08 50.12 -8.71
N GLY C 231 -24.62 49.95 -9.93
CA GLY C 231 -23.82 49.44 -11.02
C GLY C 231 -22.66 50.37 -11.39
N ALA C 232 -22.89 51.68 -11.30
CA ALA C 232 -21.84 52.64 -11.61
C ALA C 232 -20.65 52.49 -10.67
N TRP C 233 -20.92 52.30 -9.38
CA TRP C 233 -19.84 52.14 -8.42
C TRP C 233 -19.08 50.85 -8.65
N ILE C 234 -19.80 49.75 -8.85
CA ILE C 234 -19.15 48.45 -9.02
C ILE C 234 -18.33 48.41 -10.30
N GLN C 235 -18.88 48.96 -11.39
CA GLN C 235 -18.19 48.90 -12.68
C GLN C 235 -16.83 49.60 -12.62
N ASN C 236 -16.74 50.72 -11.90
CA ASN C 236 -15.48 51.44 -11.78
C ASN C 236 -14.56 50.86 -10.72
N LEU C 237 -15.02 49.88 -9.95
CA LEU C 237 -14.18 49.27 -8.93
C LEU C 237 -13.14 48.36 -9.58
N PRO C 238 -11.88 48.42 -9.16
CA PRO C 238 -10.89 47.44 -9.62
C PRO C 238 -11.20 46.07 -9.01
N LYS C 239 -11.45 45.09 -9.87
CA LYS C 239 -11.91 43.78 -9.44
C LYS C 239 -10.91 42.70 -9.85
N VAL C 240 -11.10 41.51 -9.27
CA VAL C 240 -10.26 40.35 -9.53
C VAL C 240 -11.16 39.20 -9.95
N ASP C 241 -10.76 38.50 -11.01
CA ASP C 241 -11.49 37.33 -11.51
C ASP C 241 -10.54 36.15 -11.54
N LEU C 242 -10.82 35.14 -10.71
CA LEU C 242 -9.94 33.98 -10.61
C LEU C 242 -10.50 32.73 -11.27
N HIS C 243 -11.75 32.75 -11.73
CA HIS C 243 -12.36 31.60 -12.41
C HIS C 243 -12.95 32.10 -13.72
N CYS C 244 -12.13 32.15 -14.76
CA CYS C 244 -12.56 32.56 -16.09
C CYS C 244 -12.00 31.59 -17.12
N HIS C 245 -12.87 31.08 -17.98
CA HIS C 245 -12.48 30.10 -19.00
C HIS C 245 -12.19 30.84 -20.30
N LEU C 246 -11.00 30.57 -20.88
CA LEU C 246 -10.62 31.24 -22.12
C LEU C 246 -11.55 30.89 -23.26
N GLY C 247 -11.89 29.60 -23.39
CA GLY C 247 -12.69 29.17 -24.52
C GLY C 247 -14.12 29.67 -24.53
N GLY C 248 -14.69 29.97 -23.37
CA GLY C 248 -16.09 30.34 -23.32
C GLY C 248 -16.34 31.84 -23.26
N PHE C 249 -15.34 32.65 -23.59
CA PHE C 249 -15.51 34.10 -23.52
C PHE C 249 -16.42 34.62 -24.62
N ALA C 250 -16.21 34.15 -25.86
CA ALA C 250 -16.98 34.60 -27.00
C ALA C 250 -17.67 33.38 -27.62
N THR C 251 -18.94 33.18 -27.27
CA THR C 251 -19.69 32.03 -27.76
C THR C 251 -20.83 32.41 -28.70
N SER C 252 -21.23 33.68 -28.76
CA SER C 252 -22.31 34.09 -29.64
C SER C 252 -22.24 35.61 -29.82
N GLY C 253 -22.85 36.08 -30.90
CA GLY C 253 -23.01 37.49 -31.13
C GLY C 253 -21.88 38.10 -31.95
N SER C 254 -21.75 39.43 -31.80
CA SER C 254 -20.77 40.17 -32.58
C SER C 254 -19.35 39.75 -32.24
N LEU C 255 -19.09 39.45 -30.97
CA LEU C 255 -17.76 38.98 -30.58
C LEU C 255 -17.43 37.67 -31.28
N LEU C 256 -18.39 36.74 -31.32
CA LEU C 256 -18.16 35.48 -32.03
C LEU C 256 -17.93 35.73 -33.52
N ASP C 257 -18.72 36.63 -34.11
CA ASP C 257 -18.57 36.90 -35.54
C ASP C 257 -17.19 37.47 -35.85
N GLN C 258 -16.75 38.45 -35.06
CA GLN C 258 -15.47 39.10 -35.31
C GLN C 258 -14.28 38.24 -34.93
N VAL C 259 -14.47 37.25 -34.04
CA VAL C 259 -13.38 36.30 -33.80
C VAL C 259 -13.36 35.24 -34.89
N ARG C 260 -14.51 34.95 -35.49
CA ARG C 260 -14.54 34.02 -36.63
C ARG C 260 -13.90 34.65 -37.86
N GLY C 261 -14.11 35.96 -38.06
CA GLY C 261 -13.59 36.62 -39.23
C GLY C 261 -12.09 36.83 -39.23
N ALA C 262 -11.43 36.62 -38.09
CA ALA C 262 -9.99 36.79 -37.98
C ALA C 262 -9.23 35.49 -38.14
N ALA C 263 -9.92 34.40 -38.47
CA ALA C 263 -9.25 33.11 -38.63
C ALA C 263 -8.29 33.15 -39.82
N SER C 264 -7.11 32.55 -39.63
CA SER C 264 -6.11 32.54 -40.69
C SER C 264 -6.56 31.69 -41.88
N GLU C 265 -7.39 30.67 -41.63
CA GLU C 265 -7.89 29.78 -42.68
C GLU C 265 -9.40 29.74 -42.59
N PRO C 266 -10.08 30.71 -43.20
CA PRO C 266 -11.54 30.78 -43.09
C PRO C 266 -12.31 29.79 -43.97
N ASP C 267 -11.64 28.77 -44.51
CA ASP C 267 -12.33 27.79 -45.35
C ASP C 267 -12.89 26.62 -44.54
N LEU C 268 -12.10 26.07 -43.63
CA LEU C 268 -12.51 24.92 -42.84
C LEU C 268 -13.28 25.30 -41.57
N ILE C 269 -13.47 26.59 -41.31
CA ILE C 269 -14.18 27.00 -40.11
C ILE C 269 -15.65 26.61 -40.24
N ASP C 270 -16.18 25.95 -39.21
CA ASP C 270 -17.57 25.46 -39.22
C ASP C 270 -18.50 26.58 -38.76
N ARG C 271 -18.66 27.58 -39.63
CA ARG C 271 -19.55 28.70 -39.33
C ARG C 271 -21.02 28.30 -39.38
N THR C 272 -21.35 27.19 -40.02
CA THR C 272 -22.74 26.80 -40.18
C THR C 272 -23.40 26.51 -38.84
N PHE C 273 -22.71 25.81 -37.95
CA PHE C 273 -23.28 25.46 -36.66
C PHE C 273 -23.45 26.70 -35.79
N SER C 274 -24.53 26.72 -35.02
CA SER C 274 -24.85 27.84 -34.14
C SER C 274 -25.22 27.30 -32.76
N PRO C 275 -25.00 28.09 -31.71
CA PRO C 275 -25.37 27.65 -30.36
C PRO C 275 -26.87 27.61 -30.19
N GLN C 276 -27.31 26.76 -29.24
CA GLN C 276 -28.71 26.76 -28.85
C GLN C 276 -29.01 28.00 -28.00
N GLU C 277 -30.26 28.43 -28.02
CA GLU C 277 -30.69 29.64 -27.33
C GLU C 277 -31.72 29.30 -26.25
N ILE C 278 -31.59 29.93 -25.10
CA ILE C 278 -32.50 29.76 -23.97
C ILE C 278 -33.14 31.10 -23.67
N ALA C 279 -34.47 31.11 -23.58
CA ALA C 279 -35.20 32.34 -23.34
C ALA C 279 -34.91 32.88 -21.94
N GLY C 280 -34.90 34.21 -21.82
CA GLY C 280 -34.68 34.86 -20.55
C GLY C 280 -33.23 35.05 -20.16
N TRP C 281 -32.29 34.72 -21.04
CA TRP C 281 -30.88 34.84 -20.70
C TRP C 281 -30.54 36.31 -20.45
N PRO C 282 -29.64 36.60 -19.49
CA PRO C 282 -28.91 35.66 -18.63
C PRO C 282 -29.68 35.31 -17.35
N ARG C 283 -30.86 35.89 -17.15
CA ARG C 283 -31.66 35.61 -15.96
C ARG C 283 -32.69 34.50 -16.25
N SER C 284 -32.16 33.33 -16.60
CA SER C 284 -33.01 32.20 -16.95
C SER C 284 -33.86 31.77 -15.76
N HIS C 285 -35.12 31.43 -16.03
CA HIS C 285 -36.04 30.98 -15.00
C HIS C 285 -36.02 29.46 -14.82
N LYS C 286 -35.32 28.73 -15.67
CA LYS C 286 -35.25 27.27 -15.59
C LYS C 286 -33.80 26.84 -15.47
N SER C 287 -33.53 25.93 -14.54
CA SER C 287 -32.20 25.38 -14.39
C SER C 287 -31.84 24.50 -15.59
N ILE C 288 -30.62 24.65 -16.07
CA ILE C 288 -30.13 23.86 -17.18
C ILE C 288 -29.03 22.92 -16.67
N SER C 289 -28.82 21.84 -17.41
CA SER C 289 -27.79 20.88 -17.02
C SER C 289 -26.41 21.39 -17.45
N LEU C 290 -25.38 20.82 -16.80
CA LEU C 290 -24.01 21.12 -17.18
C LEU C 290 -23.74 20.69 -18.63
N ASP C 291 -24.34 19.56 -19.04
CA ASP C 291 -24.25 19.14 -20.43
C ASP C 291 -24.88 20.18 -21.35
N LYS C 292 -25.98 20.80 -20.92
CA LYS C 292 -26.56 21.89 -21.70
C LYS C 292 -25.63 23.10 -21.73
N TYR C 293 -24.89 23.33 -20.65
CA TYR C 293 -23.91 24.42 -20.64
C TYR C 293 -22.83 24.17 -21.70
N MET C 294 -22.33 22.94 -21.77
CA MET C 294 -21.34 22.63 -22.81
C MET C 294 -21.96 22.66 -24.21
N GLU C 295 -23.22 22.24 -24.35
CA GLU C 295 -23.89 22.34 -25.65
C GLU C 295 -24.05 23.79 -26.07
N LEU C 296 -24.22 24.70 -25.12
CA LEU C 296 -24.25 26.13 -25.44
C LEU C 296 -22.86 26.63 -25.80
N GLY C 297 -21.83 26.15 -25.09
CA GLY C 297 -20.48 26.63 -25.30
C GLY C 297 -19.70 26.00 -26.44
N ASN C 298 -20.25 24.95 -27.07
CA ASN C 298 -19.52 24.23 -28.11
C ASN C 298 -19.28 25.05 -29.37
N ALA C 299 -19.94 26.21 -29.52
CA ALA C 299 -19.71 27.03 -30.70
C ALA C 299 -18.26 27.48 -30.79
N ASN C 300 -17.70 27.91 -29.65
CA ASN C 300 -16.30 28.28 -29.56
C ASN C 300 -15.48 27.09 -29.08
N GLY C 301 -14.21 27.35 -28.80
CA GLY C 301 -13.37 26.36 -28.16
C GLY C 301 -12.57 25.45 -29.08
N SER C 302 -12.65 24.15 -28.81
CA SER C 302 -11.72 23.20 -29.44
C SER C 302 -11.89 23.17 -30.96
N LYS C 303 -13.12 23.12 -31.45
CA LYS C 303 -13.35 22.98 -32.88
C LYS C 303 -13.23 24.29 -33.64
N LEU C 304 -13.08 25.42 -32.95
CA LEU C 304 -13.00 26.72 -33.60
C LEU C 304 -11.71 27.46 -33.35
N LEU C 305 -10.98 27.16 -32.27
CA LEU C 305 -9.73 27.83 -31.96
C LEU C 305 -8.51 27.05 -32.43
N LYS C 306 -8.69 26.10 -33.35
CA LYS C 306 -7.54 25.35 -33.85
C LYS C 306 -6.57 26.26 -34.60
N ASP C 307 -7.07 27.16 -35.42
CA ASP C 307 -6.20 28.03 -36.20
C ASP C 307 -5.63 29.13 -35.32
N LYS C 308 -4.41 29.56 -35.67
CA LYS C 308 -3.68 30.51 -34.84
C LYS C 308 -4.41 31.85 -34.76
N GLY C 309 -4.85 32.38 -35.89
CA GLY C 309 -5.41 33.73 -35.91
C GLY C 309 -6.66 33.86 -35.06
N CYS C 310 -7.54 32.87 -35.12
CA CYS C 310 -8.76 32.92 -34.32
C CYS C 310 -8.44 32.88 -32.83
N LEU C 311 -7.47 32.04 -32.43
CA LEU C 311 -7.08 31.99 -31.03
C LEU C 311 -6.50 33.31 -30.57
N ILE C 312 -5.64 33.92 -31.38
CA ILE C 312 -5.06 35.21 -31.01
C ILE C 312 -6.15 36.27 -30.89
N ARG C 313 -7.10 36.29 -31.82
CA ARG C 313 -8.19 37.26 -31.75
C ARG C 313 -9.04 37.03 -30.50
N GLN C 314 -9.32 35.76 -30.17
CA GLN C 314 -10.11 35.46 -28.99
C GLN C 314 -9.42 35.93 -27.72
N VAL C 315 -8.11 35.69 -27.62
CA VAL C 315 -7.37 36.13 -26.44
C VAL C 315 -7.36 37.65 -26.35
N GLU C 316 -7.14 38.33 -27.49
CA GLU C 316 -7.13 39.78 -27.49
C GLU C 316 -8.48 40.34 -27.07
N LEU C 317 -9.57 39.76 -27.58
CA LEU C 317 -10.90 40.24 -27.23
C LEU C 317 -11.20 39.99 -25.76
N LEU C 318 -10.78 38.84 -25.22
CA LEU C 318 -10.98 38.57 -23.81
C LEU C 318 -10.23 39.58 -22.95
N TYR C 319 -8.98 39.89 -23.31
CA TYR C 319 -8.23 40.89 -22.56
C TYR C 319 -8.88 42.26 -22.66
N GLN C 320 -9.38 42.61 -23.84
CA GLN C 320 -10.04 43.91 -24.00
C GLN C 320 -11.30 43.98 -23.14
N SER C 321 -12.08 42.90 -23.09
CA SER C 321 -13.25 42.88 -22.22
C SER C 321 -12.85 43.00 -20.75
N LEU C 322 -11.78 42.31 -20.36
CA LEU C 322 -11.32 42.36 -18.98
C LEU C 322 -10.92 43.79 -18.58
N VAL C 323 -10.15 44.46 -19.45
CA VAL C 323 -9.74 45.81 -19.11
C VAL C 323 -10.91 46.78 -19.19
N ASN C 324 -11.90 46.49 -20.04
CA ASN C 324 -13.10 47.32 -20.08
C ASN C 324 -13.88 47.20 -18.77
N ASP C 325 -13.94 46.00 -18.20
CA ASP C 325 -14.65 45.78 -16.95
C ASP C 325 -13.86 46.22 -15.73
N ASN C 326 -12.77 46.95 -15.92
CA ASN C 326 -11.94 47.46 -14.81
C ASN C 326 -11.46 46.32 -13.91
N VAL C 327 -11.04 45.23 -14.52
CA VAL C 327 -10.46 44.11 -13.79
C VAL C 327 -8.95 44.27 -13.81
N ALA C 328 -8.34 44.35 -12.63
CA ALA C 328 -6.90 44.58 -12.54
C ALA C 328 -6.09 43.30 -12.35
N TYR C 329 -6.74 42.15 -12.18
CA TYR C 329 -6.03 40.88 -12.12
C TYR C 329 -6.98 39.77 -12.51
N ALA C 330 -6.52 38.86 -13.36
CA ALA C 330 -7.33 37.75 -13.82
C ALA C 330 -6.45 36.51 -13.93
N GLU C 331 -7.07 35.34 -13.72
CA GLU C 331 -6.40 34.05 -13.86
C GLU C 331 -7.23 33.21 -14.83
N ILE C 332 -6.84 33.23 -16.09
CA ILE C 332 -7.62 32.60 -17.15
C ILE C 332 -7.30 31.12 -17.21
N ARG C 333 -8.33 30.28 -17.22
CA ARG C 333 -8.18 28.85 -17.39
C ARG C 333 -8.18 28.51 -18.87
N CYS C 334 -7.19 27.74 -19.30
CA CYS C 334 -7.08 27.33 -20.69
C CYS C 334 -6.77 25.85 -20.76
N SER C 335 -7.13 25.24 -21.90
CA SER C 335 -6.84 23.83 -22.17
C SER C 335 -6.11 23.77 -23.50
N PRO C 336 -4.78 23.92 -23.48
CA PRO C 336 -4.03 23.96 -24.76
C PRO C 336 -4.20 22.70 -25.59
N ASN C 337 -4.37 21.53 -24.96
CA ASN C 337 -4.57 20.31 -25.73
C ASN C 337 -5.88 20.33 -26.51
N ASN C 338 -6.85 21.15 -26.09
CA ASN C 338 -8.11 21.26 -26.82
C ASN C 338 -7.93 21.95 -28.17
N TYR C 339 -6.95 22.84 -28.27
CA TYR C 339 -6.69 23.59 -29.50
C TYR C 339 -5.33 23.23 -30.09
N ALA C 340 -4.99 21.94 -30.09
CA ALA C 340 -3.71 21.46 -30.60
C ALA C 340 -3.96 20.40 -31.65
N ASP C 341 -3.26 20.52 -32.78
CA ASP C 341 -3.33 19.52 -33.85
C ASP C 341 -1.94 19.35 -34.45
N LYS C 342 -1.57 18.10 -34.71
CA LYS C 342 -0.26 17.81 -35.29
C LYS C 342 -0.20 18.09 -36.79
N ASN C 343 -1.32 18.45 -37.41
CA ASN C 343 -1.34 18.66 -38.86
C ASN C 343 -0.44 19.83 -39.25
N LYS C 344 -0.46 20.91 -38.50
CA LYS C 344 0.33 22.10 -38.78
C LYS C 344 1.33 22.37 -37.67
N ASN C 345 1.90 21.31 -37.09
CA ASN C 345 2.91 21.41 -36.05
C ASN C 345 2.41 22.20 -34.85
N ARG C 346 1.12 22.12 -34.56
CA ARG C 346 0.50 22.89 -33.49
C ARG C 346 0.28 21.98 -32.29
N SER C 347 1.33 21.83 -31.48
CA SER C 347 1.23 21.04 -30.26
C SER C 347 0.61 21.87 -29.14
N ALA C 348 0.41 21.25 -27.98
CA ALA C 348 -0.14 21.96 -26.83
C ALA C 348 0.81 23.06 -26.36
N TRP C 349 2.11 22.78 -26.36
CA TRP C 349 3.08 23.76 -25.90
C TRP C 349 3.04 25.02 -26.76
N VAL C 350 2.92 24.87 -28.08
CA VAL C 350 3.00 26.04 -28.94
C VAL C 350 1.74 26.89 -28.83
N VAL C 351 0.57 26.27 -28.65
CA VAL C 351 -0.64 27.06 -28.49
C VAL C 351 -0.65 27.76 -27.12
N LEU C 352 -0.18 27.06 -26.08
CA LEU C 352 -0.04 27.73 -24.78
C LEU C 352 0.94 28.89 -24.87
N GLN C 353 2.04 28.71 -25.59
CA GLN C 353 3.01 29.79 -25.77
C GLN C 353 2.42 30.94 -26.56
N ASP C 354 1.57 30.64 -27.55
CA ASP C 354 0.90 31.70 -28.29
C ASP C 354 -0.01 32.51 -27.37
N ILE C 355 -0.78 31.83 -26.52
CA ILE C 355 -1.65 32.52 -25.58
C ILE C 355 -0.82 33.41 -24.65
N ASN C 356 0.25 32.84 -24.10
CA ASN C 356 1.10 33.60 -23.18
C ASN C 356 1.74 34.80 -23.87
N ASP C 357 2.22 34.61 -25.10
CA ASP C 357 2.87 35.69 -25.83
C ASP C 357 1.87 36.81 -26.14
N THR C 358 0.66 36.46 -26.57
CA THR C 358 -0.33 37.49 -26.84
C THR C 358 -0.69 38.25 -25.57
N PHE C 359 -0.89 37.53 -24.47
CA PHE C 359 -1.22 38.20 -23.21
C PHE C 359 -0.10 39.12 -22.75
N THR C 360 1.15 38.66 -22.80
CA THR C 360 2.25 39.49 -22.35
C THR C 360 2.48 40.67 -23.28
N ARG C 361 2.29 40.49 -24.59
CA ARG C 361 2.40 41.61 -25.51
C ARG C 361 1.34 42.66 -25.22
N LEU C 362 0.10 42.24 -25.00
CA LEU C 362 -0.95 43.18 -24.67
C LEU C 362 -0.66 43.92 -23.38
N ILE C 363 -0.21 43.20 -22.34
CA ILE C 363 0.05 43.82 -21.06
C ILE C 363 1.20 44.82 -21.16
N THR C 364 2.29 44.43 -21.84
CA THR C 364 3.42 45.32 -21.98
C THR C 364 3.07 46.55 -22.81
N GLU C 365 2.29 46.37 -23.88
CA GLU C 365 1.88 47.51 -24.69
C GLU C 365 1.01 48.47 -23.89
N ALA C 366 0.07 47.93 -23.10
CA ALA C 366 -0.77 48.79 -22.28
C ALA C 366 0.03 49.49 -21.19
N LYS C 367 1.03 48.81 -20.63
CA LYS C 367 1.80 49.41 -19.55
C LYS C 367 2.72 50.51 -20.07
N GLN C 368 3.36 50.29 -21.22
CA GLN C 368 4.26 51.30 -21.76
C GLN C 368 3.52 52.55 -22.19
N LYS C 369 2.22 52.46 -22.46
CA LYS C 369 1.39 53.62 -22.76
C LYS C 369 0.78 54.23 -21.50
N ASN C 370 1.15 53.72 -20.32
CA ASN C 370 0.68 54.24 -19.04
C ASN C 370 -0.85 54.21 -18.94
N GLN C 371 -1.46 53.16 -19.47
CA GLN C 371 -2.89 52.96 -19.41
C GLN C 371 -3.22 51.95 -18.31
N PHE C 372 -4.49 51.57 -18.23
CA PHE C 372 -4.95 50.58 -17.27
C PHE C 372 -4.86 49.20 -17.90
N TYR C 373 -4.08 48.31 -17.30
CA TYR C 373 -3.83 46.99 -17.84
C TYR C 373 -4.24 45.92 -16.84
N CYS C 374 -4.82 44.84 -17.34
CA CYS C 374 -5.26 43.72 -16.52
C CYS C 374 -4.14 42.68 -16.48
N HIS C 375 -3.51 42.55 -15.32
CA HIS C 375 -2.49 41.51 -15.15
C HIS C 375 -3.15 40.13 -15.26
N VAL C 376 -2.60 39.27 -16.10
CA VAL C 376 -3.23 38.00 -16.44
C VAL C 376 -2.23 36.87 -16.19
N ASN C 377 -2.71 35.81 -15.54
CA ASN C 377 -1.95 34.58 -15.37
C ASN C 377 -2.79 33.42 -15.85
N LEU C 378 -2.12 32.34 -16.25
CA LEU C 378 -2.81 31.20 -16.84
C LEU C 378 -3.01 30.09 -15.81
N LEU C 379 -4.00 29.24 -16.09
CA LEU C 379 -4.29 28.05 -15.29
C LEU C 379 -4.55 26.91 -16.27
N VAL C 380 -3.57 26.02 -16.42
CA VAL C 380 -3.75 24.87 -17.29
C VAL C 380 -4.82 23.96 -16.68
N ILE C 381 -5.76 23.52 -17.51
CA ILE C 381 -6.86 22.67 -17.05
C ILE C 381 -6.46 21.21 -17.28
N ALA C 382 -6.37 20.45 -16.19
CA ALA C 382 -6.04 19.03 -16.27
C ALA C 382 -7.33 18.22 -16.27
N SER C 383 -7.97 18.18 -17.44
CA SER C 383 -9.21 17.45 -17.59
C SER C 383 -8.98 15.95 -17.43
N ARG C 384 -10.00 15.26 -16.93
CA ARG C 384 -9.93 13.83 -16.65
C ARG C 384 -10.82 13.07 -17.61
N LYS C 385 -10.25 12.09 -18.30
CA LYS C 385 -10.97 11.21 -19.21
C LYS C 385 -11.68 12.01 -20.31
N PHE C 386 -10.86 12.70 -21.11
CA PHE C 386 -11.36 13.51 -22.21
C PHE C 386 -10.97 12.96 -23.58
N SER C 387 -9.67 12.72 -23.79
CA SER C 387 -9.17 12.25 -25.07
C SER C 387 -8.88 10.75 -25.06
N GLY C 388 -9.68 9.98 -24.33
CA GLY C 388 -9.50 8.54 -24.30
C GLY C 388 -8.58 8.07 -23.19
N ASP C 389 -7.32 7.81 -23.54
CA ASP C 389 -6.36 7.33 -22.56
C ASP C 389 -6.12 8.36 -21.47
N LEU C 390 -5.83 7.88 -20.27
CA LEU C 390 -5.63 8.74 -19.12
C LEU C 390 -4.28 9.45 -19.11
N SER C 391 -3.43 9.19 -20.10
CA SER C 391 -2.16 9.90 -20.20
C SER C 391 -2.34 11.38 -20.52
N ASP C 392 -3.56 11.79 -20.90
CA ASP C 392 -3.80 13.21 -21.18
C ASP C 392 -3.61 14.05 -19.93
N ILE C 393 -4.05 13.56 -18.78
CA ILE C 393 -3.88 14.33 -17.54
C ILE C 393 -2.40 14.43 -17.18
N SER C 394 -1.63 13.36 -17.41
CA SER C 394 -0.20 13.43 -17.15
C SER C 394 0.49 14.42 -18.08
N LYS C 395 0.09 14.43 -19.35
CA LYS C 395 0.66 15.39 -20.29
C LYS C 395 0.29 16.81 -19.91
N HIS C 396 -0.94 17.02 -19.45
CA HIS C 396 -1.35 18.34 -19.00
C HIS C 396 -0.54 18.80 -17.79
N LEU C 397 -0.33 17.90 -16.84
CA LEU C 397 0.47 18.24 -15.66
C LEU C 397 1.90 18.58 -16.06
N ALA C 398 2.49 17.80 -16.97
CA ALA C 398 3.85 18.08 -17.41
C ALA C 398 3.92 19.41 -18.14
N LEU C 399 2.92 19.71 -18.98
CA LEU C 399 2.90 20.98 -19.68
C LEU C 399 2.80 22.14 -18.70
N ALA C 400 1.95 22.02 -17.69
CA ALA C 400 1.84 23.06 -16.68
C ALA C 400 3.16 23.23 -15.93
N ILE C 401 3.83 22.12 -15.62
CA ILE C 401 5.09 22.19 -14.88
C ILE C 401 6.15 22.90 -15.70
N THR C 402 6.26 22.57 -16.98
CA THR C 402 7.29 23.16 -17.83
C THR C 402 6.93 24.54 -18.33
N ALA C 403 5.67 24.96 -18.22
CA ALA C 403 5.29 26.30 -18.64
C ALA C 403 5.94 27.37 -17.77
N MET C 404 6.02 27.12 -16.46
CA MET C 404 6.60 28.12 -15.56
C MET C 404 8.07 28.38 -15.83
N GLN C 405 8.77 27.46 -16.50
CA GLN C 405 10.21 27.58 -16.65
C GLN C 405 10.62 28.79 -17.47
N GLN C 406 9.68 29.41 -18.18
CA GLN C 406 10.02 30.60 -18.96
C GLN C 406 10.55 31.71 -18.06
N GLY C 407 9.90 31.94 -16.92
CA GLY C 407 10.41 32.87 -15.93
C GLY C 407 10.23 34.33 -16.32
N GLU C 408 10.95 34.76 -17.35
CA GLU C 408 10.88 36.15 -17.80
C GLU C 408 9.59 36.36 -18.58
N GLY C 409 8.71 37.18 -18.03
CA GLY C 409 7.44 37.49 -18.65
C GLY C 409 6.46 38.08 -17.65
N VAL C 410 5.73 39.11 -18.07
CA VAL C 410 4.77 39.73 -17.17
C VAL C 410 3.55 38.84 -16.96
N CYS C 411 3.36 37.84 -17.82
CA CYS C 411 2.27 36.88 -17.67
C CYS C 411 2.87 35.48 -17.59
N ARG C 412 2.51 34.74 -16.54
CA ARG C 412 3.11 33.44 -16.28
C ARG C 412 2.04 32.46 -15.85
N ILE C 413 2.35 31.18 -16.01
CA ILE C 413 1.47 30.11 -15.53
C ILE C 413 1.69 29.97 -14.03
N VAL C 414 0.60 30.05 -13.26
CA VAL C 414 0.70 30.12 -11.81
C VAL C 414 0.22 28.82 -11.18
N GLY C 415 -0.69 28.13 -11.85
CA GLY C 415 -1.23 26.92 -11.25
C GLY C 415 -1.90 26.03 -12.28
N VAL C 416 -2.35 24.88 -11.80
CA VAL C 416 -3.08 23.91 -12.62
C VAL C 416 -4.48 23.77 -12.06
N ASP C 417 -5.41 23.36 -12.91
CA ASP C 417 -6.81 23.22 -12.53
C ASP C 417 -7.29 21.82 -12.84
N LEU C 418 -8.06 21.25 -11.93
CA LEU C 418 -8.61 19.90 -12.05
C LEU C 418 -10.12 20.00 -12.14
N ALA C 419 -10.70 19.42 -13.19
CA ALA C 419 -12.14 19.47 -13.42
C ALA C 419 -12.66 18.09 -13.71
N GLY C 420 -13.69 17.68 -12.96
CA GLY C 420 -14.39 16.44 -13.21
C GLY C 420 -15.72 16.68 -13.89
N PHE C 421 -16.26 15.63 -14.49
CA PHE C 421 -17.52 15.78 -15.23
C PHE C 421 -18.72 15.74 -14.29
N GLU C 422 -18.97 14.60 -13.65
CA GLU C 422 -20.04 14.51 -12.67
C GLU C 422 -19.56 14.08 -11.29
N ASN C 423 -18.93 12.91 -11.19
CA ASN C 423 -18.58 12.34 -9.89
C ASN C 423 -17.82 11.01 -10.04
N LYS C 424 -17.46 10.41 -8.90
CA LYS C 424 -16.94 9.05 -8.86
C LYS C 424 -15.69 8.87 -9.70
N GLU C 425 -15.85 8.41 -10.94
CA GLU C 425 -14.70 8.26 -11.83
C GLU C 425 -13.99 9.59 -12.05
N THR C 426 -14.75 10.68 -12.11
CA THR C 426 -14.19 12.02 -12.28
C THR C 426 -13.99 12.74 -10.95
N ARG C 427 -13.69 12.02 -9.88
CA ARG C 427 -13.49 12.62 -8.57
C ARG C 427 -12.04 13.08 -8.43
N ALA C 428 -11.63 13.42 -7.22
CA ALA C 428 -10.33 14.02 -6.95
C ALA C 428 -9.57 13.25 -5.87
N SER C 429 -9.65 11.92 -5.90
CA SER C 429 -8.93 11.10 -4.93
C SER C 429 -8.31 9.89 -5.61
N TYR C 430 -7.72 10.09 -6.76
CA TYR C 430 -7.09 8.98 -7.48
C TYR C 430 -5.63 9.24 -7.82
N TYR C 431 -5.28 10.47 -8.21
CA TYR C 431 -3.99 10.77 -8.81
C TYR C 431 -3.02 11.38 -7.81
N GLU C 432 -3.22 11.13 -6.51
CA GLU C 432 -2.28 11.64 -5.51
C GLU C 432 -0.86 11.18 -5.78
N HIS C 433 -0.73 10.04 -6.48
CA HIS C 433 0.58 9.56 -6.89
C HIS C 433 1.24 10.55 -7.84
N ASP C 434 0.44 11.16 -8.72
CA ASP C 434 0.99 12.06 -9.73
C ASP C 434 1.32 13.43 -9.15
N PHE C 435 0.45 13.97 -8.29
CA PHE C 435 0.51 15.37 -7.90
C PHE C 435 1.68 15.70 -7.00
N LYS C 436 2.45 14.70 -6.55
CA LYS C 436 3.67 14.99 -5.82
C LYS C 436 4.60 15.88 -6.63
N ALA C 437 4.73 15.60 -7.94
CA ALA C 437 5.58 16.41 -8.79
C ALA C 437 5.05 17.84 -8.92
N VAL C 438 3.75 17.98 -9.14
CA VAL C 438 3.18 19.32 -9.33
C VAL C 438 3.29 20.12 -8.04
N HIS C 439 3.26 19.46 -6.88
CA HIS C 439 3.42 20.18 -5.63
C HIS C 439 4.87 20.56 -5.38
N ARG C 440 5.80 19.66 -5.67
CA ARG C 440 7.22 19.99 -5.51
C ARG C 440 7.66 21.08 -6.49
N CYS C 441 6.99 21.18 -7.63
CA CYS C 441 7.38 22.17 -8.63
C CYS C 441 6.84 23.56 -8.34
N GLY C 442 5.99 23.72 -7.33
CA GLY C 442 5.50 25.02 -6.93
C GLY C 442 4.17 25.42 -7.54
N LEU C 443 3.62 24.62 -8.44
CA LEU C 443 2.32 24.94 -9.02
C LEU C 443 1.23 24.85 -7.96
N ALA C 444 0.26 25.75 -8.05
CA ALA C 444 -0.92 25.70 -7.19
C ALA C 444 -2.03 24.91 -7.86
N VAL C 445 -2.87 24.29 -7.05
CA VAL C 445 -3.92 23.41 -7.54
C VAL C 445 -5.26 23.98 -7.09
N THR C 446 -6.15 24.21 -8.07
CA THR C 446 -7.53 24.58 -7.80
C THR C 446 -8.44 23.49 -8.35
N ALA C 447 -9.40 23.06 -7.54
CA ALA C 447 -10.27 21.94 -7.88
C ALA C 447 -11.65 22.44 -8.26
N HIS C 448 -12.18 21.92 -9.37
CA HIS C 448 -13.52 22.25 -9.83
C HIS C 448 -14.56 21.45 -9.04
N ALA C 449 -14.52 21.63 -7.72
CA ALA C 449 -15.31 20.82 -6.78
C ALA C 449 -16.76 21.29 -6.75
N GLY C 450 -17.40 21.22 -7.92
CA GLY C 450 -18.82 21.46 -8.02
C GLY C 450 -19.56 20.19 -8.39
N GLU C 451 -20.37 20.26 -9.45
CA GLU C 451 -21.05 19.11 -10.06
C GLU C 451 -21.57 18.13 -9.01
N ASN C 452 -22.14 18.67 -7.94
CA ASN C 452 -22.70 17.90 -6.83
C ASN C 452 -21.69 16.90 -6.29
N ASP C 453 -20.58 17.43 -5.79
CA ASP C 453 -19.54 16.59 -5.20
C ASP C 453 -19.86 16.29 -3.74
N ASP C 454 -19.66 15.04 -3.34
CA ASP C 454 -19.89 14.65 -1.97
C ASP C 454 -18.87 15.32 -1.05
N PRO C 455 -19.22 15.54 0.22
CA PRO C 455 -18.25 16.14 1.15
C PRO C 455 -16.96 15.34 1.26
N GLU C 456 -17.02 14.03 1.09
CA GLU C 456 -15.80 13.23 1.09
C GLU C 456 -14.87 13.64 -0.05
N GLY C 457 -15.45 13.89 -1.23
CA GLY C 457 -14.63 14.29 -2.36
C GLY C 457 -13.96 15.64 -2.15
N ILE C 458 -14.68 16.61 -1.60
CA ILE C 458 -14.10 17.91 -1.31
C ILE C 458 -13.03 17.77 -0.23
N TRP C 459 -13.26 16.90 0.75
CA TRP C 459 -12.25 16.66 1.78
C TRP C 459 -10.97 16.09 1.18
N GLN C 460 -11.11 15.13 0.26
CA GLN C 460 -9.94 14.58 -0.40
C GLN C 460 -9.23 15.64 -1.25
N ALA C 461 -10.00 16.48 -1.92
CA ALA C 461 -9.39 17.56 -2.71
C ALA C 461 -8.60 18.50 -1.81
N VAL C 462 -9.14 18.81 -0.63
CA VAL C 462 -8.47 19.72 0.29
C VAL C 462 -7.20 19.08 0.86
N TYR C 463 -7.28 17.81 1.24
CA TYR C 463 -6.18 17.16 1.94
C TYR C 463 -5.28 16.32 1.04
N SER C 464 -5.86 15.42 0.25
CA SER C 464 -5.04 14.52 -0.56
C SER C 464 -4.38 15.28 -1.71
N LEU C 465 -5.10 16.18 -2.36
CA LEU C 465 -4.57 16.97 -3.46
C LEU C 465 -3.98 18.30 -3.02
N HIS C 466 -4.15 18.68 -1.75
CA HIS C 466 -3.66 19.96 -1.23
C HIS C 466 -4.14 21.13 -2.08
N ALA C 467 -5.41 21.07 -2.49
CA ALA C 467 -5.98 22.16 -3.28
C ALA C 467 -6.03 23.44 -2.46
N ARG C 468 -5.73 24.56 -3.13
CA ARG C 468 -5.74 25.86 -2.47
C ARG C 468 -7.00 26.65 -2.75
N ARG C 469 -7.75 26.30 -3.79
CA ARG C 469 -9.03 26.94 -4.09
C ARG C 469 -10.02 25.86 -4.51
N LEU C 470 -11.30 26.11 -4.26
CA LEU C 470 -12.36 25.16 -4.57
C LEU C 470 -13.35 25.83 -5.52
N GLY C 471 -13.56 25.22 -6.68
CA GLY C 471 -14.54 25.73 -7.62
C GLY C 471 -15.95 25.52 -7.08
N HIS C 472 -16.76 26.57 -7.12
CA HIS C 472 -18.16 26.52 -6.69
C HIS C 472 -18.27 26.07 -5.24
N ALA C 473 -18.55 24.78 -5.02
CA ALA C 473 -18.67 24.20 -3.69
C ALA C 473 -19.71 24.95 -2.85
N LEU C 474 -20.95 24.89 -3.30
CA LEU C 474 -22.05 25.63 -2.69
C LEU C 474 -22.73 24.88 -1.56
N ASN C 475 -22.30 23.65 -1.27
CA ASN C 475 -22.93 22.82 -0.23
C ASN C 475 -22.11 22.75 1.04
N LEU C 476 -21.24 23.75 1.28
CA LEU C 476 -20.38 23.70 2.45
C LEU C 476 -21.16 23.83 3.75
N LEU C 477 -22.31 24.52 3.72
CA LEU C 477 -23.09 24.69 4.94
C LEU C 477 -23.69 23.38 5.44
N GLU C 478 -23.77 22.36 4.59
CA GLU C 478 -24.30 21.07 5.00
C GLU C 478 -23.26 20.19 5.69
N ALA C 479 -21.99 20.58 5.65
CA ALA C 479 -20.90 19.80 6.25
C ALA C 479 -20.12 20.72 7.17
N PRO C 480 -20.55 20.86 8.43
CA PRO C 480 -19.84 21.77 9.35
C PRO C 480 -18.38 21.42 9.54
N ASP C 481 -18.04 20.13 9.54
CA ASP C 481 -16.64 19.74 9.71
C ASP C 481 -15.81 20.18 8.51
N LEU C 482 -16.28 19.88 7.30
CA LEU C 482 -15.56 20.28 6.10
C LEU C 482 -15.49 21.80 5.98
N MET C 483 -16.58 22.49 6.31
CA MET C 483 -16.59 23.94 6.25
C MET C 483 -15.62 24.54 7.24
N ARG C 484 -15.56 23.97 8.45
CA ARG C 484 -14.59 24.43 9.45
C ARG C 484 -13.17 24.20 8.96
N THR C 485 -12.91 23.05 8.34
CA THR C 485 -11.57 22.79 7.80
C THR C 485 -11.21 23.78 6.71
N VAL C 486 -12.17 24.09 5.83
CA VAL C 486 -11.92 25.05 4.76
C VAL C 486 -11.62 26.43 5.33
N ILE C 487 -12.37 26.84 6.35
CA ILE C 487 -12.13 28.13 6.98
C ILE C 487 -10.75 28.16 7.63
N GLU C 488 -10.41 27.11 8.39
CA GLU C 488 -9.17 27.11 9.15
C GLU C 488 -7.95 27.10 8.23
N ARG C 489 -7.98 26.30 7.17
CA ARG C 489 -6.84 26.18 6.29
C ARG C 489 -6.72 27.33 5.29
N LYS C 490 -7.60 28.32 5.38
CA LYS C 490 -7.57 29.49 4.51
C LYS C 490 -7.63 29.10 3.03
N ILE C 491 -8.47 28.11 2.72
CA ILE C 491 -8.67 27.67 1.35
C ILE C 491 -9.78 28.51 0.74
N GLY C 492 -9.46 29.22 -0.34
CA GLY C 492 -10.44 30.05 -0.99
C GLY C 492 -11.52 29.22 -1.67
N VAL C 493 -12.73 29.79 -1.73
CA VAL C 493 -13.86 29.15 -2.37
C VAL C 493 -14.30 30.07 -3.50
N GLU C 494 -13.82 29.80 -4.71
CA GLU C 494 -14.19 30.59 -5.88
C GLU C 494 -15.52 30.08 -6.40
N MET C 495 -16.55 30.93 -6.34
CA MET C 495 -17.83 30.58 -6.91
C MET C 495 -18.43 31.78 -7.62
N CYS C 496 -19.05 31.52 -8.76
CA CYS C 496 -19.58 32.56 -9.63
C CYS C 496 -21.09 32.64 -9.49
N PRO C 497 -21.64 33.78 -9.09
CA PRO C 497 -23.09 33.85 -8.86
C PRO C 497 -23.94 33.50 -10.06
N TYR C 498 -23.57 33.95 -11.26
CA TYR C 498 -24.43 33.77 -12.42
C TYR C 498 -24.49 32.32 -12.86
N ALA C 499 -23.34 31.67 -13.00
CA ALA C 499 -23.33 30.27 -13.43
C ALA C 499 -23.98 29.37 -12.40
N ASN C 500 -23.69 29.60 -11.11
CA ASN C 500 -24.33 28.80 -10.07
C ASN C 500 -25.83 29.02 -10.04
N TYR C 501 -26.28 30.26 -10.23
CA TYR C 501 -27.71 30.54 -10.24
C TYR C 501 -28.40 29.93 -11.46
N GLN C 502 -27.69 29.83 -12.58
CA GLN C 502 -28.31 29.29 -13.78
C GLN C 502 -28.35 27.76 -13.77
N ILE C 503 -27.20 27.12 -13.51
CA ILE C 503 -27.15 25.66 -13.56
C ILE C 503 -27.79 25.06 -12.31
N LYS C 504 -27.23 25.34 -11.14
CA LYS C 504 -27.73 24.74 -9.91
C LYS C 504 -29.13 25.24 -9.58
N GLY C 505 -29.39 26.52 -9.77
CA GLY C 505 -30.69 27.08 -9.48
C GLY C 505 -30.82 27.57 -8.06
N PHE C 506 -31.17 28.85 -7.89
CA PHE C 506 -31.26 29.45 -6.57
C PHE C 506 -32.37 30.50 -6.57
N ALA C 507 -32.66 31.00 -5.38
CA ALA C 507 -33.61 32.09 -5.23
C ALA C 507 -33.06 33.35 -5.89
N PRO C 508 -33.95 34.29 -6.28
CA PRO C 508 -35.40 34.31 -6.14
C PRO C 508 -36.17 33.79 -7.37
N MET C 509 -35.53 33.10 -8.29
CA MET C 509 -36.24 32.64 -9.48
C MET C 509 -37.23 31.54 -9.09
N PRO C 510 -38.36 31.44 -9.80
CA PRO C 510 -39.46 30.59 -9.31
C PRO C 510 -39.11 29.11 -9.31
N ASN C 511 -39.87 28.37 -8.50
CA ASN C 511 -39.83 26.92 -8.33
C ASN C 511 -38.62 26.43 -7.55
N PHE C 512 -37.79 27.33 -7.02
CA PHE C 512 -36.65 26.94 -6.20
C PHE C 512 -36.55 27.86 -5.00
N SER C 513 -36.30 27.26 -3.83
CA SER C 513 -36.26 28.00 -2.58
C SER C 513 -34.87 28.08 -1.97
N ALA C 514 -33.90 27.34 -2.48
CA ALA C 514 -32.55 27.40 -1.94
C ALA C 514 -31.95 28.77 -2.19
N LEU C 515 -31.25 29.29 -1.17
CA LEU C 515 -30.67 30.62 -1.22
C LEU C 515 -29.17 30.53 -1.45
N TYR C 516 -28.62 31.56 -2.08
CA TYR C 516 -27.18 31.61 -2.30
C TYR C 516 -26.45 31.71 -0.96
N PRO C 517 -25.48 30.85 -0.70
CA PRO C 517 -24.82 30.86 0.61
C PRO C 517 -23.66 31.84 0.70
N LEU C 518 -23.57 32.79 -0.24
CA LEU C 518 -22.46 33.72 -0.24
C LEU C 518 -22.44 34.57 1.02
N LYS C 519 -23.60 35.06 1.46
CA LYS C 519 -23.65 35.85 2.68
C LYS C 519 -23.20 35.03 3.88
N LYS C 520 -23.67 33.79 3.99
CA LYS C 520 -23.26 32.94 5.10
C LYS C 520 -21.78 32.60 5.03
N TYR C 521 -21.27 32.35 3.82
CA TYR C 521 -19.84 32.09 3.67
C TYR C 521 -19.01 33.29 4.12
N LEU C 522 -19.42 34.49 3.72
CA LEU C 522 -18.69 35.69 4.12
C LEU C 522 -18.77 35.89 5.63
N GLU C 523 -19.93 35.65 6.23
CA GLU C 523 -20.08 35.82 7.68
C GLU C 523 -19.20 34.83 8.43
N ALA C 524 -19.13 33.58 7.96
CA ALA C 524 -18.38 32.56 8.67
C ALA C 524 -16.88 32.63 8.43
N GLY C 525 -16.42 33.49 7.55
CA GLY C 525 -14.99 33.65 7.31
C GLY C 525 -14.44 32.93 6.11
N ILE C 526 -15.29 32.37 5.25
CA ILE C 526 -14.80 31.70 4.04
C ILE C 526 -14.11 32.72 3.15
N LEU C 527 -12.94 32.34 2.63
CA LEU C 527 -12.22 33.19 1.69
C LEU C 527 -12.92 33.16 0.34
N VAL C 528 -14.11 33.73 0.27
CA VAL C 528 -14.94 33.62 -0.92
C VAL C 528 -14.52 34.65 -1.94
N SER C 529 -14.70 34.32 -3.22
CA SER C 529 -14.45 35.23 -4.33
C SER C 529 -15.58 35.13 -5.32
N VAL C 530 -15.78 36.20 -6.09
CA VAL C 530 -16.83 36.27 -7.10
C VAL C 530 -16.17 36.23 -8.47
N ASN C 531 -16.66 35.34 -9.33
CA ASN C 531 -16.02 35.11 -10.62
C ASN C 531 -17.05 35.07 -11.74
N THR C 532 -16.64 34.65 -12.93
CA THR C 532 -17.52 34.63 -14.09
C THR C 532 -17.65 33.28 -14.76
N ASP C 533 -16.84 32.29 -14.40
CA ASP C 533 -16.83 30.99 -15.07
C ASP C 533 -16.63 31.18 -16.57
N ASN C 534 -17.73 31.17 -17.32
CA ASN C 534 -17.70 31.47 -18.75
C ASN C 534 -18.44 32.79 -18.97
N ILE C 535 -17.73 33.78 -19.51
CA ILE C 535 -18.35 35.07 -19.75
C ILE C 535 -19.38 34.97 -20.87
N GLY C 536 -19.01 34.35 -21.99
CA GLY C 536 -19.90 34.28 -23.13
C GLY C 536 -21.14 33.44 -22.87
N ILE C 537 -20.95 32.26 -22.29
CA ILE C 537 -22.08 31.34 -22.09
C ILE C 537 -23.05 31.93 -21.06
N SER C 538 -22.53 32.40 -19.93
CA SER C 538 -23.38 33.02 -18.93
C SER C 538 -23.86 34.39 -19.35
N GLY C 539 -23.18 35.03 -20.31
CA GLY C 539 -23.59 36.34 -20.77
C GLY C 539 -23.53 37.41 -19.70
N ALA C 540 -22.54 37.34 -18.82
CA ALA C 540 -22.42 38.31 -17.74
C ALA C 540 -20.96 38.44 -17.33
N ASN C 541 -20.44 39.67 -17.37
CA ASN C 541 -19.07 39.93 -16.96
C ASN C 541 -19.02 40.03 -15.44
N LEU C 542 -17.86 40.46 -14.90
CA LEU C 542 -17.68 40.46 -13.46
C LEU C 542 -18.53 41.52 -12.77
N SER C 543 -18.75 42.66 -13.42
CA SER C 543 -19.47 43.75 -12.77
C SER C 543 -20.90 43.35 -12.42
N GLU C 544 -21.65 42.85 -13.40
CA GLU C 544 -23.02 42.42 -13.10
C GLU C 544 -23.04 41.11 -12.33
N ASN C 545 -21.99 40.30 -12.42
CA ASN C 545 -21.90 39.11 -11.56
C ASN C 545 -21.83 39.50 -10.10
N LEU C 546 -21.12 40.59 -9.79
CA LEU C 546 -21.10 41.11 -8.44
C LEU C 546 -22.40 41.83 -8.09
N LEU C 547 -22.98 42.54 -9.07
CA LEU C 547 -24.19 43.31 -8.82
C LEU C 547 -25.37 42.41 -8.47
N ILE C 548 -25.51 41.27 -9.15
CA ILE C 548 -26.62 40.36 -8.92
C ILE C 548 -26.61 39.77 -7.51
N LEU C 549 -25.52 39.95 -6.77
CA LEU C 549 -25.49 39.48 -5.39
C LEU C 549 -26.54 40.17 -4.53
N ALA C 550 -26.93 41.40 -4.91
CA ALA C 550 -27.99 42.08 -4.17
C ALA C 550 -29.30 41.32 -4.23
N ASP C 551 -29.53 40.57 -5.30
CA ASP C 551 -30.74 39.77 -5.43
C ASP C 551 -30.54 38.34 -4.94
N LEU C 552 -29.41 37.72 -5.30
CA LEU C 552 -29.16 36.34 -4.84
C LEU C 552 -28.94 36.29 -3.33
N CYS C 553 -28.27 37.30 -2.77
CA CYS C 553 -27.98 37.36 -1.34
C CYS C 553 -28.51 38.70 -0.81
N PRO C 554 -29.80 38.76 -0.47
CA PRO C 554 -30.36 40.01 0.05
C PRO C 554 -29.68 40.42 1.34
N GLY C 555 -29.52 41.72 1.52
CA GLY C 555 -28.83 42.26 2.67
C GLY C 555 -27.33 42.37 2.53
N ILE C 556 -26.77 41.99 1.38
CA ILE C 556 -25.33 42.12 1.16
C ILE C 556 -24.97 43.60 1.16
N SER C 557 -23.78 43.91 1.67
CA SER C 557 -23.34 45.29 1.84
C SER C 557 -22.17 45.59 0.91
N ARG C 558 -21.90 46.89 0.72
CA ARG C 558 -20.79 47.31 -0.11
C ARG C 558 -19.45 46.88 0.50
N MET C 559 -19.33 46.99 1.82
CA MET C 559 -18.13 46.50 2.49
C MET C 559 -17.96 45.00 2.27
N ASP C 560 -19.06 44.27 2.13
CA ASP C 560 -18.96 42.86 1.78
C ASP C 560 -18.35 42.68 0.40
N VAL C 561 -18.71 43.54 -0.55
CA VAL C 561 -18.10 43.48 -1.88
C VAL C 561 -16.61 43.76 -1.80
N LEU C 562 -16.23 44.76 -0.99
CA LEU C 562 -14.81 45.08 -0.84
C LEU C 562 -14.05 43.93 -0.19
N THR C 563 -14.66 43.26 0.79
CA THR C 563 -14.03 42.09 1.38
C THR C 563 -13.94 40.94 0.39
N ILE C 564 -14.92 40.82 -0.51
CA ILE C 564 -14.84 39.81 -1.56
C ILE C 564 -13.64 40.08 -2.46
N ILE C 565 -13.44 41.34 -2.83
CA ILE C 565 -12.28 41.71 -3.65
C ILE C 565 -10.99 41.41 -2.90
N ARG C 566 -10.95 41.74 -1.61
CA ARG C 566 -9.75 41.47 -0.81
C ARG C 566 -9.47 39.98 -0.73
N ASN C 567 -10.50 39.16 -0.55
CA ASN C 567 -10.31 37.71 -0.52
C ASN C 567 -9.83 37.19 -1.87
N SER C 568 -10.35 37.76 -2.96
CA SER C 568 -9.86 37.39 -4.28
C SER C 568 -8.39 37.69 -4.43
N ILE C 569 -7.95 38.85 -3.92
CA ILE C 569 -6.53 39.17 -3.95
C ILE C 569 -5.73 38.19 -3.09
N GLU C 570 -6.24 37.88 -1.90
CA GLU C 570 -5.51 37.02 -0.97
C GLU C 570 -5.33 35.61 -1.53
N THR C 571 -6.38 35.05 -2.12
CA THR C 571 -6.37 33.66 -2.55
C THR C 571 -5.79 33.48 -3.95
N ALA C 572 -5.38 34.54 -4.62
CA ALA C 572 -4.77 34.41 -5.93
C ALA C 572 -3.43 33.71 -5.83
N PHE C 573 -3.06 32.98 -6.89
CA PHE C 573 -1.82 32.22 -6.92
C PHE C 573 -0.69 33.15 -7.36
N ILE C 574 -0.23 33.98 -6.42
CA ILE C 574 0.81 34.97 -6.71
C ILE C 574 1.84 34.95 -5.59
N SER C 575 3.04 35.42 -5.93
CA SER C 575 4.11 35.54 -4.95
C SER C 575 3.79 36.64 -3.96
N HIS C 576 4.48 36.60 -2.81
CA HIS C 576 4.17 37.53 -1.72
C HIS C 576 4.45 38.98 -2.13
N ASP C 577 5.59 39.22 -2.76
CA ASP C 577 5.95 40.59 -3.13
C ASP C 577 4.96 41.17 -4.14
N PHE C 578 4.62 40.39 -5.15
CA PHE C 578 3.61 40.83 -6.11
C PHE C 578 2.25 41.00 -5.43
N ARG C 579 1.94 40.13 -4.45
CA ARG C 579 0.68 40.27 -3.74
C ARG C 579 0.63 41.59 -2.97
N MET C 580 1.72 41.98 -2.31
CA MET C 580 1.74 43.24 -1.59
C MET C 580 1.66 44.43 -2.53
N GLU C 581 2.36 44.37 -3.68
CA GLU C 581 2.27 45.45 -4.65
C GLU C 581 0.83 45.58 -5.17
N LEU C 582 0.21 44.45 -5.50
CA LEU C 582 -1.18 44.48 -5.95
C LEU C 582 -2.11 44.99 -4.86
N LEU C 583 -1.83 44.63 -3.61
CA LEU C 583 -2.65 45.11 -2.51
C LEU C 583 -2.55 46.61 -2.36
N LYS C 584 -1.34 47.16 -2.46
CA LYS C 584 -1.17 48.61 -2.40
C LYS C 584 -1.94 49.30 -3.51
N PHE C 585 -1.77 48.82 -4.75
CA PHE C 585 -2.46 49.43 -5.88
C PHE C 585 -3.97 49.33 -5.73
N PHE C 586 -4.46 48.16 -5.33
CA PHE C 586 -5.89 47.96 -5.17
C PHE C 586 -6.46 48.84 -4.09
N ASP C 587 -5.74 48.96 -2.96
CA ASP C 587 -6.20 49.83 -1.88
C ASP C 587 -6.32 51.27 -2.36
N ARG C 588 -5.29 51.77 -3.04
CA ARG C 588 -5.33 53.16 -3.50
C ARG C 588 -6.44 53.37 -4.51
N LYS C 589 -6.57 52.47 -5.48
CA LYS C 589 -7.58 52.63 -6.52
C LYS C 589 -8.98 52.52 -5.93
N ILE C 590 -9.20 51.59 -5.00
CA ILE C 590 -10.50 51.43 -4.39
C ILE C 590 -10.87 52.65 -3.56
N TYR C 591 -9.91 53.18 -2.79
CA TYR C 591 -10.16 54.42 -2.06
C TYR C 591 -10.58 55.53 -3.00
N ASP C 592 -9.80 55.74 -4.07
CA ASP C 592 -10.12 56.83 -5.00
C ASP C 592 -11.49 56.63 -5.62
N VAL C 593 -11.78 55.41 -6.09
CA VAL C 593 -13.01 55.20 -6.84
C VAL C 593 -14.22 55.28 -5.94
N CYS C 594 -14.14 54.76 -4.72
CA CYS C 594 -15.28 54.86 -3.81
C CYS C 594 -15.49 56.30 -3.35
N LEU C 595 -14.40 57.02 -3.09
CA LEU C 595 -14.53 58.44 -2.74
C LEU C 595 -15.20 59.21 -3.85
N ILE C 596 -14.83 58.95 -5.11
CA ILE C 596 -15.44 59.66 -6.23
C ILE C 596 -16.88 59.21 -6.46
N SER C 597 -17.18 57.93 -6.24
CA SER C 597 -18.47 57.37 -6.61
C SER C 597 -19.52 57.44 -5.50
N ILE C 598 -19.17 57.90 -4.30
CA ILE C 598 -20.20 58.21 -3.32
C ILE C 598 -20.92 59.48 -3.76
N LYS C 599 -20.46 60.08 -4.86
CA LYS C 599 -21.06 61.30 -5.39
C LYS C 599 -22.54 61.10 -5.73
N ASN C 600 -22.87 59.97 -6.36
CA ASN C 600 -24.25 59.69 -6.73
C ASN C 600 -24.93 58.81 -5.70
N MET D 1 -29.12 51.20 30.41
CA MET D 1 -28.92 52.09 29.28
C MET D 1 -29.09 53.55 29.71
N SER D 2 -28.01 54.32 29.61
CA SER D 2 -28.01 55.73 29.99
C SER D 2 -27.62 56.57 28.79
N ARG D 3 -28.42 57.59 28.50
CA ARG D 3 -28.17 58.51 27.39
C ARG D 3 -27.69 59.84 28.00
N VAL D 4 -26.37 60.04 27.98
CA VAL D 4 -25.78 61.27 28.53
C VAL D 4 -26.19 62.45 27.66
N LEU D 5 -26.52 63.56 28.32
CA LEU D 5 -26.92 64.78 27.65
C LEU D 5 -25.81 65.81 27.75
N LEU D 6 -25.44 66.39 26.60
CA LEU D 6 -24.40 67.40 26.53
C LEU D 6 -25.05 68.71 26.12
N CYS D 7 -24.83 69.77 26.91
CA CYS D 7 -25.49 71.03 26.69
C CYS D 7 -24.50 72.17 26.92
N SER D 8 -24.85 73.33 26.37
CA SER D 8 -24.05 74.54 26.54
C SER D 8 -24.98 75.75 26.44
N ALA D 9 -24.83 76.68 27.39
CA ALA D 9 -25.67 77.88 27.41
C ALA D 9 -24.94 78.96 28.19
N GLY D 10 -24.67 80.09 27.53
CA GLY D 10 -23.96 81.19 28.16
C GLY D 10 -24.68 81.80 29.34
N HIS D 11 -25.86 82.36 29.10
CA HIS D 11 -26.68 82.92 30.16
C HIS D 11 -28.14 82.48 30.12
N SER D 12 -28.66 82.05 28.98
CA SER D 12 -30.03 81.57 28.88
C SER D 12 -30.08 80.10 29.34
N SER D 13 -29.96 79.93 30.65
CA SER D 13 -29.86 78.59 31.23
C SER D 13 -31.15 77.81 31.06
N MET D 14 -32.28 78.49 30.85
CA MET D 14 -33.57 77.82 30.77
C MET D 14 -33.67 76.84 29.61
N VAL D 15 -32.73 76.87 28.66
CA VAL D 15 -32.77 75.94 27.54
C VAL D 15 -32.52 74.50 27.98
N VAL D 16 -31.82 74.28 29.10
CA VAL D 16 -31.47 72.92 29.51
C VAL D 16 -32.70 72.07 29.83
N PRO D 17 -33.68 72.55 30.62
CA PRO D 17 -34.90 71.74 30.80
C PRO D 17 -35.63 71.46 29.50
N GLU D 18 -35.56 72.36 28.51
CA GLU D 18 -36.14 72.07 27.21
C GLU D 18 -35.47 70.85 26.57
N ALA D 19 -34.14 70.78 26.64
CA ALA D 19 -33.44 69.61 26.15
C ALA D 19 -33.81 68.37 26.95
N PHE D 20 -33.98 68.52 28.27
CA PHE D 20 -34.37 67.40 29.10
C PHE D 20 -35.72 66.84 28.70
N HIS D 21 -36.68 67.72 28.41
CA HIS D 21 -38.02 67.31 28.02
C HIS D 21 -38.16 67.06 26.53
N ALA D 22 -37.08 67.24 25.76
CA ALA D 22 -37.16 66.99 24.32
C ALA D 22 -37.48 65.53 24.03
N VAL D 23 -36.85 64.60 24.73
CA VAL D 23 -37.08 63.17 24.54
C VAL D 23 -38.11 62.71 25.57
N PRO D 24 -39.17 62.00 25.17
CA PRO D 24 -40.27 61.73 26.11
C PRO D 24 -39.90 60.77 27.22
N GLU D 25 -39.18 59.69 26.93
CA GLU D 25 -38.97 58.66 27.95
C GLU D 25 -38.05 59.11 29.08
N GLY D 26 -37.38 60.23 28.94
CA GLY D 26 -36.56 60.79 30.01
C GLY D 26 -35.09 60.48 29.81
N PHE D 27 -34.30 61.01 30.74
CA PHE D 27 -32.85 60.88 30.72
C PHE D 27 -32.35 60.33 32.05
N GLU D 28 -31.05 60.02 32.09
CA GLU D 28 -30.40 59.54 33.30
C GLU D 28 -29.29 60.43 33.81
N GLU D 29 -28.70 61.28 32.96
CA GLU D 29 -27.68 62.21 33.40
C GLU D 29 -27.58 63.35 32.40
N VAL D 30 -27.36 64.56 32.90
CA VAL D 30 -27.26 65.76 32.08
C VAL D 30 -26.04 66.55 32.54
N HIS D 31 -25.21 66.98 31.59
CA HIS D 31 -24.04 67.81 31.86
C HIS D 31 -24.06 69.01 30.93
N VAL D 32 -23.76 70.18 31.49
CA VAL D 32 -23.81 71.44 30.75
C VAL D 32 -22.47 72.15 30.88
N PHE D 33 -22.00 72.72 29.77
CA PHE D 33 -20.76 73.49 29.74
C PHE D 33 -21.07 74.97 29.57
N THR D 34 -20.39 75.79 30.36
CA THR D 34 -20.59 77.24 30.32
C THR D 34 -19.34 77.91 30.84
N THR D 35 -19.03 79.09 30.29
CA THR D 35 -17.88 79.84 30.74
C THR D 35 -18.08 80.30 32.18
N ASP D 36 -17.04 80.93 32.75
CA ASP D 36 -17.07 81.41 34.12
C ASP D 36 -17.67 82.81 34.23
N SER D 37 -18.47 83.22 33.26
CA SER D 37 -19.09 84.53 33.32
C SER D 37 -20.04 84.63 34.51
N GLU D 38 -19.95 85.76 35.23
CA GLU D 38 -20.78 85.95 36.41
C GLU D 38 -22.25 86.08 36.08
N LYS D 39 -22.59 86.48 34.85
CA LYS D 39 -24.00 86.60 34.46
C LYS D 39 -24.68 85.25 34.28
N PHE D 40 -23.93 84.15 34.29
CA PHE D 40 -24.54 82.83 34.22
C PHE D 40 -25.38 82.59 35.46
N ASN D 41 -26.50 81.88 35.28
CA ASN D 41 -27.48 81.64 36.33
C ASN D 41 -27.72 80.14 36.46
N PRO D 42 -26.81 79.43 37.14
CA PRO D 42 -27.01 77.99 37.34
C PRO D 42 -27.98 77.66 38.46
N VAL D 43 -28.47 78.67 39.19
CA VAL D 43 -29.37 78.42 40.32
C VAL D 43 -30.65 77.77 39.84
N VAL D 44 -31.24 78.29 38.76
CA VAL D 44 -32.47 77.73 38.24
C VAL D 44 -32.26 76.29 37.77
N LEU D 45 -31.15 76.05 37.07
CA LEU D 45 -30.86 74.70 36.59
C LEU D 45 -30.74 73.71 37.75
N ASN D 46 -29.93 74.05 38.76
CA ASN D 46 -29.74 73.10 39.84
C ASN D 46 -31.02 72.90 40.64
N ASP D 47 -31.77 73.97 40.92
CA ASP D 47 -33.00 73.79 41.70
C ASP D 47 -34.04 73.00 40.91
N PHE D 48 -34.04 73.11 39.58
CA PHE D 48 -34.88 72.24 38.78
C PHE D 48 -34.37 70.81 38.81
N PHE D 49 -33.06 70.62 38.97
CA PHE D 49 -32.49 69.29 38.83
C PHE D 49 -32.42 68.48 40.12
N HIS D 50 -32.49 69.11 41.30
CA HIS D 50 -32.65 68.25 42.48
C HIS D 50 -34.05 67.66 42.57
N SER D 51 -35.02 68.19 41.83
CA SER D 51 -36.35 67.61 41.83
C SER D 51 -36.36 66.20 41.23
N LEU D 52 -35.32 65.85 40.49
CA LEU D 52 -35.17 64.51 39.90
C LEU D 52 -33.82 63.96 40.34
N PRO D 53 -33.72 63.48 41.58
CA PRO D 53 -32.44 62.94 42.05
C PRO D 53 -31.97 61.73 41.28
N ASN D 54 -32.87 61.02 40.60
CA ASN D 54 -32.48 59.86 39.79
C ASN D 54 -31.64 60.26 38.57
N VAL D 55 -31.61 61.53 38.21
CA VAL D 55 -30.85 62.01 37.06
C VAL D 55 -29.66 62.80 37.58
N ARG D 56 -28.47 62.36 37.22
CA ARG D 56 -27.26 63.04 37.65
C ARG D 56 -27.09 64.35 36.89
N PHE D 57 -26.79 65.42 37.61
CA PHE D 57 -26.56 66.73 37.01
C PHE D 57 -25.21 67.26 37.45
N SER D 58 -24.52 67.92 36.52
CA SER D 58 -23.21 68.50 36.82
C SER D 58 -23.04 69.77 35.99
N ILE D 59 -22.19 70.65 36.47
CA ILE D 59 -21.88 71.91 35.80
C ILE D 59 -20.37 72.04 35.69
N THR D 60 -19.88 72.28 34.47
CA THR D 60 -18.46 72.50 34.22
C THR D 60 -18.26 73.93 33.77
N LYS D 61 -17.27 74.60 34.34
CA LYS D 61 -17.01 76.00 34.09
C LYS D 61 -15.66 76.18 33.40
N CYS D 62 -15.63 76.97 32.34
CA CYS D 62 -14.39 77.29 31.64
C CYS D 62 -13.68 78.41 32.40
N HIS D 63 -12.63 78.05 33.13
CA HIS D 63 -11.97 79.01 34.01
C HIS D 63 -11.16 80.03 33.20
N GLY D 64 -11.20 81.28 33.65
CA GLY D 64 -10.36 82.31 33.07
C GLY D 64 -10.76 82.79 31.69
N LEU D 65 -12.02 82.59 31.30
CA LEU D 65 -12.47 83.02 29.97
C LEU D 65 -13.96 83.35 30.10
N ALA D 66 -14.28 84.63 30.26
CA ALA D 66 -15.67 85.04 30.42
C ALA D 66 -16.45 84.88 29.13
N ASP D 67 -15.89 85.35 28.01
CA ASP D 67 -16.54 85.25 26.72
C ASP D 67 -15.48 85.27 25.62
N ILE D 68 -15.76 84.56 24.54
CA ILE D 68 -14.80 84.43 23.46
C ILE D 68 -14.71 85.74 22.69
N LEU D 69 -13.49 86.26 22.56
CA LEU D 69 -13.24 87.50 21.84
C LEU D 69 -12.25 87.36 20.71
N ASN D 70 -11.18 86.57 20.90
CA ASN D 70 -10.15 86.44 19.87
C ASN D 70 -9.89 84.98 19.53
N GLU D 71 -8.85 84.74 18.70
CA GLU D 71 -8.55 83.38 18.27
C GLU D 71 -7.96 82.55 19.42
N ARG D 72 -7.19 83.19 20.30
CA ARG D 72 -6.68 82.49 21.46
C ARG D 72 -7.81 82.04 22.38
N ASP D 73 -8.80 82.91 22.59
CA ASP D 73 -9.99 82.52 23.33
C ASP D 73 -10.72 81.38 22.63
N PHE D 74 -10.83 81.46 21.29
CA PHE D 74 -11.38 80.35 20.52
C PHE D 74 -10.71 79.05 20.91
N GLU D 75 -9.39 78.97 20.70
CA GLU D 75 -8.71 77.69 20.84
C GLU D 75 -8.73 77.21 22.29
N PHE D 76 -8.63 78.10 23.26
CA PHE D 76 -8.69 77.66 24.65
C PHE D 76 -10.07 77.09 24.98
N TYR D 77 -11.13 77.82 24.63
CA TYR D 77 -12.48 77.33 24.91
C TYR D 77 -12.75 76.03 24.16
N GLN D 78 -12.28 75.93 22.92
CA GLN D 78 -12.52 74.74 22.13
C GLN D 78 -11.79 73.54 22.71
N GLU D 79 -10.55 73.74 23.17
CA GLU D 79 -9.84 72.66 23.83
C GLU D 79 -10.55 72.21 25.09
N MET D 80 -11.01 73.16 25.90
CA MET D 80 -11.71 72.80 27.14
C MET D 80 -13.02 72.07 26.84
N LEU D 81 -13.78 72.56 25.86
CA LEU D 81 -15.06 71.92 25.52
C LEU D 81 -14.85 70.54 24.94
N TRP D 82 -13.86 70.37 24.07
CA TRP D 82 -13.56 69.06 23.52
C TRP D 82 -13.08 68.10 24.60
N GLN D 83 -12.29 68.61 25.55
CA GLN D 83 -11.87 67.79 26.68
C GLN D 83 -13.06 67.35 27.52
N TRP D 84 -13.99 68.27 27.78
CA TRP D 84 -15.19 67.93 28.53
C TRP D 84 -16.03 66.90 27.80
N TYR D 85 -16.17 67.05 26.47
CA TYR D 85 -16.88 66.06 25.68
C TYR D 85 -16.20 64.70 25.74
N LEU D 86 -14.86 64.69 25.66
CA LEU D 86 -14.12 63.43 25.58
C LEU D 86 -14.26 62.60 26.85
N THR D 87 -14.55 63.23 27.99
CA THR D 87 -14.70 62.51 29.26
C THR D 87 -16.16 62.44 29.71
N LYS D 88 -17.11 62.47 28.79
CA LYS D 88 -18.51 62.50 29.17
C LYS D 88 -19.42 61.54 28.42
N MET D 89 -19.05 61.03 27.24
CA MET D 89 -19.96 60.15 26.53
C MET D 89 -20.05 58.81 27.22
N PRO D 90 -21.11 58.05 26.95
CA PRO D 90 -21.17 56.66 27.45
C PRO D 90 -20.04 55.83 26.86
N ASP D 91 -19.65 54.79 27.61
CA ASP D 91 -18.45 54.03 27.26
C ASP D 91 -18.57 53.38 25.88
N ASN D 92 -19.72 52.78 25.58
CA ASN D 92 -19.93 52.17 24.27
C ASN D 92 -21.25 52.60 23.64
N GLU D 93 -21.85 53.68 24.13
CA GLU D 93 -23.02 54.29 23.50
C GLU D 93 -22.71 55.75 23.19
N LEU D 94 -23.41 56.29 22.20
CA LEU D 94 -23.24 57.69 21.85
C LEU D 94 -24.23 58.56 22.64
N PRO D 95 -23.85 59.78 22.98
CA PRO D 95 -24.70 60.65 23.77
C PRO D 95 -25.57 61.57 22.91
N TYR D 96 -26.45 62.31 23.59
CA TYR D 96 -27.26 63.35 22.98
C TYR D 96 -26.65 64.71 23.25
N VAL D 97 -27.00 65.68 22.42
CA VAL D 97 -26.43 67.01 22.52
C VAL D 97 -27.38 68.01 21.88
N CYS D 98 -27.52 69.18 22.50
CA CYS D 98 -28.33 70.28 21.99
C CYS D 98 -27.43 71.45 21.63
N LEU D 99 -27.89 72.23 20.65
CA LEU D 99 -27.12 73.32 20.05
C LEU D 99 -27.91 74.62 20.09
N SER D 100 -28.51 74.93 21.25
CA SER D 100 -29.41 76.07 21.36
C SER D 100 -28.89 77.21 22.21
N GLY D 101 -27.79 77.02 22.93
CA GLY D 101 -27.29 78.02 23.85
C GLY D 101 -26.03 78.72 23.36
N GLY D 102 -25.84 79.96 23.81
CA GLY D 102 -24.67 80.73 23.48
C GLY D 102 -24.72 81.33 22.09
N ILE D 103 -23.65 82.04 21.73
CA ILE D 103 -23.50 82.55 20.38
C ILE D 103 -23.01 81.42 19.47
N LYS D 104 -23.08 81.65 18.16
CA LYS D 104 -22.85 80.60 17.18
C LYS D 104 -21.42 80.05 17.23
N SER D 105 -20.48 80.74 17.87
CA SER D 105 -19.12 80.22 17.96
C SER D 105 -19.08 78.92 18.77
N MET D 106 -19.65 78.95 19.99
CA MET D 106 -19.65 77.74 20.80
C MET D 106 -20.64 76.71 20.27
N SER D 107 -21.71 77.15 19.62
CA SER D 107 -22.61 76.19 18.97
C SER D 107 -21.89 75.43 17.87
N ALA D 108 -21.12 76.14 17.04
CA ALA D 108 -20.34 75.49 16.00
C ALA D 108 -19.26 74.60 16.60
N SER D 109 -18.64 75.04 17.71
CA SER D 109 -17.64 74.20 18.36
C SER D 109 -18.25 72.90 18.88
N LEU D 110 -19.44 72.99 19.47
CA LEU D 110 -20.12 71.79 19.96
C LEU D 110 -20.54 70.88 18.81
N GLN D 111 -21.02 71.47 17.70
CA GLN D 111 -21.36 70.66 16.54
C GLN D 111 -20.13 69.97 15.98
N LYS D 112 -18.99 70.66 15.95
CA LYS D 112 -17.74 70.04 15.53
C LYS D 112 -17.36 68.90 16.47
N ALA D 113 -17.53 69.12 17.78
CA ALA D 113 -17.25 68.07 18.75
C ALA D 113 -18.11 66.83 18.49
N ALA D 114 -19.39 67.05 18.20
CA ALA D 114 -20.26 65.93 17.84
C ALA D 114 -19.78 65.26 16.55
N THR D 115 -19.27 66.06 15.61
CA THR D 115 -18.80 65.51 14.35
C THR D 115 -17.58 64.62 14.54
N LEU D 116 -16.61 65.05 15.34
CA LEU D 116 -15.40 64.25 15.54
C LEU D 116 -15.66 63.06 16.44
N PHE D 117 -16.38 63.27 17.54
CA PHE D 117 -16.52 62.23 18.56
C PHE D 117 -17.81 61.42 18.45
N GLY D 118 -18.86 61.98 17.88
CA GLY D 118 -20.07 61.23 17.67
C GLY D 118 -21.17 61.60 18.68
N ALA D 119 -22.41 61.40 18.24
CA ALA D 119 -23.57 61.67 19.08
C ALA D 119 -24.74 60.85 18.57
N GLN D 120 -25.56 60.36 19.50
CA GLN D 120 -26.73 59.57 19.12
C GLN D 120 -27.73 60.42 18.33
N SER D 121 -27.94 61.67 18.74
CA SER D 121 -28.86 62.55 18.05
C SER D 121 -28.55 63.99 18.42
N VAL D 122 -28.64 64.87 17.43
CA VAL D 122 -28.45 66.30 17.61
C VAL D 122 -29.76 66.99 17.25
N PHE D 123 -30.31 67.75 18.20
CA PHE D 123 -31.61 68.37 18.01
C PHE D 123 -31.56 69.84 18.42
N HIS D 124 -32.70 70.50 18.29
CA HIS D 124 -32.87 71.89 18.70
C HIS D 124 -34.19 72.02 19.45
N VAL D 125 -34.27 73.02 20.31
CA VAL D 125 -35.48 73.31 21.08
C VAL D 125 -35.95 74.72 20.73
N LEU D 126 -37.22 74.83 20.36
CA LEU D 126 -37.81 76.10 19.97
C LEU D 126 -39.22 76.20 20.52
N ALA D 127 -39.66 77.43 20.78
CA ALA D 127 -41.00 77.70 21.27
C ALA D 127 -41.41 79.10 20.82
N ASP D 128 -42.72 79.34 20.81
CA ASP D 128 -43.27 80.60 20.34
C ASP D 128 -43.40 81.63 21.45
N ASN D 129 -42.98 81.32 22.68
CA ASN D 129 -43.13 82.23 23.80
C ASN D 129 -41.83 82.63 24.48
N ASN D 130 -40.74 81.88 24.25
CA ASN D 130 -39.45 82.14 24.91
C ASN D 130 -39.62 82.14 26.42
N PRO D 131 -39.89 81.00 27.05
CA PRO D 131 -40.16 80.98 28.48
C PRO D 131 -38.96 81.46 29.29
N ARG D 132 -39.27 82.14 30.40
CA ARG D 132 -38.25 82.64 31.31
C ARG D 132 -38.24 81.94 32.66
N ASN D 133 -39.24 81.11 32.95
CA ASN D 133 -39.34 80.42 34.23
C ASN D 133 -39.63 78.95 33.99
N ILE D 134 -39.28 78.12 34.98
CA ILE D 134 -39.51 76.68 34.87
C ILE D 134 -41.01 76.38 34.83
N GLU D 135 -41.82 77.15 35.55
CA GLU D 135 -43.25 76.89 35.63
C GLU D 135 -43.91 76.99 34.26
N GLU D 136 -43.66 78.09 33.54
CA GLU D 136 -44.31 78.29 32.25
C GLU D 136 -43.86 77.27 31.20
N MET D 137 -42.72 76.62 31.40
CA MET D 137 -42.27 75.59 30.47
C MET D 137 -43.25 74.43 30.42
N PHE D 138 -43.80 74.03 31.58
CA PHE D 138 -44.74 72.93 31.61
C PHE D 138 -46.01 73.27 30.82
N ASP D 139 -46.54 74.47 30.99
CA ASP D 139 -47.70 74.90 30.22
C ASP D 139 -47.37 74.98 28.74
N ALA D 140 -46.17 75.46 28.40
CA ALA D 140 -45.78 75.55 27.01
C ALA D 140 -45.70 74.17 26.36
N LEU D 141 -45.17 73.18 27.07
CA LEU D 141 -45.03 71.86 26.49
C LEU D 141 -46.36 71.11 26.44
N GLN D 142 -47.22 71.30 27.46
CA GLN D 142 -48.52 70.64 27.45
C GLN D 142 -49.47 71.29 26.44
N LYS D 143 -49.30 72.58 26.18
CA LYS D 143 -50.10 73.25 25.16
C LYS D 143 -49.65 72.89 23.76
N GLY D 144 -48.37 72.62 23.57
CA GLY D 144 -47.81 72.37 22.26
C GLY D 144 -46.95 73.48 21.70
N GLN D 145 -46.65 74.51 22.50
CA GLN D 145 -45.85 75.63 22.01
C GLN D 145 -44.39 75.24 21.79
N ILE D 146 -43.92 74.18 22.41
CA ILE D 146 -42.54 73.75 22.26
C ILE D 146 -42.37 73.03 20.93
N HIS D 147 -41.18 73.18 20.33
CA HIS D 147 -40.83 72.51 19.09
C HIS D 147 -39.47 71.86 19.23
N PHE D 148 -39.32 70.68 18.67
CA PHE D 148 -38.07 69.93 18.71
C PHE D 148 -37.58 69.73 17.28
N ILE D 149 -36.40 70.26 16.98
CA ILE D 149 -35.85 70.26 15.63
C ILE D 149 -34.66 69.31 15.64
N GLU D 150 -34.89 68.06 15.28
CA GLU D 150 -33.84 67.04 15.23
C GLU D 150 -33.48 66.77 13.78
N MET D 151 -32.18 66.89 13.46
CA MET D 151 -31.71 66.68 12.10
C MET D 151 -30.47 65.81 11.99
N GLY D 152 -29.68 65.66 13.04
CA GLY D 152 -28.39 64.99 12.90
C GLY D 152 -28.14 63.83 13.83
N TYR D 153 -27.97 62.64 13.23
CA TYR D 153 -27.49 61.46 13.94
C TYR D 153 -26.08 61.25 13.42
N GLU D 154 -25.12 61.88 14.09
CA GLU D 154 -23.76 61.95 13.59
C GLU D 154 -22.92 61.01 14.44
N PRO D 155 -22.48 59.86 13.92
CA PRO D 155 -21.78 58.88 14.76
C PRO D 155 -20.32 59.19 15.01
N GLY D 156 -19.70 60.10 14.26
CA GLY D 156 -18.32 60.47 14.52
C GLY D 156 -17.32 59.40 14.13
N TRP D 157 -16.09 59.59 14.62
CA TRP D 157 -14.98 58.70 14.34
C TRP D 157 -14.71 57.83 15.56
N ALA D 158 -14.60 56.52 15.35
CA ALA D 158 -14.24 55.62 16.45
C ALA D 158 -12.83 55.91 16.96
N ALA D 159 -11.89 56.13 16.05
CA ALA D 159 -10.51 56.39 16.45
C ALA D 159 -10.40 57.68 17.26
N LEU D 160 -11.13 58.72 16.86
CA LEU D 160 -11.07 59.99 17.59
C LEU D 160 -11.62 59.84 19.01
N ARG D 161 -12.73 59.12 19.16
CA ARG D 161 -13.27 58.88 20.50
C ARG D 161 -12.43 57.89 21.29
N ARG D 162 -11.57 57.13 20.63
CA ARG D 162 -10.69 56.19 21.32
C ARG D 162 -9.60 56.92 22.11
N LEU D 163 -9.27 58.14 21.72
CA LEU D 163 -8.12 58.85 22.29
C LEU D 163 -8.47 59.52 23.62
N LYS D 164 -9.53 59.05 24.27
CA LYS D 164 -9.84 59.53 25.61
C LYS D 164 -8.71 59.22 26.60
N LYS D 165 -7.91 58.20 26.31
CA LYS D 165 -6.90 57.73 27.25
C LYS D 165 -5.82 58.77 27.55
N ILE D 166 -5.58 59.71 26.64
CA ILE D 166 -4.53 60.71 26.85
C ILE D 166 -5.06 61.97 27.52
N LEU D 167 -6.31 61.94 28.00
CA LEU D 167 -6.86 63.09 28.71
C LEU D 167 -6.10 63.44 29.99
N PRO D 168 -5.76 62.48 30.89
CA PRO D 168 -5.16 62.89 32.18
C PRO D 168 -3.73 63.40 32.06
N ILE D 169 -3.10 63.64 33.21
CA ILE D 169 -1.76 64.20 33.31
C ILE D 169 -1.71 65.56 32.62
N ASN D 170 -2.57 66.47 33.06
CA ASN D 170 -2.60 67.82 32.50
C ASN D 170 -2.83 68.90 33.55
N GLU D 171 -2.82 68.55 34.85
CA GLU D 171 -3.03 69.44 35.99
C GLU D 171 -4.12 70.48 35.74
N GLY D 172 -5.22 70.07 35.12
CA GLY D 172 -6.32 70.97 34.85
C GLY D 172 -6.16 71.84 33.62
N CYS D 173 -5.05 71.70 32.89
CA CYS D 173 -4.79 72.47 31.67
C CYS D 173 -4.83 73.97 31.94
N SER D 174 -3.94 74.41 32.85
CA SER D 174 -3.84 75.82 33.17
C SER D 174 -3.31 76.60 31.97
N ARG D 175 -3.87 77.79 31.76
CA ARG D 175 -3.55 78.58 30.58
C ARG D 175 -2.08 79.01 30.53
N ASP D 176 -1.38 78.95 31.66
CA ASP D 176 0.03 79.33 31.66
C ASP D 176 0.86 78.40 30.78
N ASN D 177 0.59 77.09 30.86
CA ASN D 177 1.34 76.10 30.09
C ASN D 177 0.40 75.08 29.43
N PHE D 178 -0.82 75.51 29.11
CA PHE D 178 -1.75 74.60 28.43
C PHE D 178 -1.26 74.29 27.03
N LYS D 179 -1.55 73.06 26.60
CA LYS D 179 -1.18 72.62 25.26
C LYS D 179 -2.41 72.08 24.55
N PRO D 180 -2.58 72.39 23.28
CA PRO D 180 -3.75 71.89 22.53
C PRO D 180 -3.63 70.41 22.21
N LEU D 181 -3.66 69.58 23.27
CA LEU D 181 -3.53 68.14 23.10
C LEU D 181 -4.68 67.57 22.27
N ILE D 182 -5.90 68.05 22.51
CA ILE D 182 -7.04 67.56 21.75
C ILE D 182 -6.99 68.06 20.31
N SER D 183 -6.59 69.31 20.12
CA SER D 183 -6.46 69.85 18.76
C SER D 183 -5.42 69.09 17.95
N LYS D 184 -4.49 68.40 18.61
CA LYS D 184 -3.59 67.53 17.88
C LYS D 184 -4.35 66.40 17.19
N SER D 185 -5.48 65.98 17.74
CA SER D 185 -6.31 64.99 17.07
C SER D 185 -6.84 65.52 15.74
N ILE D 186 -7.38 66.74 15.76
CA ILE D 186 -7.94 67.29 14.53
C ILE D 186 -6.84 67.56 13.52
N GLU D 187 -5.67 68.00 13.98
CA GLU D 187 -4.56 68.18 13.04
C GLU D 187 -4.07 66.84 12.51
N GLU D 188 -4.14 65.77 13.31
CA GLU D 188 -3.74 64.46 12.83
C GLU D 188 -4.68 63.96 11.74
N ILE D 189 -5.99 64.07 11.96
CA ILE D 189 -6.92 63.63 10.93
C ILE D 189 -6.81 64.51 9.69
N LEU D 190 -6.58 65.82 9.88
CA LEU D 190 -6.40 66.70 8.73
C LEU D 190 -5.17 66.33 7.94
N SER D 191 -4.05 66.07 8.63
CA SER D 191 -2.81 65.69 7.94
C SER D 191 -2.97 64.36 7.22
N ASN D 192 -3.64 63.39 7.85
CA ASN D 192 -3.85 62.11 7.19
C ASN D 192 -4.67 62.26 5.93
N VAL D 193 -5.77 63.03 6.00
CA VAL D 193 -6.60 63.22 4.82
C VAL D 193 -5.84 63.99 3.74
N LYS D 194 -5.08 65.01 4.13
CA LYS D 194 -4.31 65.79 3.15
C LYS D 194 -3.26 64.93 2.47
N ILE D 195 -2.55 64.09 3.23
CA ILE D 195 -1.55 63.22 2.63
C ILE D 195 -2.21 62.20 1.72
N MET D 196 -3.37 61.66 2.13
CA MET D 196 -4.08 60.71 1.29
C MET D 196 -4.48 61.36 -0.04
N ALA D 197 -5.01 62.58 0.01
CA ALA D 197 -5.54 63.21 -1.19
C ALA D 197 -4.43 63.77 -2.09
N SER D 198 -3.37 64.32 -1.49
CA SER D 198 -2.35 65.04 -2.24
C SER D 198 -1.13 64.17 -2.59
N ASP D 199 -1.14 62.89 -2.24
CA ASP D 199 -0.02 62.02 -2.54
C ASP D 199 -0.56 60.64 -2.89
N THR D 200 0.24 59.89 -3.65
CA THR D 200 -0.13 58.53 -4.05
C THR D 200 0.91 57.49 -3.68
N GLY D 201 2.20 57.81 -3.80
CA GLY D 201 3.23 56.84 -3.47
C GLY D 201 3.26 56.49 -1.99
N LYS D 202 3.19 57.51 -1.13
CA LYS D 202 3.16 57.29 0.31
C LYS D 202 1.77 56.93 0.81
N SER D 203 0.74 57.13 0.01
CA SER D 203 -0.64 56.91 0.42
C SER D 203 -1.10 55.48 0.21
N ASN D 204 -0.27 54.62 -0.38
CA ASN D 204 -0.72 53.29 -0.79
C ASN D 204 -1.15 52.42 0.39
N GLN D 205 -0.20 52.01 1.22
CA GLN D 205 -0.46 51.07 2.31
C GLN D 205 0.83 50.89 3.09
N LEU D 206 0.74 50.08 4.17
CA LEU D 206 1.81 49.60 5.04
C LEU D 206 1.26 49.04 6.36
N PRO D 207 0.39 49.78 7.12
CA PRO D 207 -0.04 49.26 8.43
C PRO D 207 -0.64 47.87 8.38
N PHE D 208 -0.08 46.95 9.16
CA PHE D 208 -0.54 45.57 9.25
C PHE D 208 -1.74 45.41 10.18
N PRO D 209 -1.74 45.99 11.40
CA PRO D 209 -2.88 45.78 12.31
C PRO D 209 -4.05 46.70 12.03
N SER D 210 -4.05 47.33 10.85
CA SER D 210 -5.12 48.23 10.42
C SER D 210 -5.19 49.48 11.30
N LEU D 211 -4.02 50.09 11.53
CA LEU D 211 -3.94 51.31 12.32
C LEU D 211 -4.27 52.56 11.49
N ALA D 212 -3.41 52.88 10.52
CA ALA D 212 -3.66 53.87 9.47
C ALA D 212 -4.19 55.22 9.97
N ILE D 213 -4.11 55.50 11.27
CA ILE D 213 -4.80 56.67 11.81
C ILE D 213 -3.90 57.54 12.69
N LEU D 214 -2.87 56.93 13.31
CA LEU D 214 -2.02 57.69 14.21
C LEU D 214 -1.31 58.82 13.47
N PRO D 215 -0.92 59.87 14.20
CA PRO D 215 -0.34 61.04 13.54
C PRO D 215 0.89 60.65 12.75
N PRO D 216 1.21 61.39 11.69
CA PRO D 216 2.37 61.03 10.86
C PRO D 216 3.67 60.96 11.63
N ILE D 217 3.81 61.73 12.72
CA ILE D 217 4.99 61.60 13.57
C ILE D 217 5.05 60.20 14.17
N ALA D 218 3.92 59.69 14.64
CA ALA D 218 3.89 58.35 15.21
C ALA D 218 4.22 57.29 14.15
N GLN D 219 3.68 57.45 12.95
CA GLN D 219 3.98 56.50 11.88
C GLN D 219 5.46 56.53 11.52
N GLN D 220 6.05 57.72 11.44
CA GLN D 220 7.48 57.83 11.14
C GLN D 220 8.31 57.20 12.25
N TRP D 221 7.92 57.40 13.50
CA TRP D 221 8.63 56.76 14.61
C TRP D 221 8.51 55.24 14.53
N LEU D 222 7.34 54.75 14.12
CA LEU D 222 7.14 53.30 13.96
C LEU D 222 8.04 52.76 12.86
N GLN D 223 8.20 53.50 11.77
CA GLN D 223 9.04 53.03 10.67
C GLN D 223 10.51 52.91 11.08
N LEU D 224 10.94 53.71 12.03
CA LEU D 224 12.35 53.70 12.42
C LEU D 224 12.71 52.38 13.12
N PRO D 225 13.95 51.93 12.99
CA PRO D 225 14.37 50.72 13.69
C PRO D 225 14.31 50.91 15.20
N LEU D 226 13.97 49.84 15.90
CA LEU D 226 13.88 49.89 17.35
C LEU D 226 15.21 49.51 17.98
N SER D 227 15.44 50.02 19.18
CA SER D 227 16.66 49.77 19.94
C SER D 227 16.29 49.16 21.29
N ALA D 228 17.30 49.01 22.15
CA ALA D 228 17.07 48.44 23.47
C ALA D 228 16.23 49.36 24.36
N ASN D 229 16.11 50.65 23.99
CA ASN D 229 15.35 51.59 24.79
C ASN D 229 13.84 51.45 24.63
N ASP D 230 13.38 50.61 23.70
CA ASP D 230 11.96 50.41 23.46
C ASP D 230 11.35 49.36 24.38
N GLY D 231 11.98 49.09 25.52
CA GLY D 231 11.44 48.09 26.42
C GLY D 231 10.10 48.46 27.00
N ALA D 232 9.92 49.75 27.35
CA ALA D 232 8.63 50.19 27.87
C ALA D 232 7.54 50.05 26.82
N TRP D 233 7.85 50.40 25.57
CA TRP D 233 6.87 50.23 24.50
C TRP D 233 6.55 48.76 24.26
N ILE D 234 7.55 47.90 24.31
CA ILE D 234 7.33 46.48 24.07
C ILE D 234 6.47 45.87 25.17
N GLN D 235 6.76 46.22 26.43
CA GLN D 235 6.05 45.61 27.55
C GLN D 235 4.56 45.94 27.52
N ASN D 236 4.22 47.19 27.21
CA ASN D 236 2.81 47.57 27.13
C ASN D 236 2.12 47.00 25.90
N LEU D 237 2.88 46.55 24.91
CA LEU D 237 2.28 46.04 23.69
C LEU D 237 1.67 44.67 23.94
N PRO D 238 0.39 44.48 23.61
CA PRO D 238 -0.20 43.13 23.73
C PRO D 238 0.45 42.17 22.76
N LYS D 239 0.89 41.03 23.27
CA LYS D 239 1.65 40.06 22.49
C LYS D 239 0.97 38.70 22.51
N VAL D 240 1.38 37.85 21.57
CA VAL D 240 0.83 36.51 21.42
C VAL D 240 1.97 35.52 21.50
N ASP D 241 1.78 34.47 22.31
CA ASP D 241 2.76 33.41 22.48
C ASP D 241 2.18 32.12 21.92
N LEU D 242 2.91 31.49 21.00
CA LEU D 242 2.45 30.27 20.36
C LEU D 242 3.28 29.05 20.73
N HIS D 243 4.47 29.24 21.29
CA HIS D 243 5.39 28.15 21.63
C HIS D 243 5.88 28.39 23.06
N CYS D 244 5.16 27.84 24.03
CA CYS D 244 5.51 28.02 25.45
C CYS D 244 5.22 26.70 26.17
N HIS D 245 6.26 25.90 26.37
CA HIS D 245 6.10 24.63 27.06
C HIS D 245 5.72 24.85 28.52
N LEU D 246 4.80 24.04 29.01
CA LEU D 246 4.30 24.21 30.38
C LEU D 246 5.39 23.93 31.40
N GLY D 247 6.18 22.88 31.20
CA GLY D 247 7.15 22.46 32.18
C GLY D 247 8.46 23.18 32.18
N GLY D 248 8.64 24.17 31.32
CA GLY D 248 9.87 24.93 31.29
C GLY D 248 9.73 26.32 31.85
N PHE D 249 8.75 26.52 32.72
CA PHE D 249 8.46 27.86 33.24
C PHE D 249 9.16 28.13 34.57
N ALA D 250 8.86 27.33 35.60
CA ALA D 250 9.42 27.53 36.93
C ALA D 250 10.54 26.53 37.14
N THR D 251 11.72 26.85 36.60
CA THR D 251 12.87 25.95 36.65
C THR D 251 13.92 26.40 37.66
N SER D 252 13.88 27.64 38.13
CA SER D 252 14.85 28.14 39.10
C SER D 252 14.32 29.42 39.72
N GLY D 253 14.96 29.82 40.81
CA GLY D 253 14.64 31.09 41.44
C GLY D 253 13.43 31.02 42.37
N SER D 254 12.93 32.21 42.69
CA SER D 254 11.79 32.32 43.61
C SER D 254 10.55 31.65 43.05
N LEU D 255 10.36 31.68 41.74
CA LEU D 255 9.22 31.00 41.14
C LEU D 255 9.26 29.51 41.41
N LEU D 256 10.42 28.88 41.20
CA LEU D 256 10.57 27.47 41.51
C LEU D 256 10.41 27.22 43.00
N ASP D 257 10.95 28.11 43.83
CA ASP D 257 10.86 27.93 45.28
C ASP D 257 9.40 27.92 45.73
N GLN D 258 8.60 28.88 45.26
CA GLN D 258 7.21 28.93 45.67
C GLN D 258 6.36 27.86 44.99
N VAL D 259 6.77 27.39 43.81
CA VAL D 259 6.10 26.23 43.23
C VAL D 259 6.33 24.99 44.10
N ARG D 260 7.58 24.80 44.56
CA ARG D 260 7.86 23.70 45.48
C ARG D 260 7.17 23.88 46.82
N GLY D 261 6.93 25.12 47.22
CA GLY D 261 6.30 25.41 48.50
C GLY D 261 4.91 24.80 48.63
N ALA D 262 3.97 25.28 47.82
CA ALA D 262 2.60 24.75 47.83
C ALA D 262 2.51 23.57 46.86
N ALA D 263 3.24 22.52 47.21
CA ALA D 263 3.30 21.29 46.41
C ALA D 263 2.61 20.13 47.12
N SER D 264 1.49 20.41 47.78
CA SER D 264 0.74 19.41 48.53
C SER D 264 1.63 18.76 49.59
N GLU D 265 2.22 17.61 49.27
CA GLU D 265 3.15 16.97 50.18
C GLU D 265 4.56 17.47 49.91
N PRO D 266 5.26 18.02 50.89
CA PRO D 266 6.61 18.54 50.67
C PRO D 266 7.74 17.55 50.91
N ASP D 267 7.44 16.26 51.03
CA ASP D 267 8.48 15.27 51.30
C ASP D 267 9.01 14.60 50.05
N LEU D 268 8.20 14.49 49.00
CA LEU D 268 8.66 13.89 47.75
C LEU D 268 9.59 14.81 46.97
N ILE D 269 9.49 16.12 47.16
CA ILE D 269 10.36 17.05 46.44
C ILE D 269 11.81 16.85 46.89
N ASP D 270 12.74 17.13 45.98
CA ASP D 270 14.15 16.90 46.26
C ASP D 270 14.99 17.98 45.58
N ARG D 271 16.16 18.24 46.16
CA ARG D 271 17.13 19.14 45.53
C ARG D 271 17.83 18.44 44.38
N THR D 272 17.88 19.11 43.23
CA THR D 272 18.48 18.53 42.04
C THR D 272 18.78 19.65 41.06
N PHE D 273 19.92 19.51 40.35
CA PHE D 273 20.33 20.43 39.29
C PHE D 273 20.67 21.80 39.84
N SER D 274 21.17 22.68 38.96
CA SER D 274 21.59 24.02 39.34
C SER D 274 21.79 24.88 38.10
N PRO D 275 21.68 26.20 38.21
CA PRO D 275 22.01 27.07 37.07
C PRO D 275 23.48 26.93 36.68
N GLN D 276 23.75 27.03 35.39
CA GLN D 276 25.09 26.82 34.89
C GLN D 276 26.00 28.01 35.21
N GLU D 277 27.24 27.70 35.52
CA GLU D 277 28.25 28.70 35.84
C GLU D 277 28.73 29.38 34.56
N ILE D 278 29.28 30.59 34.73
CA ILE D 278 29.85 31.44 33.68
C ILE D 278 28.90 31.62 32.50
N ALA D 279 27.64 31.25 32.69
CA ALA D 279 26.61 31.46 31.67
C ALA D 279 25.98 32.82 31.92
N GLY D 280 26.29 33.79 31.06
CA GLY D 280 25.80 35.13 31.24
C GLY D 280 24.32 35.25 30.88
N TRP D 281 23.48 34.63 31.70
CA TRP D 281 22.06 34.59 31.39
C TRP D 281 21.47 36.00 31.38
N PRO D 282 20.59 36.31 30.43
CA PRO D 282 20.15 35.45 29.32
C PRO D 282 21.00 35.62 28.07
N ARG D 283 21.94 36.55 28.08
CA ARG D 283 22.77 36.84 26.92
C ARG D 283 24.06 36.02 26.98
N SER D 284 23.89 34.70 26.87
CA SER D 284 25.02 33.78 26.96
C SER D 284 26.01 34.06 25.83
N HIS D 285 27.30 34.09 26.18
CA HIS D 285 28.35 34.36 25.20
C HIS D 285 28.89 33.10 24.54
N LYS D 286 28.51 31.91 25.03
CA LYS D 286 29.00 30.66 24.49
C LYS D 286 27.82 29.76 24.14
N SER D 287 27.94 29.04 23.03
CA SER D 287 26.89 28.15 22.59
C SER D 287 26.72 26.98 23.56
N ILE D 288 25.49 26.49 23.67
CA ILE D 288 25.15 25.39 24.55
C ILE D 288 24.35 24.37 23.75
N SER D 289 24.67 23.09 23.95
CA SER D 289 24.02 22.03 23.20
C SER D 289 22.57 21.87 23.65
N LEU D 290 21.80 21.14 22.84
CA LEU D 290 20.38 20.93 23.14
C LEU D 290 20.20 20.15 24.44
N ASP D 291 21.01 19.11 24.65
CA ASP D 291 20.83 18.27 25.83
C ASP D 291 21.06 19.06 27.12
N LYS D 292 22.10 19.89 27.15
CA LYS D 292 22.33 20.72 28.33
C LYS D 292 21.21 21.72 28.53
N TYR D 293 20.68 22.28 27.44
CA TYR D 293 19.54 23.18 27.54
C TYR D 293 18.34 22.48 28.16
N MET D 294 18.07 21.26 27.74
CA MET D 294 16.96 20.50 28.30
C MET D 294 17.21 20.16 29.77
N GLU D 295 18.45 19.81 30.11
CA GLU D 295 18.78 19.49 31.49
C GLU D 295 18.68 20.70 32.40
N LEU D 296 18.90 21.90 31.86
CA LEU D 296 18.80 23.11 32.68
C LEU D 296 17.42 23.29 33.29
N GLY D 297 16.38 22.73 32.67
CA GLY D 297 15.05 22.82 33.22
C GLY D 297 14.59 21.55 33.89
N ASN D 298 15.54 20.67 34.22
CA ASN D 298 15.21 19.39 34.83
C ASN D 298 14.82 19.50 36.30
N ALA D 299 14.95 20.69 36.90
CA ALA D 299 14.56 20.87 38.29
C ALA D 299 13.07 20.58 38.48
N ASN D 300 12.24 21.03 37.55
CA ASN D 300 10.80 20.78 37.60
C ASN D 300 10.36 20.20 36.27
N GLY D 301 9.12 19.70 36.24
CA GLY D 301 8.58 19.10 35.04
C GLY D 301 7.93 17.76 35.30
N SER D 302 8.45 16.71 34.65
CA SER D 302 7.90 15.38 34.89
C SER D 302 8.12 14.93 36.33
N LYS D 303 9.27 15.26 36.91
CA LYS D 303 9.56 14.83 38.27
C LYS D 303 8.71 15.57 39.30
N LEU D 304 8.62 16.89 39.17
CA LEU D 304 8.01 17.71 40.21
C LEU D 304 6.50 17.84 40.07
N LEU D 305 5.99 17.93 38.84
CA LEU D 305 4.58 18.23 38.62
C LEU D 305 3.68 17.00 38.69
N LYS D 306 4.14 15.91 39.30
CA LYS D 306 3.29 14.72 39.41
C LYS D 306 2.15 14.94 40.39
N ASP D 307 2.38 15.67 41.46
CA ASP D 307 1.34 15.93 42.46
C ASP D 307 0.45 17.08 42.03
N LYS D 308 -0.81 17.02 42.47
CA LYS D 308 -1.81 17.97 42.00
C LYS D 308 -1.48 19.40 42.41
N GLY D 309 -1.05 19.60 43.66
CA GLY D 309 -0.81 20.94 44.15
C GLY D 309 0.30 21.66 43.40
N CYS D 310 1.41 20.95 43.15
CA CYS D 310 2.52 21.56 42.43
C CYS D 310 2.12 21.92 41.01
N LEU D 311 1.38 21.04 40.33
CA LEU D 311 0.92 21.33 38.98
C LEU D 311 -0.01 22.55 38.96
N ILE D 312 -0.93 22.61 39.92
CA ILE D 312 -1.86 23.74 39.97
C ILE D 312 -1.11 25.05 40.21
N ARG D 313 -0.14 25.02 41.14
CA ARG D 313 0.63 26.22 41.41
C ARG D 313 1.47 26.63 40.20
N GLN D 314 2.03 25.65 39.50
CA GLN D 314 2.81 25.97 38.30
C GLN D 314 1.94 26.62 37.23
N VAL D 315 0.73 26.10 37.03
CA VAL D 315 -0.16 26.69 36.03
C VAL D 315 -0.56 28.10 36.45
N GLU D 316 -0.89 28.29 37.73
CA GLU D 316 -1.26 29.62 38.20
C GLU D 316 -0.12 30.61 38.02
N LEU D 317 1.11 30.20 38.35
CA LEU D 317 2.25 31.09 38.18
C LEU D 317 2.51 31.38 36.72
N LEU D 318 2.34 30.39 35.84
CA LEU D 318 2.53 30.63 34.41
C LEU D 318 1.52 31.62 33.88
N TYR D 319 0.25 31.49 34.28
CA TYR D 319 -0.75 32.45 33.85
C TYR D 319 -0.47 33.83 34.41
N GLN D 320 -0.02 33.92 35.66
CA GLN D 320 0.32 35.22 36.23
C GLN D 320 1.47 35.87 35.49
N SER D 321 2.48 35.08 35.11
CA SER D 321 3.59 35.62 34.34
C SER D 321 3.14 36.07 32.96
N LEU D 322 2.24 35.31 32.33
CA LEU D 322 1.72 35.72 31.02
C LEU D 322 0.96 37.03 31.12
N VAL D 323 0.12 37.18 32.15
CA VAL D 323 -0.64 38.41 32.31
C VAL D 323 0.30 39.58 32.62
N ASN D 324 1.29 39.36 33.48
CA ASN D 324 2.24 40.42 33.82
C ASN D 324 3.02 40.90 32.61
N ASP D 325 3.17 40.06 31.58
CA ASP D 325 3.85 40.43 30.36
C ASP D 325 2.90 41.01 29.32
N ASN D 326 1.65 41.26 29.69
CA ASN D 326 0.65 41.83 28.80
C ASN D 326 0.39 40.95 27.58
N VAL D 327 0.59 39.65 27.72
CA VAL D 327 0.25 38.70 26.66
C VAL D 327 -1.25 38.51 26.66
N ALA D 328 -1.88 38.75 25.50
CA ALA D 328 -3.33 38.66 25.40
C ALA D 328 -3.82 37.32 24.88
N TYR D 329 -2.94 36.51 24.30
CA TYR D 329 -3.31 35.16 23.87
C TYR D 329 -2.07 34.29 23.88
N ALA D 330 -2.20 33.09 24.42
CA ALA D 330 -1.08 32.15 24.49
C ALA D 330 -1.60 30.74 24.27
N GLU D 331 -0.74 29.90 23.72
CA GLU D 331 -1.06 28.48 23.48
C GLU D 331 0.00 27.64 24.16
N ILE D 332 -0.31 27.17 25.36
CA ILE D 332 0.66 26.44 26.18
C ILE D 332 0.71 24.99 25.72
N ARG D 333 1.91 24.51 25.43
CA ARG D 333 2.13 23.11 25.10
C ARG D 333 2.36 22.32 26.38
N CYS D 334 1.56 21.27 26.57
CA CYS D 334 1.65 20.45 27.76
C CYS D 334 1.69 18.98 27.37
N SER D 335 2.40 18.18 28.18
CA SER D 335 2.50 16.73 27.99
C SER D 335 1.92 16.07 29.22
N PRO D 336 0.63 15.75 29.22
CA PRO D 336 0.00 15.21 30.43
C PRO D 336 0.61 13.90 30.90
N ASN D 337 1.11 13.06 29.99
CA ASN D 337 1.68 11.77 30.40
C ASN D 337 2.91 11.96 31.29
N ASN D 338 3.68 13.03 31.08
CA ASN D 338 4.85 13.28 31.92
C ASN D 338 4.43 13.53 33.36
N TYR D 339 3.33 14.25 33.57
CA TYR D 339 2.86 14.59 34.90
C TYR D 339 1.83 13.60 35.44
N ALA D 340 1.51 12.55 34.69
CA ALA D 340 0.59 11.54 35.18
C ALA D 340 1.26 10.65 36.22
N ASP D 341 0.44 10.08 37.09
CA ASP D 341 0.93 9.17 38.13
C ASP D 341 -0.17 8.17 38.45
N LYS D 342 0.12 6.89 38.24
CA LYS D 342 -0.89 5.86 38.47
C LYS D 342 -1.12 5.60 39.96
N ASN D 343 -0.08 5.81 40.78
CA ASN D 343 -0.20 5.48 42.19
C ASN D 343 -1.27 6.32 42.89
N LYS D 344 -1.48 7.56 42.44
CA LYS D 344 -2.47 8.45 43.01
C LYS D 344 -3.74 8.51 42.16
N ASN D 345 -3.92 7.55 41.25
CA ASN D 345 -5.04 7.55 40.30
C ASN D 345 -5.06 8.83 39.46
N ARG D 346 -3.87 9.35 39.18
CA ARG D 346 -3.71 10.61 38.44
C ARG D 346 -3.33 10.26 37.01
N SER D 347 -4.34 9.97 36.19
CA SER D 347 -4.10 9.61 34.81
C SER D 347 -3.75 10.85 33.98
N ALA D 348 -3.39 10.61 32.72
CA ALA D 348 -3.09 11.71 31.82
C ALA D 348 -4.32 12.59 31.58
N TRP D 349 -5.47 11.95 31.41
CA TRP D 349 -6.70 12.72 31.20
C TRP D 349 -7.02 13.59 32.41
N VAL D 350 -6.81 13.06 33.62
CA VAL D 350 -7.08 13.86 34.82
C VAL D 350 -6.10 15.02 34.91
N VAL D 351 -4.84 14.82 34.54
CA VAL D 351 -3.87 15.91 34.57
C VAL D 351 -4.29 17.00 33.58
N LEU D 352 -4.65 16.60 32.37
CA LEU D 352 -5.08 17.58 31.37
C LEU D 352 -6.34 18.30 31.82
N GLN D 353 -7.28 17.57 32.43
CA GLN D 353 -8.50 18.19 32.93
C GLN D 353 -8.19 19.20 34.03
N ASP D 354 -7.25 18.86 34.92
CA ASP D 354 -6.88 19.81 35.96
C ASP D 354 -6.26 21.07 35.37
N ILE D 355 -5.37 20.90 34.39
CA ILE D 355 -4.75 22.07 33.75
C ILE D 355 -5.81 22.94 33.09
N ASN D 356 -6.71 22.31 32.33
CA ASN D 356 -7.75 23.06 31.65
C ASN D 356 -8.68 23.75 32.65
N ASP D 357 -9.02 23.08 33.74
CA ASP D 357 -9.94 23.65 34.71
C ASP D 357 -9.31 24.83 35.43
N THR D 358 -8.04 24.72 35.83
CA THR D 358 -7.43 25.85 36.53
C THR D 358 -7.21 27.03 35.58
N PHE D 359 -6.86 26.77 34.31
CA PHE D 359 -6.75 27.86 33.35
C PHE D 359 -8.09 28.54 33.14
N THR D 360 -9.16 27.75 33.00
CA THR D 360 -10.50 28.32 32.83
C THR D 360 -10.90 29.13 34.04
N ARG D 361 -10.62 28.62 35.24
CA ARG D 361 -10.97 29.36 36.46
C ARG D 361 -10.22 30.68 36.54
N LEU D 362 -8.92 30.67 36.22
CA LEU D 362 -8.14 31.90 36.27
C LEU D 362 -8.68 32.92 35.26
N ILE D 363 -8.95 32.48 34.03
CA ILE D 363 -9.45 33.40 33.02
C ILE D 363 -10.81 33.94 33.40
N THR D 364 -11.70 33.08 33.91
CA THR D 364 -13.04 33.53 34.29
C THR D 364 -12.99 34.52 35.44
N GLU D 365 -12.15 34.25 36.45
CA GLU D 365 -12.07 35.17 37.58
C GLU D 365 -11.39 36.47 37.20
N ALA D 366 -10.49 36.45 36.22
CA ALA D 366 -9.93 37.70 35.72
C ALA D 366 -10.96 38.49 34.94
N LYS D 367 -11.82 37.80 34.20
CA LYS D 367 -12.88 38.48 33.45
C LYS D 367 -13.95 39.04 34.36
N GLN D 368 -14.20 38.38 35.50
CA GLN D 368 -15.24 38.85 36.42
C GLN D 368 -14.92 40.24 36.97
N LYS D 369 -13.66 40.47 37.33
CA LYS D 369 -13.26 41.77 37.85
C LYS D 369 -12.91 42.75 36.75
N ASN D 370 -13.02 42.34 35.48
CA ASN D 370 -12.84 43.23 34.33
C ASN D 370 -11.45 43.86 34.32
N GLN D 371 -10.44 43.00 34.21
CA GLN D 371 -9.05 43.42 34.07
C GLN D 371 -8.43 42.65 32.90
N PHE D 372 -7.14 42.89 32.68
CA PHE D 372 -6.45 42.23 31.57
C PHE D 372 -6.31 40.74 31.85
N TYR D 373 -6.67 39.92 30.87
CA TYR D 373 -6.60 38.48 31.00
C TYR D 373 -6.02 37.88 29.73
N CYS D 374 -5.23 36.83 29.91
CA CYS D 374 -4.57 36.14 28.80
C CYS D 374 -5.38 34.91 28.44
N HIS D 375 -6.05 34.95 27.29
CA HIS D 375 -6.74 33.76 26.81
C HIS D 375 -5.73 32.68 26.49
N VAL D 376 -5.94 31.48 27.01
CA VAL D 376 -4.98 30.39 26.92
C VAL D 376 -5.66 29.19 26.28
N ASN D 377 -5.03 28.63 25.25
CA ASN D 377 -5.42 27.37 24.67
C ASN D 377 -4.28 26.38 24.86
N LEU D 378 -4.58 25.09 24.69
CA LEU D 378 -3.64 24.04 25.03
C LEU D 378 -3.29 23.20 23.81
N LEU D 379 -2.04 22.77 23.75
CA LEU D 379 -1.56 21.84 22.73
C LEU D 379 -1.02 20.60 23.42
N VAL D 380 -1.53 19.44 23.03
CA VAL D 380 -1.09 18.17 23.60
C VAL D 380 0.15 17.71 22.85
N ILE D 381 1.25 17.54 23.56
CA ILE D 381 2.52 17.17 22.95
C ILE D 381 2.53 15.67 22.70
N ALA D 382 2.73 15.28 21.44
CA ALA D 382 2.87 13.86 21.08
C ALA D 382 4.36 13.58 20.95
N SER D 383 4.98 13.30 22.09
CA SER D 383 6.43 13.18 22.16
C SER D 383 6.91 11.86 21.57
N ARG D 384 8.08 11.93 20.93
CA ARG D 384 8.77 10.75 20.41
C ARG D 384 9.78 10.27 21.44
N LYS D 385 9.75 8.99 21.77
CA LYS D 385 10.67 8.42 22.75
C LYS D 385 11.60 7.39 22.15
N PHE D 386 11.07 6.42 21.42
CA PHE D 386 11.84 5.43 20.66
C PHE D 386 12.60 4.48 21.58
N SER D 387 12.54 4.72 22.90
CA SER D 387 13.14 3.84 23.88
C SER D 387 12.15 2.80 24.39
N GLY D 388 11.19 2.41 23.57
CA GLY D 388 10.09 1.55 23.97
C GLY D 388 8.79 2.32 24.06
N ASP D 389 7.72 1.56 24.27
CA ASP D 389 6.36 2.06 24.40
C ASP D 389 6.06 3.18 23.39
N LEU D 390 6.17 2.82 22.11
CA LEU D 390 5.86 3.77 21.05
C LEU D 390 4.37 4.09 20.95
N SER D 391 3.52 3.35 21.68
CA SER D 391 2.10 3.66 21.74
C SER D 391 1.81 4.97 22.45
N ASP D 392 2.84 5.66 22.95
CA ASP D 392 2.64 6.96 23.58
C ASP D 392 2.09 7.97 22.57
N ILE D 393 2.54 7.88 21.32
CA ILE D 393 2.03 8.78 20.27
C ILE D 393 0.54 8.56 20.09
N SER D 394 0.10 7.30 19.99
CA SER D 394 -1.30 7.01 19.83
C SER D 394 -2.11 7.45 21.05
N LYS D 395 -1.57 7.22 22.25
CA LYS D 395 -2.27 7.63 23.46
C LYS D 395 -2.45 9.14 23.50
N HIS D 396 -1.40 9.90 23.17
CA HIS D 396 -1.49 11.35 23.18
C HIS D 396 -2.46 11.86 22.14
N LEU D 397 -2.42 11.28 20.93
CA LEU D 397 -3.34 11.72 19.88
C LEU D 397 -4.79 11.46 20.29
N ALA D 398 -5.08 10.27 20.83
CA ALA D 398 -6.43 9.98 21.26
C ALA D 398 -6.86 10.89 22.41
N LEU D 399 -5.95 11.14 23.36
CA LEU D 399 -6.27 12.03 24.47
C LEU D 399 -6.63 13.41 23.97
N ALA D 400 -5.86 13.95 23.03
CA ALA D 400 -6.18 15.26 22.46
C ALA D 400 -7.51 15.24 21.74
N ILE D 401 -7.78 14.17 20.98
CA ILE D 401 -9.02 14.11 20.21
C ILE D 401 -10.23 14.11 21.12
N THR D 402 -10.20 13.32 22.19
CA THR D 402 -11.34 13.30 23.10
C THR D 402 -11.36 14.49 24.05
N ALA D 403 -10.24 15.16 24.27
CA ALA D 403 -10.22 16.35 25.10
C ALA D 403 -10.79 17.56 24.38
N MET D 404 -10.59 17.66 23.06
CA MET D 404 -11.16 18.78 22.33
C MET D 404 -12.68 18.74 22.35
N GLN D 405 -13.27 17.55 22.51
CA GLN D 405 -14.73 17.39 22.54
C GLN D 405 -15.38 17.98 23.78
N GLN D 406 -14.62 18.63 24.68
CA GLN D 406 -15.22 19.21 25.87
C GLN D 406 -16.27 20.26 25.52
N GLY D 407 -16.07 20.98 24.41
CA GLY D 407 -17.06 21.92 23.94
C GLY D 407 -17.01 23.28 24.62
N GLU D 408 -17.33 23.31 25.91
CA GLU D 408 -17.39 24.56 26.65
C GLU D 408 -15.98 24.99 27.07
N GLY D 409 -15.91 26.02 27.91
CA GLY D 409 -14.65 26.45 28.48
C GLY D 409 -13.96 27.55 27.69
N VAL D 410 -13.44 28.55 28.41
CA VAL D 410 -12.64 29.58 27.76
C VAL D 410 -11.32 29.00 27.27
N CYS D 411 -10.76 28.05 28.01
CA CYS D 411 -9.55 27.35 27.61
C CYS D 411 -9.93 26.01 27.01
N ARG D 412 -9.35 25.68 25.86
CA ARG D 412 -9.71 24.45 25.18
C ARG D 412 -8.51 23.93 24.39
N ILE D 413 -8.50 22.63 24.14
CA ILE D 413 -7.47 22.00 23.34
C ILE D 413 -7.70 22.38 21.88
N VAL D 414 -6.65 22.87 21.22
CA VAL D 414 -6.75 23.35 19.84
C VAL D 414 -5.88 22.58 18.88
N GLY D 415 -4.95 21.76 19.34
CA GLY D 415 -4.11 21.03 18.42
C GLY D 415 -3.12 20.15 19.17
N VAL D 416 -2.18 19.60 18.40
CA VAL D 416 -1.15 18.70 18.92
C VAL D 416 0.21 19.22 18.49
N ASP D 417 1.23 18.79 19.24
CA ASP D 417 2.61 19.20 19.00
C ASP D 417 3.45 17.98 18.69
N LEU D 418 4.28 18.08 17.65
CA LEU D 418 5.16 16.98 17.26
C LEU D 418 6.56 17.22 17.82
N ALA D 419 6.67 17.08 19.13
CA ALA D 419 7.94 17.25 19.82
C ALA D 419 8.77 15.98 19.67
N GLY D 420 9.86 15.89 20.42
CA GLY D 420 10.79 14.77 20.32
C GLY D 420 11.99 15.10 19.45
N PHE D 421 12.92 14.15 19.41
CA PHE D 421 14.10 14.32 18.59
C PHE D 421 13.72 14.37 17.12
N GLU D 422 14.09 15.46 16.45
CA GLU D 422 13.74 15.68 15.06
C GLU D 422 14.69 14.97 14.10
N ASN D 423 15.43 13.99 14.57
CA ASN D 423 16.36 13.25 13.73
C ASN D 423 15.59 12.38 12.73
N LYS D 424 16.33 11.69 11.86
CA LYS D 424 15.72 10.82 10.87
C LYS D 424 14.98 9.65 11.52
N GLU D 425 15.24 9.38 12.80
CA GLU D 425 14.63 8.23 13.45
C GLU D 425 13.11 8.34 13.52
N THR D 426 12.60 9.52 13.85
CA THR D 426 11.16 9.72 14.07
C THR D 426 10.69 10.99 13.38
N ARG D 427 11.01 11.13 12.10
CA ARG D 427 10.57 12.28 11.32
C ARG D 427 9.09 12.13 10.98
N ALA D 428 8.57 13.04 10.17
CA ALA D 428 7.15 13.16 9.90
C ALA D 428 6.65 12.26 8.77
N SER D 429 7.53 11.48 8.14
CA SER D 429 7.14 10.67 7.00
C SER D 429 6.56 9.32 7.39
N TYR D 430 6.54 8.97 8.67
CA TYR D 430 6.09 7.66 9.10
C TYR D 430 4.67 7.64 9.66
N TYR D 431 4.14 8.77 10.08
CA TYR D 431 2.94 8.81 10.92
C TYR D 431 1.83 9.63 10.30
N GLU D 432 1.69 9.59 8.97
CA GLU D 432 0.51 10.16 8.34
C GLU D 432 -0.74 9.35 8.67
N HIS D 433 -0.58 8.03 8.80
CA HIS D 433 -1.71 7.16 9.14
C HIS D 433 -2.29 7.52 10.51
N ASP D 434 -1.44 7.82 11.48
CA ASP D 434 -1.92 8.25 12.79
C ASP D 434 -2.69 9.55 12.70
N PHE D 435 -2.20 10.49 11.89
CA PHE D 435 -2.71 11.86 11.89
C PHE D 435 -3.86 12.09 10.93
N LYS D 436 -4.22 11.10 10.11
CA LYS D 436 -5.43 11.23 9.31
C LYS D 436 -6.66 11.45 10.18
N ALA D 437 -6.77 10.70 11.28
CA ALA D 437 -7.88 10.88 12.20
C ALA D 437 -7.81 12.23 12.90
N VAL D 438 -6.60 12.69 13.23
CA VAL D 438 -6.44 13.98 13.89
C VAL D 438 -6.94 15.09 12.97
N HIS D 439 -6.57 15.05 11.70
CA HIS D 439 -7.08 16.04 10.75
C HIS D 439 -8.57 15.90 10.54
N ARG D 440 -9.10 14.67 10.58
CA ARG D 440 -10.54 14.48 10.39
C ARG D 440 -11.33 15.18 11.48
N CYS D 441 -10.90 15.07 12.74
CA CYS D 441 -11.65 15.62 13.85
C CYS D 441 -11.57 17.14 13.94
N GLY D 442 -10.55 17.75 13.36
CA GLY D 442 -10.39 19.18 13.40
C GLY D 442 -9.33 19.70 14.34
N LEU D 443 -8.26 18.96 14.56
CA LEU D 443 -7.16 19.40 15.40
C LEU D 443 -5.99 19.84 14.53
N ALA D 444 -5.49 21.04 14.77
CA ALA D 444 -4.34 21.52 14.03
C ALA D 444 -3.08 20.80 14.49
N VAL D 445 -2.09 20.74 13.61
CA VAL D 445 -0.87 19.99 13.84
C VAL D 445 0.32 20.94 13.79
N THR D 446 1.17 20.87 14.82
CA THR D 446 2.38 21.67 14.91
C THR D 446 3.58 20.74 15.02
N ALA D 447 4.62 21.01 14.24
CA ALA D 447 5.79 20.15 14.15
C ALA D 447 7.01 20.87 14.69
N HIS D 448 7.74 20.20 15.58
CA HIS D 448 9.03 20.70 16.04
C HIS D 448 10.07 20.43 14.97
N ALA D 449 10.86 21.45 14.64
CA ALA D 449 11.92 21.33 13.64
C ALA D 449 13.17 22.06 14.10
N GLY D 450 13.47 21.99 15.39
CA GLY D 450 14.57 22.79 15.92
C GLY D 450 15.93 22.36 15.41
N GLU D 451 16.21 21.06 15.45
CA GLU D 451 17.51 20.54 15.07
C GLU D 451 17.37 19.61 13.88
N ASN D 452 18.48 19.47 13.14
CA ASN D 452 18.65 18.59 11.99
C ASN D 452 17.40 18.46 11.14
N ASP D 453 16.84 19.61 10.74
CA ASP D 453 15.62 19.65 9.93
C ASP D 453 16.02 19.65 8.47
N ASP D 454 16.10 18.45 7.89
CA ASP D 454 16.37 18.35 6.46
C ASP D 454 15.19 18.90 5.67
N PRO D 455 15.45 19.53 4.51
CA PRO D 455 14.34 20.12 3.75
C PRO D 455 13.28 19.11 3.35
N GLU D 456 13.68 17.88 3.04
CA GLU D 456 12.70 16.85 2.71
C GLU D 456 11.80 16.54 3.89
N GLY D 457 12.36 16.50 5.10
CA GLY D 457 11.54 16.26 6.27
C GLY D 457 10.51 17.35 6.51
N ILE D 458 10.93 18.61 6.37
CA ILE D 458 10.00 19.73 6.54
C ILE D 458 8.93 19.68 5.47
N TRP D 459 9.31 19.35 4.22
CA TRP D 459 8.34 19.24 3.15
C TRP D 459 7.33 18.14 3.44
N GLN D 460 7.79 17.00 3.94
CA GLN D 460 6.88 15.91 4.29
C GLN D 460 5.95 16.33 5.42
N ALA D 461 6.48 17.03 6.43
CA ALA D 461 5.63 17.51 7.52
C ALA D 461 4.57 18.47 7.00
N VAL D 462 4.93 19.32 6.04
CA VAL D 462 3.98 20.27 5.48
C VAL D 462 2.91 19.56 4.68
N TYR D 463 3.30 18.59 3.86
CA TYR D 463 2.38 18.00 2.88
C TYR D 463 1.78 16.68 3.32
N SER D 464 2.50 15.86 4.08
CA SER D 464 1.95 14.58 4.54
C SER D 464 1.34 14.68 5.93
N LEU D 465 1.94 15.44 6.83
CA LEU D 465 1.38 15.65 8.16
C LEU D 465 0.44 16.84 8.22
N HIS D 466 0.36 17.64 7.16
CA HIS D 466 -0.55 18.79 7.09
C HIS D 466 -0.33 19.74 8.25
N ALA D 467 0.94 19.93 8.63
CA ALA D 467 1.26 20.83 9.71
C ALA D 467 0.99 22.27 9.30
N ARG D 468 0.26 23.00 10.15
CA ARG D 468 -0.05 24.39 9.90
C ARG D 468 0.89 25.35 10.64
N ARG D 469 1.89 24.82 11.33
CA ARG D 469 2.83 25.65 12.07
C ARG D 469 4.08 24.83 12.33
N LEU D 470 5.24 25.37 11.96
CA LEU D 470 6.51 24.69 12.07
C LEU D 470 7.35 25.30 13.18
N GLY D 471 7.86 24.46 14.07
CA GLY D 471 8.68 24.95 15.18
C GLY D 471 10.08 25.28 14.71
N HIS D 472 10.55 26.48 15.06
CA HIS D 472 11.88 26.95 14.69
C HIS D 472 12.08 26.93 13.18
N ALA D 473 12.73 25.89 12.67
CA ALA D 473 13.01 25.73 11.24
C ALA D 473 13.74 26.96 10.69
N LEU D 474 14.95 27.18 11.20
CA LEU D 474 15.75 28.34 10.84
C LEU D 474 16.56 28.15 9.56
N ASN D 475 16.48 26.98 8.93
CA ASN D 475 17.28 26.69 7.74
C ASN D 475 16.42 26.63 6.48
N LEU D 476 15.36 27.45 6.42
CA LEU D 476 14.51 27.48 5.23
C LEU D 476 15.18 28.20 4.07
N LEU D 477 16.06 29.16 4.35
CA LEU D 477 16.70 29.91 3.29
C LEU D 477 17.62 29.05 2.43
N GLU D 478 18.03 27.88 2.93
CA GLU D 478 18.89 27.00 2.14
C GLU D 478 18.12 26.30 1.02
N ALA D 479 16.81 26.16 1.17
CA ALA D 479 15.97 25.51 0.16
C ALA D 479 14.92 26.50 -0.33
N PRO D 480 15.16 27.19 -1.44
CA PRO D 480 14.19 28.19 -1.91
C PRO D 480 12.82 27.60 -2.23
N ASP D 481 12.77 26.36 -2.72
CA ASP D 481 11.47 25.74 -3.00
C ASP D 481 10.65 25.56 -1.72
N LEU D 482 11.31 25.13 -0.65
CA LEU D 482 10.63 24.98 0.63
C LEU D 482 10.11 26.32 1.14
N MET D 483 10.93 27.37 1.01
CA MET D 483 10.49 28.70 1.44
C MET D 483 9.30 29.18 0.62
N ARG D 484 9.33 28.93 -0.69
CA ARG D 484 8.20 29.31 -1.54
C ARG D 484 6.94 28.56 -1.14
N THR D 485 7.06 27.26 -0.86
CA THR D 485 5.90 26.49 -0.43
C THR D 485 5.36 27.00 0.89
N VAL D 486 6.24 27.29 1.85
CA VAL D 486 5.81 27.79 3.15
C VAL D 486 5.10 29.13 3.00
N ILE D 487 5.64 30.01 2.17
CA ILE D 487 5.02 31.32 1.97
C ILE D 487 3.66 31.17 1.31
N GLU D 488 3.59 30.37 0.25
CA GLU D 488 2.34 30.25 -0.51
C GLU D 488 1.25 29.59 0.31
N ARG D 489 1.59 28.55 1.07
CA ARG D 489 0.59 27.83 1.85
C ARG D 489 0.25 28.53 3.15
N LYS D 490 0.84 29.70 3.41
CA LYS D 490 0.56 30.49 4.61
C LYS D 490 0.78 29.68 5.88
N ILE D 491 1.84 28.89 5.88
CA ILE D 491 2.20 28.08 7.04
C ILE D 491 3.16 28.88 7.90
N GLY D 492 2.74 29.21 9.11
CA GLY D 492 3.56 30.00 10.00
C GLY D 492 4.70 29.20 10.59
N VAL D 493 5.80 29.90 10.89
CA VAL D 493 6.93 29.33 11.59
C VAL D 493 7.08 30.08 12.91
N GLU D 494 7.37 29.34 13.98
CA GLU D 494 7.51 29.91 15.31
C GLU D 494 8.96 29.79 15.73
N MET D 495 9.70 30.89 15.64
CA MET D 495 11.10 30.92 16.03
C MET D 495 11.24 31.65 17.34
N CYS D 496 11.90 31.01 18.30
CA CYS D 496 12.17 31.62 19.59
C CYS D 496 13.52 32.30 19.54
N PRO D 497 13.60 33.62 19.69
CA PRO D 497 14.90 34.29 19.54
C PRO D 497 15.92 33.87 20.59
N TYR D 498 15.55 33.90 21.87
CA TYR D 498 16.52 33.59 22.91
C TYR D 498 16.94 32.12 22.86
N ALA D 499 15.99 31.21 22.67
CA ALA D 499 16.33 29.79 22.64
C ALA D 499 17.25 29.47 21.48
N ASN D 500 16.92 29.95 20.29
CA ASN D 500 17.76 29.70 19.12
C ASN D 500 19.13 30.37 19.27
N TYR D 501 19.16 31.58 19.82
CA TYR D 501 20.43 32.27 20.03
C TYR D 501 21.31 31.50 21.00
N GLN D 502 20.72 30.95 22.07
CA GLN D 502 21.49 30.20 23.04
C GLN D 502 21.98 28.87 22.47
N ILE D 503 21.12 28.17 21.73
CA ILE D 503 21.47 26.83 21.26
C ILE D 503 22.28 26.90 19.97
N LYS D 504 21.68 27.47 18.92
CA LYS D 504 22.37 27.49 17.62
C LYS D 504 23.52 28.48 17.61
N GLY D 505 23.30 29.68 18.14
CA GLY D 505 24.33 30.71 18.15
C GLY D 505 24.31 31.58 16.91
N PHE D 506 24.16 32.88 17.12
CA PHE D 506 24.12 33.84 16.02
C PHE D 506 24.77 35.14 16.49
N ALA D 507 25.05 36.02 15.52
CA ALA D 507 25.62 37.31 15.86
C ALA D 507 24.66 38.11 16.74
N PRO D 508 25.16 38.90 17.67
CA PRO D 508 26.57 39.21 17.94
C PRO D 508 27.21 38.32 19.00
N MET D 509 26.84 37.04 19.10
CA MET D 509 27.53 36.14 20.02
C MET D 509 28.98 35.98 19.56
N PRO D 510 29.93 36.02 20.49
CA PRO D 510 31.35 35.97 20.09
C PRO D 510 31.69 34.69 19.34
N ASN D 511 32.60 34.84 18.38
CA ASN D 511 33.12 33.78 17.52
C ASN D 511 32.05 33.15 16.63
N PHE D 512 30.84 33.71 16.60
CA PHE D 512 29.76 33.24 15.75
C PHE D 512 29.45 34.29 14.70
N SER D 513 29.30 33.86 13.45
CA SER D 513 29.05 34.77 12.34
C SER D 513 27.73 34.52 11.63
N ALA D 514 27.02 33.44 11.94
CA ALA D 514 25.75 33.17 11.30
C ALA D 514 24.72 34.22 11.71
N LEU D 515 23.89 34.63 10.75
CA LEU D 515 22.90 35.67 10.96
C LEU D 515 21.54 35.05 11.24
N TYR D 516 20.82 35.63 12.20
CA TYR D 516 19.46 35.19 12.47
C TYR D 516 18.57 35.48 11.28
N PRO D 517 17.81 34.50 10.78
CA PRO D 517 17.06 34.71 9.54
C PRO D 517 15.69 35.33 9.75
N LEU D 518 15.44 35.90 10.93
CA LEU D 518 14.12 36.47 11.20
C LEU D 518 13.79 37.62 10.26
N LYS D 519 14.73 38.54 10.07
CA LYS D 519 14.48 39.67 9.19
C LYS D 519 14.27 39.23 7.76
N LYS D 520 15.08 38.27 7.28
CA LYS D 520 14.92 37.78 5.92
C LYS D 520 13.60 37.04 5.76
N TYR D 521 13.19 36.27 6.78
CA TYR D 521 11.89 35.60 6.71
C TYR D 521 10.75 36.61 6.66
N LEU D 522 10.83 37.67 7.48
CA LEU D 522 9.80 38.70 7.46
C LEU D 522 9.74 39.39 6.11
N GLU D 523 10.89 39.71 5.52
CA GLU D 523 10.92 40.34 4.21
C GLU D 523 10.34 39.42 3.13
N ALA D 524 10.66 38.13 3.21
CA ALA D 524 10.18 37.19 2.20
C ALA D 524 8.69 36.91 2.32
N GLY D 525 8.07 37.22 3.46
CA GLY D 525 6.67 36.99 3.65
C GLY D 525 6.31 35.81 4.53
N ILE D 526 7.29 35.16 5.16
CA ILE D 526 7.00 34.07 6.07
C ILE D 526 6.20 34.60 7.25
N LEU D 527 5.21 33.83 7.70
CA LEU D 527 4.38 34.21 8.84
C LEU D 527 5.09 33.81 10.13
N VAL D 528 6.16 34.56 10.44
CA VAL D 528 6.94 34.27 11.63
C VAL D 528 6.18 34.67 12.89
N SER D 529 6.66 34.18 14.02
CA SER D 529 6.05 34.49 15.31
C SER D 529 7.09 34.27 16.39
N VAL D 530 7.37 35.32 17.18
CA VAL D 530 8.38 35.24 18.23
C VAL D 530 7.75 34.62 19.46
N ASN D 531 8.41 33.61 20.02
CA ASN D 531 7.88 32.89 21.18
C ASN D 531 8.94 32.70 22.24
N THR D 532 8.65 31.90 23.26
CA THR D 532 9.54 31.71 24.39
C THR D 532 10.08 30.29 24.54
N ASP D 533 9.35 29.29 24.03
CA ASP D 533 9.74 27.88 24.16
C ASP D 533 9.81 27.45 25.63
N ASN D 534 10.76 28.00 26.37
CA ASN D 534 10.91 27.70 27.79
C ASN D 534 11.25 29.00 28.50
N ILE D 535 10.28 29.54 29.24
CA ILE D 535 10.50 30.82 29.92
C ILE D 535 11.56 30.67 31.01
N GLY D 536 11.47 29.59 31.80
CA GLY D 536 12.42 29.42 32.88
C GLY D 536 13.81 29.07 32.40
N ILE D 537 13.91 28.15 31.44
CA ILE D 537 15.22 27.73 30.95
C ILE D 537 15.92 28.87 30.24
N SER D 538 15.20 29.58 29.37
CA SER D 538 15.78 30.72 28.68
C SER D 538 15.95 31.92 29.60
N GLY D 539 15.16 32.00 30.65
CA GLY D 539 15.26 33.14 31.56
C GLY D 539 14.77 34.44 31.00
N ALA D 540 13.98 34.41 29.93
CA ALA D 540 13.48 35.63 29.30
C ALA D 540 12.05 35.40 28.86
N ASN D 541 11.18 36.37 29.15
CA ASN D 541 9.78 36.28 28.76
C ASN D 541 9.63 36.70 27.30
N LEU D 542 8.38 36.86 26.85
CA LEU D 542 8.15 37.20 25.45
C LEU D 542 8.62 38.61 25.12
N SER D 543 8.45 39.55 26.06
CA SER D 543 8.89 40.92 25.81
C SER D 543 10.39 40.98 25.57
N GLU D 544 11.17 40.25 26.37
CA GLU D 544 12.61 40.23 26.15
C GLU D 544 12.97 39.49 24.87
N ASN D 545 12.18 38.47 24.50
CA ASN D 545 12.44 37.76 23.24
C ASN D 545 12.18 38.67 22.04
N LEU D 546 11.25 39.60 22.18
CA LEU D 546 11.07 40.60 21.12
C LEU D 546 12.15 41.66 21.17
N LEU D 547 12.59 42.03 22.38
CA LEU D 547 13.59 43.09 22.53
C LEU D 547 14.94 42.67 21.96
N ILE D 548 15.33 41.42 22.17
CA ILE D 548 16.65 40.95 21.75
C ILE D 548 16.86 41.06 20.25
N LEU D 549 15.77 41.12 19.47
CA LEU D 549 15.89 41.27 18.03
C LEU D 549 16.56 42.58 17.62
N ALA D 550 16.67 43.55 18.54
CA ALA D 550 17.34 44.80 18.21
C ALA D 550 18.79 44.57 17.81
N ASP D 551 19.49 43.69 18.52
CA ASP D 551 20.86 43.35 18.16
C ASP D 551 21.01 41.96 17.56
N LEU D 552 20.01 41.09 17.71
CA LEU D 552 20.05 39.81 17.03
C LEU D 552 19.83 39.96 15.53
N CYS D 553 18.90 40.82 15.14
CA CYS D 553 18.59 41.09 13.74
C CYS D 553 18.64 42.59 13.52
N PRO D 554 19.83 43.16 13.31
CA PRO D 554 19.95 44.61 13.17
C PRO D 554 19.14 45.13 11.99
N GLY D 555 18.57 46.32 12.15
CA GLY D 555 17.74 46.92 11.14
C GLY D 555 16.27 46.61 11.27
N ILE D 556 15.88 45.72 12.18
CA ILE D 556 14.47 45.41 12.38
C ILE D 556 13.76 46.63 12.96
N SER D 557 12.56 46.91 12.46
CA SER D 557 11.82 48.11 12.81
C SER D 557 10.64 47.76 13.72
N ARG D 558 10.06 48.80 14.32
CA ARG D 558 8.91 48.60 15.20
C ARG D 558 7.71 48.09 14.43
N MET D 559 7.51 48.59 13.20
CA MET D 559 6.45 48.05 12.35
C MET D 559 6.66 46.56 12.10
N ASP D 560 7.92 46.11 12.06
CA ASP D 560 8.17 44.68 11.95
C ASP D 560 7.75 43.93 13.20
N VAL D 561 7.89 44.54 14.38
CA VAL D 561 7.40 43.92 15.60
C VAL D 561 5.88 43.80 15.55
N LEU D 562 5.20 44.86 15.09
CA LEU D 562 3.76 44.79 14.90
C LEU D 562 3.38 43.71 13.91
N THR D 563 4.19 43.55 12.85
CA THR D 563 3.97 42.49 11.88
C THR D 563 4.11 41.12 12.53
N ILE D 564 5.10 40.95 13.40
CA ILE D 564 5.28 39.68 14.10
C ILE D 564 4.06 39.37 14.96
N ILE D 565 3.54 40.38 15.67
CA ILE D 565 2.35 40.19 16.48
C ILE D 565 1.15 39.81 15.62
N ARG D 566 0.99 40.50 14.48
CA ARG D 566 -0.13 40.21 13.59
C ARG D 566 -0.03 38.79 13.03
N ASN D 567 1.17 38.37 12.65
CA ASN D 567 1.35 37.02 12.14
C ASN D 567 1.09 35.98 13.22
N SER D 568 1.49 36.27 14.46
CA SER D 568 1.18 35.39 15.57
C SER D 568 -0.33 35.23 15.73
N ILE D 569 -1.07 36.33 15.61
CA ILE D 569 -2.52 36.26 15.66
C ILE D 569 -3.06 35.43 14.51
N GLU D 570 -2.54 35.66 13.30
CA GLU D 570 -3.06 34.98 12.12
C GLU D 570 -2.83 33.48 12.18
N THR D 571 -1.66 33.05 12.65
CA THR D 571 -1.33 31.63 12.65
C THR D 571 -1.86 30.88 13.87
N ALA D 572 -2.53 31.57 14.79
CA ALA D 572 -3.07 30.91 15.97
C ALA D 572 -4.19 29.95 15.58
N PHE D 573 -4.33 28.88 16.36
CA PHE D 573 -5.34 27.85 16.10
C PHE D 573 -6.65 28.25 16.76
N ILE D 574 -7.30 29.25 16.16
CA ILE D 574 -8.53 29.80 16.70
C ILE D 574 -9.56 29.92 15.58
N SER D 575 -10.83 29.94 15.99
CA SER D 575 -11.91 30.08 15.03
C SER D 575 -11.94 31.49 14.43
N HIS D 576 -12.63 31.61 13.31
CA HIS D 576 -12.64 32.89 12.59
C HIS D 576 -13.28 34.00 13.42
N ASP D 577 -14.38 33.69 14.10
CA ASP D 577 -15.04 34.70 14.93
C ASP D 577 -14.13 35.17 16.05
N PHE D 578 -13.50 34.23 16.75
CA PHE D 578 -12.57 34.60 17.82
C PHE D 578 -11.36 35.31 17.26
N ARG D 579 -10.90 34.92 16.07
CA ARG D 579 -9.78 35.61 15.46
C ARG D 579 -10.13 37.06 15.15
N MET D 580 -11.34 37.31 14.64
CA MET D 580 -11.76 38.67 14.35
C MET D 580 -11.88 39.49 15.64
N GLU D 581 -12.44 38.89 16.69
CA GLU D 581 -12.55 39.61 17.96
C GLU D 581 -11.17 39.94 18.51
N LEU D 582 -10.24 38.98 18.45
CA LEU D 582 -8.89 39.22 18.94
C LEU D 582 -8.18 40.29 18.11
N LEU D 583 -8.38 40.27 16.79
CA LEU D 583 -7.77 41.29 15.93
C LEU D 583 -8.30 42.67 16.28
N LYS D 584 -9.61 42.79 16.49
CA LYS D 584 -10.19 44.07 16.88
C LYS D 584 -9.61 44.55 18.20
N PHE D 585 -9.54 43.66 19.20
CA PHE D 585 -9.01 44.05 20.49
C PHE D 585 -7.53 44.45 20.39
N PHE D 586 -6.76 43.71 19.60
CA PHE D 586 -5.34 44.02 19.45
C PHE D 586 -5.14 45.36 18.76
N ASP D 587 -5.93 45.65 17.72
CA ASP D 587 -5.85 46.95 17.08
C ASP D 587 -6.19 48.06 18.06
N ARG D 588 -7.25 47.86 18.84
CA ARG D 588 -7.67 48.88 19.79
C ARG D 588 -6.60 49.12 20.85
N LYS D 589 -5.97 48.05 21.34
CA LYS D 589 -4.97 48.20 22.38
C LYS D 589 -3.67 48.78 21.83
N ILE D 590 -3.31 48.43 20.60
CA ILE D 590 -2.09 48.97 19.99
C ILE D 590 -2.27 50.45 19.70
N TYR D 591 -3.48 50.86 19.31
CA TYR D 591 -3.76 52.27 19.11
C TYR D 591 -3.75 53.01 20.45
N VAL D 593 -1.75 52.06 22.85
CA VAL D 593 -0.54 52.28 23.63
C VAL D 593 0.47 53.07 22.81
N CYS D 594 0.38 52.96 21.49
CA CYS D 594 1.29 53.70 20.63
C CYS D 594 1.08 55.21 20.76
N LEU D 595 -0.17 55.65 20.87
CA LEU D 595 -0.45 57.06 21.09
C LEU D 595 0.17 57.54 22.40
N ILE D 596 -0.01 56.76 23.48
CA ILE D 596 0.53 57.14 24.77
C ILE D 596 2.05 57.22 24.71
N SER D 597 2.69 56.24 24.07
CA SER D 597 4.15 56.25 23.97
C SER D 597 4.65 57.42 23.13
N ILE D 598 3.96 57.74 22.02
CA ILE D 598 4.45 58.80 21.15
C ILE D 598 4.24 60.17 21.78
N LYS D 599 3.18 60.35 22.57
CA LYS D 599 2.99 61.62 23.27
C LYS D 599 3.98 61.81 24.41
N ASN D 600 4.59 60.74 24.89
CA ASN D 600 5.60 60.84 25.95
C ASN D 600 6.84 60.03 25.59
N SER E 2 38.93 -4.28 -69.61
CA SER E 2 40.00 -5.23 -69.33
C SER E 2 40.23 -6.16 -70.52
N ARG E 3 39.34 -7.15 -70.68
CA ARG E 3 39.40 -8.12 -71.77
C ARG E 3 40.75 -8.85 -71.75
N VAL E 4 40.93 -9.63 -70.69
CA VAL E 4 42.18 -10.33 -70.43
C VAL E 4 41.92 -11.83 -70.35
N LEU E 5 42.63 -12.61 -71.15
CA LEU E 5 42.67 -14.06 -71.02
C LEU E 5 43.83 -14.45 -70.13
N LEU E 6 43.72 -15.65 -69.54
CA LEU E 6 44.78 -16.18 -68.69
C LEU E 6 44.83 -17.70 -68.88
N CYS E 7 46.03 -18.23 -69.11
CA CYS E 7 46.21 -19.65 -69.38
C CYS E 7 47.54 -20.12 -68.83
N SER E 8 47.67 -21.43 -68.71
CA SER E 8 48.92 -22.08 -68.32
C SER E 8 49.52 -22.78 -69.53
N ALA E 9 50.83 -23.02 -69.47
CA ALA E 9 51.56 -23.65 -70.56
C ALA E 9 52.05 -25.03 -70.15
N GLY E 10 52.36 -25.84 -71.16
CA GLY E 10 52.84 -27.19 -70.93
C GLY E 10 53.70 -27.72 -72.05
N HIS E 11 53.55 -29.00 -72.38
CA HIS E 11 54.31 -29.57 -73.48
C HIS E 11 53.93 -28.95 -74.82
N SER E 12 52.63 -28.74 -75.03
CA SER E 12 52.12 -28.22 -76.30
C SER E 12 51.85 -26.74 -76.20
N SER E 13 52.09 -26.04 -77.32
CA SER E 13 51.85 -24.61 -77.42
C SER E 13 50.51 -24.27 -78.03
N MET E 14 49.67 -25.27 -78.32
CA MET E 14 48.40 -25.03 -78.98
C MET E 14 47.45 -24.21 -78.12
N VAL E 15 47.64 -24.26 -76.79
CA VAL E 15 46.59 -23.85 -75.86
C VAL E 15 46.22 -22.38 -76.05
N VAL E 16 47.22 -21.52 -76.22
CA VAL E 16 46.98 -20.09 -76.32
C VAL E 16 46.35 -19.73 -77.66
N PRO E 17 46.86 -20.22 -78.81
CA PRO E 17 46.17 -19.90 -80.08
C PRO E 17 44.71 -20.35 -80.11
N GLU E 18 44.38 -21.52 -79.57
CA GLU E 18 43.00 -21.99 -79.64
C GLU E 18 42.11 -21.22 -78.66
N ALA E 19 42.64 -20.87 -77.49
CA ALA E 19 41.89 -20.05 -76.55
C ALA E 19 41.80 -18.59 -76.98
N PHE E 20 42.60 -18.18 -77.96
CA PHE E 20 42.59 -16.78 -78.40
C PHE E 20 41.21 -16.39 -78.94
N HIS E 21 40.59 -17.27 -79.73
CA HIS E 21 39.30 -17.01 -80.33
C HIS E 21 38.15 -17.55 -79.48
N ALA E 22 38.29 -17.57 -78.16
CA ALA E 22 37.19 -17.97 -77.30
C ALA E 22 36.00 -17.04 -77.47
N VAL E 23 36.26 -15.74 -77.51
CA VAL E 23 35.25 -14.73 -77.82
C VAL E 23 34.95 -14.80 -79.31
N PRO E 24 33.70 -14.56 -79.73
CA PRO E 24 33.38 -14.60 -81.16
C PRO E 24 33.52 -13.27 -81.89
N GLU E 25 34.06 -12.24 -81.25
CA GLU E 25 34.19 -10.92 -81.86
C GLU E 25 35.57 -10.33 -81.64
N GLY E 26 36.57 -11.18 -81.45
CA GLY E 26 37.93 -10.73 -81.25
C GLY E 26 38.24 -10.41 -79.79
N PHE E 27 39.53 -10.44 -79.48
CA PHE E 27 39.98 -10.24 -78.10
C PHE E 27 41.01 -9.12 -78.06
N GLU E 28 41.36 -8.69 -76.85
CA GLU E 28 42.21 -7.52 -76.65
C GLU E 28 43.63 -7.88 -76.24
N GLU E 29 43.80 -8.62 -75.14
CA GLU E 29 45.15 -8.90 -74.64
C GLU E 29 45.14 -10.19 -73.85
N VAL E 30 46.19 -11.01 -74.03
CA VAL E 30 46.29 -12.35 -73.45
C VAL E 30 47.66 -12.52 -72.82
N HIS E 31 47.69 -13.16 -71.65
CA HIS E 31 48.93 -13.40 -70.93
C HIS E 31 49.04 -14.88 -70.58
N VAL E 32 50.29 -15.35 -70.50
CA VAL E 32 50.60 -16.76 -70.33
C VAL E 32 51.57 -16.91 -69.17
N PHE E 33 51.33 -17.91 -68.33
CA PHE E 33 52.20 -18.24 -67.20
C PHE E 33 52.74 -19.65 -67.40
N THR E 34 54.05 -19.82 -67.18
CA THR E 34 54.69 -21.11 -67.40
C THR E 34 55.84 -21.28 -66.42
N THR E 35 56.45 -22.46 -66.45
CA THR E 35 57.60 -22.79 -65.64
C THR E 35 58.87 -22.70 -66.48
N ASP E 36 59.99 -23.13 -65.92
CA ASP E 36 61.28 -23.02 -66.57
C ASP E 36 61.67 -24.25 -67.38
N SER E 37 60.71 -25.11 -67.71
CA SER E 37 61.02 -26.30 -68.50
C SER E 37 61.43 -25.91 -69.92
N GLU E 38 62.49 -26.54 -70.41
CA GLU E 38 62.98 -26.25 -71.75
C GLU E 38 62.12 -26.85 -72.85
N LYS E 39 61.16 -27.72 -72.50
CA LYS E 39 60.30 -28.33 -73.50
C LYS E 39 59.46 -27.28 -74.21
N PHE E 40 58.94 -26.31 -73.48
CA PHE E 40 58.11 -25.27 -74.08
C PHE E 40 58.97 -24.32 -74.92
N ASN E 41 58.56 -24.09 -76.16
CA ASN E 41 59.19 -23.12 -77.02
C ASN E 41 58.27 -21.92 -77.15
N PRO E 42 58.75 -20.70 -76.90
CA PRO E 42 57.90 -19.51 -77.09
C PRO E 42 57.86 -19.02 -78.53
N VAL E 43 58.63 -19.62 -79.43
CA VAL E 43 58.77 -19.10 -80.78
C VAL E 43 57.45 -19.18 -81.54
N VAL E 44 56.75 -20.30 -81.42
CA VAL E 44 55.50 -20.49 -82.17
C VAL E 44 54.45 -19.48 -81.71
N LEU E 45 54.28 -19.34 -80.40
CA LEU E 45 53.31 -18.39 -79.89
C LEU E 45 53.70 -16.95 -80.23
N ASN E 46 54.99 -16.63 -80.16
CA ASN E 46 55.43 -15.29 -80.52
C ASN E 46 55.14 -14.99 -82.00
N ASP E 47 55.41 -15.95 -82.88
CA ASP E 47 55.11 -15.75 -84.29
C ASP E 47 53.62 -15.61 -84.54
N PHE E 48 52.81 -16.42 -83.85
CA PHE E 48 51.37 -16.34 -84.04
C PHE E 48 50.79 -15.03 -83.50
N PHE E 49 51.36 -14.50 -82.41
CA PHE E 49 50.91 -13.22 -81.88
C PHE E 49 51.41 -12.06 -82.74
N HIS E 50 52.56 -12.22 -83.41
CA HIS E 50 53.06 -11.17 -84.28
C HIS E 50 52.10 -10.85 -85.42
N SER E 51 51.27 -11.82 -85.81
CA SER E 51 50.27 -11.56 -86.85
C SER E 51 49.21 -10.57 -86.40
N LEU E 52 49.04 -10.37 -85.09
CA LEU E 52 48.07 -9.45 -84.54
C LEU E 52 48.82 -8.55 -83.56
N PRO E 53 49.38 -7.45 -84.05
CA PRO E 53 50.22 -6.59 -83.17
C PRO E 53 49.45 -5.95 -82.03
N ASN E 54 48.12 -5.83 -82.11
CA ASN E 54 47.36 -5.13 -81.09
C ASN E 54 47.46 -5.86 -79.75
N VAL E 55 47.34 -7.19 -79.77
CA VAL E 55 47.30 -7.94 -78.52
C VAL E 55 48.64 -7.84 -77.79
N ARG E 56 48.57 -7.67 -76.48
CA ARG E 56 49.76 -7.64 -75.63
C ARG E 56 50.07 -9.08 -75.23
N PHE E 57 51.24 -9.56 -75.64
CA PHE E 57 51.71 -10.89 -75.25
C PHE E 57 52.72 -10.74 -74.12
N SER E 58 52.44 -11.41 -73.00
CA SER E 58 53.34 -11.41 -71.85
C SER E 58 53.62 -12.86 -71.46
N ILE E 59 54.90 -13.20 -71.36
CA ILE E 59 55.34 -14.54 -70.99
C ILE E 59 56.08 -14.44 -69.68
N THR E 60 55.62 -15.18 -68.68
CA THR E 60 56.27 -15.23 -67.37
C THR E 60 56.69 -16.66 -67.08
N LYS E 61 57.98 -16.85 -66.80
CA LYS E 61 58.55 -18.16 -66.53
C LYS E 61 58.81 -18.31 -65.04
N CYS E 62 58.34 -19.40 -64.46
CA CYS E 62 58.56 -19.68 -63.05
C CYS E 62 60.00 -20.15 -62.88
N HIS E 63 60.83 -19.30 -62.26
CA HIS E 63 62.26 -19.56 -62.19
C HIS E 63 62.58 -20.73 -61.28
N GLY E 64 63.58 -21.51 -61.66
CA GLY E 64 64.12 -22.55 -60.79
C GLY E 64 63.19 -23.73 -60.56
N LEU E 65 62.07 -23.78 -61.27
CA LEU E 65 61.12 -24.86 -61.09
C LEU E 65 60.92 -25.58 -62.41
N ALA E 66 60.70 -26.88 -62.35
CA ALA E 66 60.47 -27.69 -63.54
C ALA E 66 59.65 -28.92 -63.17
N ASP E 67 58.56 -29.13 -63.91
CA ASP E 67 57.67 -30.30 -63.80
C ASP E 67 56.89 -30.36 -62.49
N ILE E 68 57.09 -29.40 -61.57
CA ILE E 68 56.41 -29.29 -60.28
C ILE E 68 56.18 -30.68 -59.65
N LEU E 69 57.24 -31.28 -59.13
CA LEU E 69 57.19 -32.64 -58.63
C LEU E 69 57.28 -32.74 -57.12
N ASN E 70 57.63 -31.66 -56.42
CA ASN E 70 57.89 -31.70 -54.98
C ASN E 70 56.94 -30.77 -54.25
N GLU E 71 56.67 -31.11 -52.98
CA GLU E 71 55.78 -30.31 -52.14
C GLU E 71 56.26 -28.86 -52.05
N ARG E 72 57.54 -28.67 -51.73
CA ARG E 72 58.08 -27.31 -51.63
C ARG E 72 58.07 -26.63 -52.99
N ASP E 73 58.38 -27.36 -54.06
CA ASP E 73 58.30 -26.79 -55.39
C ASP E 73 56.88 -26.34 -55.71
N PHE E 74 55.89 -27.16 -55.35
CA PHE E 74 54.50 -26.79 -55.60
C PHE E 74 54.11 -25.56 -54.80
N GLU E 75 54.52 -25.48 -53.54
CA GLU E 75 54.19 -24.30 -52.74
C GLU E 75 54.84 -23.05 -53.31
N PHE E 76 56.10 -23.15 -53.73
CA PHE E 76 56.77 -22.06 -54.41
C PHE E 76 55.99 -21.62 -55.65
N TYR E 77 55.60 -22.58 -56.49
CA TYR E 77 54.87 -22.25 -57.71
C TYR E 77 53.54 -21.59 -57.38
N GLN E 78 52.85 -22.10 -56.36
CA GLN E 78 51.56 -21.54 -55.99
C GLN E 78 51.69 -20.09 -55.52
N GLU E 79 52.71 -19.83 -54.70
CA GLU E 79 52.91 -18.47 -54.21
C GLU E 79 53.23 -17.51 -55.34
N MET E 80 54.15 -17.92 -56.24
CA MET E 80 54.49 -17.04 -57.36
C MET E 80 53.32 -16.88 -58.32
N LEU E 81 52.54 -17.93 -58.52
CA LEU E 81 51.35 -17.82 -59.37
C LEU E 81 50.35 -16.83 -58.78
N TRP E 82 50.14 -16.88 -57.47
CA TRP E 82 49.23 -15.95 -56.83
C TRP E 82 49.75 -14.52 -56.93
N GLN E 83 51.05 -14.32 -56.71
CA GLN E 83 51.62 -12.99 -56.84
C GLN E 83 51.49 -12.46 -58.26
N TRP E 84 51.79 -13.30 -59.25
CA TRP E 84 51.67 -12.88 -60.64
C TRP E 84 50.22 -12.60 -61.02
N TYR E 85 49.28 -13.41 -60.52
CA TYR E 85 47.88 -13.19 -60.79
C TYR E 85 47.40 -11.87 -60.20
N LEU E 86 47.85 -11.55 -59.00
CA LEU E 86 47.45 -10.29 -58.37
C LEU E 86 48.10 -9.09 -59.07
N THR E 87 49.35 -9.23 -59.51
CA THR E 87 50.00 -8.14 -60.23
C THR E 87 49.39 -7.95 -61.61
N LYS E 88 48.89 -9.02 -62.22
CA LYS E 88 48.24 -8.96 -63.51
C LYS E 88 46.73 -8.82 -63.39
N MET E 89 46.23 -8.58 -62.18
CA MET E 89 44.83 -8.34 -61.92
C MET E 89 44.38 -7.11 -62.70
N PRO E 90 43.42 -7.23 -63.62
CA PRO E 90 42.88 -6.02 -64.26
C PRO E 90 42.24 -5.09 -63.24
N ASP E 91 42.32 -3.79 -63.53
CA ASP E 91 41.95 -2.78 -62.55
C ASP E 91 40.49 -2.89 -62.14
N ASN E 92 39.59 -2.95 -63.11
CA ASN E 92 38.16 -2.91 -62.82
C ASN E 92 37.42 -4.18 -63.22
N GLU E 93 37.54 -4.62 -64.47
CA GLU E 93 36.78 -5.75 -64.97
C GLU E 93 37.50 -7.05 -64.66
N LEU E 94 36.73 -8.09 -64.33
CA LEU E 94 37.32 -9.38 -64.04
C LEU E 94 37.87 -10.02 -65.31
N PRO E 95 38.92 -10.82 -65.19
CA PRO E 95 39.53 -11.42 -66.38
C PRO E 95 39.01 -12.81 -66.70
N TYR E 96 39.13 -13.18 -67.96
CA TYR E 96 38.87 -14.55 -68.36
C TYR E 96 40.07 -15.43 -68.03
N VAL E 97 39.80 -16.70 -67.79
CA VAL E 97 40.85 -17.65 -67.42
C VAL E 97 40.50 -19.02 -67.96
N CYS E 98 41.50 -19.72 -68.49
CA CYS E 98 41.37 -21.11 -68.90
C CYS E 98 42.52 -21.91 -68.31
N LEU E 99 42.25 -23.18 -68.06
CA LEU E 99 43.19 -24.03 -67.33
C LEU E 99 43.33 -25.41 -67.97
N SER E 100 43.07 -25.50 -69.28
CA SER E 100 43.22 -26.77 -69.98
C SER E 100 44.66 -27.25 -69.95
N GLY E 101 45.62 -26.34 -70.15
CA GLY E 101 47.01 -26.70 -70.12
C GLY E 101 47.57 -26.79 -68.71
N GLY E 102 48.81 -27.26 -68.62
CA GLY E 102 49.51 -27.38 -67.35
C GLY E 102 49.23 -28.69 -66.65
N ILE E 103 50.02 -28.94 -65.60
CA ILE E 103 49.83 -30.11 -64.77
C ILE E 103 48.54 -29.98 -63.98
N LYS E 104 47.95 -31.11 -63.60
CA LYS E 104 46.74 -31.10 -62.78
C LYS E 104 46.93 -30.26 -61.52
N SER E 105 48.12 -30.32 -60.92
CA SER E 105 48.39 -29.50 -59.73
C SER E 105 48.38 -28.02 -60.06
N MET E 106 49.08 -27.62 -61.12
CA MET E 106 49.08 -26.21 -61.51
C MET E 106 47.70 -25.76 -61.95
N SER E 107 46.97 -26.64 -62.65
CA SER E 107 45.62 -26.30 -63.08
C SER E 107 44.71 -26.08 -61.87
N ALA E 108 44.81 -26.95 -60.86
CA ALA E 108 44.00 -26.79 -59.66
C ALA E 108 44.38 -25.52 -58.91
N SER E 109 45.67 -25.22 -58.83
CA SER E 109 46.11 -23.98 -58.18
C SER E 109 45.58 -22.76 -58.90
N LEU E 110 45.62 -22.77 -60.24
CA LEU E 110 45.09 -21.64 -61.00
C LEU E 110 43.58 -21.52 -60.83
N GLN E 111 42.87 -22.65 -60.77
CA GLN E 111 41.43 -22.59 -60.53
C GLN E 111 41.13 -22.01 -59.16
N LYS E 112 41.91 -22.40 -58.14
CA LYS E 112 41.74 -21.82 -56.82
C LYS E 112 42.01 -20.32 -56.84
N ALA E 113 43.06 -19.90 -57.55
CA ALA E 113 43.35 -18.47 -57.68
C ALA E 113 42.19 -17.74 -58.35
N ALA E 114 41.66 -18.31 -59.43
CA ALA E 114 40.58 -17.65 -60.15
C ALA E 114 39.33 -17.54 -59.28
N THR E 115 38.99 -18.61 -58.57
CA THR E 115 37.82 -18.58 -57.70
C THR E 115 38.05 -17.77 -56.43
N LEU E 116 39.29 -17.44 -56.11
CA LEU E 116 39.55 -16.63 -54.93
C LEU E 116 39.66 -15.14 -55.25
N PHE E 117 40.16 -14.78 -56.42
CA PHE E 117 40.35 -13.39 -56.80
C PHE E 117 39.40 -12.94 -57.90
N GLY E 118 38.45 -13.77 -58.28
CA GLY E 118 37.48 -13.41 -59.31
C GLY E 118 37.94 -13.80 -60.70
N ALA E 119 36.96 -13.95 -61.59
CA ALA E 119 37.23 -14.34 -62.96
C ALA E 119 36.00 -14.05 -63.81
N GLN E 120 36.22 -13.45 -64.99
CA GLN E 120 35.11 -13.19 -65.89
C GLN E 120 34.50 -14.47 -66.41
N SER E 121 35.31 -15.52 -66.60
CA SER E 121 34.81 -16.83 -66.98
C SER E 121 35.96 -17.83 -66.88
N VAL E 122 35.63 -19.04 -66.44
CA VAL E 122 36.56 -20.17 -66.46
C VAL E 122 36.08 -21.11 -67.55
N PHE E 123 36.92 -21.33 -68.56
CA PHE E 123 36.52 -22.11 -69.72
C PHE E 123 37.62 -23.11 -70.07
N HIS E 124 37.39 -23.85 -71.15
CA HIS E 124 38.26 -24.96 -71.52
C HIS E 124 38.34 -25.04 -73.05
N VAL E 125 39.41 -25.67 -73.52
CA VAL E 125 39.61 -25.92 -74.94
C VAL E 125 39.85 -27.41 -75.14
N LEU E 126 39.27 -27.97 -76.20
CA LEU E 126 39.45 -29.38 -76.51
C LEU E 126 39.38 -29.58 -78.02
N ALA E 127 40.19 -30.51 -78.51
CA ALA E 127 40.21 -30.87 -79.93
C ALA E 127 40.38 -32.38 -80.05
N ASP E 128 39.51 -33.01 -80.84
CA ASP E 128 39.46 -34.46 -80.89
C ASP E 128 40.76 -35.06 -81.41
N ASN E 129 41.32 -34.47 -82.45
CA ASN E 129 42.49 -35.03 -83.12
C ASN E 129 43.82 -34.53 -82.55
N ASN E 130 43.79 -33.62 -81.57
CA ASN E 130 44.98 -33.08 -80.94
C ASN E 130 45.95 -32.52 -81.99
N PRO E 131 45.63 -31.38 -82.60
CA PRO E 131 46.44 -30.88 -83.72
C PRO E 131 47.81 -30.40 -83.26
N ARG E 132 48.76 -30.45 -84.19
CA ARG E 132 50.12 -29.98 -83.95
C ARG E 132 50.48 -28.79 -84.83
N ASN E 133 50.36 -28.91 -86.14
CA ASN E 133 50.69 -27.80 -87.04
C ASN E 133 49.57 -26.77 -87.06
N ILE E 134 49.96 -25.49 -87.09
CA ILE E 134 48.98 -24.41 -86.98
C ILE E 134 47.97 -24.47 -88.13
N GLU E 135 48.39 -25.03 -89.27
CA GLU E 135 47.44 -25.31 -90.35
C GLU E 135 46.33 -26.22 -89.86
N GLU E 136 46.62 -27.14 -88.94
CA GLU E 136 45.57 -27.99 -88.39
C GLU E 136 44.61 -27.18 -87.53
N MET E 137 45.09 -26.16 -86.80
CA MET E 137 44.16 -25.25 -86.13
C MET E 137 43.28 -24.49 -87.12
N PHE E 138 43.84 -23.95 -88.20
CA PHE E 138 42.97 -23.26 -89.14
C PHE E 138 41.93 -24.21 -89.73
N ASP E 139 42.34 -25.45 -90.03
CA ASP E 139 41.39 -26.44 -90.52
C ASP E 139 40.32 -26.72 -89.48
N ALA E 140 40.71 -26.77 -88.20
CA ALA E 140 39.77 -27.09 -87.15
C ALA E 140 38.73 -25.99 -86.97
N LEU E 141 39.17 -24.72 -86.98
CA LEU E 141 38.20 -23.62 -86.89
C LEU E 141 37.33 -23.54 -88.13
N GLN E 142 37.87 -23.87 -89.31
CA GLN E 142 37.02 -23.87 -90.50
C GLN E 142 35.95 -24.96 -90.44
N LYS E 143 36.34 -26.20 -90.14
CA LYS E 143 35.34 -27.26 -90.06
C LYS E 143 34.91 -27.57 -88.62
N GLY E 144 35.36 -26.77 -87.65
CA GLY E 144 34.61 -26.56 -86.43
C GLY E 144 34.52 -27.69 -85.42
N GLN E 145 35.52 -28.56 -85.32
CA GLN E 145 35.46 -29.58 -84.26
C GLN E 145 35.74 -28.98 -82.89
N ILE E 146 36.65 -28.01 -82.82
CA ILE E 146 37.15 -27.53 -81.53
C ILE E 146 36.01 -26.88 -80.76
N HIS E 147 35.51 -27.58 -79.75
CA HIS E 147 34.45 -27.07 -78.89
C HIS E 147 35.04 -26.26 -77.75
N PHE E 148 34.17 -25.53 -77.06
CA PHE E 148 34.58 -24.71 -75.93
C PHE E 148 33.75 -25.12 -74.72
N ILE E 149 34.41 -25.53 -73.65
CA ILE E 149 33.75 -26.10 -72.48
C ILE E 149 33.85 -25.09 -71.34
N GLU E 150 32.70 -24.70 -70.79
CA GLU E 150 32.65 -23.63 -69.81
C GLU E 150 31.54 -23.97 -68.81
N MET E 151 31.90 -24.20 -67.54
CA MET E 151 30.97 -24.80 -66.59
C MET E 151 29.95 -23.81 -66.05
N GLY E 152 30.16 -22.51 -66.21
CA GLY E 152 29.25 -21.49 -65.72
C GLY E 152 30.03 -20.29 -65.22
N TYR E 153 29.47 -19.10 -65.47
CA TYR E 153 30.17 -17.87 -65.14
C TYR E 153 30.39 -17.75 -63.64
N GLU E 154 31.58 -17.31 -63.26
CA GLU E 154 31.90 -17.28 -61.85
C GLU E 154 31.87 -15.86 -61.32
N PRO E 155 31.26 -15.64 -60.15
CA PRO E 155 31.27 -14.29 -59.57
C PRO E 155 32.63 -13.91 -59.01
N GLY E 156 33.30 -14.83 -58.33
CA GLY E 156 34.54 -14.51 -57.65
C GLY E 156 34.26 -13.65 -56.44
N TRP E 157 35.20 -13.56 -55.50
CA TRP E 157 34.97 -12.77 -54.30
C TRP E 157 35.59 -11.39 -54.52
N ALA E 158 34.82 -10.35 -54.25
CA ALA E 158 35.14 -9.02 -54.77
C ALA E 158 36.45 -8.49 -54.22
N ALA E 159 36.70 -8.66 -52.92
CA ALA E 159 37.78 -7.96 -52.24
C ALA E 159 38.93 -8.92 -51.93
N LEU E 160 39.87 -9.03 -52.86
CA LEU E 160 41.16 -9.63 -52.55
C LEU E 160 42.31 -8.94 -53.29
N ARG E 161 42.12 -7.72 -53.80
CA ARG E 161 43.10 -7.11 -54.69
C ARG E 161 44.08 -6.16 -54.01
N ARG E 162 43.79 -5.70 -52.78
CA ARG E 162 44.78 -4.85 -52.12
C ARG E 162 46.06 -5.61 -51.75
N LEU E 163 46.04 -6.94 -51.80
CA LEU E 163 47.28 -7.69 -51.64
C LEU E 163 48.28 -7.31 -52.72
N LYS E 164 47.81 -7.13 -53.95
CA LYS E 164 48.69 -6.69 -55.02
C LYS E 164 49.30 -5.31 -54.73
N LYS E 165 48.64 -4.50 -53.91
CA LYS E 165 49.17 -3.21 -53.50
C LYS E 165 50.17 -3.35 -52.35
N ILE E 166 49.89 -4.25 -51.41
CA ILE E 166 50.79 -4.44 -50.27
C ILE E 166 52.06 -5.20 -50.62
N LEU E 167 52.09 -5.88 -51.77
CA LEU E 167 53.32 -6.54 -52.17
C LEU E 167 53.88 -5.89 -53.42
N PRO E 168 55.20 -5.75 -53.53
CA PRO E 168 55.82 -5.17 -54.71
C PRO E 168 56.00 -6.23 -55.79
N ILE E 169 56.61 -5.81 -56.90
CA ILE E 169 56.76 -6.69 -58.05
C ILE E 169 57.62 -7.90 -57.70
N ASN E 170 58.74 -7.66 -57.03
CA ASN E 170 59.69 -8.71 -56.63
C ASN E 170 60.13 -9.54 -57.85
N GLU E 171 60.79 -8.85 -58.78
CA GLU E 171 61.31 -9.54 -59.96
C GLU E 171 62.34 -10.60 -59.57
N GLY E 172 63.21 -10.27 -58.62
CA GLY E 172 64.14 -11.23 -58.06
C GLY E 172 63.57 -11.82 -56.78
N CYS E 173 63.38 -13.13 -56.79
CA CYS E 173 62.74 -13.81 -55.66
C CYS E 173 63.32 -15.21 -55.52
N SER E 174 63.17 -15.76 -54.32
CA SER E 174 63.63 -17.11 -54.02
C SER E 174 62.68 -17.70 -52.98
N ARG E 175 63.11 -18.79 -52.35
CA ARG E 175 62.27 -19.47 -51.36
C ARG E 175 62.27 -18.77 -50.00
N ASP E 176 63.05 -17.70 -49.84
CA ASP E 176 63.10 -17.00 -48.56
C ASP E 176 61.80 -16.24 -48.30
N ASN E 177 61.16 -15.73 -49.34
CA ASN E 177 59.99 -14.87 -49.20
C ASN E 177 58.72 -15.66 -49.52
N PHE E 178 57.78 -15.67 -48.57
CA PHE E 178 56.50 -16.34 -48.74
C PHE E 178 55.48 -15.64 -47.84
N LYS E 179 54.24 -15.51 -48.32
CA LYS E 179 53.19 -14.85 -47.55
C LYS E 179 52.01 -15.80 -47.33
N PRO E 180 51.83 -16.34 -46.12
CA PRO E 180 50.66 -17.15 -45.80
C PRO E 180 49.47 -16.33 -45.30
N LEU E 181 49.13 -15.26 -46.02
CA LEU E 181 48.09 -14.35 -45.55
C LEU E 181 46.70 -14.96 -45.72
N ILE E 182 46.46 -15.66 -46.82
CA ILE E 182 45.15 -16.22 -47.11
C ILE E 182 45.09 -17.67 -46.65
N SER E 183 46.22 -18.37 -46.77
CA SER E 183 46.27 -19.76 -46.34
C SER E 183 46.06 -19.90 -44.84
N LYS E 184 46.36 -18.86 -44.07
CA LYS E 184 46.13 -18.93 -42.63
C LYS E 184 44.64 -18.91 -42.31
N SER E 185 43.85 -18.15 -43.07
CA SER E 185 42.41 -18.18 -42.90
C SER E 185 41.79 -19.43 -43.51
N ILE E 186 42.41 -19.96 -44.57
CA ILE E 186 41.91 -21.18 -45.20
C ILE E 186 42.13 -22.39 -44.29
N GLU E 187 43.29 -22.45 -43.64
CA GLU E 187 43.58 -23.58 -42.76
C GLU E 187 42.65 -23.61 -41.56
N GLU E 188 42.34 -22.44 -40.99
CA GLU E 188 41.45 -22.35 -39.85
C GLU E 188 39.98 -22.31 -40.23
N ILE E 189 39.64 -22.83 -41.42
CA ILE E 189 38.25 -22.77 -41.87
C ILE E 189 37.36 -23.64 -40.98
N LEU E 190 37.78 -24.89 -40.74
CA LEU E 190 37.09 -25.74 -39.78
C LEU E 190 38.05 -26.34 -38.76
N SER E 191 39.33 -25.94 -38.79
CA SER E 191 40.29 -26.40 -37.79
C SER E 191 40.04 -25.78 -36.42
N ASN E 192 39.17 -24.78 -36.33
CA ASN E 192 38.87 -24.14 -35.06
C ASN E 192 37.66 -24.80 -34.40
N THR E 200 28.80 -23.11 -30.56
CA THR E 200 27.64 -23.67 -31.23
C THR E 200 26.68 -22.57 -31.67
N GLY E 201 26.53 -21.55 -30.82
CA GLY E 201 25.66 -20.43 -31.10
C GLY E 201 26.22 -19.38 -32.03
N LYS E 202 27.46 -19.57 -32.49
CA LYS E 202 28.08 -18.59 -33.38
C LYS E 202 27.28 -18.45 -34.68
N SER E 203 26.98 -19.57 -35.33
CA SER E 203 26.23 -19.51 -36.58
C SER E 203 24.77 -19.16 -36.35
N ASN E 204 24.20 -19.60 -35.23
CA ASN E 204 22.80 -19.30 -34.95
C ASN E 204 22.58 -17.82 -34.69
N GLN E 205 23.55 -17.14 -34.08
CA GLN E 205 23.44 -15.73 -33.76
C GLN E 205 23.76 -14.83 -34.95
N LEU E 206 23.77 -15.38 -36.16
CA LEU E 206 24.15 -14.62 -37.36
C LEU E 206 23.17 -13.47 -37.60
N PRO E 207 23.61 -12.23 -37.45
CA PRO E 207 22.74 -11.08 -37.72
C PRO E 207 22.88 -10.64 -39.17
N PHE E 208 22.01 -9.70 -39.56
CA PHE E 208 22.03 -9.12 -40.89
C PHE E 208 22.00 -10.21 -41.96
N PRO E 209 20.84 -10.83 -42.19
CA PRO E 209 20.77 -12.04 -43.03
C PRO E 209 21.49 -11.98 -44.37
N SER E 210 21.81 -10.78 -44.86
CA SER E 210 22.59 -10.70 -46.09
C SER E 210 24.02 -11.14 -45.89
N LEU E 211 24.46 -11.36 -44.65
CA LEU E 211 25.79 -11.91 -44.41
C LEU E 211 25.95 -13.31 -45.00
N ALA E 212 24.85 -14.03 -45.21
CA ALA E 212 24.93 -15.35 -45.82
C ALA E 212 25.40 -15.28 -47.26
N ILE E 213 25.12 -14.17 -47.95
CA ILE E 213 25.57 -14.00 -49.33
C ILE E 213 27.07 -13.81 -49.43
N LEU E 214 27.74 -13.58 -48.31
CA LEU E 214 29.16 -13.30 -48.33
C LEU E 214 29.92 -14.54 -48.80
N PRO E 215 31.14 -14.36 -49.33
CA PRO E 215 31.95 -15.51 -49.71
C PRO E 215 32.23 -16.39 -48.52
N PRO E 216 32.37 -17.70 -48.74
CA PRO E 216 32.75 -18.58 -47.63
C PRO E 216 34.08 -18.19 -47.00
N ILE E 217 35.03 -17.73 -47.81
CA ILE E 217 36.27 -17.19 -47.25
C ILE E 217 35.97 -15.96 -46.40
N ALA E 218 35.10 -15.07 -46.88
CA ALA E 218 34.75 -13.89 -46.09
C ALA E 218 34.01 -14.27 -44.82
N GLN E 219 33.10 -15.24 -44.90
CA GLN E 219 32.40 -15.69 -43.71
C GLN E 219 33.38 -16.28 -42.69
N GLN E 220 34.34 -17.07 -43.17
CA GLN E 220 35.34 -17.63 -42.27
C GLN E 220 36.19 -16.54 -41.63
N TRP E 221 36.60 -15.55 -42.42
CA TRP E 221 37.34 -14.42 -41.86
C TRP E 221 36.50 -13.69 -40.83
N LEU E 222 35.18 -13.62 -41.05
CA LEU E 222 34.30 -13.00 -40.07
C LEU E 222 34.28 -13.78 -38.77
N GLN E 223 34.29 -15.11 -38.86
CA GLN E 223 34.32 -15.95 -37.66
C GLN E 223 35.63 -15.87 -36.92
N LEU E 224 36.68 -15.31 -37.51
CA LEU E 224 37.99 -15.30 -36.88
C LEU E 224 38.01 -14.33 -35.70
N PRO E 225 38.86 -14.59 -34.70
CA PRO E 225 38.94 -13.68 -33.55
C PRO E 225 39.35 -12.27 -33.94
N LEU E 226 38.86 -11.30 -33.18
CA LEU E 226 39.20 -9.90 -33.42
C LEU E 226 40.67 -9.64 -33.13
N SER E 227 41.24 -8.68 -33.84
CA SER E 227 42.62 -8.26 -33.66
C SER E 227 42.70 -6.75 -33.70
N ALA E 228 43.78 -6.20 -33.14
CA ALA E 228 43.97 -4.76 -33.12
C ALA E 228 44.35 -4.20 -34.48
N ASN E 229 44.62 -5.04 -35.47
CA ASN E 229 45.08 -4.59 -36.77
C ASN E 229 43.95 -4.27 -37.74
N ASP E 230 42.71 -4.57 -37.39
CA ASP E 230 41.56 -4.32 -38.28
C ASP E 230 40.80 -3.07 -37.88
N GLY E 231 41.51 -2.04 -37.42
CA GLY E 231 40.88 -0.77 -37.16
C GLY E 231 40.28 -0.16 -38.41
N ALA E 232 40.91 -0.39 -39.57
CA ALA E 232 40.35 0.11 -40.81
C ALA E 232 38.98 -0.50 -41.08
N TRP E 233 38.83 -1.80 -40.84
CA TRP E 233 37.53 -2.44 -41.02
C TRP E 233 36.53 -1.96 -39.97
N ILE E 234 36.97 -1.83 -38.72
CA ILE E 234 36.03 -1.47 -37.67
C ILE E 234 35.59 -0.02 -37.79
N GLN E 235 36.38 0.83 -38.45
CA GLN E 235 35.98 2.21 -38.65
C GLN E 235 34.89 2.33 -39.71
N ASN E 236 35.04 1.60 -40.82
CA ASN E 236 34.08 1.68 -41.90
C ASN E 236 32.73 1.06 -41.55
N LEU E 237 32.66 0.33 -40.45
CA LEU E 237 31.40 -0.26 -40.02
C LEU E 237 30.43 0.84 -39.60
N PRO E 238 29.16 0.73 -39.98
CA PRO E 238 28.14 1.62 -39.40
C PRO E 238 27.78 1.13 -38.01
N LYS E 239 28.01 1.97 -37.01
CA LYS E 239 27.80 1.60 -35.61
C LYS E 239 26.69 2.43 -35.00
N VAL E 240 26.26 2.01 -33.81
CA VAL E 240 25.19 2.67 -33.07
C VAL E 240 25.73 3.01 -31.68
N ASP E 241 25.53 4.25 -31.26
CA ASP E 241 25.92 4.73 -29.94
C ASP E 241 24.67 5.02 -29.13
N LEU E 242 24.54 4.38 -27.97
CA LEU E 242 23.38 4.56 -27.12
C LEU E 242 23.70 5.21 -25.79
N HIS E 243 24.97 5.38 -25.45
CA HIS E 243 25.39 6.00 -24.19
C HIS E 243 26.48 7.00 -24.53
N CYS E 244 26.10 8.25 -24.82
CA CYS E 244 27.04 9.29 -25.20
C CYS E 244 26.56 10.61 -24.60
N HIS E 245 27.14 10.99 -23.46
CA HIS E 245 26.77 12.24 -22.82
C HIS E 245 27.21 13.42 -23.69
N LEU E 246 26.32 14.42 -23.80
CA LEU E 246 26.61 15.57 -24.65
C LEU E 246 27.74 16.42 -24.07
N GLY E 247 27.77 16.59 -22.76
CA GLY E 247 28.72 17.48 -22.14
C GLY E 247 30.09 16.91 -21.88
N GLY E 248 30.35 15.67 -22.31
CA GLY E 248 31.65 15.08 -22.13
C GLY E 248 32.36 14.80 -23.43
N PHE E 249 32.18 15.69 -24.41
CA PHE E 249 32.75 15.49 -25.74
C PHE E 249 33.93 16.42 -26.03
N ALA E 250 33.75 17.73 -25.89
CA ALA E 250 34.81 18.70 -26.16
C ALA E 250 35.43 19.09 -24.82
N THR E 251 36.32 18.25 -24.33
CA THR E 251 36.94 18.42 -23.02
C THR E 251 38.33 19.02 -23.08
N SER E 252 39.17 18.52 -23.98
CA SER E 252 40.55 18.99 -24.06
C SER E 252 41.03 18.95 -25.50
N GLY E 253 42.08 19.71 -25.78
CA GLY E 253 42.66 19.73 -27.11
C GLY E 253 42.07 20.81 -27.99
N SER E 254 42.27 20.64 -29.30
CA SER E 254 41.79 21.61 -30.27
C SER E 254 40.28 21.73 -30.25
N LEU E 255 39.58 20.64 -29.91
CA LEU E 255 38.11 20.69 -29.85
C LEU E 255 37.64 21.68 -28.79
N LEU E 256 38.25 21.64 -27.61
CA LEU E 256 37.90 22.60 -26.57
C LEU E 256 38.20 24.02 -27.00
N ASP E 257 39.33 24.22 -27.67
CA ASP E 257 39.70 25.56 -28.13
C ASP E 257 38.69 26.10 -29.12
N GLN E 258 38.28 25.27 -30.09
CA GLN E 258 37.36 25.73 -31.12
C GLN E 258 35.92 25.77 -30.63
N VAL E 259 35.60 25.13 -29.51
CA VAL E 259 34.28 25.31 -28.93
C VAL E 259 34.25 26.51 -27.98
N ARG E 260 35.38 26.88 -27.39
CA ARG E 260 35.44 28.10 -26.59
C ARG E 260 35.49 29.34 -27.46
N GLY E 261 36.21 29.27 -28.58
CA GLY E 261 36.34 30.43 -29.45
C GLY E 261 35.05 30.82 -30.14
N ALA E 262 34.09 29.91 -30.22
CA ALA E 262 32.79 30.20 -30.82
C ALA E 262 31.77 30.69 -29.82
N ALA E 263 32.17 30.88 -28.56
CA ALA E 263 31.25 31.41 -27.56
C ALA E 263 30.85 32.84 -27.90
N SER E 264 29.61 33.19 -27.58
CA SER E 264 29.11 34.53 -27.89
C SER E 264 29.87 35.58 -27.10
N GLU E 265 30.26 35.28 -25.86
CA GLU E 265 30.96 36.21 -24.98
C GLU E 265 32.26 35.56 -24.52
N PRO E 266 33.34 35.69 -25.30
CA PRO E 266 34.60 35.03 -24.92
C PRO E 266 35.21 35.56 -23.63
N ASP E 267 34.81 36.74 -23.17
CA ASP E 267 35.40 37.31 -21.97
C ASP E 267 35.11 36.46 -20.74
N LEU E 268 33.90 35.94 -20.63
CA LEU E 268 33.51 35.14 -19.47
C LEU E 268 34.01 33.71 -19.51
N ILE E 269 34.63 33.29 -20.61
CA ILE E 269 35.10 31.91 -20.74
C ILE E 269 36.43 31.77 -20.02
N ASP E 270 36.50 30.82 -19.09
CA ASP E 270 37.72 30.54 -18.34
C ASP E 270 38.62 29.65 -19.19
N ARG E 271 39.67 30.22 -19.76
CA ARG E 271 40.61 29.49 -20.60
C ARG E 271 41.88 29.09 -19.85
N THR E 272 41.90 29.26 -18.52
CA THR E 272 43.11 28.99 -17.74
C THR E 272 43.18 27.54 -17.27
N PHE E 273 42.15 27.07 -16.56
CA PHE E 273 42.17 25.73 -16.01
C PHE E 273 42.12 24.69 -17.12
N SER E 274 42.97 23.67 -16.98
CA SER E 274 42.99 22.53 -17.88
C SER E 274 43.03 21.24 -17.09
N PRO E 275 42.40 20.18 -17.59
CA PRO E 275 42.44 18.90 -16.87
C PRO E 275 43.84 18.31 -16.87
N GLN E 276 44.13 17.54 -15.82
CA GLN E 276 45.43 16.89 -15.71
C GLN E 276 45.54 15.74 -16.71
N GLU E 277 46.79 15.35 -16.99
CA GLU E 277 47.08 14.27 -17.91
C GLU E 277 47.67 13.10 -17.16
N ILE E 278 47.26 11.89 -17.54
CA ILE E 278 47.75 10.66 -16.95
C ILE E 278 48.49 9.88 -18.03
N ALA E 279 49.66 9.34 -17.69
CA ALA E 279 50.46 8.63 -18.67
C ALA E 279 49.71 7.42 -19.21
N GLY E 280 49.86 7.19 -20.51
CA GLY E 280 49.19 6.09 -21.17
C GLY E 280 47.76 6.37 -21.60
N TRP E 281 47.24 7.56 -21.34
CA TRP E 281 45.86 7.86 -21.69
C TRP E 281 45.64 7.70 -23.18
N PRO E 282 44.51 7.11 -23.61
CA PRO E 282 43.38 6.63 -22.81
C PRO E 282 43.59 5.24 -22.21
N ARG E 283 44.64 4.52 -22.62
CA ARG E 283 44.93 3.20 -22.09
C ARG E 283 45.71 3.32 -20.77
N SER E 284 45.08 3.96 -19.80
CA SER E 284 45.74 4.22 -18.52
C SER E 284 46.10 2.91 -17.84
N HIS E 285 47.34 2.84 -17.35
CA HIS E 285 47.81 1.62 -16.69
C HIS E 285 47.44 1.56 -15.21
N LYS E 286 46.84 2.63 -14.67
CA LYS E 286 46.42 2.67 -13.27
C LYS E 286 44.96 3.08 -13.21
N SER E 287 44.23 2.48 -12.27
CA SER E 287 42.81 2.77 -12.13
C SER E 287 42.60 4.18 -11.57
N ILE E 288 41.41 4.72 -11.81
CA ILE E 288 41.04 6.05 -11.36
C ILE E 288 39.62 6.01 -10.82
N SER E 289 39.38 6.74 -9.73
CA SER E 289 38.05 6.80 -9.16
C SER E 289 37.10 7.56 -10.07
N LEU E 290 35.80 7.34 -9.86
CA LEU E 290 34.79 7.97 -10.72
C LEU E 290 34.73 9.47 -10.51
N ASP E 291 34.96 9.95 -9.29
CA ASP E 291 34.92 11.39 -9.04
C ASP E 291 36.00 12.11 -9.85
N LYS E 292 37.22 11.58 -9.83
CA LYS E 292 38.27 12.16 -10.67
C LYS E 292 37.93 12.02 -12.15
N TYR E 293 37.26 10.93 -12.52
CA TYR E 293 36.86 10.75 -13.91
C TYR E 293 35.94 11.90 -14.36
N MET E 294 34.96 12.25 -13.52
CA MET E 294 34.14 13.41 -13.83
C MET E 294 34.93 14.70 -13.75
N GLU E 295 35.96 14.73 -12.90
CA GLU E 295 36.81 15.93 -12.80
C GLU E 295 37.54 16.21 -14.10
N LEU E 296 37.96 15.15 -14.82
CA LEU E 296 38.57 15.38 -16.13
C LEU E 296 37.66 16.18 -17.06
N GLY E 297 36.35 16.06 -16.90
CA GLY E 297 35.43 16.75 -17.78
C GLY E 297 35.01 18.11 -17.28
N ASN E 298 35.75 18.67 -16.33
CA ASN E 298 35.39 19.97 -15.77
C ASN E 298 35.66 21.12 -16.74
N ALA E 299 36.52 20.93 -17.73
CA ALA E 299 36.79 21.99 -18.70
C ALA E 299 35.53 22.34 -19.47
N ASN E 300 34.75 21.35 -19.87
CA ASN E 300 33.48 21.55 -20.52
C ASN E 300 32.34 21.33 -19.52
N GLY E 301 31.11 21.35 -20.01
CA GLY E 301 29.98 21.05 -19.17
C GLY E 301 29.10 22.24 -18.85
N SER E 302 28.53 22.24 -17.64
CA SER E 302 27.57 23.28 -17.26
C SER E 302 28.18 24.66 -17.29
N LYS E 303 29.34 24.84 -16.66
CA LYS E 303 29.91 26.17 -16.52
C LYS E 303 30.39 26.75 -17.84
N LEU E 304 30.55 25.92 -18.86
CA LEU E 304 30.94 26.41 -20.19
C LEU E 304 29.77 26.51 -21.16
N LEU E 305 28.88 25.53 -21.19
CA LEU E 305 27.81 25.46 -22.18
C LEU E 305 26.65 26.40 -21.88
N LYS E 306 26.80 27.33 -20.93
CA LYS E 306 25.73 28.29 -20.69
C LYS E 306 25.51 29.19 -21.89
N ASP E 307 26.60 29.62 -22.54
CA ASP E 307 26.49 30.47 -23.72
C ASP E 307 25.81 29.72 -24.86
N LYS E 308 24.90 30.40 -25.55
CA LYS E 308 24.17 29.76 -26.64
C LYS E 308 25.11 29.37 -27.77
N GLY E 309 25.99 30.29 -28.18
CA GLY E 309 26.85 30.02 -29.33
C GLY E 309 27.77 28.84 -29.10
N CYS E 310 28.38 28.77 -27.92
CA CYS E 310 29.28 27.66 -27.64
C CYS E 310 28.51 26.34 -27.51
N LEU E 311 27.27 26.39 -27.01
CA LEU E 311 26.46 25.18 -26.96
C LEU E 311 26.14 24.67 -28.37
N ILE E 312 25.77 25.58 -29.28
CA ILE E 312 25.50 25.18 -30.65
C ILE E 312 26.77 24.63 -31.30
N ARG E 313 27.91 25.27 -31.02
CA ARG E 313 29.17 24.78 -31.58
C ARG E 313 29.51 23.39 -31.03
N GLN E 314 29.26 23.16 -29.75
CA GLN E 314 29.48 21.84 -29.16
C GLN E 314 28.61 20.79 -29.82
N VAL E 315 27.33 21.10 -30.04
CA VAL E 315 26.44 20.14 -30.69
C VAL E 315 26.92 19.85 -32.11
N GLU E 316 27.32 20.90 -32.84
CA GLU E 316 27.80 20.71 -34.21
C GLU E 316 29.06 19.86 -34.24
N LEU E 317 29.99 20.12 -33.32
CA LEU E 317 31.23 19.34 -33.28
C LEU E 317 30.96 17.89 -32.89
N LEU E 318 30.03 17.67 -31.95
CA LEU E 318 29.68 16.30 -31.59
C LEU E 318 29.08 15.56 -32.77
N TYR E 319 28.18 16.21 -33.52
CA TYR E 319 27.61 15.57 -34.69
C TYR E 319 28.67 15.30 -35.75
N GLN E 320 29.59 16.24 -35.95
CA GLN E 320 30.65 16.03 -36.93
C GLN E 320 31.55 14.86 -36.53
N SER E 321 31.86 14.74 -35.24
CA SER E 321 32.67 13.61 -34.78
C SER E 321 31.91 12.30 -34.93
N LEU E 322 30.60 12.31 -34.67
CA LEU E 322 29.80 11.10 -34.86
C LEU E 322 29.79 10.67 -36.32
N VAL E 323 29.63 11.63 -37.23
CA VAL E 323 29.64 11.30 -38.66
C VAL E 323 31.02 10.81 -39.08
N ASN E 324 32.07 11.47 -38.60
CA ASN E 324 33.44 11.05 -38.93
C ASN E 324 33.75 9.66 -38.43
N ASP E 325 33.08 9.21 -37.37
CA ASP E 325 33.26 7.86 -36.85
C ASP E 325 32.35 6.85 -37.55
N ASN E 326 31.63 7.28 -38.58
CA ASN E 326 30.73 6.41 -39.35
C ASN E 326 29.64 5.81 -38.47
N VAL E 327 29.22 6.54 -37.44
CA VAL E 327 28.11 6.11 -36.59
C VAL E 327 26.82 6.51 -37.29
N ALA E 328 25.95 5.53 -37.55
CA ALA E 328 24.72 5.77 -38.30
C ALA E 328 23.52 6.04 -37.41
N TYR E 329 23.65 5.90 -36.09
CA TYR E 329 22.55 6.22 -35.19
C TYR E 329 23.13 6.45 -33.80
N ALA E 330 22.63 7.49 -33.13
CA ALA E 330 23.13 7.85 -31.81
C ALA E 330 21.98 8.32 -30.94
N GLU E 331 22.17 8.20 -29.62
CA GLU E 331 21.19 8.65 -28.63
C GLU E 331 21.96 9.47 -27.60
N ILE E 332 22.06 10.77 -27.84
CA ILE E 332 22.89 11.65 -27.01
C ILE E 332 22.12 12.02 -25.75
N ARG E 333 22.77 11.81 -24.60
CA ARG E 333 22.19 12.19 -23.31
C ARG E 333 22.56 13.62 -22.99
N CYS E 334 21.56 14.45 -22.68
CA CYS E 334 21.79 15.83 -22.34
C CYS E 334 20.99 16.18 -21.09
N SER E 335 21.52 17.11 -20.30
CA SER E 335 20.86 17.65 -19.12
C SER E 335 20.62 19.14 -19.36
N PRO E 336 19.47 19.51 -19.91
CA PRO E 336 19.25 20.92 -20.27
C PRO E 336 19.36 21.89 -19.11
N ASN E 337 18.95 21.47 -17.90
CA ASN E 337 19.03 22.37 -16.76
C ASN E 337 20.47 22.75 -16.43
N ASN E 338 21.42 21.86 -16.71
CA ASN E 338 22.82 22.18 -16.47
C ASN E 338 23.28 23.36 -17.32
N TYR E 339 22.71 23.52 -18.51
CA TYR E 339 23.14 24.57 -19.44
C TYR E 339 22.12 25.69 -19.56
N ALA E 340 21.20 25.79 -18.60
CA ALA E 340 20.15 26.80 -18.61
C ALA E 340 20.38 27.82 -17.50
N ASP E 341 20.40 29.10 -17.86
CA ASP E 341 20.56 30.18 -16.91
C ASP E 341 19.48 31.21 -17.15
N LYS E 342 19.05 31.86 -16.07
CA LYS E 342 18.03 32.89 -16.14
C LYS E 342 18.61 34.29 -16.29
N ASN E 343 19.93 34.41 -16.38
CA ASN E 343 20.54 35.72 -16.59
C ASN E 343 20.15 36.30 -17.93
N LYS E 344 20.14 35.47 -18.99
CA LYS E 344 19.79 35.92 -20.33
C LYS E 344 18.48 35.31 -20.81
N ASN E 345 17.60 34.92 -19.89
CA ASN E 345 16.30 34.32 -20.22
C ASN E 345 16.49 33.07 -21.08
N ARG E 346 17.17 32.08 -20.50
CA ARG E 346 17.48 30.82 -21.18
C ARG E 346 17.03 29.68 -20.27
N SER E 347 15.78 29.26 -20.44
CA SER E 347 15.23 28.18 -19.63
C SER E 347 15.79 26.84 -20.10
N ALA E 348 15.45 25.78 -19.36
CA ALA E 348 15.84 24.44 -19.76
C ALA E 348 15.15 24.03 -21.06
N TRP E 349 13.89 24.43 -21.21
CA TRP E 349 13.15 24.08 -22.42
C TRP E 349 13.79 24.68 -23.65
N VAL E 350 14.22 25.95 -23.57
CA VAL E 350 14.83 26.57 -24.74
C VAL E 350 16.20 25.95 -25.03
N VAL E 351 16.91 25.50 -24.01
CA VAL E 351 18.18 24.81 -24.24
C VAL E 351 17.94 23.49 -24.97
N LEU E 352 16.94 22.71 -24.51
CA LEU E 352 16.62 21.48 -25.19
C LEU E 352 16.16 21.73 -26.62
N GLN E 353 15.37 22.78 -26.82
CA GLN E 353 14.90 23.12 -28.16
C GLN E 353 16.07 23.52 -29.05
N ASP E 354 17.04 24.25 -28.52
CA ASP E 354 18.20 24.63 -29.31
C ASP E 354 19.01 23.40 -29.71
N ILE E 355 19.21 22.47 -28.77
CA ILE E 355 19.95 21.25 -29.09
C ILE E 355 19.21 20.46 -30.16
N ASN E 356 17.89 20.30 -29.99
CA ASN E 356 17.09 19.54 -30.95
C ASN E 356 17.12 20.20 -32.33
N ASP E 357 17.00 21.53 -32.38
CA ASP E 357 16.98 22.22 -33.65
C ASP E 357 18.33 22.16 -34.34
N THR E 358 19.42 22.29 -33.59
CA THR E 358 20.74 22.14 -34.19
C THR E 358 20.93 20.74 -34.77
N PHE E 359 20.53 19.71 -34.01
CA PHE E 359 20.69 18.35 -34.51
C PHE E 359 19.84 18.11 -35.75
N THR E 360 18.58 18.56 -35.74
CA THR E 360 17.73 18.33 -36.90
C THR E 360 18.17 19.14 -38.10
N ARG E 361 18.69 20.35 -37.90
CA ARG E 361 19.21 21.13 -39.01
C ARG E 361 20.42 20.45 -39.62
N LEU E 362 21.34 19.95 -38.78
CA LEU E 362 22.50 19.24 -39.30
C LEU E 362 22.09 18.00 -40.07
N ILE E 363 21.15 17.23 -39.53
CA ILE E 363 20.72 15.99 -40.19
C ILE E 363 20.05 16.32 -41.52
N THR E 364 19.17 17.32 -41.54
CA THR E 364 18.49 17.68 -42.78
C THR E 364 19.47 18.20 -43.83
N GLU E 365 20.44 19.01 -43.41
CA GLU E 365 21.43 19.53 -44.35
C GLU E 365 22.27 18.39 -44.93
N ALA E 366 22.68 17.45 -44.09
CA ALA E 366 23.45 16.32 -44.58
C ALA E 366 22.61 15.41 -45.48
N LYS E 367 21.32 15.29 -45.20
CA LYS E 367 20.46 14.41 -45.99
C LYS E 367 20.15 15.02 -47.35
N GLN E 368 19.93 16.33 -47.40
CA GLN E 368 19.64 16.98 -48.68
C GLN E 368 20.84 16.97 -49.62
N LYS E 369 22.05 16.84 -49.09
CA LYS E 369 23.25 16.71 -49.91
C LYS E 369 23.60 15.24 -50.18
N ASN E 370 22.77 14.31 -49.70
CA ASN E 370 22.94 12.88 -49.96
C ASN E 370 24.28 12.34 -49.48
N GLN E 371 24.81 12.89 -48.39
CA GLN E 371 26.00 12.35 -47.76
C GLN E 371 25.59 11.37 -46.67
N PHE E 372 26.57 10.89 -45.92
CA PHE E 372 26.30 10.03 -44.78
C PHE E 372 25.95 10.89 -43.57
N TYR E 373 24.82 10.57 -42.94
CA TYR E 373 24.33 11.35 -41.81
C TYR E 373 24.01 10.42 -40.64
N CYS E 374 24.23 10.93 -39.44
CA CYS E 374 23.99 10.17 -38.22
C CYS E 374 22.66 10.60 -37.62
N HIS E 375 21.69 9.71 -37.60
CA HIS E 375 20.42 9.99 -36.93
C HIS E 375 20.66 10.10 -35.43
N VAL E 376 20.18 11.18 -34.83
CA VAL E 376 20.43 11.49 -33.43
C VAL E 376 19.11 11.65 -32.71
N ASN E 377 18.97 11.00 -31.56
CA ASN E 377 17.84 11.20 -30.68
C ASN E 377 18.38 11.58 -29.31
N LEU E 378 17.55 12.28 -28.53
CA LEU E 378 17.99 12.87 -27.27
C LEU E 378 17.35 12.15 -26.09
N LEU E 379 18.12 12.01 -25.02
CA LEU E 379 17.63 11.49 -23.75
C LEU E 379 17.79 12.58 -22.70
N VAL E 380 16.71 12.82 -21.95
CA VAL E 380 16.72 13.84 -20.89
C VAL E 380 17.16 13.17 -19.59
N ILE E 381 18.29 13.62 -19.05
CA ILE E 381 18.83 13.03 -17.84
C ILE E 381 18.09 13.59 -16.64
N ALA E 382 17.57 12.69 -15.81
CA ALA E 382 16.89 13.06 -14.56
C ALA E 382 17.88 12.79 -13.43
N SER E 383 18.73 13.76 -13.16
CA SER E 383 19.80 13.58 -12.19
C SER E 383 19.25 13.60 -10.77
N ARG E 384 19.94 12.89 -9.88
CA ARG E 384 19.53 12.75 -8.49
C ARG E 384 20.56 13.42 -7.59
N LYS E 385 20.10 14.38 -6.78
CA LYS E 385 20.92 15.04 -5.76
C LYS E 385 22.18 15.66 -6.37
N PHE E 386 21.97 16.55 -7.32
CA PHE E 386 23.07 17.29 -7.94
C PHE E 386 23.03 18.78 -7.60
N SER E 387 21.87 19.43 -7.79
CA SER E 387 21.73 20.86 -7.57
C SER E 387 21.07 21.19 -6.23
N GLY E 388 20.87 20.20 -5.37
CA GLY E 388 20.26 20.45 -4.08
C GLY E 388 18.91 19.80 -3.90
N ASP E 389 17.84 20.59 -3.88
CA ASP E 389 16.50 20.05 -3.69
C ASP E 389 16.14 19.13 -4.85
N LEU E 390 15.31 18.13 -4.55
CA LEU E 390 15.06 17.03 -5.47
C LEU E 390 13.85 17.26 -6.37
N SER E 391 13.48 18.52 -6.60
CA SER E 391 12.46 18.85 -7.59
C SER E 391 12.98 18.77 -9.01
N ASP E 392 14.30 18.64 -9.17
CA ASP E 392 14.88 18.58 -10.50
C ASP E 392 14.45 17.33 -11.25
N ILE E 393 14.25 16.21 -10.56
CA ILE E 393 13.79 14.99 -11.23
C ILE E 393 12.40 15.21 -11.82
N SER E 394 11.50 15.79 -11.03
CA SER E 394 10.15 16.04 -11.53
C SER E 394 10.18 17.04 -12.69
N LYS E 395 10.99 18.09 -12.57
CA LYS E 395 11.09 19.07 -13.64
C LYS E 395 11.61 18.44 -14.92
N HIS E 396 12.63 17.58 -14.81
CA HIS E 396 13.19 16.93 -15.99
C HIS E 396 12.22 15.94 -16.61
N LEU E 397 11.50 15.19 -15.78
CA LEU E 397 10.51 14.26 -16.31
C LEU E 397 9.41 14.99 -17.07
N ALA E 398 8.92 16.09 -16.50
CA ALA E 398 7.91 16.88 -17.19
C ALA E 398 8.48 17.48 -18.48
N LEU E 399 9.73 17.93 -18.44
CA LEU E 399 10.36 18.48 -19.64
C LEU E 399 10.44 17.45 -20.75
N ALA E 400 10.85 16.22 -20.40
CA ALA E 400 10.92 15.16 -21.41
C ALA E 400 9.53 14.84 -21.95
N ILE E 401 8.54 14.76 -21.08
CA ILE E 401 7.19 14.43 -21.52
C ILE E 401 6.66 15.48 -22.49
N THR E 402 6.87 16.76 -22.17
CA THR E 402 6.39 17.82 -23.05
C THR E 402 7.20 17.89 -24.34
N ALA E 403 8.50 17.66 -24.27
CA ALA E 403 9.34 17.80 -25.45
C ALA E 403 9.14 16.66 -26.42
N MET E 404 8.72 15.49 -25.93
CA MET E 404 8.43 14.38 -26.85
C MET E 404 7.21 14.64 -27.72
N GLN E 405 6.40 15.64 -27.38
CA GLN E 405 5.18 15.95 -28.12
C GLN E 405 5.42 16.83 -29.33
N GLN E 406 6.66 17.24 -29.59
CA GLN E 406 6.93 18.16 -30.70
C GLN E 406 6.55 17.54 -32.04
N GLY E 407 6.70 16.22 -32.18
CA GLY E 407 6.24 15.53 -33.36
C GLY E 407 7.17 15.66 -34.56
N GLU E 408 7.20 16.85 -35.15
CA GLU E 408 8.06 17.08 -36.31
C GLU E 408 9.52 17.03 -35.92
N GLY E 409 10.34 16.47 -36.80
CA GLY E 409 11.77 16.47 -36.59
C GLY E 409 12.40 15.09 -36.74
N VAL E 410 13.50 15.03 -37.48
CA VAL E 410 14.27 13.80 -37.57
C VAL E 410 14.90 13.45 -36.24
N CYS E 411 15.17 14.44 -35.40
CA CYS E 411 15.69 14.24 -34.05
C CYS E 411 14.58 14.50 -33.05
N ARG E 412 14.33 13.54 -32.17
CA ARG E 412 13.25 13.65 -31.21
C ARG E 412 13.69 13.03 -29.89
N ILE E 413 13.06 13.48 -28.81
CA ILE E 413 13.32 12.92 -27.49
C ILE E 413 12.60 11.59 -27.39
N VAL E 414 13.35 10.54 -27.04
CA VAL E 414 12.82 9.18 -27.03
C VAL E 414 12.68 8.61 -25.62
N GLY E 415 13.32 9.20 -24.63
CA GLY E 415 13.22 8.67 -23.28
C GLY E 415 14.04 9.49 -22.32
N VAL E 416 14.05 9.02 -21.07
CA VAL E 416 14.77 9.69 -19.99
C VAL E 416 15.89 8.77 -19.50
N ASP E 417 16.83 9.37 -18.80
CA ASP E 417 17.96 8.65 -18.22
C ASP E 417 18.05 8.97 -16.74
N LEU E 418 18.36 7.95 -15.94
CA LEU E 418 18.51 8.09 -14.49
C LEU E 418 19.97 7.88 -14.15
N ALA E 419 20.55 8.83 -13.42
CA ALA E 419 21.99 8.89 -13.22
C ALA E 419 22.31 8.70 -11.74
N GLY E 420 23.13 7.69 -11.45
CA GLY E 420 23.59 7.43 -10.10
C GLY E 420 25.10 7.41 -10.01
N PHE E 421 25.67 8.06 -8.99
CA PHE E 421 27.11 8.27 -8.95
C PHE E 421 27.88 7.01 -8.58
N GLU E 422 27.75 6.55 -7.33
CA GLU E 422 28.44 5.35 -6.90
C GLU E 422 27.49 4.27 -6.40
N ASN E 423 26.67 4.56 -5.38
CA ASN E 423 25.84 3.56 -4.74
C ASN E 423 24.94 4.17 -3.66
N LYS E 424 24.15 3.33 -3.00
CA LYS E 424 23.33 3.71 -1.85
C LYS E 424 22.32 4.78 -2.22
N GLU E 425 22.58 6.03 -1.85
CA GLU E 425 21.64 7.11 -2.15
C GLU E 425 21.49 7.32 -3.64
N THR E 426 22.47 6.88 -4.44
CA THR E 426 22.39 6.94 -5.89
C THR E 426 21.75 5.69 -6.49
N ARG E 427 20.93 4.99 -5.72
CA ARG E 427 20.24 3.80 -6.20
C ARG E 427 19.05 4.18 -7.06
N ALA E 428 18.67 3.26 -7.96
CA ALA E 428 17.54 3.44 -8.86
C ALA E 428 16.23 2.94 -8.26
N SER E 429 16.13 2.90 -6.94
CA SER E 429 14.94 2.38 -6.27
C SER E 429 14.48 3.30 -5.15
N TYR E 430 14.48 4.61 -5.40
CA TYR E 430 13.94 5.59 -4.47
C TYR E 430 12.82 6.44 -5.05
N TYR E 431 12.79 6.62 -6.37
CA TYR E 431 11.88 7.55 -7.04
C TYR E 431 10.91 6.81 -7.93
N GLU E 432 10.38 5.67 -7.45
CA GLU E 432 9.44 4.91 -8.24
C GLU E 432 8.11 5.61 -8.41
N HIS E 433 7.87 6.70 -7.66
CA HIS E 433 6.55 7.32 -7.63
C HIS E 433 6.28 8.17 -8.87
N ASP E 434 7.31 8.81 -9.43
CA ASP E 434 7.06 9.76 -10.50
C ASP E 434 6.77 9.09 -11.84
N PHE E 435 7.14 7.83 -12.01
CA PHE E 435 7.39 7.30 -13.36
C PHE E 435 6.17 6.71 -14.05
N LYS E 436 5.00 6.66 -13.40
CA LYS E 436 3.83 6.17 -14.10
C LYS E 436 3.49 7.06 -15.29
N ALA E 437 3.61 8.38 -15.11
CA ALA E 437 3.33 9.32 -16.20
C ALA E 437 4.30 9.12 -17.36
N VAL E 438 5.60 8.99 -17.05
CA VAL E 438 6.58 8.85 -18.12
C VAL E 438 6.41 7.52 -18.85
N HIS E 439 6.00 6.47 -18.13
CA HIS E 439 5.71 5.21 -18.81
C HIS E 439 4.49 5.33 -19.70
N ARG E 440 3.43 5.99 -19.23
CA ARG E 440 2.21 6.08 -20.02
C ARG E 440 2.32 7.08 -21.17
N CYS E 441 3.28 7.98 -21.15
CA CYS E 441 3.40 8.98 -22.21
C CYS E 441 4.19 8.47 -23.41
N GLY E 442 4.75 7.26 -23.34
CA GLY E 442 5.46 6.69 -24.46
C GLY E 442 6.96 6.79 -24.42
N LEU E 443 7.54 7.29 -23.33
CA LEU E 443 8.98 7.40 -23.22
C LEU E 443 9.58 6.11 -22.67
N ALA E 444 10.90 5.99 -22.82
CA ALA E 444 11.64 4.84 -22.32
C ALA E 444 12.56 5.28 -21.20
N VAL E 445 12.85 4.35 -20.29
CA VAL E 445 13.61 4.64 -19.08
C VAL E 445 14.93 3.89 -19.14
N THR E 446 16.02 4.60 -18.89
CA THR E 446 17.35 4.02 -18.79
C THR E 446 17.96 4.44 -17.46
N ALA E 447 18.69 3.53 -16.83
CA ALA E 447 19.26 3.76 -15.52
C ALA E 447 20.77 3.58 -15.57
N HIS E 448 21.50 4.48 -14.88
CA HIS E 448 22.94 4.32 -14.74
C HIS E 448 23.23 3.35 -13.61
N ALA E 449 22.63 2.16 -13.66
CA ALA E 449 22.79 1.15 -12.62
C ALA E 449 24.12 0.43 -12.83
N GLY E 450 25.20 1.20 -12.70
CA GLY E 450 26.53 0.67 -12.86
C GLY E 450 27.44 1.07 -11.73
N GLU E 451 28.74 0.80 -11.86
CA GLU E 451 29.74 1.14 -10.86
C GLU E 451 29.41 0.49 -9.52
N ASN E 452 29.46 -0.84 -9.53
CA ASN E 452 29.34 -1.67 -8.33
C ASN E 452 28.01 -1.43 -7.61
N ASP E 453 26.94 -1.81 -8.30
CA ASP E 453 25.59 -1.71 -7.77
C ASP E 453 25.06 -3.09 -7.40
N ASP E 454 24.36 -3.16 -6.26
CA ASP E 454 23.87 -4.43 -5.75
C ASP E 454 22.73 -4.98 -6.63
N PRO E 455 22.55 -6.30 -6.64
CA PRO E 455 21.52 -6.88 -7.52
C PRO E 455 20.11 -6.39 -7.23
N GLU E 456 19.78 -6.08 -5.98
CA GLU E 456 18.42 -5.67 -5.65
C GLU E 456 18.06 -4.37 -6.35
N GLY E 457 19.00 -3.43 -6.45
CA GLY E 457 18.72 -2.17 -7.13
C GLY E 457 18.42 -2.37 -8.61
N ILE E 458 19.23 -3.18 -9.28
CA ILE E 458 18.99 -3.46 -10.70
C ILE E 458 17.66 -4.17 -10.89
N TRP E 459 17.34 -5.12 -9.99
CA TRP E 459 16.05 -5.80 -10.09
C TRP E 459 14.89 -4.83 -9.94
N GLN E 460 14.99 -3.91 -8.97
CA GLN E 460 13.94 -2.91 -8.79
C GLN E 460 13.83 -2.01 -10.01
N ALA E 461 14.96 -1.59 -10.56
CA ALA E 461 14.92 -0.75 -11.76
C ALA E 461 14.28 -1.49 -12.93
N VAL E 462 14.55 -2.79 -13.05
CA VAL E 462 13.98 -3.59 -14.12
C VAL E 462 12.47 -3.72 -13.95
N TYR E 463 12.00 -4.01 -12.73
CA TYR E 463 10.61 -4.34 -12.54
C TYR E 463 9.76 -3.16 -12.07
N SER E 464 10.21 -2.41 -11.07
CA SER E 464 9.41 -1.29 -10.58
C SER E 464 9.47 -0.11 -11.55
N LEU E 465 10.65 0.20 -12.07
CA LEU E 465 10.82 1.34 -12.97
C LEU E 465 10.67 0.97 -14.44
N HIS E 466 10.52 -0.31 -14.76
CA HIS E 466 10.32 -0.76 -16.14
C HIS E 466 11.40 -0.23 -17.07
N ALA E 467 12.64 -0.23 -16.59
CA ALA E 467 13.75 0.25 -17.39
C ALA E 467 14.01 -0.70 -18.56
N ARG E 468 14.18 -0.13 -19.75
CA ARG E 468 14.44 -0.93 -20.93
C ARG E 468 15.92 -1.15 -21.20
N ARG E 469 16.78 -0.31 -20.62
CA ARG E 469 18.23 -0.46 -20.76
C ARG E 469 18.88 -0.14 -19.42
N LEU E 470 20.06 -0.71 -19.20
CA LEU E 470 20.80 -0.53 -17.97
C LEU E 470 22.21 -0.06 -18.29
N GLY E 471 22.64 1.01 -17.62
CA GLY E 471 23.97 1.53 -17.84
C GLY E 471 25.02 0.68 -17.15
N HIS E 472 26.04 0.28 -17.91
CA HIS E 472 27.15 -0.53 -17.39
C HIS E 472 26.64 -1.83 -16.80
N ALA E 473 26.43 -1.86 -15.47
CA ALA E 473 25.94 -3.04 -14.76
C ALA E 473 26.83 -4.26 -15.04
N LEU E 474 28.09 -4.15 -14.60
CA LEU E 474 29.08 -5.17 -14.87
C LEU E 474 29.03 -6.34 -13.90
N ASN E 475 28.18 -6.29 -12.88
CA ASN E 475 28.15 -7.32 -11.85
C ASN E 475 26.91 -8.21 -11.97
N LEU E 476 26.49 -8.49 -13.20
CA LEU E 476 25.40 -9.42 -13.41
C LEU E 476 25.84 -10.88 -13.37
N LEU E 477 27.14 -11.13 -13.48
CA LEU E 477 27.64 -12.50 -13.43
C LEU E 477 27.49 -13.11 -12.05
N GLU E 478 27.51 -12.28 -11.01
CA GLU E 478 27.41 -12.75 -9.63
C GLU E 478 25.97 -12.90 -9.15
N ALA E 479 24.99 -12.56 -9.98
CA ALA E 479 23.57 -12.69 -9.64
C ALA E 479 22.90 -13.45 -10.76
N PRO E 480 22.97 -14.79 -10.74
CA PRO E 480 22.40 -15.57 -11.86
C PRO E 480 20.91 -15.35 -12.06
N ASP E 481 20.15 -15.16 -10.98
CA ASP E 481 18.73 -14.88 -11.13
C ASP E 481 18.49 -13.56 -11.84
N LEU E 482 19.26 -12.53 -11.46
CA LEU E 482 19.15 -11.24 -12.14
C LEU E 482 19.58 -11.35 -13.59
N MET E 483 20.65 -12.10 -13.86
CA MET E 483 21.09 -12.28 -15.23
C MET E 483 20.02 -12.95 -16.07
N ARG E 484 19.37 -13.99 -15.53
CA ARG E 484 18.30 -14.64 -16.25
C ARG E 484 17.13 -13.67 -16.48
N THR E 485 16.79 -12.89 -15.46
CA THR E 485 15.70 -11.92 -15.62
C THR E 485 16.00 -10.91 -16.72
N VAL E 486 17.25 -10.44 -16.78
CA VAL E 486 17.64 -9.51 -17.84
C VAL E 486 17.59 -10.20 -19.19
N ILE E 487 18.04 -11.44 -19.28
CA ILE E 487 18.10 -12.15 -20.56
C ILE E 487 16.69 -12.37 -21.11
N GLU E 488 15.80 -12.93 -20.29
CA GLU E 488 14.48 -13.29 -20.79
C GLU E 488 13.62 -12.07 -21.10
N ARG E 489 13.81 -10.97 -20.36
CA ARG E 489 13.03 -9.78 -20.60
C ARG E 489 13.60 -8.91 -21.71
N LYS E 490 14.70 -9.33 -22.34
CA LYS E 490 15.30 -8.62 -23.47
C LYS E 490 15.63 -7.17 -23.11
N ILE E 491 16.21 -6.98 -21.93
CA ILE E 491 16.65 -5.66 -21.47
C ILE E 491 18.13 -5.55 -21.76
N GLY E 492 18.50 -4.59 -22.61
CA GLY E 492 19.88 -4.41 -22.97
C GLY E 492 20.69 -3.73 -21.89
N VAL E 493 21.99 -3.98 -21.89
CA VAL E 493 22.94 -3.29 -21.02
C VAL E 493 23.91 -2.52 -21.89
N GLU E 494 24.07 -1.23 -21.60
CA GLU E 494 24.98 -0.38 -22.33
C GLU E 494 26.25 -0.23 -21.49
N MET E 495 27.31 -0.90 -21.92
CA MET E 495 28.60 -0.81 -21.25
C MET E 495 29.60 -0.10 -22.14
N CYS E 496 30.40 0.76 -21.54
CA CYS E 496 31.42 1.49 -22.26
C CYS E 496 32.77 0.86 -21.93
N PRO E 497 33.39 0.13 -22.85
CA PRO E 497 34.64 -0.57 -22.49
C PRO E 497 35.74 0.35 -21.98
N TYR E 498 35.90 1.52 -22.59
CA TYR E 498 36.99 2.40 -22.17
C TYR E 498 36.71 3.02 -20.81
N ALA E 499 35.47 3.48 -20.58
CA ALA E 499 35.14 4.08 -19.30
C ALA E 499 35.27 3.07 -18.16
N ASN E 500 34.74 1.87 -18.36
CA ASN E 500 34.84 0.84 -17.33
C ASN E 500 36.28 0.40 -17.13
N TYR E 501 37.05 0.28 -18.21
CA TYR E 501 38.45 -0.10 -18.09
C TYR E 501 39.25 0.94 -17.33
N GLN E 502 38.96 2.22 -17.57
CA GLN E 502 39.69 3.28 -16.88
C GLN E 502 39.27 3.39 -15.42
N ILE E 503 37.98 3.17 -15.13
CA ILE E 503 37.48 3.36 -13.78
C ILE E 503 37.61 2.07 -12.97
N LYS E 504 36.94 1.01 -13.41
CA LYS E 504 36.94 -0.23 -12.63
C LYS E 504 38.27 -0.94 -12.73
N GLY E 505 38.83 -1.03 -13.92
CA GLY E 505 40.09 -1.73 -14.11
C GLY E 505 39.91 -3.21 -14.40
N PHE E 506 40.42 -3.67 -15.54
CA PHE E 506 40.34 -5.06 -15.94
C PHE E 506 41.64 -5.45 -16.63
N ALA E 507 41.73 -6.71 -17.03
CA ALA E 507 42.87 -7.15 -17.82
C ALA E 507 42.85 -6.45 -19.18
N PRO E 508 44.03 -6.20 -19.77
CA PRO E 508 45.37 -6.52 -19.30
C PRO E 508 46.04 -5.38 -18.54
N MET E 509 45.28 -4.53 -17.88
CA MET E 509 45.88 -3.46 -17.09
C MET E 509 46.66 -4.07 -15.92
N PRO E 510 47.85 -3.55 -15.62
CA PRO E 510 48.67 -4.14 -14.55
C PRO E 510 47.98 -4.05 -13.20
N ASN E 511 48.28 -5.02 -12.35
CA ASN E 511 47.82 -5.15 -10.97
C ASN E 511 46.36 -5.57 -10.85
N PHE E 512 45.66 -5.78 -11.97
CA PHE E 512 44.25 -6.17 -11.96
C PHE E 512 44.09 -7.50 -12.66
N SER E 513 43.34 -8.42 -12.04
CA SER E 513 43.11 -9.74 -12.59
C SER E 513 41.70 -9.97 -13.09
N ALA E 514 40.74 -9.13 -12.69
CA ALA E 514 39.38 -9.26 -13.17
C ALA E 514 39.32 -9.02 -14.67
N LEU E 515 38.44 -9.76 -15.34
CA LEU E 515 38.31 -9.68 -16.79
C LEU E 515 36.92 -9.18 -17.16
N TYR E 516 36.86 -8.49 -18.29
CA TYR E 516 35.61 -7.87 -18.73
C TYR E 516 34.56 -8.94 -19.02
N PRO E 517 33.31 -8.75 -18.60
CA PRO E 517 32.28 -9.75 -18.84
C PRO E 517 31.57 -9.58 -20.18
N LEU E 518 32.18 -8.81 -21.09
CA LEU E 518 31.58 -8.59 -22.40
C LEU E 518 31.34 -9.91 -23.13
N LYS E 519 32.38 -10.73 -23.23
CA LYS E 519 32.25 -12.01 -23.94
C LYS E 519 31.26 -12.92 -23.24
N LYS E 520 31.29 -12.95 -21.91
CA LYS E 520 30.36 -13.79 -21.16
C LYS E 520 28.92 -13.32 -21.36
N TYR E 521 28.71 -12.00 -21.37
CA TYR E 521 27.37 -11.46 -21.60
C TYR E 521 26.89 -11.82 -23.00
N LEU E 522 27.77 -11.71 -24.00
CA LEU E 522 27.39 -12.07 -25.36
C LEU E 522 27.04 -13.54 -25.48
N GLU E 523 27.83 -14.41 -24.85
CA GLU E 523 27.54 -15.83 -24.89
C GLU E 523 26.23 -16.15 -24.18
N ALA E 524 25.97 -15.50 -23.04
CA ALA E 524 24.74 -15.76 -22.31
C ALA E 524 23.52 -15.35 -23.11
N GLY E 525 23.60 -14.23 -23.83
CA GLY E 525 22.52 -13.80 -24.67
C GLY E 525 22.00 -12.42 -24.34
N ILE E 526 22.67 -11.72 -23.42
CA ILE E 526 22.25 -10.38 -23.05
C ILE E 526 22.43 -9.45 -24.23
N LEU E 527 21.42 -8.60 -24.47
CA LEU E 527 21.49 -7.66 -25.57
C LEU E 527 22.46 -6.53 -25.25
N VAL E 528 23.74 -6.85 -25.22
CA VAL E 528 24.76 -5.92 -24.77
C VAL E 528 25.16 -4.99 -25.92
N SER E 529 25.45 -3.75 -25.59
CA SER E 529 25.87 -2.76 -26.56
C SER E 529 27.16 -2.09 -26.08
N VAL E 530 27.94 -1.59 -27.03
CA VAL E 530 29.20 -0.91 -26.74
C VAL E 530 29.04 0.56 -27.08
N ASN E 531 29.37 1.44 -26.13
CA ASN E 531 29.17 2.87 -26.32
C ASN E 531 30.41 3.66 -25.93
N THR E 532 30.28 4.98 -25.85
CA THR E 532 31.42 5.85 -25.61
C THR E 532 31.39 6.55 -24.25
N ASP E 533 30.25 6.56 -23.55
CA ASP E 533 30.08 7.34 -22.34
C ASP E 533 30.37 8.81 -22.61
N ASN E 534 31.60 9.24 -22.35
CA ASN E 534 32.06 10.58 -22.68
C ASN E 534 33.25 10.46 -23.62
N ILE E 535 33.10 10.98 -24.83
CA ILE E 535 34.19 10.93 -25.80
C ILE E 535 35.37 11.77 -25.32
N GLY E 536 35.09 12.99 -24.85
CA GLY E 536 36.18 13.86 -24.42
C GLY E 536 36.89 13.34 -23.18
N ILE E 537 36.14 12.90 -22.18
CA ILE E 537 36.75 12.46 -20.94
C ILE E 537 37.55 11.18 -21.16
N SER E 538 36.94 10.19 -21.81
CA SER E 538 37.63 8.93 -22.06
C SER E 538 38.62 9.02 -23.21
N GLY E 539 38.52 10.05 -24.04
CA GLY E 539 39.44 10.20 -25.16
C GLY E 539 39.39 9.05 -26.15
N ALA E 540 38.20 8.49 -26.36
CA ALA E 540 38.06 7.35 -27.26
C ALA E 540 36.67 7.37 -27.89
N ASN E 541 36.63 7.36 -29.22
CA ASN E 541 35.36 7.32 -29.93
C ASN E 541 34.86 5.88 -29.99
N LEU E 542 33.79 5.64 -30.75
CA LEU E 542 33.18 4.31 -30.77
C LEU E 542 34.06 3.28 -31.46
N SER E 543 34.81 3.69 -32.50
CA SER E 543 35.63 2.72 -33.22
C SER E 543 36.69 2.11 -32.30
N GLU E 544 37.44 2.95 -31.59
CA GLU E 544 38.45 2.43 -30.69
C GLU E 544 37.84 1.82 -29.43
N ASN E 545 36.65 2.27 -29.03
CA ASN E 545 35.96 1.61 -27.92
C ASN E 545 35.59 0.18 -28.28
N LEU E 546 35.18 -0.06 -29.52
CA LEU E 546 34.96 -1.43 -29.99
C LEU E 546 36.28 -2.17 -30.15
N LEU E 547 37.31 -1.48 -30.62
CA LEU E 547 38.59 -2.13 -30.88
C LEU E 547 39.24 -2.64 -29.60
N ILE E 548 39.13 -1.88 -28.49
CA ILE E 548 39.74 -2.29 -27.25
C ILE E 548 39.15 -3.59 -26.69
N LEU E 549 38.02 -4.03 -27.25
CA LEU E 549 37.44 -5.30 -26.82
C LEU E 549 38.38 -6.47 -27.11
N ALA E 550 39.07 -6.42 -28.26
CA ALA E 550 40.02 -7.48 -28.59
C ALA E 550 41.14 -7.59 -27.56
N ASP E 551 41.39 -6.54 -26.79
CA ASP E 551 42.39 -6.55 -25.73
C ASP E 551 41.80 -6.87 -24.36
N LEU E 552 40.62 -6.34 -24.07
CA LEU E 552 39.98 -6.62 -22.78
C LEU E 552 39.37 -8.01 -22.75
N CYS E 553 38.79 -8.45 -23.87
CA CYS E 553 38.10 -9.73 -23.97
C CYS E 553 38.73 -10.54 -25.08
N PRO E 554 39.81 -11.28 -24.80
CA PRO E 554 40.44 -12.08 -25.86
C PRO E 554 39.51 -13.19 -26.32
N GLY E 555 39.67 -13.58 -27.58
CA GLY E 555 38.81 -14.55 -28.20
C GLY E 555 37.51 -14.00 -28.76
N ILE E 556 37.29 -12.69 -28.68
CA ILE E 556 36.10 -12.10 -29.26
C ILE E 556 36.24 -12.09 -30.78
N SER E 557 35.15 -12.43 -31.47
CA SER E 557 35.17 -12.55 -32.92
C SER E 557 34.58 -11.30 -33.57
N ARG E 558 34.89 -11.13 -34.86
CA ARG E 558 34.32 -10.03 -35.62
C ARG E 558 32.81 -10.19 -35.76
N MET E 559 32.35 -11.42 -35.97
CA MET E 559 30.92 -11.68 -35.96
C MET E 559 30.29 -11.28 -34.64
N ASP E 560 31.04 -11.38 -33.54
CA ASP E 560 30.55 -10.89 -32.26
C ASP E 560 30.40 -9.37 -32.27
N VAL E 561 31.31 -8.66 -32.96
CA VAL E 561 31.15 -7.21 -33.10
C VAL E 561 29.89 -6.89 -33.88
N LEU E 562 29.65 -7.63 -34.97
CA LEU E 562 28.42 -7.43 -35.73
C LEU E 562 27.19 -7.71 -34.88
N THR E 563 27.25 -8.75 -34.05
CA THR E 563 26.16 -9.05 -33.14
C THR E 563 25.97 -7.93 -32.12
N ILE E 564 27.06 -7.32 -31.67
CA ILE E 564 26.96 -6.19 -30.74
C ILE E 564 26.25 -5.03 -31.41
N ILE E 565 26.59 -4.75 -32.67
CA ILE E 565 25.92 -3.67 -33.40
C ILE E 565 24.44 -3.98 -33.57
N ARG E 566 24.12 -5.24 -33.89
CA ARG E 566 22.71 -5.63 -34.04
C ARG E 566 21.97 -5.48 -32.72
N ASN E 567 22.60 -5.84 -31.60
CA ASN E 567 21.99 -5.66 -30.30
C ASN E 567 21.75 -4.19 -29.99
N SER E 568 22.71 -3.34 -30.36
CA SER E 568 22.53 -1.90 -30.18
C SER E 568 21.33 -1.41 -30.98
N ILE E 569 21.18 -1.91 -32.20
CA ILE E 569 20.01 -1.53 -33.01
C ILE E 569 18.72 -2.01 -32.34
N GLU E 570 18.72 -3.25 -31.86
CA GLU E 570 17.51 -3.82 -31.29
C GLU E 570 17.08 -3.08 -30.02
N THR E 571 18.04 -2.71 -29.19
CA THR E 571 17.71 -2.08 -27.91
C THR E 571 17.50 -0.58 -28.00
N ALA E 572 17.66 0.02 -29.18
CA ALA E 572 17.45 1.45 -29.32
C ALA E 572 15.97 1.79 -29.13
N PHE E 573 15.73 3.01 -28.66
CA PHE E 573 14.37 3.49 -28.40
C PHE E 573 13.78 4.10 -29.68
N ILE E 574 13.46 3.22 -30.62
CA ILE E 574 12.93 3.64 -31.91
C ILE E 574 11.67 2.84 -32.22
N SER E 575 10.84 3.43 -33.06
CA SER E 575 9.64 2.74 -33.51
C SER E 575 10.00 1.58 -34.43
N HIS E 576 9.11 0.58 -34.49
CA HIS E 576 9.37 -0.60 -35.30
C HIS E 576 9.49 -0.23 -36.78
N ASP E 577 8.66 0.71 -37.24
CA ASP E 577 8.72 1.11 -38.65
C ASP E 577 10.07 1.72 -38.99
N PHE E 578 10.60 2.59 -38.12
CA PHE E 578 11.94 3.13 -38.32
C PHE E 578 13.01 2.07 -38.11
N ARG E 579 12.77 1.15 -37.17
CA ARG E 579 13.75 0.11 -36.90
C ARG E 579 13.96 -0.80 -38.11
N MET E 580 12.87 -1.11 -38.83
CA MET E 580 13.00 -2.00 -39.98
C MET E 580 13.88 -1.37 -41.06
N GLU E 581 13.64 -0.11 -41.38
CA GLU E 581 14.46 0.54 -42.41
C GLU E 581 15.88 0.77 -41.94
N LEU E 582 16.07 1.08 -40.65
CA LEU E 582 17.43 1.18 -40.12
C LEU E 582 18.17 -0.14 -40.23
N LEU E 583 17.48 -1.25 -39.92
CA LEU E 583 18.10 -2.56 -40.04
C LEU E 583 18.43 -2.88 -41.49
N LYS E 584 17.55 -2.53 -42.42
CA LYS E 584 17.80 -2.77 -43.83
C LYS E 584 19.03 -2.01 -44.31
N PHE E 585 19.11 -0.71 -43.97
CA PHE E 585 20.27 0.08 -44.34
C PHE E 585 21.54 -0.47 -43.72
N PHE E 586 21.47 -0.86 -42.44
CA PHE E 586 22.63 -1.41 -41.76
C PHE E 586 23.08 -2.71 -42.41
N ASP E 587 22.13 -3.57 -42.78
CA ASP E 587 22.48 -4.82 -43.43
C ASP E 587 23.17 -4.56 -44.76
N ARG E 588 22.63 -3.65 -45.57
CA ARG E 588 23.25 -3.36 -46.85
C ARG E 588 24.65 -2.78 -46.65
N LYS E 589 24.81 -1.84 -45.71
CA LYS E 589 26.12 -1.23 -45.49
C LYS E 589 27.13 -2.26 -44.97
N ILE E 590 26.69 -3.13 -44.05
CA ILE E 590 27.58 -4.16 -43.52
C ILE E 590 28.04 -5.09 -44.63
N TYR E 591 27.10 -5.53 -45.47
CA TYR E 591 27.47 -6.40 -46.57
C TYR E 591 28.43 -5.71 -47.52
N ASP E 592 28.17 -4.43 -47.83
CA ASP E 592 29.04 -3.70 -48.74
C ASP E 592 30.45 -3.56 -48.18
N VAL E 593 30.56 -3.20 -46.91
CA VAL E 593 31.90 -3.00 -46.33
C VAL E 593 32.63 -4.32 -46.20
N CYS E 594 31.93 -5.40 -45.83
CA CYS E 594 32.58 -6.68 -45.72
C CYS E 594 33.03 -7.20 -47.09
N LEU E 595 32.25 -6.93 -48.13
CA LEU E 595 32.65 -7.34 -49.47
C LEU E 595 33.79 -6.51 -50.03
N ILE E 596 34.16 -5.42 -49.39
CA ILE E 596 35.28 -4.59 -49.84
C ILE E 596 36.27 -4.38 -48.71
N SER E 597 36.33 -5.31 -47.76
CA SER E 597 37.32 -5.22 -46.69
C SER E 597 38.03 -6.53 -46.39
N ILE E 598 37.67 -7.63 -47.07
CA ILE E 598 38.56 -8.80 -47.12
C ILE E 598 39.70 -8.56 -48.10
N LYS E 599 39.71 -7.41 -48.77
CA LYS E 599 40.78 -7.07 -49.71
C LYS E 599 42.13 -6.98 -49.02
N ASN E 600 42.15 -6.82 -47.70
CA ASN E 600 43.40 -6.75 -46.96
C ASN E 600 43.52 -7.92 -45.99
N MET F 1 32.30 -41.31 -37.27
CA MET F 1 33.22 -40.60 -38.15
C MET F 1 33.53 -41.49 -39.35
N SER F 2 33.39 -40.95 -40.55
CA SER F 2 33.70 -41.65 -41.78
C SER F 2 34.38 -40.69 -42.73
N ARG F 3 35.55 -41.09 -43.25
CA ARG F 3 36.32 -40.27 -44.17
C ARG F 3 36.06 -40.78 -45.58
N VAL F 4 34.96 -40.29 -46.19
CA VAL F 4 34.64 -40.69 -47.55
C VAL F 4 35.67 -40.10 -48.51
N LEU F 5 36.27 -40.97 -49.32
CA LEU F 5 37.28 -40.56 -50.27
C LEU F 5 36.67 -40.51 -51.66
N LEU F 6 36.82 -39.37 -52.33
CA LEU F 6 36.27 -39.15 -53.66
C LEU F 6 37.40 -39.01 -54.66
N CYS F 7 37.27 -39.71 -55.79
CA CYS F 7 38.23 -39.63 -56.88
C CYS F 7 37.51 -40.02 -58.16
N SER F 8 38.22 -39.91 -59.28
CA SER F 8 37.61 -40.22 -60.57
C SER F 8 38.72 -40.42 -61.58
N ALA F 9 38.66 -41.53 -62.32
CA ALA F 9 39.71 -41.91 -63.26
C ALA F 9 39.15 -41.96 -64.68
N GLY F 10 39.95 -41.47 -65.63
CA GLY F 10 39.57 -41.58 -67.03
C GLY F 10 39.66 -42.99 -67.56
N HIS F 11 40.88 -43.53 -67.62
CA HIS F 11 41.07 -44.93 -67.96
C HIS F 11 42.12 -45.55 -67.04
N SER F 12 43.00 -44.72 -66.49
CA SER F 12 44.07 -45.19 -65.62
C SER F 12 43.49 -45.38 -64.21
N SER F 13 43.39 -46.63 -63.78
CA SER F 13 42.76 -46.97 -62.51
C SER F 13 43.74 -46.97 -61.34
N MET F 14 45.00 -46.59 -61.58
CA MET F 14 46.01 -46.60 -60.53
C MET F 14 45.82 -45.45 -59.55
N VAL F 15 45.08 -44.41 -59.93
CA VAL F 15 44.99 -43.22 -59.10
C VAL F 15 44.27 -43.51 -57.79
N VAL F 16 43.19 -44.30 -57.83
CA VAL F 16 42.40 -44.53 -56.62
C VAL F 16 43.20 -45.25 -55.54
N PRO F 17 43.89 -46.36 -55.80
CA PRO F 17 44.78 -46.91 -54.76
C PRO F 17 45.89 -45.96 -54.39
N GLU F 18 46.38 -45.17 -55.33
CA GLU F 18 47.39 -44.16 -55.03
C GLU F 18 46.87 -43.18 -54.00
N ALA F 19 45.63 -42.71 -54.17
CA ALA F 19 45.03 -41.80 -53.19
C ALA F 19 44.77 -42.51 -51.86
N PHE F 20 44.34 -43.77 -51.91
CA PHE F 20 44.07 -44.51 -50.69
C PHE F 20 45.32 -44.64 -49.84
N HIS F 21 46.44 -44.97 -50.46
CA HIS F 21 47.70 -45.13 -49.75
C HIS F 21 48.49 -43.84 -49.65
N ALA F 22 47.95 -42.73 -50.17
CA ALA F 22 48.60 -41.44 -49.98
C ALA F 22 48.67 -41.06 -48.51
N VAL F 23 47.57 -41.27 -47.78
CA VAL F 23 47.51 -41.02 -46.35
C VAL F 23 47.52 -42.38 -45.66
N PRO F 24 48.59 -42.75 -44.96
CA PRO F 24 48.64 -44.07 -44.31
C PRO F 24 47.69 -44.20 -43.13
N GLU F 25 47.04 -43.13 -42.71
CA GLU F 25 46.11 -43.22 -41.59
C GLU F 25 44.92 -44.12 -41.91
N GLY F 26 44.57 -44.23 -43.18
CA GLY F 26 43.44 -45.07 -43.58
C GLY F 26 42.13 -44.31 -43.56
N PHE F 27 41.19 -44.81 -44.36
CA PHE F 27 39.87 -44.18 -44.44
C PHE F 27 38.78 -45.21 -44.24
N GLU F 28 37.52 -44.81 -44.44
CA GLU F 28 36.37 -45.68 -44.23
C GLU F 28 35.75 -46.19 -45.51
N GLU F 29 35.62 -45.35 -46.53
CA GLU F 29 35.10 -45.80 -47.81
C GLU F 29 35.59 -44.87 -48.91
N VAL F 30 35.59 -45.40 -50.14
CA VAL F 30 36.01 -44.66 -51.33
C VAL F 30 34.92 -44.82 -52.39
N HIS F 31 34.55 -43.72 -53.02
CA HIS F 31 33.56 -43.74 -54.09
C HIS F 31 34.13 -42.98 -55.28
N VAL F 32 34.04 -43.59 -56.47
CA VAL F 32 34.68 -43.07 -57.68
C VAL F 32 33.65 -43.01 -58.80
N PHE F 33 33.59 -41.87 -59.47
CA PHE F 33 32.78 -41.71 -60.67
C PHE F 33 33.62 -41.99 -61.90
N THR F 34 33.03 -42.67 -62.88
CA THR F 34 33.74 -43.00 -64.12
C THR F 34 32.73 -43.04 -65.25
N THR F 35 33.23 -42.81 -66.46
CA THR F 35 32.40 -42.93 -67.66
C THR F 35 32.14 -44.40 -67.97
N ASP F 36 31.18 -44.63 -68.87
CA ASP F 36 30.85 -45.99 -69.31
C ASP F 36 31.75 -46.46 -70.45
N SER F 37 32.91 -45.84 -70.63
CA SER F 37 33.83 -46.24 -71.69
C SER F 37 34.38 -47.63 -71.42
N GLU F 38 34.49 -48.43 -72.48
CA GLU F 38 35.02 -49.78 -72.35
C GLU F 38 36.50 -49.80 -72.01
N LYS F 39 37.21 -48.71 -72.27
CA LYS F 39 38.64 -48.66 -71.98
C LYS F 39 38.95 -48.71 -70.49
N PHE F 40 38.00 -48.31 -69.64
CA PHE F 40 38.22 -48.34 -68.20
C PHE F 40 38.17 -49.77 -67.68
N ASN F 41 39.02 -50.07 -66.71
CA ASN F 41 39.07 -51.39 -66.09
C ASN F 41 38.67 -51.30 -64.64
N PRO F 42 37.45 -51.70 -64.27
CA PRO F 42 37.07 -51.74 -62.85
C PRO F 42 37.46 -53.02 -62.15
N VAL F 43 37.88 -54.04 -62.90
CA VAL F 43 38.24 -55.32 -62.28
C VAL F 43 39.47 -55.16 -61.39
N VAL F 44 40.43 -54.35 -61.82
CA VAL F 44 41.63 -54.14 -61.02
C VAL F 44 41.29 -53.49 -59.68
N LEU F 45 40.44 -52.45 -59.70
CA LEU F 45 40.03 -51.82 -58.46
C LEU F 45 39.24 -52.78 -57.59
N ASN F 46 38.37 -53.57 -58.21
CA ASN F 46 37.57 -54.54 -57.44
C ASN F 46 38.47 -55.54 -56.73
N ASP F 47 39.43 -56.11 -57.45
CA ASP F 47 40.29 -57.11 -56.82
C ASP F 47 41.26 -56.50 -55.82
N PHE F 48 41.69 -55.25 -56.03
CA PHE F 48 42.58 -54.63 -55.06
C PHE F 48 41.84 -54.28 -53.77
N PHE F 49 40.63 -53.73 -53.87
CA PHE F 49 39.89 -53.35 -52.68
C PHE F 49 39.17 -54.53 -52.03
N HIS F 50 39.04 -55.66 -52.73
CA HIS F 50 38.46 -56.85 -52.11
C HIS F 50 39.33 -57.37 -50.97
N SER F 51 40.62 -57.07 -50.98
CA SER F 51 41.52 -57.50 -49.91
C SER F 51 41.25 -56.76 -48.59
N LEU F 52 40.44 -55.71 -48.60
CA LEU F 52 40.12 -54.93 -47.41
C LEU F 52 38.62 -54.84 -47.28
N PRO F 53 37.98 -55.89 -46.75
CA PRO F 53 36.51 -55.84 -46.58
C PRO F 53 36.05 -54.81 -45.59
N ASN F 54 36.91 -54.35 -44.69
CA ASN F 54 36.51 -53.36 -43.69
C ASN F 54 36.33 -51.95 -44.28
N VAL F 55 36.74 -51.74 -45.52
CA VAL F 55 36.61 -50.45 -46.19
C VAL F 55 35.63 -50.61 -47.35
N ARG F 56 34.55 -49.84 -47.32
CA ARG F 56 33.55 -49.91 -48.37
C ARG F 56 34.04 -49.24 -49.65
N PHE F 57 33.58 -49.76 -50.79
CA PHE F 57 33.95 -49.18 -52.07
C PHE F 57 32.79 -49.34 -53.03
N SER F 58 32.70 -48.39 -53.97
CA SER F 58 31.65 -48.43 -54.99
C SER F 58 32.14 -47.72 -56.23
N ILE F 59 31.58 -48.10 -57.37
CA ILE F 59 31.86 -47.49 -58.66
C ILE F 59 30.55 -47.04 -59.27
N THR F 60 30.49 -45.77 -59.69
CA THR F 60 29.33 -45.23 -60.38
C THR F 60 29.68 -44.97 -61.83
N LYS F 61 28.86 -45.49 -62.74
CA LYS F 61 29.12 -45.42 -64.17
C LYS F 61 28.22 -44.38 -64.81
N CYS F 62 28.81 -43.41 -65.50
CA CYS F 62 28.05 -42.38 -66.21
C CYS F 62 27.65 -42.95 -67.56
N HIS F 63 26.44 -43.49 -67.62
CA HIS F 63 25.96 -44.10 -68.85
C HIS F 63 25.78 -43.06 -69.94
N GLY F 64 25.97 -43.49 -71.19
CA GLY F 64 25.67 -42.67 -72.35
C GLY F 64 26.77 -41.73 -72.79
N LEU F 65 27.91 -41.67 -72.08
CA LEU F 65 29.00 -40.79 -72.46
C LEU F 65 30.33 -41.51 -72.18
N ALA F 66 30.98 -41.98 -73.25
CA ALA F 66 32.30 -42.55 -73.09
C ALA F 66 33.34 -41.48 -72.81
N ASP F 67 33.15 -40.29 -73.38
CA ASP F 67 34.07 -39.18 -73.20
C ASP F 67 33.32 -37.87 -73.39
N ILE F 68 33.95 -36.78 -72.97
CA ILE F 68 33.37 -35.45 -73.08
C ILE F 68 33.79 -34.84 -74.41
N LEU F 69 32.81 -34.55 -75.27
CA LEU F 69 33.08 -33.96 -76.57
C LEU F 69 32.47 -32.57 -76.74
N ASN F 70 31.18 -32.43 -76.46
CA ASN F 70 30.47 -31.17 -76.68
C ASN F 70 30.04 -30.58 -75.35
N GLU F 71 29.38 -29.41 -75.43
CA GLU F 71 28.91 -28.74 -74.23
C GLU F 71 27.81 -29.54 -73.54
N ARG F 72 26.90 -30.13 -74.31
CA ARG F 72 25.79 -30.87 -73.72
C ARG F 72 26.28 -32.08 -72.93
N ASP F 73 27.25 -32.82 -73.48
CA ASP F 73 27.77 -34.00 -72.79
C ASP F 73 28.43 -33.61 -71.48
N PHE F 74 29.27 -32.56 -71.50
CA PHE F 74 29.94 -32.14 -70.27
C PHE F 74 28.95 -31.60 -69.26
N GLU F 75 27.93 -30.87 -69.71
CA GLU F 75 26.93 -30.34 -68.80
C GLU F 75 26.18 -31.47 -68.11
N PHE F 76 25.76 -32.48 -68.88
CA PHE F 76 25.04 -33.60 -68.29
C PHE F 76 25.95 -34.39 -67.36
N TYR F 77 27.23 -34.57 -67.73
CA TYR F 77 28.16 -35.25 -66.85
C TYR F 77 28.35 -34.48 -65.55
N GLN F 78 28.47 -33.16 -65.62
CA GLN F 78 28.64 -32.35 -64.43
C GLN F 78 27.41 -32.46 -63.53
N GLU F 79 26.21 -32.47 -64.13
CA GLU F 79 25.00 -32.68 -63.36
C GLU F 79 25.03 -34.03 -62.65
N MET F 80 25.41 -35.08 -63.38
CA MET F 80 25.46 -36.42 -62.78
C MET F 80 26.49 -36.48 -61.66
N LEU F 81 27.65 -35.86 -61.87
CA LEU F 81 28.70 -35.89 -60.85
C LEU F 81 28.29 -35.10 -59.61
N TRP F 82 27.61 -33.97 -59.81
CA TRP F 82 27.11 -33.21 -58.68
C TRP F 82 26.08 -34.01 -57.90
N GLN F 83 25.18 -34.71 -58.61
CA GLN F 83 24.21 -35.56 -57.93
C GLN F 83 24.89 -36.67 -57.14
N TRP F 84 25.87 -37.34 -57.76
CA TRP F 84 26.55 -38.44 -57.09
C TRP F 84 27.31 -37.95 -55.87
N TYR F 85 27.96 -36.78 -55.98
CA TYR F 85 28.58 -36.17 -54.82
C TYR F 85 27.53 -35.89 -53.75
N LEU F 86 26.36 -35.41 -54.16
CA LEU F 86 25.30 -35.07 -53.21
C LEU F 86 24.82 -36.30 -52.45
N THR F 87 24.83 -37.45 -53.10
CA THR F 87 24.43 -38.68 -52.41
C THR F 87 25.53 -39.26 -51.54
N LYS F 88 26.69 -38.60 -51.43
CA LYS F 88 27.84 -39.28 -50.81
C LYS F 88 28.65 -38.39 -49.86
N MET F 89 28.02 -37.39 -49.24
CA MET F 89 28.69 -36.80 -48.09
C MET F 89 28.60 -37.73 -46.90
N PRO F 90 29.48 -37.56 -45.91
CA PRO F 90 29.15 -38.05 -44.57
C PRO F 90 27.94 -37.31 -44.05
N ASP F 91 27.16 -37.98 -43.19
CA ASP F 91 25.92 -37.39 -42.70
C ASP F 91 26.14 -36.06 -42.02
N ASN F 92 27.29 -35.88 -41.37
CA ASN F 92 27.59 -34.62 -40.71
C ASN F 92 28.92 -34.02 -41.14
N GLU F 93 29.93 -34.83 -41.39
CA GLU F 93 31.26 -34.34 -41.72
C GLU F 93 31.42 -34.16 -43.22
N LEU F 94 32.61 -33.72 -43.63
CA LEU F 94 32.93 -33.46 -45.01
C LEU F 94 33.76 -34.60 -45.60
N PRO F 95 33.74 -34.77 -46.92
CA PRO F 95 34.55 -35.82 -47.55
C PRO F 95 35.95 -35.37 -47.93
N TYR F 96 36.71 -36.25 -48.55
CA TYR F 96 38.03 -35.95 -49.08
C TYR F 96 38.02 -36.14 -50.60
N VAL F 97 38.84 -35.36 -51.29
CA VAL F 97 38.85 -35.32 -52.75
C VAL F 97 40.27 -35.47 -53.26
N CYS F 98 40.42 -36.23 -54.37
CA CYS F 98 41.67 -36.34 -55.10
C CYS F 98 41.40 -36.10 -56.58
N LEU F 99 42.36 -35.48 -57.26
CA LEU F 99 42.20 -35.06 -58.65
C LEU F 99 43.40 -35.45 -59.48
N SER F 100 43.84 -36.70 -59.36
CA SER F 100 45.00 -37.16 -60.10
C SER F 100 44.64 -37.87 -61.40
N GLY F 101 43.38 -38.30 -61.56
CA GLY F 101 42.95 -38.97 -62.76
C GLY F 101 41.93 -38.18 -63.56
N GLY F 102 41.64 -38.68 -64.75
CA GLY F 102 40.61 -38.10 -65.59
C GLY F 102 41.09 -36.93 -66.43
N ILE F 103 40.20 -36.48 -67.30
CA ILE F 103 40.49 -35.34 -68.19
C ILE F 103 40.49 -34.06 -67.38
N LYS F 104 41.01 -32.98 -67.96
CA LYS F 104 41.11 -31.71 -67.24
C LYS F 104 39.72 -31.19 -66.86
N SER F 105 38.77 -31.25 -67.78
CA SER F 105 37.44 -30.70 -67.51
C SER F 105 36.75 -31.42 -66.37
N MET F 106 36.84 -32.74 -66.34
CA MET F 106 36.16 -33.51 -65.31
C MET F 106 36.82 -33.33 -63.95
N SER F 107 38.14 -33.23 -63.91
CA SER F 107 38.83 -32.93 -62.66
C SER F 107 38.48 -31.53 -62.15
N ALA F 108 38.43 -30.55 -63.05
CA ALA F 108 38.03 -29.21 -62.65
C ALA F 108 36.60 -29.19 -62.15
N SER F 109 35.71 -29.96 -62.78
CA SER F 109 34.34 -30.07 -62.30
C SER F 109 34.27 -30.67 -60.91
N LEU F 110 35.08 -31.70 -60.65
CA LEU F 110 35.09 -32.29 -59.32
C LEU F 110 35.61 -31.29 -58.29
N GLN F 111 36.64 -30.52 -58.64
CA GLN F 111 37.14 -29.50 -57.72
C GLN F 111 36.09 -28.41 -57.46
N LYS F 112 35.37 -28.02 -58.51
CA LYS F 112 34.29 -27.04 -58.34
C LYS F 112 33.21 -27.59 -57.42
N ALA F 113 32.87 -28.88 -57.58
CA ALA F 113 31.90 -29.50 -56.69
C ALA F 113 32.39 -29.49 -55.24
N ALA F 114 33.66 -29.83 -55.04
CA ALA F 114 34.21 -29.84 -53.69
C ALA F 114 34.20 -28.44 -53.08
N THR F 115 34.51 -27.41 -53.88
CA THR F 115 34.43 -26.05 -53.38
C THR F 115 33.00 -25.68 -53.02
N LEU F 116 32.04 -26.08 -53.87
CA LEU F 116 30.64 -25.73 -53.63
C LEU F 116 30.13 -26.37 -52.35
N PHE F 117 30.33 -27.68 -52.19
CA PHE F 117 29.78 -28.41 -51.05
C PHE F 117 30.74 -28.52 -49.88
N GLY F 118 31.99 -28.13 -50.04
CA GLY F 118 32.92 -28.23 -48.92
C GLY F 118 33.61 -29.57 -48.84
N ALA F 119 34.81 -29.57 -48.28
CA ALA F 119 35.59 -30.78 -48.12
C ALA F 119 36.63 -30.58 -47.02
N GLN F 120 37.01 -31.69 -46.37
CA GLN F 120 38.04 -31.62 -45.34
C GLN F 120 39.39 -31.25 -45.94
N SER F 121 39.75 -31.88 -47.04
CA SER F 121 41.04 -31.64 -47.66
C SER F 121 40.98 -32.06 -49.13
N VAL F 122 41.67 -31.30 -49.97
CA VAL F 122 41.74 -31.55 -51.40
C VAL F 122 43.20 -31.75 -51.75
N PHE F 123 43.53 -32.89 -52.35
CA PHE F 123 44.93 -33.25 -52.57
C PHE F 123 45.08 -33.93 -53.92
N HIS F 124 46.33 -34.29 -54.24
CA HIS F 124 46.67 -35.08 -55.41
C HIS F 124 47.76 -36.07 -55.01
N VAL F 125 48.09 -36.96 -55.94
CA VAL F 125 49.19 -37.92 -55.76
C VAL F 125 50.12 -37.81 -56.95
N LEU F 126 51.43 -37.84 -56.69
CA LEU F 126 52.44 -37.71 -57.72
C LEU F 126 53.44 -38.85 -57.61
N ALA F 127 53.89 -39.34 -58.76
CA ALA F 127 54.91 -40.38 -58.80
C ALA F 127 55.81 -40.12 -60.00
N ASP F 128 57.04 -40.61 -59.91
CA ASP F 128 58.06 -40.36 -60.93
C ASP F 128 58.15 -41.49 -61.95
N ASN F 129 57.23 -42.45 -61.92
CA ASN F 129 57.29 -43.59 -62.81
C ASN F 129 56.06 -43.75 -63.71
N ASN F 130 54.87 -43.37 -63.22
CA ASN F 130 53.61 -43.58 -63.94
C ASN F 130 53.49 -45.04 -64.35
N PRO F 131 53.39 -45.96 -63.41
CA PRO F 131 53.43 -47.39 -63.74
C PRO F 131 52.04 -47.91 -64.08
N ARG F 132 51.98 -49.21 -64.37
CA ARG F 132 50.72 -49.89 -64.63
C ARG F 132 50.51 -51.14 -63.78
N ASN F 133 51.54 -51.64 -63.11
CA ASN F 133 51.40 -52.81 -62.26
C ASN F 133 50.91 -52.40 -60.86
N ILE F 134 50.49 -53.40 -60.09
CA ILE F 134 49.93 -53.16 -58.76
C ILE F 134 50.88 -53.56 -57.64
N GLU F 135 51.81 -54.48 -57.87
CA GLU F 135 52.74 -54.93 -56.86
C GLU F 135 54.00 -54.07 -56.79
N GLU F 136 53.91 -52.83 -57.28
CA GLU F 136 55.04 -51.91 -57.28
C GLU F 136 54.78 -50.63 -56.48
N MET F 137 53.51 -50.25 -56.27
CA MET F 137 53.22 -49.07 -55.47
C MET F 137 53.77 -49.20 -54.05
N PHE F 138 53.77 -50.41 -53.50
CA PHE F 138 54.33 -50.62 -52.17
C PHE F 138 55.82 -50.30 -52.14
N ASP F 139 56.55 -50.78 -53.15
CA ASP F 139 57.97 -50.47 -53.24
C ASP F 139 58.20 -48.99 -53.45
N ALA F 140 57.36 -48.35 -54.28
CA ALA F 140 57.51 -46.93 -54.53
C ALA F 140 57.30 -46.10 -53.27
N LEU F 141 56.29 -46.46 -52.46
CA LEU F 141 56.04 -45.73 -51.23
C LEU F 141 57.10 -46.04 -50.17
N GLN F 142 57.62 -47.27 -50.15
CA GLN F 142 58.70 -47.59 -49.24
C GLN F 142 59.96 -46.79 -49.55
N LYS F 143 60.29 -46.68 -50.84
CA LYS F 143 61.45 -45.87 -51.23
C LYS F 143 61.16 -44.39 -51.07
N GLY F 144 59.94 -43.96 -51.35
CA GLY F 144 59.58 -42.57 -51.23
C GLY F 144 59.23 -41.92 -52.56
N GLN F 145 59.06 -42.75 -53.60
CA GLN F 145 58.68 -42.23 -54.91
C GLN F 145 57.31 -41.57 -54.91
N ILE F 146 56.41 -41.98 -54.01
CA ILE F 146 55.07 -41.41 -53.97
C ILE F 146 55.15 -40.00 -53.39
N HIS F 147 54.47 -39.07 -54.05
CA HIS F 147 54.41 -37.68 -53.61
C HIS F 147 52.97 -37.24 -53.61
N PHE F 148 52.53 -36.62 -52.51
CA PHE F 148 51.17 -36.13 -52.39
C PHE F 148 51.20 -34.61 -52.21
N ILE F 149 50.31 -33.92 -52.91
CA ILE F 149 50.23 -32.47 -52.91
C ILE F 149 48.92 -32.08 -52.26
N GLU F 150 49.00 -31.40 -51.11
CA GLU F 150 47.81 -30.98 -50.38
C GLU F 150 47.68 -29.46 -50.46
N MET F 151 46.56 -29.00 -51.01
CA MET F 151 46.34 -27.58 -51.21
C MET F 151 44.95 -27.09 -50.79
N GLY F 152 43.93 -27.93 -50.80
CA GLY F 152 42.55 -27.48 -50.66
C GLY F 152 42.02 -27.61 -49.24
N TYR F 153 41.29 -26.57 -48.82
CA TYR F 153 40.51 -26.61 -47.60
C TYR F 153 39.38 -25.61 -47.77
N GLU F 154 38.13 -26.11 -47.77
CA GLU F 154 37.02 -25.28 -48.16
C GLU F 154 35.73 -25.69 -47.46
N PRO F 155 34.98 -24.73 -46.90
CA PRO F 155 33.75 -25.08 -46.20
C PRO F 155 32.55 -25.18 -47.12
N GLY F 156 32.58 -24.45 -48.23
CA GLY F 156 31.42 -24.39 -49.09
C GLY F 156 30.29 -23.63 -48.44
N TRP F 157 29.11 -23.71 -49.06
CA TRP F 157 27.90 -23.15 -48.53
C TRP F 157 27.11 -24.24 -47.81
N ALA F 158 26.79 -24.01 -46.54
CA ALA F 158 25.94 -24.96 -45.82
C ALA F 158 24.58 -25.08 -46.48
N ALA F 159 23.99 -23.95 -46.88
CA ALA F 159 22.69 -23.97 -47.54
C ALA F 159 22.75 -24.72 -48.87
N LEU F 160 23.84 -24.52 -49.63
CA LEU F 160 23.99 -25.19 -50.91
C LEU F 160 24.27 -26.68 -50.76
N ARG F 161 24.74 -27.12 -49.60
CA ARG F 161 24.81 -28.54 -49.31
C ARG F 161 23.54 -29.09 -48.69
N ARG F 162 22.66 -28.22 -48.19
CA ARG F 162 21.41 -28.66 -47.61
C ARG F 162 20.43 -29.22 -48.64
N LEU F 163 20.72 -29.05 -49.93
CA LEU F 163 19.84 -29.53 -50.99
C LEU F 163 20.14 -30.95 -51.42
N LYS F 164 20.65 -31.79 -50.51
CA LYS F 164 20.77 -33.21 -50.84
C LYS F 164 19.43 -33.92 -50.87
N LYS F 165 18.34 -33.24 -50.53
CA LYS F 165 17.00 -33.81 -50.54
C LYS F 165 16.26 -33.60 -51.85
N ILE F 166 16.87 -32.91 -52.82
CA ILE F 166 16.19 -32.61 -54.06
C ILE F 166 16.41 -33.69 -55.11
N LEU F 167 17.49 -34.46 -54.97
CA LEU F 167 17.93 -35.36 -56.04
C LEU F 167 16.94 -36.47 -56.42
N PRO F 168 16.29 -37.19 -55.48
CA PRO F 168 15.60 -38.43 -55.89
C PRO F 168 14.32 -38.16 -56.69
N ILE F 169 13.59 -39.24 -56.99
CA ILE F 169 12.44 -39.22 -57.88
C ILE F 169 12.89 -38.64 -59.23
N ASN F 170 13.88 -39.29 -59.85
CA ASN F 170 14.41 -38.81 -61.12
C ASN F 170 14.65 -39.94 -62.12
N GLU F 171 14.19 -41.16 -61.83
CA GLU F 171 14.28 -42.34 -62.69
C GLU F 171 15.64 -42.47 -63.38
N GLY F 172 16.72 -42.13 -62.67
CA GLY F 172 18.06 -42.29 -63.18
C GLY F 172 18.52 -41.21 -64.14
N CYS F 173 17.70 -40.20 -64.38
CA CYS F 173 18.04 -39.08 -65.26
C CYS F 173 18.42 -39.56 -66.66
N SER F 174 17.44 -40.20 -67.31
CA SER F 174 17.65 -40.71 -68.66
C SER F 174 17.68 -39.57 -69.67
N ARG F 175 18.15 -39.88 -70.88
CA ARG F 175 18.38 -38.84 -71.88
C ARG F 175 17.08 -38.17 -72.33
N ASP F 176 15.99 -38.94 -72.38
CA ASP F 176 14.74 -38.42 -72.93
C ASP F 176 14.21 -37.26 -72.09
N ASN F 177 14.25 -37.38 -70.77
CA ASN F 177 13.72 -36.37 -69.86
C ASN F 177 14.70 -36.08 -68.74
N PHE F 178 15.96 -35.82 -69.09
CA PHE F 178 16.95 -35.45 -68.09
C PHE F 178 16.67 -34.06 -67.55
N LYS F 179 16.83 -33.91 -66.24
CA LYS F 179 16.64 -32.64 -65.54
C LYS F 179 17.89 -32.24 -64.78
N PRO F 180 18.63 -31.23 -65.25
CA PRO F 180 19.80 -30.71 -64.51
C PRO F 180 19.39 -29.79 -63.36
N LEU F 181 19.04 -30.42 -62.23
CA LEU F 181 18.52 -29.66 -61.09
C LEU F 181 19.64 -28.97 -60.32
N ILE F 182 20.82 -29.58 -60.25
CA ILE F 182 21.94 -28.89 -59.61
C ILE F 182 22.43 -27.74 -60.48
N SER F 183 22.19 -27.78 -61.78
CA SER F 183 22.35 -26.59 -62.60
C SER F 183 21.41 -25.49 -62.13
N LYS F 184 20.19 -25.86 -61.76
CA LYS F 184 19.27 -24.87 -61.19
C LYS F 184 19.81 -24.34 -59.86
N SER F 185 20.46 -25.20 -59.08
CA SER F 185 21.05 -24.74 -57.81
C SER F 185 22.17 -23.74 -58.03
N ILE F 186 23.05 -24.01 -59.01
CA ILE F 186 24.12 -23.06 -59.27
C ILE F 186 23.57 -21.78 -59.90
N GLU F 187 22.53 -21.86 -60.72
CA GLU F 187 21.85 -20.64 -61.14
C GLU F 187 21.28 -19.89 -59.94
N GLU F 188 20.79 -20.63 -58.94
CA GLU F 188 20.30 -20.01 -57.72
C GLU F 188 21.38 -19.19 -57.03
N ILE F 189 22.55 -19.81 -56.80
CA ILE F 189 23.60 -19.09 -56.07
C ILE F 189 24.11 -17.91 -56.89
N LEU F 190 24.31 -18.11 -58.20
CA LEU F 190 24.74 -17.01 -59.06
C LEU F 190 23.74 -15.86 -59.03
N SER F 191 22.46 -16.18 -59.16
CA SER F 191 21.42 -15.16 -59.16
C SER F 191 21.35 -14.44 -57.83
N ASN F 192 21.48 -15.16 -56.72
CA ASN F 192 21.44 -14.51 -55.42
C ASN F 192 22.58 -13.51 -55.29
N VAL F 193 23.80 -13.92 -55.65
CA VAL F 193 24.92 -13.00 -55.57
C VAL F 193 24.73 -11.82 -56.51
N LYS F 194 24.14 -12.06 -57.69
CA LYS F 194 24.02 -10.99 -58.68
C LYS F 194 22.96 -9.98 -58.31
N ILE F 195 21.80 -10.42 -57.80
CA ILE F 195 20.84 -9.47 -57.28
C ILE F 195 21.42 -8.75 -56.07
N MET F 196 22.24 -9.44 -55.28
CA MET F 196 22.87 -8.80 -54.13
C MET F 196 23.80 -7.68 -54.56
N ALA F 197 24.55 -7.89 -55.64
CA ALA F 197 25.58 -6.94 -56.06
C ALA F 197 25.03 -5.85 -56.99
N SER F 198 24.45 -6.24 -58.12
CA SER F 198 24.01 -5.28 -59.12
C SER F 198 22.82 -4.44 -58.65
N ASP F 199 22.12 -4.87 -57.61
CA ASP F 199 20.98 -4.14 -57.09
C ASP F 199 21.23 -3.79 -55.62
N THR F 200 20.62 -2.70 -55.18
CA THR F 200 20.77 -2.23 -53.80
C THR F 200 19.44 -2.01 -53.10
N GLY F 201 18.42 -1.54 -53.82
CA GLY F 201 17.15 -1.23 -53.20
C GLY F 201 16.31 -2.46 -52.89
N LYS F 202 15.93 -3.21 -53.92
CA LYS F 202 15.12 -4.39 -53.71
C LYS F 202 15.88 -5.49 -52.98
N SER F 203 17.21 -5.48 -53.08
CA SER F 203 18.06 -6.51 -52.48
C SER F 203 18.61 -6.06 -51.14
N ASN F 204 17.79 -5.37 -50.35
CA ASN F 204 18.21 -4.85 -49.06
C ASN F 204 18.07 -5.87 -47.93
N GLN F 205 16.85 -6.35 -47.67
CA GLN F 205 16.58 -7.32 -46.61
C GLN F 205 15.15 -7.80 -46.80
N LEU F 206 14.66 -8.58 -45.80
CA LEU F 206 13.34 -9.18 -45.58
C LEU F 206 13.31 -10.57 -44.94
N PRO F 207 14.33 -11.43 -45.08
CA PRO F 207 14.17 -12.79 -44.50
C PRO F 207 14.21 -12.76 -42.99
N PHE F 208 13.16 -13.29 -42.36
CA PHE F 208 13.04 -13.35 -40.91
C PHE F 208 13.82 -14.53 -40.32
N PRO F 209 13.72 -15.75 -40.86
CA PRO F 209 14.57 -16.84 -40.38
C PRO F 209 15.99 -16.83 -40.93
N SER F 210 16.40 -15.74 -41.59
CA SER F 210 17.74 -15.59 -42.15
C SER F 210 18.05 -16.71 -43.14
N LEU F 211 17.18 -16.87 -44.12
CA LEU F 211 17.38 -17.87 -45.17
C LEU F 211 18.20 -17.31 -46.33
N ALA F 212 17.65 -16.30 -47.02
CA ALA F 212 18.38 -15.45 -47.95
C ALA F 212 19.18 -16.20 -49.02
N ILE F 213 18.94 -17.51 -49.18
CA ILE F 213 19.69 -18.29 -50.16
C ILE F 213 18.80 -19.06 -51.13
N LEU F 214 17.51 -19.23 -50.84
CA LEU F 214 16.57 -19.89 -51.74
C LEU F 214 16.64 -19.28 -53.14
N PRO F 215 16.31 -20.04 -54.18
CA PRO F 215 16.33 -19.47 -55.52
C PRO F 215 15.38 -18.29 -55.61
N PRO F 216 15.70 -17.31 -56.46
CA PRO F 216 14.85 -16.11 -56.52
C PRO F 216 13.40 -16.41 -56.84
N ILE F 217 13.13 -17.46 -57.63
CA ILE F 217 11.75 -17.86 -57.87
C ILE F 217 11.08 -18.24 -56.56
N ALA F 218 11.82 -18.91 -55.67
CA ALA F 218 11.28 -19.24 -54.35
C ALA F 218 10.95 -17.99 -53.56
N GLN F 219 11.83 -16.98 -53.63
CA GLN F 219 11.57 -15.73 -52.91
C GLN F 219 10.33 -15.03 -53.45
N GLN F 220 10.19 -14.97 -54.78
CA GLN F 220 8.99 -14.37 -55.36
C GLN F 220 7.74 -15.14 -54.93
N TRP F 221 7.79 -16.48 -54.94
CA TRP F 221 6.66 -17.26 -54.48
C TRP F 221 6.34 -16.97 -53.02
N LEU F 222 7.37 -16.77 -52.20
CA LEU F 222 7.15 -16.41 -50.80
C LEU F 222 6.48 -15.06 -50.69
N GLN F 223 6.81 -14.12 -51.56
CA GLN F 223 6.21 -12.79 -51.48
C GLN F 223 4.74 -12.80 -51.87
N LEU F 224 4.33 -13.68 -52.78
CA LEU F 224 2.95 -13.70 -53.21
C LEU F 224 2.03 -14.13 -52.07
N PRO F 225 0.81 -13.60 -52.03
CA PRO F 225 -0.13 -14.01 -50.98
C PRO F 225 -0.51 -15.48 -51.12
N LEU F 226 -0.77 -16.11 -49.98
CA LEU F 226 -1.14 -17.51 -49.95
C LEU F 226 -2.65 -17.68 -50.13
N SER F 227 -3.03 -18.88 -50.55
CA SER F 227 -4.43 -19.25 -50.72
C SER F 227 -4.71 -20.51 -49.92
N ALA F 228 -5.95 -21.00 -50.03
CA ALA F 228 -6.30 -22.27 -49.41
C ALA F 228 -5.58 -23.45 -50.05
N ASN F 229 -4.99 -23.26 -51.23
CA ASN F 229 -4.27 -24.33 -51.90
C ASN F 229 -2.91 -24.61 -51.26
N ASP F 230 -2.37 -23.66 -50.49
CA ASP F 230 -1.06 -23.81 -49.88
C ASP F 230 -1.09 -24.66 -48.61
N GLY F 231 -2.14 -25.45 -48.41
CA GLY F 231 -2.20 -26.32 -47.25
C GLY F 231 -1.09 -27.36 -47.22
N ALA F 232 -0.70 -27.85 -48.40
CA ALA F 232 0.40 -28.82 -48.45
C ALA F 232 1.70 -28.20 -47.96
N TRP F 233 1.97 -26.96 -48.34
CA TRP F 233 3.18 -26.29 -47.86
C TRP F 233 3.08 -25.95 -46.38
N ILE F 234 1.90 -25.52 -45.94
CA ILE F 234 1.73 -25.15 -44.53
C ILE F 234 1.91 -26.38 -43.64
N GLN F 235 1.37 -27.52 -44.06
CA GLN F 235 1.42 -28.72 -43.24
C GLN F 235 2.86 -29.18 -43.02
N ASN F 236 3.69 -29.10 -44.07
CA ASN F 236 5.10 -29.49 -43.93
C ASN F 236 5.91 -28.48 -43.13
N LEU F 237 5.38 -27.28 -42.92
CA LEU F 237 6.14 -26.24 -42.26
C LEU F 237 6.28 -26.55 -40.78
N PRO F 238 7.49 -26.50 -40.22
CA PRO F 238 7.64 -26.66 -38.76
C PRO F 238 7.08 -25.44 -38.04
N LYS F 239 6.03 -25.67 -37.26
CA LYS F 239 5.30 -24.59 -36.62
C LYS F 239 5.49 -24.63 -35.11
N VAL F 240 5.08 -23.54 -34.46
CA VAL F 240 5.14 -23.38 -33.02
C VAL F 240 3.75 -23.05 -32.51
N ASP F 241 3.30 -23.75 -31.48
CA ASP F 241 2.01 -23.51 -30.86
C ASP F 241 2.23 -23.08 -29.42
N LEU F 242 1.69 -21.93 -29.04
CA LEU F 242 1.89 -21.37 -27.72
C LEU F 242 0.63 -21.34 -26.86
N HIS F 243 -0.55 -21.38 -27.48
CA HIS F 243 -1.83 -21.35 -26.77
C HIS F 243 -2.58 -22.62 -27.15
N CYS F 244 -2.48 -23.64 -26.29
CA CYS F 244 -3.11 -24.93 -26.57
C CYS F 244 -3.49 -25.56 -25.24
N HIS F 245 -4.75 -25.41 -24.86
CA HIS F 245 -5.22 -25.97 -23.59
C HIS F 245 -5.24 -27.49 -23.67
N LEU F 246 -4.79 -28.14 -22.59
CA LEU F 246 -4.75 -29.60 -22.56
C LEU F 246 -6.16 -30.18 -22.46
N GLY F 247 -7.03 -29.56 -21.65
CA GLY F 247 -8.34 -30.12 -21.43
C GLY F 247 -9.32 -29.93 -22.57
N GLY F 248 -8.95 -29.16 -23.59
CA GLY F 248 -9.83 -28.96 -24.72
C GLY F 248 -9.25 -29.50 -26.02
N PHE F 249 -8.55 -30.63 -25.93
CA PHE F 249 -7.93 -31.22 -27.11
C PHE F 249 -8.83 -32.27 -27.76
N ALA F 250 -9.25 -33.27 -27.00
CA ALA F 250 -10.12 -34.34 -27.50
C ALA F 250 -11.45 -34.22 -26.77
N THR F 251 -12.33 -33.38 -27.29
CA THR F 251 -13.62 -33.13 -26.67
C THR F 251 -14.78 -33.81 -27.38
N SER F 252 -14.57 -34.34 -28.58
CA SER F 252 -15.64 -35.03 -29.30
C SER F 252 -15.01 -35.92 -30.36
N GLY F 253 -15.78 -36.92 -30.78
CA GLY F 253 -15.38 -37.78 -31.88
C GLY F 253 -14.60 -39.00 -31.45
N SER F 254 -13.85 -39.53 -32.42
CA SER F 254 -13.08 -40.75 -32.19
C SER F 254 -12.03 -40.56 -31.12
N LEU F 255 -11.40 -39.38 -31.08
CA LEU F 255 -10.42 -39.11 -30.04
C LEU F 255 -11.05 -39.15 -28.66
N LEU F 256 -12.24 -38.55 -28.51
CA LEU F 256 -12.94 -38.60 -27.23
C LEU F 256 -13.31 -40.04 -26.88
N ASP F 257 -13.79 -40.81 -27.85
CA ASP F 257 -14.16 -42.19 -27.57
C ASP F 257 -12.97 -43.02 -27.12
N GLN F 258 -11.83 -42.88 -27.80
CA GLN F 258 -10.66 -43.68 -27.46
C GLN F 258 -9.92 -43.15 -26.24
N VAL F 259 -10.17 -41.91 -25.83
CA VAL F 259 -9.64 -41.48 -24.54
C VAL F 259 -10.58 -41.93 -23.41
N ARG F 260 -11.88 -42.10 -23.71
CA ARG F 260 -12.77 -42.70 -22.75
C ARG F 260 -12.49 -44.19 -22.59
N GLY F 261 -12.01 -44.84 -23.64
CA GLY F 261 -11.70 -46.26 -23.59
C GLY F 261 -10.62 -46.61 -22.59
N ALA F 262 -9.42 -46.05 -22.78
CA ALA F 262 -8.30 -46.32 -21.88
C ALA F 262 -8.36 -45.34 -20.71
N ALA F 263 -9.38 -45.51 -19.88
CA ALA F 263 -9.64 -44.64 -18.74
C ALA F 263 -9.55 -45.41 -17.43
N SER F 264 -8.58 -46.32 -17.33
CA SER F 264 -8.38 -47.14 -16.14
C SER F 264 -9.66 -47.88 -15.77
N GLU F 265 -10.40 -47.34 -14.80
CA GLU F 265 -11.69 -47.90 -14.43
C GLU F 265 -12.79 -47.19 -15.21
N PRO F 266 -13.57 -47.89 -16.03
CA PRO F 266 -14.64 -47.25 -16.81
C PRO F 266 -15.96 -47.09 -16.07
N ASP F 267 -16.02 -47.45 -14.79
CA ASP F 267 -17.28 -47.36 -14.06
C ASP F 267 -17.74 -45.91 -13.91
N LEU F 268 -16.82 -45.00 -13.60
CA LEU F 268 -17.18 -43.62 -13.32
C LEU F 268 -17.33 -42.77 -14.59
N ILE F 269 -17.03 -43.32 -15.76
CA ILE F 269 -17.14 -42.56 -17.00
C ILE F 269 -18.60 -42.54 -17.44
N ASP F 270 -19.13 -41.33 -17.67
CA ASP F 270 -20.51 -41.15 -18.06
C ASP F 270 -20.57 -40.31 -19.33
N ARG F 271 -21.61 -40.54 -20.13
CA ARG F 271 -21.79 -39.84 -21.39
C ARG F 271 -22.54 -38.54 -21.10
N THR F 272 -21.79 -37.45 -20.92
CA THR F 272 -22.36 -36.15 -20.59
C THR F 272 -22.12 -35.18 -21.74
N PHE F 273 -22.93 -34.12 -21.75
CA PHE F 273 -22.86 -33.06 -22.76
C PHE F 273 -23.14 -33.59 -24.16
N SER F 274 -23.15 -32.69 -25.15
CA SER F 274 -23.43 -33.07 -26.53
C SER F 274 -22.88 -31.97 -27.44
N PRO F 275 -22.53 -32.31 -28.67
CA PRO F 275 -22.10 -31.26 -29.63
C PRO F 275 -23.23 -30.30 -29.91
N GLN F 276 -22.88 -29.19 -30.58
CA GLN F 276 -23.82 -28.13 -30.88
C GLN F 276 -24.37 -28.32 -32.29
N GLU F 277 -25.70 -28.22 -32.42
CA GLU F 277 -26.36 -28.38 -33.69
C GLU F 277 -26.23 -27.10 -34.52
N ILE F 278 -26.55 -27.22 -35.81
CA ILE F 278 -26.55 -26.16 -36.83
C ILE F 278 -25.21 -25.42 -36.91
N ALA F 279 -24.33 -25.67 -35.96
CA ALA F 279 -22.99 -25.06 -35.98
C ALA F 279 -22.14 -25.82 -36.98
N GLY F 280 -21.94 -25.23 -38.15
CA GLY F 280 -21.12 -25.85 -39.17
C GLY F 280 -19.65 -25.75 -38.85
N TRP F 281 -19.23 -26.44 -37.79
CA TRP F 281 -17.85 -26.35 -37.33
C TRP F 281 -16.90 -26.98 -38.36
N PRO F 282 -15.64 -26.53 -38.40
CA PRO F 282 -15.04 -25.46 -37.60
C PRO F 282 -15.29 -24.08 -38.21
N ARG F 283 -15.87 -24.04 -39.40
CA ARG F 283 -16.15 -22.77 -40.08
C ARG F 283 -17.59 -22.34 -39.82
N SER F 284 -17.83 -21.95 -38.57
CA SER F 284 -19.17 -21.55 -38.15
C SER F 284 -19.58 -20.25 -38.85
N HIS F 285 -20.89 -20.07 -38.98
CA HIS F 285 -21.46 -18.87 -39.58
C HIS F 285 -22.32 -18.10 -38.58
N LYS F 286 -21.99 -18.21 -37.30
CA LYS F 286 -22.71 -17.49 -36.25
C LYS F 286 -21.79 -17.36 -35.05
N SER F 287 -21.89 -16.21 -34.37
CA SER F 287 -21.11 -16.00 -33.16
C SER F 287 -21.58 -16.93 -32.05
N ILE F 288 -20.64 -17.36 -31.22
CA ILE F 288 -20.91 -18.23 -30.08
C ILE F 288 -20.41 -17.53 -28.83
N SER F 289 -21.26 -17.48 -27.81
CA SER F 289 -20.87 -16.88 -26.54
C SER F 289 -19.74 -17.70 -25.89
N LEU F 290 -18.92 -17.01 -25.11
CA LEU F 290 -17.77 -17.66 -24.48
C LEU F 290 -18.24 -18.78 -23.54
N ASP F 291 -19.30 -18.53 -22.78
CA ASP F 291 -19.81 -19.55 -21.87
C ASP F 291 -20.29 -20.78 -22.61
N LYS F 292 -21.03 -20.58 -23.71
CA LYS F 292 -21.52 -21.71 -24.49
C LYS F 292 -20.36 -22.44 -25.17
N TYR F 293 -19.36 -21.70 -25.66
CA TYR F 293 -18.19 -22.32 -26.25
C TYR F 293 -17.45 -23.19 -25.22
N MET F 294 -17.29 -22.67 -24.00
CA MET F 294 -16.67 -23.45 -22.94
C MET F 294 -17.48 -24.68 -22.60
N GLU F 295 -18.81 -24.54 -22.51
CA GLU F 295 -19.67 -25.68 -22.21
C GLU F 295 -19.62 -26.73 -23.32
N LEU F 296 -19.35 -26.29 -24.56
CA LEU F 296 -19.22 -27.24 -25.67
C LEU F 296 -18.11 -28.25 -25.40
N GLY F 297 -17.06 -27.84 -24.68
CA GLY F 297 -15.97 -28.72 -24.33
C GLY F 297 -16.16 -29.51 -23.05
N ASN F 298 -17.33 -29.45 -22.42
CA ASN F 298 -17.53 -30.12 -21.14
C ASN F 298 -17.52 -31.64 -21.25
N ALA F 299 -17.54 -32.19 -22.46
CA ALA F 299 -17.50 -33.65 -22.61
C ALA F 299 -16.19 -34.22 -22.08
N ASN F 300 -15.10 -33.47 -22.19
CA ASN F 300 -13.79 -33.90 -21.73
C ASN F 300 -13.13 -32.77 -20.95
N GLY F 301 -12.49 -33.11 -19.84
CA GLY F 301 -11.82 -32.10 -19.04
C GLY F 301 -11.72 -32.43 -17.57
N SER F 302 -12.21 -31.50 -16.74
CA SER F 302 -12.04 -31.63 -15.29
C SER F 302 -12.76 -32.85 -14.73
N LYS F 303 -13.94 -33.17 -15.25
CA LYS F 303 -14.72 -34.29 -14.74
C LYS F 303 -14.27 -35.63 -15.30
N LEU F 304 -13.47 -35.64 -16.35
CA LEU F 304 -13.10 -36.87 -17.04
C LEU F 304 -11.65 -37.28 -16.81
N LEU F 305 -10.72 -36.32 -16.80
CA LEU F 305 -9.31 -36.61 -16.61
C LEU F 305 -8.92 -36.81 -15.15
N LYS F 306 -9.90 -37.04 -14.26
CA LYS F 306 -9.60 -37.28 -12.86
C LYS F 306 -8.91 -38.62 -12.62
N ASP F 307 -8.98 -39.54 -13.56
CA ASP F 307 -8.33 -40.84 -13.44
C ASP F 307 -7.05 -40.85 -14.27
N LYS F 308 -6.05 -41.57 -13.76
CA LYS F 308 -4.71 -41.49 -14.34
C LYS F 308 -4.68 -41.99 -15.78
N GLY F 309 -5.39 -43.08 -16.07
CA GLY F 309 -5.35 -43.64 -17.41
C GLY F 309 -5.91 -42.70 -18.46
N CYS F 310 -7.04 -42.06 -18.16
CA CYS F 310 -7.62 -41.11 -19.11
C CYS F 310 -6.71 -39.94 -19.36
N LEU F 311 -6.10 -39.39 -18.30
CA LEU F 311 -5.18 -38.28 -18.47
C LEU F 311 -3.97 -38.68 -19.31
N ILE F 312 -3.41 -39.86 -19.04
CA ILE F 312 -2.24 -40.31 -19.81
C ILE F 312 -2.61 -40.51 -21.27
N ARG F 313 -3.77 -41.11 -21.55
CA ARG F 313 -4.20 -41.27 -22.92
C ARG F 313 -4.40 -39.92 -23.60
N GLN F 314 -4.99 -38.96 -22.88
CA GLN F 314 -5.23 -37.65 -23.46
C GLN F 314 -3.93 -36.95 -23.83
N VAL F 315 -2.94 -36.98 -22.92
CA VAL F 315 -1.69 -36.30 -23.22
C VAL F 315 -0.93 -37.01 -24.33
N GLU F 316 -0.98 -38.35 -24.36
CA GLU F 316 -0.33 -39.08 -25.45
C GLU F 316 -0.97 -38.73 -26.79
N LEU F 317 -2.30 -38.66 -26.84
CA LEU F 317 -2.97 -38.31 -28.08
C LEU F 317 -2.66 -36.87 -28.48
N LEU F 318 -2.56 -35.96 -27.50
CA LEU F 318 -2.20 -34.58 -27.82
C LEU F 318 -0.81 -34.50 -28.42
N TYR F 319 0.15 -35.23 -27.85
CA TYR F 319 1.49 -35.24 -28.40
C TYR F 319 1.51 -35.85 -29.80
N GLN F 320 0.74 -36.91 -30.01
CA GLN F 320 0.68 -37.51 -31.34
C GLN F 320 0.09 -36.54 -32.36
N SER F 321 -0.96 -35.80 -31.96
CA SER F 321 -1.53 -34.79 -32.85
C SER F 321 -0.52 -33.68 -33.14
N LEU F 322 0.25 -33.27 -32.14
CA LEU F 322 1.23 -32.22 -32.33
C LEU F 322 2.32 -32.65 -33.31
N VAL F 323 2.86 -33.86 -33.13
CA VAL F 323 3.92 -34.31 -34.02
C VAL F 323 3.37 -34.61 -35.41
N ASN F 324 2.10 -35.04 -35.51
CA ASN F 324 1.50 -35.25 -36.81
C ASN F 324 1.30 -33.94 -37.57
N ASP F 325 1.26 -32.81 -36.86
CA ASP F 325 1.11 -31.50 -37.47
C ASP F 325 2.45 -30.82 -37.73
N ASN F 326 3.57 -31.52 -37.50
CA ASN F 326 4.90 -30.98 -37.68
C ASN F 326 5.15 -29.79 -36.75
N VAL F 327 4.47 -29.74 -35.62
CA VAL F 327 4.70 -28.70 -34.63
C VAL F 327 5.97 -29.06 -33.86
N ALA F 328 7.01 -28.25 -34.00
CA ALA F 328 8.30 -28.55 -33.41
C ALA F 328 8.49 -27.98 -32.01
N TYR F 329 7.55 -27.17 -31.53
CA TYR F 329 7.60 -26.66 -30.17
C TYR F 329 6.20 -26.27 -29.74
N ALA F 330 5.84 -26.62 -28.50
CA ALA F 330 4.52 -26.34 -27.98
C ALA F 330 4.62 -25.98 -26.51
N GLU F 331 3.61 -25.26 -26.03
CA GLU F 331 3.49 -24.89 -24.62
C GLU F 331 2.04 -25.14 -24.22
N ILE F 332 1.82 -26.26 -23.56
CA ILE F 332 0.47 -26.71 -23.22
C ILE F 332 0.05 -26.11 -21.90
N ARG F 333 -1.15 -25.53 -21.86
CA ARG F 333 -1.72 -25.00 -20.64
C ARG F 333 -2.56 -26.08 -19.97
N CYS F 334 -2.23 -26.41 -18.73
CA CYS F 334 -2.91 -27.46 -17.99
C CYS F 334 -3.28 -26.96 -16.61
N SER F 335 -4.46 -27.38 -16.13
CA SER F 335 -4.95 -27.03 -14.79
C SER F 335 -4.86 -28.26 -13.90
N PRO F 336 -3.75 -28.45 -13.18
CA PRO F 336 -3.63 -29.65 -12.34
C PRO F 336 -4.68 -29.75 -11.26
N ASN F 337 -5.13 -28.61 -10.72
CA ASN F 337 -6.14 -28.65 -9.66
C ASN F 337 -7.47 -29.20 -10.16
N ASN F 338 -7.75 -29.04 -11.46
CA ASN F 338 -8.99 -29.57 -12.01
C ASN F 338 -9.04 -31.09 -11.96
N TYR F 339 -7.91 -31.73 -12.26
CA TYR F 339 -7.83 -33.18 -12.30
C TYR F 339 -7.35 -33.79 -10.99
N ALA F 340 -7.12 -32.96 -9.97
CA ALA F 340 -6.72 -33.47 -8.68
C ALA F 340 -7.89 -34.16 -7.98
N ASP F 341 -7.59 -35.18 -7.18
CA ASP F 341 -8.60 -35.90 -6.42
C ASP F 341 -7.95 -36.48 -5.19
N LYS F 342 -8.20 -35.86 -4.03
CA LYS F 342 -7.60 -36.33 -2.79
C LYS F 342 -8.11 -37.71 -2.37
N ASN F 343 -9.22 -38.17 -2.96
CA ASN F 343 -9.76 -39.48 -2.60
C ASN F 343 -8.77 -40.60 -2.92
N LYS F 344 -8.14 -40.52 -4.09
CA LYS F 344 -7.17 -41.53 -4.52
C LYS F 344 -5.73 -41.06 -4.33
N ASN F 345 -5.50 -40.16 -3.37
CA ASN F 345 -4.19 -39.55 -3.15
C ASN F 345 -3.67 -38.87 -4.42
N ARG F 346 -4.59 -38.39 -5.25
CA ARG F 346 -4.25 -37.75 -6.52
C ARG F 346 -4.36 -36.23 -6.34
N SER F 347 -3.31 -35.66 -5.77
CA SER F 347 -3.24 -34.21 -5.60
C SER F 347 -2.94 -33.53 -6.93
N ALA F 348 -2.92 -32.20 -6.90
CA ALA F 348 -2.56 -31.45 -8.10
C ALA F 348 -1.11 -31.69 -8.48
N TRP F 349 -0.23 -31.79 -7.48
CA TRP F 349 1.19 -31.95 -7.76
C TRP F 349 1.46 -33.26 -8.50
N VAL F 350 0.83 -34.35 -8.07
CA VAL F 350 1.09 -35.63 -8.73
C VAL F 350 0.48 -35.64 -10.13
N VAL F 351 -0.64 -34.92 -10.34
CA VAL F 351 -1.19 -34.80 -11.68
C VAL F 351 -0.22 -34.07 -12.60
N LEU F 352 0.34 -32.96 -12.12
CA LEU F 352 1.33 -32.23 -12.92
C LEU F 352 2.56 -33.08 -13.17
N GLN F 353 3.00 -33.85 -12.16
CA GLN F 353 4.14 -34.73 -12.34
C GLN F 353 3.86 -35.83 -13.34
N ASP F 354 2.63 -36.35 -13.36
CA ASP F 354 2.25 -37.36 -14.34
C ASP F 354 2.32 -36.78 -15.75
N ILE F 355 1.77 -35.57 -15.93
CA ILE F 355 1.82 -34.93 -17.25
C ILE F 355 3.27 -34.71 -17.68
N ASN F 356 4.09 -34.19 -16.77
CA ASN F 356 5.50 -33.96 -17.08
C ASN F 356 6.21 -35.26 -17.44
N ASP F 357 5.96 -36.33 -16.66
CA ASP F 357 6.64 -37.59 -16.89
C ASP F 357 6.24 -38.21 -18.22
N THR F 358 4.94 -38.19 -18.55
CA THR F 358 4.54 -38.79 -19.82
C THR F 358 5.05 -37.97 -21.01
N PHE F 359 5.05 -36.64 -20.90
CA PHE F 359 5.59 -35.84 -21.99
C PHE F 359 7.08 -36.09 -22.16
N THR F 360 7.83 -36.15 -21.06
CA THR F 360 9.26 -36.43 -21.16
C THR F 360 9.52 -37.81 -21.74
N ARG F 361 8.73 -38.81 -21.34
CA ARG F 361 8.91 -40.14 -21.89
C ARG F 361 8.64 -40.16 -23.39
N LEU F 362 7.57 -39.51 -23.83
CA LEU F 362 7.26 -39.48 -25.25
C LEU F 362 8.37 -38.80 -26.04
N ILE F 363 8.85 -37.65 -25.54
CA ILE F 363 9.89 -36.93 -26.27
C ILE F 363 11.18 -37.73 -26.31
N THR F 364 11.56 -38.34 -25.19
CA THR F 364 12.79 -39.12 -25.16
C THR F 364 12.72 -40.34 -26.06
N GLU F 365 11.58 -41.04 -26.06
CA GLU F 365 11.44 -42.20 -26.93
C GLU F 365 11.38 -41.82 -28.40
N ALA F 366 10.89 -40.61 -28.70
CA ALA F 366 10.94 -40.14 -30.08
C ALA F 366 12.36 -39.76 -30.47
N LYS F 367 13.12 -39.17 -29.55
CA LYS F 367 14.48 -38.78 -29.83
C LYS F 367 15.39 -40.00 -30.00
N GLN F 368 15.10 -41.08 -29.27
CA GLN F 368 15.97 -42.25 -29.32
C GLN F 368 15.95 -42.89 -30.70
N LYS F 369 14.80 -42.95 -31.35
CA LYS F 369 14.68 -43.53 -32.68
C LYS F 369 14.94 -42.52 -33.78
N ASN F 370 15.35 -41.29 -33.44
CA ASN F 370 15.75 -40.27 -34.40
C ASN F 370 14.63 -39.95 -35.38
N GLN F 371 13.53 -39.46 -34.84
CA GLN F 371 12.39 -39.01 -35.63
C GLN F 371 11.94 -37.64 -35.13
N PHE F 372 11.05 -37.02 -35.88
CA PHE F 372 10.56 -35.70 -35.52
C PHE F 372 9.84 -35.74 -34.18
N TYR F 373 10.17 -34.79 -33.31
CA TYR F 373 9.58 -34.73 -31.98
C TYR F 373 9.25 -33.29 -31.65
N CYS F 374 8.25 -33.12 -30.78
CA CYS F 374 7.76 -31.80 -30.39
C CYS F 374 8.19 -31.54 -28.95
N HIS F 375 9.23 -30.73 -28.79
CA HIS F 375 9.64 -30.29 -27.46
C HIS F 375 8.54 -29.43 -26.85
N VAL F 376 7.90 -29.93 -25.81
CA VAL F 376 6.72 -29.30 -25.24
C VAL F 376 7.02 -28.89 -23.80
N ASN F 377 6.77 -27.63 -23.49
CA ASN F 377 6.80 -27.12 -22.13
C ASN F 377 5.37 -26.96 -21.64
N LEU F 378 5.23 -26.63 -20.36
CA LEU F 378 3.92 -26.55 -19.73
C LEU F 378 3.71 -25.19 -19.10
N LEU F 379 2.44 -24.76 -19.07
CA LEU F 379 2.03 -23.53 -18.42
C LEU F 379 0.98 -23.87 -17.38
N VAL F 380 1.28 -23.62 -16.11
CA VAL F 380 0.31 -23.88 -15.06
C VAL F 380 -0.70 -22.73 -15.06
N ILE F 381 -1.91 -23.01 -15.53
CA ILE F 381 -2.93 -21.97 -15.67
C ILE F 381 -3.50 -21.66 -14.28
N ALA F 382 -3.24 -20.44 -13.81
CA ALA F 382 -3.74 -20.00 -12.51
C ALA F 382 -5.03 -19.22 -12.72
N SER F 383 -6.09 -19.98 -13.02
CA SER F 383 -7.37 -19.38 -13.38
C SER F 383 -8.03 -18.73 -12.17
N ARG F 384 -8.91 -17.77 -12.47
CA ARG F 384 -9.71 -17.11 -11.45
C ARG F 384 -10.99 -17.90 -11.22
N LYS F 385 -11.28 -18.22 -9.96
CA LYS F 385 -12.50 -18.92 -9.60
C LYS F 385 -13.43 -18.06 -8.76
N PHE F 386 -12.95 -17.55 -7.62
CA PHE F 386 -13.70 -16.63 -6.76
C PHE F 386 -15.13 -17.09 -6.50
N SER F 387 -15.29 -18.40 -6.30
CA SER F 387 -16.50 -18.98 -5.71
C SER F 387 -16.26 -19.29 -4.23
N GLY F 388 -15.48 -18.43 -3.59
CA GLY F 388 -14.88 -18.73 -2.30
C GLY F 388 -13.38 -18.91 -2.51
N ASP F 389 -12.75 -19.75 -1.70
CA ASP F 389 -11.41 -20.31 -1.90
C ASP F 389 -10.44 -19.37 -2.62
N LEU F 390 -10.24 -18.17 -2.07
CA LEU F 390 -9.27 -17.24 -2.65
C LEU F 390 -7.87 -17.84 -2.68
N SER F 391 -7.59 -18.82 -1.82
CA SER F 391 -6.28 -19.47 -1.82
C SER F 391 -6.04 -20.32 -3.05
N ASP F 392 -7.00 -20.44 -3.96
CA ASP F 392 -6.80 -21.23 -5.17
C ASP F 392 -5.71 -20.64 -6.05
N ILE F 393 -5.73 -19.32 -6.23
CA ILE F 393 -4.70 -18.66 -7.04
C ILE F 393 -3.34 -18.81 -6.38
N SER F 394 -3.28 -18.64 -5.07
CA SER F 394 -2.01 -18.80 -4.36
C SER F 394 -1.47 -20.21 -4.49
N LYS F 395 -2.36 -21.21 -4.38
CA LYS F 395 -1.93 -22.60 -4.53
C LYS F 395 -1.43 -22.87 -5.94
N HIS F 396 -2.12 -22.33 -6.95
CA HIS F 396 -1.66 -22.49 -8.33
C HIS F 396 -0.28 -21.87 -8.51
N LEU F 397 -0.07 -20.66 -8.00
CA LEU F 397 1.22 -20.01 -8.13
C LEU F 397 2.31 -20.80 -7.41
N ALA F 398 2.02 -21.28 -6.21
CA ALA F 398 3.02 -22.04 -5.46
C ALA F 398 3.37 -23.35 -6.16
N LEU F 399 2.36 -24.04 -6.70
CA LEU F 399 2.63 -25.27 -7.44
C LEU F 399 3.48 -24.99 -8.67
N ALA F 400 3.15 -23.92 -9.40
CA ALA F 400 3.94 -23.58 -10.58
C ALA F 400 5.38 -23.23 -10.20
N ILE F 401 5.56 -22.49 -9.11
CA ILE F 401 6.91 -22.10 -8.70
C ILE F 401 7.70 -23.33 -8.29
N THR F 402 7.10 -24.23 -7.50
CA THR F 402 7.83 -25.39 -7.02
C THR F 402 7.99 -26.48 -8.07
N ALA F 403 7.25 -26.43 -9.17
CA ALA F 403 7.40 -27.43 -10.22
C ALA F 403 8.62 -27.18 -11.10
N MET F 404 9.17 -25.97 -11.08
CA MET F 404 10.37 -25.71 -11.88
C MET F 404 11.57 -26.48 -11.35
N GLN F 405 11.63 -26.68 -10.03
CA GLN F 405 12.85 -27.15 -9.37
C GLN F 405 13.24 -28.56 -9.77
N GLN F 406 12.44 -29.20 -10.64
CA GLN F 406 12.84 -30.51 -11.17
C GLN F 406 14.18 -30.42 -11.90
N GLY F 407 14.48 -29.28 -12.51
CA GLY F 407 15.78 -29.05 -13.10
C GLY F 407 16.03 -29.82 -14.37
N GLU F 408 15.98 -31.15 -14.30
CA GLU F 408 16.19 -32.01 -15.45
C GLU F 408 14.91 -32.06 -16.28
N GLY F 409 14.87 -32.98 -17.23
CA GLY F 409 13.66 -33.20 -18.01
C GLY F 409 13.60 -32.36 -19.26
N VAL F 410 13.23 -33.01 -20.37
CA VAL F 410 13.05 -32.28 -21.62
C VAL F 410 11.80 -31.40 -21.55
N CYS F 411 10.82 -31.79 -20.75
CA CYS F 411 9.61 -31.01 -20.56
C CYS F 411 9.64 -30.39 -19.18
N ARG F 412 9.36 -29.08 -19.11
CA ARG F 412 9.47 -28.35 -17.86
C ARG F 412 8.45 -27.22 -17.84
N ILE F 413 8.14 -26.75 -16.64
CA ILE F 413 7.23 -25.62 -16.46
C ILE F 413 7.99 -24.34 -16.79
N VAL F 414 7.38 -23.45 -17.56
CA VAL F 414 8.06 -22.24 -18.02
C VAL F 414 7.32 -20.99 -17.55
N GLY F 415 6.02 -21.11 -17.32
CA GLY F 415 5.27 -19.92 -16.94
C GLY F 415 3.90 -20.27 -16.41
N VAL F 416 3.12 -19.23 -16.16
CA VAL F 416 1.76 -19.36 -15.63
C VAL F 416 0.82 -18.61 -16.56
N ASP F 417 -0.45 -19.01 -16.52
CA ASP F 417 -1.50 -18.39 -17.32
C ASP F 417 -2.49 -17.69 -16.40
N LEU F 418 -2.75 -16.42 -16.66
CA LEU F 418 -3.69 -15.64 -15.86
C LEU F 418 -5.06 -15.60 -16.53
N ALA F 419 -5.62 -16.78 -16.75
CA ALA F 419 -6.94 -16.89 -17.37
C ALA F 419 -8.02 -16.67 -16.31
N GLY F 420 -9.27 -16.95 -16.67
CA GLY F 420 -10.40 -16.73 -15.79
C GLY F 420 -11.29 -15.63 -16.32
N PHE F 421 -12.28 -15.27 -15.50
CA PHE F 421 -13.18 -14.16 -15.85
C PHE F 421 -12.39 -12.86 -15.84
N GLU F 422 -12.19 -12.28 -17.02
CA GLU F 422 -11.38 -11.07 -17.18
C GLU F 422 -12.15 -9.81 -16.82
N ASN F 423 -13.24 -9.93 -16.08
CA ASN F 423 -14.03 -8.78 -15.67
C ASN F 423 -13.22 -7.85 -14.75
N LYS F 424 -13.76 -6.66 -14.54
CA LYS F 424 -13.11 -5.69 -13.66
C LYS F 424 -13.04 -6.16 -12.22
N GLU F 425 -13.81 -7.20 -11.86
CA GLU F 425 -13.74 -7.74 -10.50
C GLU F 425 -12.40 -8.40 -10.24
N THR F 426 -11.69 -8.84 -11.28
CA THR F 426 -10.43 -9.55 -11.13
C THR F 426 -9.38 -8.94 -12.06
N ARG F 427 -9.27 -7.61 -12.02
CA ARG F 427 -8.26 -6.94 -12.82
C ARG F 427 -6.87 -7.20 -12.22
N ALA F 428 -5.85 -6.90 -13.01
CA ALA F 428 -4.47 -7.16 -12.63
C ALA F 428 -3.94 -6.22 -11.56
N SER F 429 -4.71 -5.18 -11.20
CA SER F 429 -4.22 -4.18 -10.26
C SER F 429 -3.96 -4.78 -8.88
N TYR F 430 -4.86 -5.66 -8.42
CA TYR F 430 -4.77 -6.15 -7.04
C TYR F 430 -3.53 -7.01 -6.82
N TYR F 431 -3.03 -7.66 -7.87
CA TYR F 431 -2.03 -8.72 -7.74
C TYR F 431 -0.64 -8.23 -8.10
N GLU F 432 -0.31 -6.98 -7.78
CA GLU F 432 1.05 -6.50 -7.93
C GLU F 432 1.98 -7.09 -6.87
N HIS F 433 1.44 -7.55 -5.74
CA HIS F 433 2.25 -8.09 -4.66
C HIS F 433 2.27 -9.62 -4.62
N ASP F 434 1.24 -10.29 -5.13
CA ASP F 434 1.27 -11.74 -5.20
C ASP F 434 2.35 -12.21 -6.17
N PHE F 435 2.57 -11.46 -7.25
CA PHE F 435 3.38 -11.93 -8.36
C PHE F 435 4.85 -11.56 -8.24
N LYS F 436 5.24 -10.85 -7.18
CA LYS F 436 6.66 -10.65 -6.93
C LYS F 436 7.36 -11.99 -6.74
N ALA F 437 6.69 -12.93 -6.08
CA ALA F 437 7.25 -14.27 -5.89
C ALA F 437 7.43 -14.99 -7.22
N VAL F 438 6.41 -14.95 -8.07
CA VAL F 438 6.49 -15.69 -9.33
C VAL F 438 7.50 -15.05 -10.27
N HIS F 439 7.69 -13.73 -10.19
CA HIS F 439 8.68 -13.08 -11.04
C HIS F 439 10.09 -13.33 -10.53
N ARG F 440 10.28 -13.30 -9.20
CA ARG F 440 11.61 -13.54 -8.65
C ARG F 440 12.11 -14.95 -8.91
N CYS F 441 11.20 -15.91 -9.12
CA CYS F 441 11.58 -17.30 -9.31
C CYS F 441 11.86 -17.65 -10.77
N GLY F 442 11.84 -16.65 -11.66
CA GLY F 442 12.14 -16.88 -13.05
C GLY F 442 10.99 -17.33 -13.92
N LEU F 443 9.80 -17.53 -13.35
CA LEU F 443 8.65 -17.90 -14.14
C LEU F 443 8.20 -16.74 -15.02
N ALA F 444 7.61 -17.07 -16.15
CA ALA F 444 7.00 -16.08 -17.03
C ALA F 444 5.50 -16.03 -16.76
N VAL F 445 4.85 -14.98 -17.28
CA VAL F 445 3.43 -14.77 -17.09
C VAL F 445 2.79 -14.46 -18.43
N THR F 446 1.73 -15.18 -18.76
CA THR F 446 0.89 -14.88 -19.91
C THR F 446 -0.53 -14.63 -19.42
N ALA F 447 -1.21 -13.69 -20.05
CA ALA F 447 -2.51 -13.23 -19.60
C ALA F 447 -3.56 -13.41 -20.69
N HIS F 448 -4.82 -13.48 -20.26
CA HIS F 448 -5.95 -13.61 -21.16
C HIS F 448 -6.66 -12.27 -21.30
N ALA F 449 -6.95 -11.88 -22.54
CA ALA F 449 -7.63 -10.64 -22.86
C ALA F 449 -8.73 -10.89 -23.88
N GLY F 450 -9.51 -11.94 -23.65
CA GLY F 450 -10.51 -12.32 -24.63
C GLY F 450 -11.64 -11.31 -24.80
N GLU F 451 -12.16 -10.79 -23.69
CA GLU F 451 -13.33 -9.93 -23.75
C GLU F 451 -13.33 -8.99 -22.55
N ASN F 452 -14.17 -7.96 -22.64
CA ASN F 452 -14.26 -6.87 -21.68
C ASN F 452 -12.87 -6.46 -21.17
N ASP F 453 -11.95 -6.31 -22.12
CA ASP F 453 -10.56 -5.99 -21.81
C ASP F 453 -10.35 -4.51 -22.11
N ASP F 454 -10.65 -3.68 -21.12
CA ASP F 454 -10.40 -2.25 -21.25
C ASP F 454 -8.90 -2.00 -21.39
N PRO F 455 -8.52 -0.98 -22.16
CA PRO F 455 -7.08 -0.70 -22.33
C PRO F 455 -6.36 -0.46 -21.02
N GLU F 456 -7.05 0.08 -20.01
CA GLU F 456 -6.44 0.19 -18.68
C GLU F 456 -6.14 -1.19 -18.12
N GLY F 457 -7.02 -2.16 -18.36
CA GLY F 457 -6.77 -3.51 -17.89
C GLY F 457 -5.54 -4.14 -18.53
N ILE F 458 -5.39 -3.96 -19.85
CA ILE F 458 -4.21 -4.50 -20.53
C ILE F 458 -2.96 -3.76 -20.08
N TRP F 459 -3.08 -2.45 -19.84
CA TRP F 459 -1.95 -1.69 -19.32
C TRP F 459 -1.51 -2.23 -17.96
N GLN F 460 -2.47 -2.53 -17.08
CA GLN F 460 -2.13 -3.10 -15.79
C GLN F 460 -1.51 -4.49 -15.95
N ALA F 461 -2.03 -5.28 -16.90
CA ALA F 461 -1.49 -6.60 -17.14
C ALA F 461 -0.04 -6.55 -17.59
N VAL F 462 0.29 -5.60 -18.47
CA VAL F 462 1.65 -5.53 -19.02
C VAL F 462 2.59 -4.68 -18.18
N TYR F 463 2.08 -3.94 -17.19
CA TYR F 463 2.94 -3.09 -16.38
C TYR F 463 2.97 -3.45 -14.90
N SER F 464 1.93 -4.11 -14.38
CA SER F 464 1.94 -4.57 -13.00
C SER F 464 2.15 -6.07 -12.90
N LEU F 465 1.49 -6.86 -13.75
CA LEU F 465 1.75 -8.29 -13.81
C LEU F 465 3.01 -8.62 -14.61
N HIS F 466 3.53 -7.67 -15.36
CA HIS F 466 4.73 -7.89 -16.19
C HIS F 466 4.55 -9.09 -17.11
N ALA F 467 3.35 -9.22 -17.68
CA ALA F 467 3.07 -10.31 -18.60
C ALA F 467 3.91 -10.16 -19.86
N ARG F 468 4.68 -11.20 -20.19
CA ARG F 468 5.52 -11.18 -21.37
C ARG F 468 4.79 -11.68 -22.61
N ARG F 469 3.53 -12.07 -22.48
CA ARG F 469 2.74 -12.54 -23.61
C ARG F 469 1.27 -12.32 -23.30
N LEU F 470 0.52 -11.87 -24.30
CA LEU F 470 -0.89 -11.59 -24.14
C LEU F 470 -1.74 -12.60 -24.90
N GLY F 471 -2.97 -12.78 -24.45
CA GLY F 471 -3.90 -13.68 -25.10
C GLY F 471 -4.94 -12.90 -25.88
N HIS F 472 -5.13 -13.30 -27.14
CA HIS F 472 -6.08 -12.66 -28.03
C HIS F 472 -5.79 -11.16 -28.18
N ALA F 473 -6.52 -10.33 -27.43
CA ALA F 473 -6.40 -8.88 -27.49
C ALA F 473 -6.58 -8.37 -28.93
N LEU F 474 -7.79 -8.59 -29.45
CA LEU F 474 -8.08 -8.27 -30.84
C LEU F 474 -8.37 -6.80 -31.07
N ASN F 475 -8.43 -5.98 -30.02
CA ASN F 475 -8.74 -4.56 -30.14
C ASN F 475 -7.56 -3.72 -29.66
N LEU F 476 -6.34 -4.15 -29.97
CA LEU F 476 -5.17 -3.35 -29.62
C LEU F 476 -5.13 -2.06 -30.42
N LEU F 477 -5.49 -2.12 -31.71
CA LEU F 477 -5.41 -0.94 -32.57
C LEU F 477 -6.46 0.11 -32.25
N GLU F 478 -7.44 -0.20 -31.40
CA GLU F 478 -8.35 0.83 -30.92
C GLU F 478 -7.61 1.85 -30.06
N ALA F 479 -6.67 1.40 -29.23
CA ALA F 479 -5.89 2.29 -28.38
C ALA F 479 -4.47 2.38 -28.91
N PRO F 480 -4.10 3.47 -29.59
CA PRO F 480 -2.74 3.57 -30.15
C PRO F 480 -1.64 3.53 -29.10
N ASP F 481 -1.86 4.09 -27.91
CA ASP F 481 -0.84 4.06 -26.88
C ASP F 481 -0.55 2.64 -26.42
N LEU F 482 -1.61 1.84 -26.25
CA LEU F 482 -1.43 0.44 -25.87
C LEU F 482 -0.67 -0.32 -26.93
N MET F 483 -0.99 -0.10 -28.21
CA MET F 483 -0.27 -0.77 -29.28
C MET F 483 1.19 -0.34 -29.32
N ARG F 484 1.46 0.95 -29.11
CA ARG F 484 2.84 1.41 -29.07
C ARG F 484 3.61 0.76 -27.94
N THR F 485 2.99 0.66 -26.76
CA THR F 485 3.66 0.02 -25.63
C THR F 485 3.93 -1.44 -25.90
N VAL F 486 2.97 -2.15 -26.50
CA VAL F 486 3.17 -3.56 -26.81
C VAL F 486 4.27 -3.71 -27.85
N ILE F 487 4.35 -2.79 -28.82
CA ILE F 487 5.41 -2.83 -29.82
C ILE F 487 6.76 -2.64 -29.16
N GLU F 488 6.89 -1.61 -28.33
CA GLU F 488 8.20 -1.26 -27.78
C GLU F 488 8.68 -2.28 -26.76
N ARG F 489 7.80 -2.73 -25.87
CA ARG F 489 8.20 -3.68 -24.85
C ARG F 489 8.39 -5.09 -25.39
N LYS F 490 8.15 -5.31 -26.69
CA LYS F 490 8.43 -6.58 -27.36
C LYS F 490 7.67 -7.73 -26.71
N ILE F 491 6.46 -7.47 -26.28
CA ILE F 491 5.59 -8.51 -25.76
C ILE F 491 4.71 -9.02 -26.89
N GLY F 492 4.43 -10.33 -26.88
CA GLY F 492 3.69 -10.96 -27.94
C GLY F 492 2.24 -11.20 -27.56
N VAL F 493 1.41 -11.35 -28.59
CA VAL F 493 -0.01 -11.64 -28.42
C VAL F 493 -0.29 -13.00 -29.05
N GLU F 494 -1.01 -13.84 -28.31
CA GLU F 494 -1.40 -15.17 -28.81
C GLU F 494 -2.77 -15.03 -29.44
N MET F 495 -2.82 -15.03 -30.77
CA MET F 495 -4.06 -14.86 -31.51
C MET F 495 -4.41 -16.18 -32.18
N CYS F 496 -5.59 -16.70 -31.87
CA CYS F 496 -6.05 -17.96 -32.43
C CYS F 496 -7.09 -17.68 -33.51
N PRO F 497 -6.79 -17.92 -34.78
CA PRO F 497 -7.74 -17.54 -35.83
C PRO F 497 -9.11 -18.18 -35.70
N TYR F 498 -9.17 -19.47 -35.34
CA TYR F 498 -10.47 -20.13 -35.26
C TYR F 498 -11.25 -19.72 -34.02
N ALA F 499 -10.58 -19.64 -32.86
CA ALA F 499 -11.27 -19.26 -31.64
C ALA F 499 -11.79 -17.83 -31.73
N ASN F 500 -10.97 -16.91 -32.26
CA ASN F 500 -11.43 -15.54 -32.46
C ASN F 500 -12.48 -15.46 -33.56
N TYR F 501 -12.37 -16.32 -34.57
CA TYR F 501 -13.37 -16.35 -35.64
C TYR F 501 -14.74 -16.73 -35.11
N GLN F 502 -14.79 -17.72 -34.21
CA GLN F 502 -16.07 -18.20 -33.72
C GLN F 502 -16.61 -17.35 -32.57
N ILE F 503 -15.75 -16.99 -31.62
CA ILE F 503 -16.23 -16.29 -30.43
C ILE F 503 -16.63 -14.87 -30.76
N LYS F 504 -15.74 -14.10 -31.38
CA LYS F 504 -16.02 -12.70 -31.63
C LYS F 504 -16.73 -12.46 -32.96
N GLY F 505 -16.33 -13.19 -34.00
CA GLY F 505 -16.99 -13.07 -35.28
C GLY F 505 -16.32 -12.04 -36.19
N PHE F 506 -15.74 -12.51 -37.30
CA PHE F 506 -15.06 -11.65 -38.25
C PHE F 506 -15.51 -12.01 -39.66
N ALA F 507 -15.01 -11.26 -40.63
CA ALA F 507 -15.33 -11.53 -42.02
C ALA F 507 -14.76 -12.89 -42.42
N PRO F 508 -15.41 -13.61 -43.35
CA PRO F 508 -16.62 -13.24 -44.10
C PRO F 508 -17.91 -13.78 -43.51
N MET F 509 -18.03 -13.87 -42.19
CA MET F 509 -19.29 -14.32 -41.60
C MET F 509 -20.37 -13.26 -41.84
N PRO F 510 -21.59 -13.66 -42.20
CA PRO F 510 -22.64 -12.67 -42.45
C PRO F 510 -23.00 -11.91 -41.18
N ASN F 511 -23.44 -10.67 -41.38
CA ASN F 511 -23.81 -9.71 -40.33
C ASN F 511 -22.63 -9.27 -39.49
N PHE F 512 -21.42 -9.71 -39.80
CA PHE F 512 -20.20 -9.26 -39.13
C PHE F 512 -19.28 -8.65 -40.17
N SER F 513 -18.89 -7.39 -39.96
CA SER F 513 -18.02 -6.68 -40.88
C SER F 513 -16.65 -6.37 -40.30
N ALA F 514 -16.41 -6.72 -39.05
CA ALA F 514 -15.09 -6.47 -38.45
C ALA F 514 -14.04 -7.33 -39.13
N LEU F 515 -12.90 -6.72 -39.42
CA LEU F 515 -11.80 -7.41 -40.09
C LEU F 515 -10.80 -7.94 -39.06
N TYR F 516 -10.23 -9.09 -39.38
CA TYR F 516 -9.24 -9.68 -38.48
C TYR F 516 -7.99 -8.82 -38.46
N PRO F 517 -7.50 -8.42 -37.28
CA PRO F 517 -6.40 -7.45 -37.24
C PRO F 517 -5.01 -8.08 -37.29
N LEU F 518 -4.93 -9.36 -37.70
CA LEU F 518 -3.63 -10.01 -37.74
C LEU F 518 -2.69 -9.33 -38.72
N LYS F 519 -3.18 -9.01 -39.91
CA LYS F 519 -2.34 -8.36 -40.91
C LYS F 519 -1.88 -6.98 -40.43
N LYS F 520 -2.80 -6.21 -39.85
CA LYS F 520 -2.44 -4.89 -39.34
C LYS F 520 -1.45 -5.00 -38.19
N TYR F 521 -1.63 -5.97 -37.30
CA TYR F 521 -0.68 -6.19 -36.23
C TYR F 521 0.71 -6.54 -36.78
N LEU F 522 0.75 -7.42 -37.78
CA LEU F 522 2.03 -7.79 -38.38
C LEU F 522 2.71 -6.60 -39.03
N GLU F 523 1.93 -5.76 -39.74
CA GLU F 523 2.51 -4.55 -40.33
C GLU F 523 3.03 -3.62 -39.26
N ALA F 524 2.29 -3.47 -38.15
CA ALA F 524 2.75 -2.62 -37.06
C ALA F 524 3.93 -3.22 -36.31
N GLY F 525 4.20 -4.50 -36.49
CA GLY F 525 5.29 -5.15 -35.82
C GLY F 525 4.93 -5.93 -34.57
N ILE F 526 3.65 -6.12 -34.29
CA ILE F 526 3.25 -6.86 -33.10
C ILE F 526 3.74 -8.29 -33.23
N LEU F 527 4.35 -8.81 -32.17
CA LEU F 527 4.86 -10.17 -32.19
C LEU F 527 3.70 -11.17 -32.09
N VAL F 528 2.88 -11.22 -33.13
CA VAL F 528 1.71 -12.10 -33.15
C VAL F 528 2.17 -13.53 -33.29
N SER F 529 1.41 -14.45 -32.72
CA SER F 529 1.66 -15.88 -32.84
C SER F 529 0.34 -16.60 -33.05
N VAL F 530 0.24 -17.33 -34.16
CA VAL F 530 -0.97 -18.08 -34.45
C VAL F 530 -0.94 -19.38 -33.66
N ASN F 531 -2.02 -19.67 -32.94
CA ASN F 531 -2.10 -20.83 -32.07
C ASN F 531 -3.45 -21.50 -32.29
N THR F 532 -3.78 -22.46 -31.42
CA THR F 532 -5.01 -23.21 -31.53
C THR F 532 -5.98 -23.00 -30.39
N ASP F 533 -5.50 -22.57 -29.22
CA ASP F 533 -6.33 -22.41 -28.02
C ASP F 533 -6.92 -23.75 -27.60
N ASN F 534 -7.82 -24.30 -28.43
CA ASN F 534 -8.48 -25.57 -28.13
C ASN F 534 -8.63 -26.32 -29.44
N ILE F 535 -7.86 -27.41 -29.60
CA ILE F 535 -7.98 -28.20 -30.82
C ILE F 535 -9.34 -28.88 -30.89
N GLY F 536 -9.89 -29.28 -29.73
CA GLY F 536 -11.15 -29.97 -29.71
C GLY F 536 -12.36 -29.11 -30.05
N ILE F 537 -12.68 -28.15 -29.19
CA ILE F 537 -13.88 -27.34 -29.40
C ILE F 537 -13.78 -26.52 -30.67
N SER F 538 -12.63 -25.88 -30.92
CA SER F 538 -12.47 -25.15 -32.17
C SER F 538 -12.46 -26.09 -33.37
N GLY F 539 -12.04 -27.33 -33.18
CA GLY F 539 -12.14 -28.34 -34.21
C GLY F 539 -11.06 -28.32 -35.27
N ALA F 540 -10.01 -27.51 -35.10
CA ALA F 540 -8.97 -27.41 -36.10
C ALA F 540 -7.61 -27.33 -35.42
N ASN F 541 -6.60 -27.85 -36.11
CA ASN F 541 -5.23 -27.85 -35.60
C ASN F 541 -4.51 -26.59 -36.10
N LEU F 542 -3.19 -26.56 -35.89
CA LEU F 542 -2.42 -25.36 -36.22
C LEU F 542 -2.36 -25.12 -37.73
N SER F 543 -2.30 -26.19 -38.53
CA SER F 543 -2.23 -26.03 -39.98
C SER F 543 -3.47 -25.31 -40.51
N GLU F 544 -4.65 -25.71 -40.06
CA GLU F 544 -5.88 -25.04 -40.48
C GLU F 544 -5.94 -23.61 -39.94
N ASN F 545 -5.43 -23.39 -38.73
CA ASN F 545 -5.40 -22.03 -38.18
C ASN F 545 -4.55 -21.11 -39.04
N LEU F 546 -3.40 -21.60 -39.51
CA LEU F 546 -2.58 -20.81 -40.41
C LEU F 546 -3.24 -20.64 -41.77
N LEU F 547 -3.92 -21.68 -42.25
CA LEU F 547 -4.56 -21.60 -43.57
C LEU F 547 -5.68 -20.57 -43.59
N ILE F 548 -6.48 -20.51 -42.52
CA ILE F 548 -7.66 -19.64 -42.50
C ILE F 548 -7.29 -18.17 -42.63
N LEU F 549 -6.05 -17.81 -42.33
CA LEU F 549 -5.62 -16.42 -42.52
C LEU F 549 -5.77 -15.97 -43.96
N ALA F 550 -5.81 -16.89 -44.92
CA ALA F 550 -6.09 -16.52 -46.31
C ALA F 550 -7.47 -15.89 -46.44
N ASP F 551 -8.41 -16.28 -45.59
CA ASP F 551 -9.77 -15.74 -45.63
C ASP F 551 -9.99 -14.63 -44.61
N LEU F 552 -9.51 -14.81 -43.38
CA LEU F 552 -9.67 -13.76 -42.37
C LEU F 552 -8.91 -12.50 -42.75
N CYS F 553 -7.68 -12.65 -43.25
CA CYS F 553 -6.82 -11.53 -43.62
C CYS F 553 -6.42 -11.69 -45.07
N PRO F 554 -7.20 -11.14 -46.01
CA PRO F 554 -6.85 -11.28 -47.42
C PRO F 554 -5.56 -10.54 -47.74
N GLY F 555 -4.81 -11.08 -48.70
CA GLY F 555 -3.53 -10.52 -49.07
C GLY F 555 -2.39 -10.90 -48.16
N ILE F 556 -2.58 -11.84 -47.23
CA ILE F 556 -1.50 -12.28 -46.36
C ILE F 556 -0.53 -13.14 -47.16
N SER F 557 0.76 -12.86 -47.04
CA SER F 557 1.78 -13.53 -47.81
C SER F 557 2.43 -14.65 -47.00
N ARG F 558 3.05 -15.58 -47.72
CA ARG F 558 3.71 -16.70 -47.06
C ARG F 558 4.86 -16.23 -46.19
N MET F 559 5.58 -15.20 -46.63
CA MET F 559 6.61 -14.60 -45.80
C MET F 559 6.04 -14.11 -44.48
N ASP F 560 4.78 -13.66 -44.49
CA ASP F 560 4.14 -13.29 -43.23
C ASP F 560 3.89 -14.51 -42.35
N VAL F 561 3.63 -15.67 -42.94
CA VAL F 561 3.50 -16.89 -42.14
C VAL F 561 4.84 -17.25 -41.51
N LEU F 562 5.92 -17.13 -42.28
CA LEU F 562 7.24 -17.36 -41.70
C LEU F 562 7.53 -16.34 -40.60
N THR F 563 7.07 -15.10 -40.78
CA THR F 563 7.20 -14.10 -39.73
C THR F 563 6.43 -14.50 -38.48
N ILE F 564 5.24 -15.06 -38.65
CA ILE F 564 4.43 -15.49 -37.52
C ILE F 564 5.15 -16.60 -36.77
N ILE F 565 5.73 -17.56 -37.49
CA ILE F 565 6.47 -18.64 -36.83
C ILE F 565 7.68 -18.07 -36.09
N ARG F 566 8.40 -17.13 -36.72
CA ARG F 566 9.55 -16.53 -36.06
C ARG F 566 9.14 -15.78 -34.80
N ASN F 567 8.02 -15.05 -34.86
CA ASN F 567 7.53 -14.35 -33.69
C ASN F 567 7.12 -15.31 -32.58
N SER F 568 6.51 -16.43 -32.96
CA SER F 568 6.17 -17.46 -31.97
C SER F 568 7.44 -17.99 -31.29
N ILE F 569 8.50 -18.20 -32.07
CA ILE F 569 9.76 -18.65 -31.49
C ILE F 569 10.32 -17.60 -30.54
N GLU F 570 10.30 -16.34 -30.98
CA GLU F 570 10.93 -15.27 -30.20
C GLU F 570 10.18 -15.03 -28.89
N THR F 571 8.86 -15.11 -28.91
CA THR F 571 8.06 -14.84 -27.72
C THR F 571 7.87 -16.07 -26.84
N ALA F 572 8.40 -17.23 -27.24
CA ALA F 572 8.26 -18.43 -26.44
C ALA F 572 9.06 -18.32 -25.15
N PHE F 573 8.58 -18.99 -24.10
CA PHE F 573 9.22 -18.95 -22.79
C PHE F 573 10.32 -20.00 -22.74
N ILE F 574 11.45 -19.67 -23.38
CA ILE F 574 12.59 -20.59 -23.44
C ILE F 574 13.87 -19.82 -23.14
N SER F 575 14.88 -20.57 -22.71
CA SER F 575 16.18 -19.99 -22.43
C SER F 575 16.87 -19.58 -23.74
N HIS F 576 17.91 -18.76 -23.61
CA HIS F 576 18.57 -18.23 -24.80
C HIS F 576 19.22 -19.32 -25.63
N ASP F 577 19.97 -20.22 -24.98
CA ASP F 577 20.67 -21.27 -25.73
C ASP F 577 19.69 -22.19 -26.44
N PHE F 578 18.62 -22.60 -25.75
CA PHE F 578 17.61 -23.41 -26.40
C PHE F 578 16.91 -22.62 -27.50
N ARG F 579 16.73 -21.32 -27.33
CA ARG F 579 16.13 -20.50 -28.38
C ARG F 579 17.01 -20.48 -29.62
N MET F 580 18.33 -20.37 -29.46
CA MET F 580 19.21 -20.38 -30.61
C MET F 580 19.24 -21.75 -31.30
N GLU F 581 19.23 -22.82 -30.51
CA GLU F 581 19.15 -24.15 -31.10
C GLU F 581 17.86 -24.32 -31.90
N LEU F 582 16.75 -23.87 -31.34
CA LEU F 582 15.48 -23.93 -32.04
C LEU F 582 15.51 -23.10 -33.30
N LEU F 583 16.13 -21.92 -33.25
CA LEU F 583 16.22 -21.07 -34.43
C LEU F 583 17.02 -21.74 -35.53
N LYS F 584 18.14 -22.37 -35.19
CA LYS F 584 18.92 -23.08 -36.20
C LYS F 584 18.12 -24.21 -36.82
N PHE F 585 17.45 -25.01 -35.97
CA PHE F 585 16.66 -26.13 -36.49
C PHE F 585 15.54 -25.63 -37.40
N PHE F 586 14.87 -24.56 -36.98
CA PHE F 586 13.77 -24.02 -37.78
C PHE F 586 14.27 -23.44 -39.09
N ASP F 587 15.42 -22.78 -39.08
CA ASP F 587 15.98 -22.26 -40.32
C ASP F 587 16.27 -23.40 -41.30
N ARG F 588 16.89 -24.47 -40.80
CA ARG F 588 17.22 -25.60 -41.66
C ARG F 588 15.96 -26.24 -42.23
N LYS F 589 14.97 -26.49 -41.38
CA LYS F 589 13.74 -27.15 -41.82
C LYS F 589 12.96 -26.25 -42.78
N ILE F 590 12.94 -24.94 -42.52
CA ILE F 590 12.27 -24.00 -43.41
C ILE F 590 12.92 -23.99 -44.78
N TYR F 591 14.25 -23.98 -44.81
CA TYR F 591 14.96 -24.05 -46.09
C TYR F 591 14.58 -25.31 -46.86
N ASP F 592 14.60 -26.46 -46.17
CA ASP F 592 14.29 -27.71 -46.85
C ASP F 592 12.86 -27.71 -47.39
N VAL F 593 11.89 -27.31 -46.58
CA VAL F 593 10.49 -27.39 -47.00
C VAL F 593 10.21 -26.38 -48.11
N CYS F 594 10.86 -25.20 -48.05
CA CYS F 594 10.68 -24.22 -49.12
C CYS F 594 11.24 -24.73 -50.43
N LEU F 595 12.41 -25.36 -50.39
CA LEU F 595 12.98 -25.96 -51.61
C LEU F 595 12.04 -27.02 -52.18
N ILE F 596 11.53 -27.89 -51.31
CA ILE F 596 10.64 -28.96 -51.77
C ILE F 596 9.37 -28.38 -52.37
N SER F 597 8.76 -27.39 -51.70
CA SER F 597 7.52 -26.82 -52.19
C SER F 597 7.72 -26.12 -53.53
N ILE F 598 8.83 -25.39 -53.68
CA ILE F 598 9.07 -24.70 -54.94
C ILE F 598 9.34 -25.67 -56.06
N LYS F 599 10.08 -26.76 -55.79
CA LYS F 599 10.37 -27.71 -56.85
C LYS F 599 9.14 -28.52 -57.23
N ASN F 600 8.28 -28.82 -56.27
CA ASN F 600 7.07 -29.58 -56.54
C ASN F 600 5.83 -28.71 -56.34
PG ATP J . -14.57 -15.40 47.05
O1G ATP J . -15.24 -14.05 46.95
O2G ATP J . -15.11 -16.31 45.97
O3G ATP J . -14.87 -16.00 48.41
PB ATP J . -12.04 -14.21 47.78
O1B ATP J . -12.95 -13.43 48.69
O2B ATP J . -11.05 -15.01 48.61
O3B ATP J . -12.94 -15.24 46.86
PA ATP J . -11.72 -11.63 46.51
O1A ATP J . -11.44 -10.76 47.72
O2A ATP J . -10.98 -11.08 45.32
O3A ATP J . -11.22 -13.18 46.80
O5' ATP J . -13.33 -11.64 46.19
C5' ATP J . -13.73 -11.86 44.87
C4' ATP J . -13.27 -13.29 44.46
O4' ATP J . -14.24 -13.96 43.98
C3' ATP J . -12.23 -13.21 43.30
O3' ATP J . -11.47 -14.33 43.26
C2' ATP J . -13.12 -13.14 42.08
O2' ATP J . -12.39 -13.69 40.88
C1' ATP J . -14.14 -13.91 42.37
N9 ATP J . -15.34 -13.35 41.81
C8 ATP J . -15.42 -12.75 40.63
N7 ATP J . -16.67 -12.35 40.42
C5 ATP J . -17.39 -12.72 41.49
C6 ATP J . -18.75 -12.59 41.84
N6 ATP J . -19.68 -11.92 40.95
N1 ATP J . -19.16 -13.07 43.00
C2 ATP J . -18.32 -13.68 43.84
N3 ATP J . -17.05 -13.82 43.53
C4 ATP J . -16.55 -13.36 42.37
PG ATP K . -30.22 0.18 22.26
O1G ATP K . -31.09 -0.37 21.16
O2G ATP K . -30.48 1.66 22.38
O3G ATP K . -30.54 -0.49 23.57
PB ATP K . -27.46 1.08 21.94
O1B ATP K . -26.97 1.26 23.36
O2B ATP K . -26.29 0.64 21.08
O3B ATP K . -28.62 -0.08 21.89
PA ATP K . -28.79 2.65 19.90
O1A ATP K . -30.19 3.18 20.08
O2A ATP K . -28.02 3.61 19.03
O3A ATP K . -28.06 2.51 21.36
O5' ATP K . -28.84 1.15 19.22
C5' ATP K . -28.24 0.94 17.98
C4' ATP K . -26.71 1.18 18.12
O4' ATP K . -26.09 0.10 18.39
C3' ATP K . -26.13 1.64 16.75
O3' ATP K . -24.97 2.33 16.94
C2' ATP K . -25.86 0.33 16.04
O2' ATP K . -24.74 0.51 15.05
C1' ATP K . -25.50 -0.49 16.99
N9 ATP K . -26.05 -1.80 16.78
C8 ATP K . -26.59 -2.55 17.72
N7 ATP K . -26.99 -3.71 17.20
C5 ATP K . -26.69 -3.68 15.89
C6 ATP K . -26.87 -4.59 14.83
N6 ATP K . -27.50 -5.87 15.07
N1 ATP K . -26.45 -4.26 13.62
C2 ATP K . -25.87 -3.09 13.39
N3 ATP K . -25.69 -2.22 14.37
C4 ATP K . -26.09 -2.48 15.62
MG MG L . -25.23 -6.86 18.36
PG ATP M . -5.20 -44.79 21.60
O1G ATP M . -5.26 -43.36 22.07
O2G ATP M . -4.53 -44.85 20.26
O3G ATP M . -6.60 -45.33 21.49
PB ATP M . -4.74 -45.78 24.28
O1B ATP M . -5.74 -44.69 24.60
O2B ATP M . -5.34 -47.13 24.58
O3B ATP M . -4.35 -45.68 22.69
PA ATP M . -3.06 -44.23 26.11
O1A ATP M . -4.28 -43.83 26.91
O2A ATP M . -1.93 -44.55 27.05
O3A ATP M . -3.38 -45.57 25.20
O5' ATP M . -2.60 -42.99 25.14
C5' ATP M . -1.31 -42.97 24.62
C4' ATP M . -1.17 -44.27 23.75
O4' ATP M . -1.56 -44.04 22.56
C3' ATP M . 0.32 -44.72 23.57
O3' ATP M . 0.38 -46.02 23.19
C2' ATP M . 0.79 -43.81 22.45
O2' ATP M . 1.95 -44.44 21.72
C1' ATP M . -0.25 -43.74 21.66
N9 ATP M . -0.35 -42.42 21.10
C8 ATP M . 0.64 -41.57 20.92
N7 ATP M . 0.16 -40.45 20.38
C5 ATP M . -1.17 -40.60 20.21
C6 ATP M . -2.19 -39.80 19.71
N6 ATP M . -1.90 -38.47 19.20
N1 ATP M . -3.44 -40.26 19.68
C2 ATP M . -3.72 -41.47 20.14
N3 ATP M . -2.77 -42.26 20.62
C4 ATP M . -1.50 -41.86 20.68
PG ATP N . 24.10 -26.33 9.91
O1G ATP N . 24.88 -25.07 9.67
O2G ATP N . 24.40 -27.32 8.80
O3G ATP N . 24.49 -26.92 11.24
PB ATP N . 21.40 -26.67 8.88
O1B ATP N . 21.61 -28.17 8.85
O2B ATP N . 20.00 -26.39 9.36
O3B ATP N . 22.48 -25.99 9.91
PA ATP N . 22.58 -24.85 6.94
O1A ATP N . 23.92 -25.39 6.53
O2A ATP N . 21.97 -24.10 5.77
O3A ATP N . 21.59 -26.10 7.35
O5' ATP N . 22.78 -23.85 8.23
C5' ATP N . 21.88 -22.82 8.46
C4' ATP N . 20.44 -23.34 8.17
O4' ATP N . 19.79 -23.49 9.26
C3' ATP N . 19.66 -22.22 7.41
O3' ATP N . 18.55 -22.74 6.83
C2' ATP N . 19.28 -21.30 8.54
O2' ATP N . 18.12 -20.44 8.13
C1' ATP N . 18.93 -22.13 9.49
N9 ATP N . 19.19 -21.61 10.80
C8 ATP N . 19.67 -22.30 11.81
N7 ATP N . 19.78 -21.51 12.88
C5 ATP N . 19.36 -20.28 12.53
C6 ATP N . 19.24 -19.06 13.20
N6 ATP N . 19.63 -18.95 14.59
N1 ATP N . 18.77 -18.01 12.55
C2 ATP N . 18.40 -18.09 11.27
N3 ATP N . 18.51 -19.23 10.61
C4 ATP N . 18.98 -20.34 11.21
MG MG O . 16.41 -22.30 16.17
PG ATP P . 1.17 52.65 -10.05
O1G ATP P . 1.24 52.18 -11.49
O2G ATP P . -0.07 52.08 -9.41
O3G ATP P . 1.09 54.15 -10.02
PB ATP P . 4.04 52.51 -9.71
O1B ATP P . 3.98 53.22 -11.03
O2B ATP P . 4.68 53.41 -8.68
O3B ATP P . 2.50 52.14 -9.24
PA ATP P . 5.11 50.35 -11.29
O1A ATP P . 6.13 51.07 -12.13
O2A ATP P . 5.60 48.94 -11.04
O3A ATP P . 4.91 51.13 -9.85
O5' ATP P . 3.67 50.31 -12.08
C5' ATP P . 2.81 49.24 -11.82
C4' ATP P . 2.57 49.18 -10.27
O4' ATP P . 1.33 49.26 -10.02
C3' ATP P . 2.99 47.79 -9.74
O3' ATP P . 3.19 47.85 -8.39
C2' ATP P . 1.78 46.93 -10.04
O2' ATP P . 1.73 45.77 -9.10
C1' ATP P . 0.77 47.73 -9.84
N9 ATP P . -0.28 47.44 -10.78
C8 ATP P . -0.76 46.24 -11.03
N7 ATP P . -1.71 46.33 -11.94
C5 ATP P . -1.83 47.63 -12.28
C6 ATP P . -2.66 48.33 -13.17
N6 ATP P . -3.63 47.62 -13.97
N1 ATP P . -2.53 49.64 -13.27
C2 ATP P . -1.64 50.30 -12.55
N3 ATP P . -0.85 49.67 -11.70
C4 ATP P . -0.92 48.34 -11.54
PG ATP Q . -17.11 24.60 -25.25
O1G ATP Q . -17.67 23.29 -24.78
O2G ATP Q . -16.15 24.34 -26.39
O3G ATP Q . -18.22 25.50 -25.74
PB ATP Q . -14.69 25.81 -24.24
O1B ATP Q . -14.71 26.98 -25.21
O2B ATP Q . -14.14 26.27 -22.91
O3B ATP Q . -16.25 25.31 -24.04
PA ATP Q . -13.89 22.99 -24.69
O1A ATP Q . -14.38 22.39 -25.98
O2A ATP Q . -12.54 22.38 -24.42
O3A ATP Q . -13.73 24.62 -24.87
O5' ATP Q . -14.97 22.62 -23.49
C5' ATP Q . -14.79 23.05 -22.17
C4' ATP Q . -13.29 23.40 -21.91
O4' ATP Q . -13.17 24.22 -20.93
C3' ATP Q . -12.54 22.12 -21.44
O3' ATP Q . -11.22 22.19 -21.77
C2' ATP Q . -12.74 22.10 -19.93
O2' ATP Q . -11.46 21.66 -19.26
C1' ATP Q . -13.03 23.32 -19.58
N9 ATP Q . -14.28 23.36 -18.86
C8 ATP Q . -15.19 24.32 -18.98
N7 ATP Q . -16.20 24.07 -18.18
C5 ATP Q . -15.95 22.92 -17.52
C6 ATP Q . -16.63 22.17 -16.57
N6 ATP Q . -17.93 22.60 -16.08
N1 ATP Q . -16.09 21.05 -16.11
C2 ATP Q . -14.90 20.63 -16.55
N3 ATP Q . -14.23 21.32 -17.45
C4 ATP Q . -14.72 22.47 -17.96
MG MG R . -15.60 26.55 -14.50
PG ATP S . -12.50 45.69 25.48
O1G ATP S . -12.51 44.71 26.63
O2G ATP S . -11.19 45.56 24.74
O3G ATP S . -12.64 47.09 26.00
PB ATP S . -15.33 45.46 24.89
O1B ATP S . -15.40 45.83 26.35
O2B ATP S . -16.02 46.51 24.05
O3B ATP S . -13.74 45.34 24.46
PA ATP S . -16.11 42.83 25.82
O1A ATP S . -17.06 43.23 26.93
O2A ATP S . -16.56 41.53 25.21
O3A ATP S . -16.06 44.00 24.67
O5' ATP S . -14.59 42.66 26.44
C5' ATP S . -13.78 41.64 25.92
C4' ATP S . -13.66 41.86 24.38
O4' ATP S . -12.45 42.09 24.06
C3' ATP S . -14.02 40.54 23.63
O3' ATP S . -14.36 40.83 22.34
C2' ATP S . -12.71 39.78 23.66
O2' ATP S . -12.65 38.82 22.51
C1' ATP S . -11.81 40.70 23.54
N9 ATP S . -10.63 40.35 24.30
C8 ATP S . -9.86 39.30 24.06
N7 ATP S . -8.88 39.26 24.94
C5 ATP S . -9.03 40.30 25.77
C6 ATP S . -8.31 40.78 26.88
N6 ATP S . -7.13 40.08 27.34
N1 ATP S . -8.72 41.87 27.50
C2 ATP S . -9.80 42.52 27.09
N3 ATP S . -10.50 42.10 26.05
C4 ATP S . -10.14 41.01 25.37
PG ATP T . 11.61 19.44 31.57
O1G ATP T . 12.57 18.49 30.89
O2G ATP T . 11.06 18.77 32.82
O3G ATP T . 12.34 20.71 31.94
PB ATP T . 8.80 19.36 30.78
O1B ATP T . 8.25 20.01 32.01
O2B ATP T . 7.99 19.78 29.58
O3B ATP T . 10.37 19.80 30.55
PA ATP T . 9.75 16.58 30.45
O1A ATP T . 10.61 16.18 31.62
O2A ATP T . 8.99 15.37 29.97
O3A ATP T . 8.67 17.71 30.97
O5' ATP T . 10.75 17.16 29.26
C5' ATP T . 10.27 17.77 28.10
C4' ATP T . 8.81 17.32 27.76
O4' ATP T . 8.25 18.19 27.03
C3' ATP T . 8.88 16.08 26.83
O3' ATP T . 7.65 15.54 26.71
C2' ATP T . 9.31 16.72 25.53
O2' ATP T . 8.90 15.85 24.37
C1' ATP T . 8.66 17.86 25.50
N9 ATP T . 9.50 18.90 24.97
C8 ATP T . 9.70 20.07 25.54
N7 ATP T . 10.51 20.81 24.79
C5 ATP T . 10.83 20.08 23.71
C6 ATP T . 11.63 20.32 22.58
N6 ATP T . 12.33 21.57 22.42
N1 ATP T . 11.74 19.37 21.66
C2 ATP T . 11.11 18.20 21.80
N3 ATP T . 10.35 17.96 22.84
C4 ATP T . 10.18 18.87 23.81
MG MG U . 9.74 23.52 21.81
PG ATP V . 18.85 5.45 -48.82
O1G ATP V . 19.08 6.79 -48.16
O2G ATP V . 19.63 4.38 -48.09
O3G ATP V . 19.29 5.50 -50.26
PB ATP V . 16.09 5.98 -49.51
O1B ATP V . 16.73 7.19 -50.12
O2B ATP V . 15.45 5.14 -50.60
O3B ATP V . 17.24 5.09 -48.75
PA ATP V . 15.05 7.83 -47.55
O1A ATP V . 14.67 9.00 -48.42
O2A ATP V . 14.13 7.76 -46.37
O3A ATP V . 14.95 6.43 -48.42
O5' ATP V . 16.61 8.01 -47.03
C5' ATP V . 16.93 7.54 -45.76
C4' ATP V . 16.74 5.98 -45.75
O4' ATP V . 17.84 5.41 -45.50
C3' ATP V . 15.82 5.58 -44.56
O3' ATP V . 15.32 4.34 -44.77
C2' ATP V . 16.78 5.56 -43.40
O2' ATP V . 16.27 4.66 -42.31
C1' ATP V . 17.88 5.07 -43.91
N9 ATP V . 19.03 5.68 -43.29
C8 ATP V . 19.15 5.93 -42.00
N7 ATP V . 20.33 6.49 -41.77
C5 ATP V . 20.96 6.59 -42.94
C6 ATP V . 22.21 7.10 -43.33
N6 ATP V . 23.12 7.65 -42.35
N1 ATP V . 22.56 7.06 -44.61
C2 ATP V . 21.75 6.56 -45.53
N3 ATP V . 20.57 6.07 -45.19
C4 ATP V . 20.15 6.09 -43.92
PG ATP W . 30.20 17.59 -16.69
O1G ATP W . 30.50 17.21 -15.26
O2G ATP W . 29.81 19.04 -16.75
O3G ATP W . 31.44 17.36 -17.52
PB ATP W . 27.57 17.26 -17.90
O1B ATP W . 27.86 17.91 -19.23
O2B ATP W . 26.59 16.14 -18.12
O3B ATP W . 28.96 16.66 -17.26
PA ATP W . 26.98 18.36 -15.27
O1A ATP W . 27.81 19.54 -14.79
O2A ATP W . 25.59 18.51 -14.70
O3A ATP W . 26.91 18.40 -16.90
O5' ATP W . 27.73 16.97 -14.78
C5' ATP W . 27.07 15.76 -14.54
C4' ATP W . 25.64 15.72 -15.18
O4' ATP W . 25.52 14.72 -15.96
C3' ATP W . 24.64 15.41 -14.04
O3' ATP W . 23.36 15.64 -14.46
C2' ATP W . 24.88 13.93 -13.84
O2' ATP W . 23.69 13.30 -13.17
C1' ATP W . 25.02 13.48 -15.05
N9 ATP W . 25.98 12.41 -15.13
C8 ATP W . 26.86 12.27 -16.09
N7 ATP W . 27.60 11.19 -15.86
C5 ATP W . 27.16 10.63 -14.72
C6 ATP W . 27.54 9.49 -14.00
N6 ATP W . 28.62 8.64 -14.45
N1 ATP W . 26.89 9.20 -12.87
C2 ATP W . 25.90 9.96 -12.44
N3 ATP W . 25.53 11.04 -13.10
C4 ATP W . 26.13 11.40 -14.24
MG MG X . 27.21 7.58 -18.40
PG ATP Y . 19.03 -31.82 -36.74
O1G ATP Y . 18.33 -32.83 -35.87
O2G ATP Y . 18.06 -30.74 -37.13
O3G ATP Y . 19.55 -32.50 -37.98
PB ATP Y . 21.62 -32.00 -35.46
O1B ATP Y . 21.42 -33.45 -35.83
O2B ATP Y . 22.84 -31.45 -36.16
O3B ATP Y . 20.29 -31.15 -35.91
PA ATP Y . 21.08 -32.88 -32.76
O1A ATP Y . 21.74 -34.23 -32.76
O2A ATP Y . 21.16 -32.28 -31.37
O3A ATP Y . 21.82 -31.87 -33.83
O5' ATP Y . 19.50 -33.03 -33.19
C5' ATP Y . 18.56 -32.22 -32.55
C4' ATP Y . 18.93 -30.73 -32.84
O4' ATP Y . 18.00 -30.17 -33.50
C3' ATP Y . 18.99 -29.94 -31.51
O3' ATP Y . 19.71 -28.80 -31.68
C2' ATP Y . 17.53 -29.60 -31.26
O2' ATP Y . 17.42 -28.36 -30.42
C1' ATP Y . 17.05 -29.38 -32.45
N9 ATP Y . 15.69 -29.83 -32.53
C8 ATP Y . 14.68 -29.32 -31.83
N7 ATP Y . 13.56 -29.95 -32.13
C5 ATP Y . 13.85 -30.90 -33.04
C6 ATP Y . 13.10 -31.85 -33.73
N6 ATP Y . 11.68 -31.97 -33.49
N1 ATP Y . 13.70 -32.66 -34.59
C2 ATP Y . 15.01 -32.57 -34.82
N3 ATP Y . 15.74 -31.67 -34.19
C4 ATP Y . 15.21 -30.82 -33.30
PG ATP Z . -13.22 -28.02 -20.14
O1G ATP Z . -14.28 -27.04 -19.69
O2G ATP Z . -13.32 -29.28 -19.33
O3G ATP Z . -13.43 -28.35 -21.60
PB ATP Z . -10.61 -27.85 -18.84
O1B ATP Z . -10.31 -29.31 -19.01
O2B ATP Z . -9.34 -27.06 -19.04
O3B ATP Z . -11.73 -27.35 -19.95
PA ATP Z . -12.48 -26.65 -16.91
O1A ATP Z . -13.72 -27.53 -16.92
O2A ATP Z . -12.29 -26.12 -15.52
O3A ATP Z . -11.17 -27.58 -17.31
O5' ATP Z . -12.69 -25.41 -17.96
C5' ATP Z . -11.62 -24.61 -18.38
C4' ATP Z . -10.56 -24.42 -17.25
O4' ATP Z . -9.52 -23.88 -17.74
C3' ATP Z . -11.07 -23.36 -16.23
O3' ATP Z . -10.31 -23.38 -15.11
C2' ATP Z . -10.86 -22.07 -16.99
O2' ATP Z . -10.66 -20.93 -16.02
C1' ATP Z . -9.77 -22.27 -17.69
N9 ATP Z . -9.95 -21.74 -19.01
C8 ATP Z . -9.83 -22.42 -20.15
N7 ATP Z . -10.07 -21.60 -21.17
C5 ATP Z . -10.36 -20.39 -20.68
C6 ATP Z . -10.69 -19.15 -21.25
N6 ATP Z . -10.77 -19.01 -22.70
N1 ATP Z . -10.90 -18.11 -20.47
C2 ATP Z . -10.83 -18.22 -19.15
N3 ATP Z . -10.52 -19.37 -18.58
C4 ATP Z . -10.28 -20.47 -19.30
MG MG AA . -7.30 -19.92 -24.10
#